data_5EIX
#
_entry.id   5EIX
#
_cell.length_a   102.070
_cell.length_b   161.530
_cell.length_c   138.600
_cell.angle_alpha   90.00
_cell.angle_beta   94.22
_cell.angle_gamma   90.00
#
_symmetry.space_group_name_H-M   'P 1 21 1'
#
loop_
_entity.id
_entity.type
_entity.pdbx_description
1 polymer 'DNA topoisomerase 4 subunit B,DNA topoisomerase 4 subunit A'
2 polymer 'SYMMETRISED E-SITE (PRE-CUT)'
3 polymer 'SYMMETRISED E-SITE (PRE-CUT)'
4 non-polymer 'MAGNESIUM ION'
5 non-polymer '(3S)-9-fluoro-3-methyl-10-(4-methylpiperazin-1-yl)-7-oxo-2,3-dihydro-7H-[1,4]oxazino[2,3,4-ij]quinoline-6-carboxylic acid'
#
loop_
_entity_poly.entity_id
_entity_poly.type
_entity_poly.pdbx_seq_one_letter_code
_entity_poly.pdbx_strand_id
1 'polypeptide(L)'
;MKKLTSGPALPGKLADCTAQDLNRTELFLVEGDSAGGSAKQARDREYQAIMPLKGKILNTWEVSSDEVLASQEVHDISVA
IGIDPDSDDLSQLRYGKICILADADSDGLHIATLLCALFVRHFRTLVKEGHVYVALPPLYRIDLGKEVYYALTEEEKTGV
LEQLKRKKGKPNVQRFKGLGEMNPMQLRETTLDPNTRRLVQLVISDEDEQQTTAIMDMLLAKKRSEDRRNWLQEKGDMAD
LEVEFMSDMAERLALHEFTENAYLNYSMYVIMDRALPFIGDGLKPVQRRIVYAMSELGLNASAKFKKSARTVGDVLGKYH
PHGDSACYEAMVLMAQPFSYRYPLGDGQGNWGAPDDPKSFAAMRYTESRLSKYAELLLSELGQGTVDWVPNFDGTLQEPK
MLPARLPNILLNGTTGIAVGMATDIPPHNLREVAKAAITLIEQPKTTLDELLDIVQGPDFPTEAEIITSRAEIRKIYQNG
RGSVRMRAVWSKEDGAVVITALPHQVSGAKVLEQIAAQMRNKKLPMVDDLRDESDHENPTRLVIVPRSNRVDMEQVMNHL
FATTDLEKSYRINLNMIGLDGRPAVKNLLEILSEWLVFRRDTVRRRLNHRLEKVLKRLHILEGLLVAFLNIDEVIEIIRT
EDEPKPALMSRFGISETQAEAILELKLRHLAKLEEMKIRGEQSELEKERDQLQAILASERKMNNLLKKELQADADAFGDD
RRSPLHEREEAKAMSHHHHHH
;
A,B,G,J
2 'polydeoxyribonucleotide' (DC)(DG)(DT)(DT)(DG)(DT)(DA)(DT) E,C,H,K
3 'polydeoxyribonucleotide' (DG)(DA)(DT)(DC)(DA)(DT)(DA)(DC)(DA)(DA)(DC)(DG) F,D,I,L
#
loop_
_chem_comp.id
_chem_comp.type
_chem_comp.name
_chem_comp.formula
DA DNA linking 2'-DEOXYADENOSINE-5'-MONOPHOSPHATE 'C10 H14 N5 O6 P'
DC DNA linking 2'-DEOXYCYTIDINE-5'-MONOPHOSPHATE 'C9 H14 N3 O7 P'
DG DNA linking 2'-DEOXYGUANOSINE-5'-MONOPHOSPHATE 'C10 H14 N5 O7 P'
DT DNA linking THYMIDINE-5'-MONOPHOSPHATE 'C10 H15 N2 O8 P'
LFX non-polymer '(3S)-9-fluoro-3-methyl-10-(4-methylpiperazin-1-yl)-7-oxo-2,3-dihydro-7H-[1,4]oxazino[2,3,4-ij]quinoline-6-carboxylic acid' 'C18 H20 F N3 O4'
MG non-polymer 'MAGNESIUM ION' 'Mg 2'
#
# COMPACT_ATOMS: atom_id res chain seq x y z
N GLY A 12 62.20 -18.16 -26.44
CA GLY A 12 60.86 -18.54 -26.01
C GLY A 12 59.92 -17.35 -25.93
N LYS A 13 60.01 -16.62 -24.82
CA LYS A 13 59.18 -15.44 -24.61
C LYS A 13 59.77 -14.21 -25.29
N LEU A 14 60.86 -14.43 -26.03
CA LEU A 14 61.57 -13.35 -26.71
C LEU A 14 60.67 -12.71 -27.78
N ALA A 15 60.85 -11.41 -27.97
CA ALA A 15 60.26 -10.69 -29.09
C ALA A 15 61.42 -10.10 -29.87
N ASP A 16 62.04 -10.95 -30.69
CA ASP A 16 63.30 -10.61 -31.35
C ASP A 16 63.18 -9.48 -32.36
N CYS A 17 64.33 -8.89 -32.70
CA CYS A 17 64.37 -7.80 -33.67
C CYS A 17 64.65 -8.32 -35.08
N THR A 18 64.51 -7.44 -36.06
CA THR A 18 64.73 -7.80 -37.46
C THR A 18 66.12 -7.41 -37.95
N ALA A 19 67.15 -7.79 -37.22
CA ALA A 19 68.52 -7.47 -37.59
C ALA A 19 69.54 -8.37 -36.88
N GLN A 20 70.68 -8.57 -37.52
CA GLN A 20 71.75 -9.40 -36.97
C GLN A 20 73.05 -8.60 -36.86
N ASP A 21 73.03 -7.38 -37.36
CA ASP A 21 74.21 -6.51 -37.35
C ASP A 21 74.60 -6.10 -35.93
N LEU A 22 75.73 -6.60 -35.46
CA LEU A 22 76.24 -6.26 -34.14
C LEU A 22 76.66 -4.79 -34.07
N ASN A 23 77.06 -4.35 -32.89
CA ASN A 23 77.42 -2.95 -32.64
C ASN A 23 76.29 -1.98 -33.01
N ARG A 24 75.06 -2.49 -32.95
CA ARG A 24 73.89 -1.70 -33.28
C ARG A 24 72.64 -2.33 -32.67
N THR A 25 72.66 -3.65 -32.53
CA THR A 25 71.53 -4.37 -31.94
C THR A 25 71.62 -4.38 -30.42
N GLU A 26 70.47 -4.24 -29.77
CA GLU A 26 70.41 -4.19 -28.31
C GLU A 26 69.37 -5.15 -27.75
N LEU A 27 69.76 -5.87 -26.70
CA LEU A 27 68.86 -6.82 -26.03
C LEU A 27 68.50 -6.33 -24.63
N PHE A 28 67.21 -6.09 -24.41
CA PHE A 28 66.72 -5.59 -23.13
C PHE A 28 66.17 -6.72 -22.26
N LEU A 29 66.71 -6.84 -21.05
CA LEU A 29 66.18 -7.80 -20.08
C LEU A 29 65.25 -7.08 -19.11
N VAL A 30 63.96 -7.32 -19.23
CA VAL A 30 62.96 -6.60 -18.44
C VAL A 30 62.53 -7.40 -17.20
N GLU A 31 62.33 -6.70 -16.09
CA GLU A 31 61.96 -7.35 -14.83
C GLU A 31 60.54 -7.91 -14.84
N GLY A 32 59.58 -7.08 -15.24
CA GLY A 32 58.19 -7.50 -15.23
C GLY A 32 57.72 -7.95 -16.59
N ASP A 33 56.89 -9.00 -16.62
CA ASP A 33 56.30 -9.48 -17.85
C ASP A 33 55.36 -8.41 -18.41
N SER A 34 54.71 -7.69 -17.51
CA SER A 34 53.86 -6.56 -17.87
C SER A 34 54.74 -5.41 -18.35
N ALA A 35 55.79 -5.13 -17.59
CA ALA A 35 56.78 -4.13 -17.97
C ALA A 35 57.46 -4.56 -19.27
N GLY A 36 57.57 -5.87 -19.45
CA GLY A 36 58.09 -6.44 -20.68
C GLY A 36 57.15 -6.13 -21.83
N GLY A 37 55.86 -6.15 -21.54
CA GLY A 37 54.85 -5.80 -22.53
C GLY A 37 54.99 -4.34 -22.92
N SER A 38 55.16 -3.48 -21.92
CA SER A 38 55.36 -2.06 -22.17
C SER A 38 56.61 -1.79 -23.00
N ALA A 39 57.68 -2.53 -22.70
CA ALA A 39 58.95 -2.36 -23.40
C ALA A 39 58.86 -2.84 -24.84
N LYS A 40 58.24 -4.01 -25.03
CA LYS A 40 58.05 -4.57 -26.36
C LYS A 40 57.13 -3.70 -27.20
N GLN A 41 56.22 -2.99 -26.52
CA GLN A 41 55.29 -2.09 -27.20
C GLN A 41 55.96 -0.81 -27.69
N ALA A 42 57.16 -0.54 -27.20
CA ALA A 42 57.83 0.72 -27.51
C ALA A 42 59.21 0.58 -28.14
N ARG A 43 59.62 -0.66 -28.42
CA ARG A 43 60.93 -0.90 -29.01
C ARG A 43 60.98 -0.48 -30.48
N ASP A 44 62.18 -0.40 -31.03
CA ASP A 44 62.38 0.02 -32.41
C ASP A 44 62.30 -1.14 -33.39
N ARG A 45 62.55 -2.35 -32.89
CA ARG A 45 62.48 -3.59 -33.69
C ARG A 45 63.53 -3.69 -34.78
N GLU A 46 64.08 -2.56 -35.21
CA GLU A 46 65.12 -2.55 -36.23
C GLU A 46 66.47 -2.94 -35.62
N TYR A 47 66.54 -2.86 -34.30
CA TYR A 47 67.78 -3.19 -33.58
C TYR A 47 67.54 -3.45 -32.10
N GLN A 48 66.28 -3.38 -31.68
CA GLN A 48 65.95 -3.58 -30.27
C GLN A 48 65.06 -4.80 -30.03
N ALA A 49 65.57 -5.76 -29.25
CA ALA A 49 64.81 -6.95 -28.89
C ALA A 49 64.53 -6.95 -27.38
N ILE A 50 63.35 -7.46 -27.00
CA ILE A 50 62.94 -7.45 -25.60
C ILE A 50 62.67 -8.85 -25.04
N MET A 51 63.34 -9.17 -23.94
CA MET A 51 63.12 -10.43 -23.24
C MET A 51 62.84 -10.18 -21.75
N PRO A 52 61.67 -10.63 -21.27
CA PRO A 52 61.26 -10.43 -19.88
C PRO A 52 61.70 -11.57 -18.96
N LEU A 53 62.18 -11.21 -17.77
CA LEU A 53 62.57 -12.21 -16.79
C LEU A 53 61.58 -12.21 -15.62
N LYS A 54 60.64 -13.15 -15.66
CA LYS A 54 59.55 -13.20 -14.68
C LYS A 54 60.01 -13.56 -13.27
N GLY A 55 60.13 -12.54 -12.42
CA GLY A 55 60.49 -12.76 -11.03
C GLY A 55 61.97 -12.76 -10.75
N LYS A 56 62.34 -13.02 -9.50
CA LYS A 56 63.74 -13.06 -9.09
C LYS A 56 64.45 -14.26 -9.71
N ILE A 57 65.57 -14.00 -10.38
CA ILE A 57 66.36 -15.05 -11.00
C ILE A 57 67.14 -15.83 -9.94
N LEU A 58 67.83 -16.88 -10.38
CA LEU A 58 68.62 -17.69 -9.46
C LEU A 58 69.96 -17.01 -9.16
N ASN A 59 70.50 -17.28 -7.99
CA ASN A 59 71.81 -16.77 -7.61
C ASN A 59 72.92 -17.68 -8.11
N THR A 60 73.26 -17.55 -9.39
CA THR A 60 74.24 -18.42 -10.01
C THR A 60 75.67 -17.98 -9.70
N TRP A 61 75.96 -17.79 -8.42
CA TRP A 61 77.31 -17.41 -7.99
C TRP A 61 77.99 -18.59 -7.30
N GLU A 62 77.21 -19.55 -6.86
CA GLU A 62 77.76 -20.75 -6.24
C GLU A 62 77.21 -21.99 -6.93
N VAL A 63 76.68 -21.80 -8.13
CA VAL A 63 76.15 -22.90 -8.92
C VAL A 63 77.12 -23.28 -10.03
N SER A 64 77.10 -24.55 -10.43
CA SER A 64 77.95 -25.04 -11.50
C SER A 64 77.57 -24.39 -12.83
N SER A 65 78.50 -24.41 -13.79
CA SER A 65 78.27 -23.84 -15.10
C SER A 65 77.18 -24.60 -15.85
N ASP A 66 76.92 -25.84 -15.42
CA ASP A 66 75.88 -26.66 -16.01
C ASP A 66 74.58 -26.52 -15.22
N GLU A 67 74.71 -26.31 -13.91
CA GLU A 67 73.55 -26.15 -13.04
C GLU A 67 72.79 -24.87 -13.35
N VAL A 68 73.50 -23.88 -13.88
CA VAL A 68 72.90 -22.62 -14.27
C VAL A 68 71.93 -22.83 -15.43
N LEU A 69 72.26 -23.76 -16.30
CA LEU A 69 71.43 -24.06 -17.47
C LEU A 69 70.16 -24.81 -17.09
N ALA A 70 70.12 -25.33 -15.86
CA ALA A 70 68.95 -26.05 -15.37
C ALA A 70 67.81 -25.08 -15.08
N SER A 71 68.14 -23.94 -14.51
CA SER A 71 67.15 -22.91 -14.22
C SER A 71 66.63 -22.30 -15.52
N GLN A 72 65.32 -22.38 -15.71
CA GLN A 72 64.69 -21.94 -16.96
C GLN A 72 64.98 -20.49 -17.33
N GLU A 73 65.06 -19.63 -16.32
CA GLU A 73 65.34 -18.21 -16.56
C GLU A 73 66.75 -18.02 -17.13
N VAL A 74 67.75 -18.52 -16.41
CA VAL A 74 69.14 -18.42 -16.83
C VAL A 74 69.36 -19.19 -18.14
N HIS A 75 68.60 -20.26 -18.33
CA HIS A 75 68.66 -21.04 -19.56
C HIS A 75 68.21 -20.19 -20.74
N ASP A 76 67.03 -19.60 -20.63
CA ASP A 76 66.48 -18.75 -21.69
C ASP A 76 67.38 -17.54 -21.95
N ILE A 77 67.98 -16.99 -20.89
CA ILE A 77 68.91 -15.89 -21.04
C ILE A 77 70.13 -16.33 -21.84
N SER A 78 70.65 -17.51 -21.52
CA SER A 78 71.82 -18.06 -22.20
C SER A 78 71.53 -18.30 -23.69
N VAL A 79 70.41 -18.92 -23.99
CA VAL A 79 70.01 -19.16 -25.37
C VAL A 79 69.78 -17.83 -26.11
N ALA A 80 69.26 -16.85 -25.40
CA ALA A 80 68.99 -15.53 -25.99
C ALA A 80 70.28 -14.83 -26.37
N ILE A 81 71.25 -14.83 -25.47
CA ILE A 81 72.54 -14.18 -25.72
C ILE A 81 73.32 -14.92 -26.80
N GLY A 82 73.00 -16.20 -26.98
CA GLY A 82 73.70 -17.03 -27.94
C GLY A 82 75.10 -17.34 -27.47
N ILE A 83 75.21 -17.65 -26.18
CA ILE A 83 76.50 -17.92 -25.55
C ILE A 83 76.33 -18.95 -24.44
N ASP A 84 77.27 -19.89 -24.34
CA ASP A 84 77.25 -20.89 -23.29
C ASP A 84 78.10 -20.39 -22.12
N PRO A 85 77.68 -20.69 -20.88
CA PRO A 85 78.36 -20.23 -19.67
C PRO A 85 79.81 -20.71 -19.53
N ASP A 86 80.60 -20.61 -20.60
CA ASP A 86 82.00 -21.02 -20.56
C ASP A 86 82.81 -20.54 -21.77
N SER A 87 83.56 -19.46 -21.58
CA SER A 87 84.60 -19.02 -22.51
C SER A 87 84.17 -18.65 -23.94
N ASP A 88 82.96 -19.03 -24.33
CA ASP A 88 82.40 -18.85 -25.68
C ASP A 88 83.04 -17.78 -26.58
N ASP A 89 83.27 -16.60 -26.02
CA ASP A 89 83.93 -15.50 -26.73
C ASP A 89 83.18 -15.06 -27.99
N LEU A 90 82.08 -14.35 -27.80
CA LEU A 90 81.28 -13.80 -28.89
C LEU A 90 80.89 -14.85 -29.94
N SER A 91 81.34 -14.65 -31.18
CA SER A 91 81.05 -15.54 -32.29
C SER A 91 79.54 -15.70 -32.53
N GLN A 92 78.86 -16.38 -31.62
CA GLN A 92 77.43 -16.60 -31.73
C GLN A 92 76.62 -15.56 -30.94
N LEU A 93 77.28 -14.46 -30.58
CA LEU A 93 76.61 -13.38 -29.89
C LEU A 93 75.55 -12.76 -30.79
N ARG A 94 74.29 -12.86 -30.37
CA ARG A 94 73.17 -12.44 -31.22
C ARG A 94 72.90 -10.93 -31.12
N TYR A 95 73.38 -10.31 -30.05
CA TYR A 95 73.14 -8.89 -29.84
C TYR A 95 74.41 -8.14 -29.45
N GLY A 96 74.53 -6.91 -29.93
CA GLY A 96 75.69 -6.09 -29.62
C GLY A 96 75.72 -5.66 -28.17
N LYS A 97 74.58 -5.23 -27.66
CA LYS A 97 74.48 -4.76 -26.28
C LYS A 97 73.39 -5.50 -25.51
N ILE A 98 73.74 -5.96 -24.30
CA ILE A 98 72.77 -6.61 -23.41
C ILE A 98 72.49 -5.71 -22.22
N CYS A 99 71.30 -5.11 -22.21
CA CYS A 99 70.94 -4.15 -21.17
C CYS A 99 69.91 -4.71 -20.18
N ILE A 100 70.20 -4.55 -18.89
CA ILE A 100 69.29 -4.99 -17.84
C ILE A 100 68.32 -3.87 -17.46
N LEU A 101 67.03 -4.13 -17.60
CA LEU A 101 66.00 -3.13 -17.30
C LEU A 101 65.06 -3.59 -16.19
N ALA A 102 65.18 -2.95 -15.03
CA ALA A 102 64.29 -3.21 -13.91
C ALA A 102 63.83 -1.89 -13.30
N ASP A 103 62.71 -1.91 -12.59
CA ASP A 103 62.18 -0.68 -12.01
C ASP A 103 63.04 -0.19 -10.83
N ALA A 104 62.75 1.02 -10.36
CA ALA A 104 63.57 1.68 -9.35
C ALA A 104 63.35 1.15 -7.93
N ASP A 105 62.79 -0.05 -7.81
CA ASP A 105 62.64 -0.69 -6.51
C ASP A 105 64.00 -1.05 -5.94
N SER A 106 64.05 -1.37 -4.66
CA SER A 106 65.23 -1.99 -4.08
C SER A 106 65.30 -3.42 -4.60
N ASP A 107 64.12 -3.99 -4.82
CA ASP A 107 64.00 -5.32 -5.41
C ASP A 107 64.54 -5.30 -6.83
N GLY A 108 64.34 -4.18 -7.52
CA GLY A 108 64.86 -4.00 -8.86
C GLY A 108 66.37 -4.03 -8.87
N LEU A 109 66.97 -3.36 -7.89
CA LEU A 109 68.42 -3.35 -7.74
C LEU A 109 68.92 -4.74 -7.32
N HIS A 110 68.07 -5.49 -6.64
CA HIS A 110 68.40 -6.86 -6.27
C HIS A 110 68.47 -7.74 -7.51
N ILE A 111 67.46 -7.62 -8.37
CA ILE A 111 67.44 -8.33 -9.64
C ILE A 111 68.65 -7.95 -10.47
N ALA A 112 68.98 -6.65 -10.47
CA ALA A 112 70.13 -6.14 -11.18
C ALA A 112 71.42 -6.80 -10.68
N THR A 113 71.58 -6.87 -9.37
CA THR A 113 72.77 -7.48 -8.78
C THR A 113 72.84 -8.99 -9.08
N LEU A 114 71.68 -9.64 -9.14
CA LEU A 114 71.63 -11.06 -9.47
C LEU A 114 72.07 -11.32 -10.90
N LEU A 115 71.52 -10.53 -11.83
CA LEU A 115 71.90 -10.64 -13.24
C LEU A 115 73.38 -10.31 -13.41
N CYS A 116 73.87 -9.38 -12.59
CA CYS A 116 75.28 -9.01 -12.61
C CYS A 116 76.13 -10.17 -12.10
N ALA A 117 75.60 -10.95 -11.16
CA ALA A 117 76.31 -12.13 -10.68
C ALA A 117 76.39 -13.18 -11.77
N LEU A 118 75.24 -13.45 -12.40
CA LEU A 118 75.16 -14.41 -13.49
C LEU A 118 76.12 -14.06 -14.62
N PHE A 119 76.17 -12.79 -14.98
CA PHE A 119 77.04 -12.33 -16.06
C PHE A 119 78.52 -12.33 -15.67
N VAL A 120 78.82 -11.86 -14.46
CA VAL A 120 80.21 -11.80 -14.00
C VAL A 120 80.85 -13.18 -13.86
N ARG A 121 80.15 -14.11 -13.22
CA ARG A 121 80.75 -15.42 -12.96
C ARG A 121 80.75 -16.36 -14.17
N HIS A 122 79.66 -16.34 -14.94
CA HIS A 122 79.49 -17.33 -16.01
C HIS A 122 79.73 -16.78 -17.40
N PHE A 123 79.77 -15.45 -17.52
CA PHE A 123 79.97 -14.82 -18.82
C PHE A 123 80.95 -13.65 -18.73
N ARG A 124 82.05 -13.87 -18.01
CA ARG A 124 83.03 -12.80 -17.74
C ARG A 124 83.58 -12.15 -19.00
N THR A 125 83.73 -12.94 -20.06
CA THR A 125 84.25 -12.43 -21.32
C THR A 125 83.32 -11.38 -21.92
N LEU A 126 82.02 -11.60 -21.77
CA LEU A 126 81.02 -10.67 -22.30
C LEU A 126 81.06 -9.33 -21.57
N VAL A 127 81.19 -9.39 -20.25
CA VAL A 127 81.25 -8.17 -19.44
C VAL A 127 82.57 -7.44 -19.63
N LYS A 128 83.64 -8.19 -19.84
CA LYS A 128 84.96 -7.62 -20.06
C LYS A 128 85.03 -6.95 -21.43
N GLU A 129 84.33 -7.53 -22.40
CA GLU A 129 84.29 -6.98 -23.75
C GLU A 129 83.39 -5.74 -23.80
N GLY A 130 82.60 -5.54 -22.75
CA GLY A 130 81.72 -4.39 -22.66
C GLY A 130 80.43 -4.56 -23.43
N HIS A 131 79.61 -5.51 -23.02
CA HIS A 131 78.31 -5.74 -23.65
C HIS A 131 77.18 -5.70 -22.61
N VAL A 132 77.56 -5.64 -21.34
CA VAL A 132 76.59 -5.58 -20.26
C VAL A 132 76.26 -4.13 -19.89
N TYR A 133 74.99 -3.76 -20.05
CA TYR A 133 74.55 -2.40 -19.76
C TYR A 133 73.45 -2.39 -18.71
N VAL A 134 73.44 -1.35 -17.88
CA VAL A 134 72.38 -1.16 -16.90
C VAL A 134 71.51 0.03 -17.30
N ALA A 135 70.21 -0.21 -17.40
CA ALA A 135 69.27 0.85 -17.76
C ALA A 135 68.74 1.55 -16.52
N LEU A 136 68.98 2.85 -16.43
CA LEU A 136 68.54 3.64 -15.28
C LEU A 136 67.26 4.41 -15.59
N PRO A 137 66.13 3.93 -15.04
CA PRO A 137 64.82 4.56 -15.25
C PRO A 137 64.57 5.72 -14.29
N PRO A 138 63.71 6.68 -14.68
CA PRO A 138 63.44 7.86 -13.86
C PRO A 138 62.59 7.55 -12.64
N LEU A 139 62.86 8.24 -11.54
CA LEU A 139 62.09 8.07 -10.32
C LEU A 139 60.93 9.06 -10.27
N TYR A 140 61.14 10.23 -10.86
CA TYR A 140 60.11 11.28 -10.88
C TYR A 140 59.89 11.83 -12.28
N ARG A 141 58.68 12.32 -12.54
CA ARG A 141 58.38 12.99 -13.79
C ARG A 141 57.68 14.31 -13.50
N ILE A 142 58.26 15.40 -13.99
CA ILE A 142 57.73 16.74 -13.74
C ILE A 142 57.28 17.40 -15.04
N ASP A 143 56.06 17.93 -15.04
CA ASP A 143 55.48 18.54 -16.24
C ASP A 143 54.70 19.80 -15.93
N LEU A 144 55.15 20.91 -16.50
CA LEU A 144 54.44 22.18 -16.39
C LEU A 144 54.21 22.76 -17.78
N GLY A 145 52.98 22.65 -18.27
CA GLY A 145 52.67 23.05 -19.62
C GLY A 145 53.20 22.01 -20.61
N LYS A 146 53.75 22.49 -21.72
CA LYS A 146 54.32 21.61 -22.73
C LYS A 146 55.66 21.03 -22.25
N GLU A 147 56.22 21.65 -21.22
CA GLU A 147 57.49 21.19 -20.66
C GLU A 147 57.32 19.87 -19.91
N VAL A 148 58.26 18.96 -20.12
CA VAL A 148 58.26 17.67 -19.42
C VAL A 148 59.68 17.29 -19.03
N TYR A 149 59.88 16.95 -17.77
CA TYR A 149 61.21 16.60 -17.28
C TYR A 149 61.21 15.27 -16.54
N TYR A 150 62.32 14.54 -16.64
CA TYR A 150 62.50 13.30 -15.92
C TYR A 150 63.70 13.41 -14.98
N ALA A 151 63.63 12.77 -13.83
CA ALA A 151 64.70 12.83 -12.84
C ALA A 151 64.90 11.49 -12.15
N LEU A 152 66.13 11.03 -12.09
CA LEU A 152 66.46 9.76 -11.45
C LEU A 152 66.81 9.97 -9.98
N THR A 153 67.14 11.21 -9.63
CA THR A 153 67.50 11.56 -8.27
C THR A 153 66.52 12.57 -7.69
N GLU A 154 66.28 12.48 -6.39
CA GLU A 154 65.37 13.41 -5.71
C GLU A 154 65.93 14.82 -5.76
N GLU A 155 67.24 14.93 -5.62
CA GLU A 155 67.93 16.21 -5.72
C GLU A 155 67.77 16.79 -7.12
N GLU A 156 67.76 15.91 -8.12
CA GLU A 156 67.57 16.32 -9.50
C GLU A 156 66.15 16.86 -9.69
N LYS A 157 65.20 16.22 -9.01
CA LYS A 157 63.81 16.64 -9.05
C LYS A 157 63.64 18.02 -8.42
N THR A 158 64.21 18.20 -7.23
CA THR A 158 64.14 19.48 -6.53
C THR A 158 64.87 20.56 -7.33
N GLY A 159 65.86 20.14 -8.09
CA GLY A 159 66.57 21.04 -8.99
C GLY A 159 65.67 21.51 -10.12
N VAL A 160 64.95 20.56 -10.71
CA VAL A 160 64.01 20.88 -11.78
C VAL A 160 62.89 21.81 -11.30
N LEU A 161 62.35 21.51 -10.12
CA LEU A 161 61.27 22.32 -9.55
C LEU A 161 61.70 23.75 -9.27
N GLU A 162 62.94 23.93 -8.86
CA GLU A 162 63.48 25.26 -8.59
C GLU A 162 63.54 26.11 -9.86
N GLN A 163 63.89 25.47 -10.97
CA GLN A 163 63.93 26.17 -12.26
C GLN A 163 62.54 26.54 -12.75
N LEU A 164 61.59 25.64 -12.54
CA LEU A 164 60.20 25.85 -12.98
C LEU A 164 59.49 26.94 -12.18
N LYS A 165 60.11 27.40 -11.10
CA LYS A 165 59.52 28.43 -10.25
C LYS A 165 59.49 29.79 -10.94
N ARG A 166 60.22 29.91 -12.04
CA ARG A 166 60.26 31.16 -12.80
C ARG A 166 59.14 31.20 -13.83
N LYS A 167 58.67 30.03 -14.23
CA LYS A 167 57.60 29.92 -15.22
C LYS A 167 56.23 29.94 -14.53
N LYS A 168 55.18 29.96 -15.34
CA LYS A 168 53.81 29.93 -14.83
C LYS A 168 53.60 28.69 -13.96
N GLY A 169 53.15 28.92 -12.73
CA GLY A 169 53.15 27.92 -11.69
C GLY A 169 52.34 26.65 -11.89
N LYS A 170 52.31 25.82 -10.85
CA LYS A 170 51.57 24.56 -10.80
C LYS A 170 52.19 23.46 -11.67
N PRO A 171 53.30 22.88 -11.21
CA PRO A 171 53.93 21.75 -11.90
C PRO A 171 53.44 20.42 -11.35
N ASN A 172 53.44 19.39 -12.19
CA ASN A 172 52.97 18.07 -11.77
C ASN A 172 54.10 17.07 -11.54
N VAL A 173 54.27 16.64 -10.29
CA VAL A 173 55.21 15.58 -9.96
C VAL A 173 54.48 14.25 -9.94
N GLN A 174 55.06 13.23 -10.55
CA GLN A 174 54.37 11.94 -10.70
C GLN A 174 54.90 10.86 -9.76
N ARG A 175 56.22 10.70 -9.72
CA ARG A 175 56.87 9.65 -8.91
C ARG A 175 56.48 8.24 -9.37
N PHE A 176 57.38 7.60 -10.10
CA PHE A 176 57.13 6.25 -10.60
C PHE A 176 57.44 5.18 -9.55
N LYS A 177 56.44 4.37 -9.24
CA LYS A 177 56.62 3.27 -8.30
C LYS A 177 57.23 2.06 -8.99
N GLY A 178 57.08 1.99 -10.31
CA GLY A 178 57.61 0.90 -11.09
C GLY A 178 57.46 1.08 -12.59
N LEU A 179 57.99 0.14 -13.36
CA LEU A 179 57.92 0.19 -14.82
C LEU A 179 56.53 -0.16 -15.35
N GLY A 180 55.78 -0.96 -14.59
CA GLY A 180 54.47 -1.39 -15.02
C GLY A 180 53.44 -0.29 -15.05
N GLU A 181 53.62 0.73 -14.21
CA GLU A 181 52.66 1.81 -14.09
C GLU A 181 52.88 2.94 -15.08
N MET A 182 54.07 2.99 -15.67
CA MET A 182 54.39 4.06 -16.62
C MET A 182 54.04 3.67 -18.05
N ASN A 183 53.54 4.65 -18.81
CA ASN A 183 53.14 4.44 -20.20
C ASN A 183 54.30 4.00 -21.09
N PRO A 184 54.00 3.17 -22.11
CA PRO A 184 54.99 2.63 -23.05
C PRO A 184 55.89 3.70 -23.68
N MET A 185 55.31 4.81 -24.13
CA MET A 185 56.08 5.87 -24.76
C MET A 185 57.04 6.53 -23.77
N GLN A 186 56.59 6.68 -22.53
CA GLN A 186 57.44 7.22 -21.47
C GLN A 186 58.63 6.31 -21.24
N LEU A 187 58.37 5.00 -21.28
CA LEU A 187 59.43 4.00 -21.13
C LEU A 187 60.40 4.10 -22.30
N ARG A 188 59.86 4.38 -23.49
CA ARG A 188 60.67 4.51 -24.69
C ARG A 188 61.62 5.70 -24.59
N GLU A 189 61.08 6.86 -24.24
CA GLU A 189 61.87 8.08 -24.11
C GLU A 189 62.87 7.98 -22.97
N THR A 190 62.50 7.26 -21.90
CA THR A 190 63.31 7.20 -20.70
C THR A 190 64.44 6.16 -20.75
N THR A 191 64.16 5.00 -21.33
CA THR A 191 65.10 3.88 -21.25
C THR A 191 65.38 3.16 -22.59
N LEU A 192 64.58 3.45 -23.61
CA LEU A 192 64.72 2.74 -24.88
C LEU A 192 65.38 3.58 -25.97
N ASP A 193 64.71 4.66 -26.37
CA ASP A 193 65.20 5.53 -27.44
C ASP A 193 66.60 6.07 -27.14
N PRO A 194 67.57 5.74 -28.01
CA PRO A 194 68.99 6.07 -27.82
C PRO A 194 69.26 7.56 -27.67
N ASN A 195 68.47 8.39 -28.34
CA ASN A 195 68.66 9.83 -28.28
C ASN A 195 68.28 10.46 -26.94
N THR A 196 67.41 9.77 -26.19
CA THR A 196 66.91 10.33 -24.93
C THR A 196 67.11 9.41 -23.72
N ARG A 197 67.66 8.21 -23.95
CA ARG A 197 67.79 7.22 -22.87
C ARG A 197 68.87 7.61 -21.86
N ARG A 198 68.89 6.90 -20.74
CA ARG A 198 69.96 7.05 -19.75
C ARG A 198 70.46 5.68 -19.33
N LEU A 199 71.18 5.02 -20.23
CA LEU A 199 71.73 3.70 -19.96
C LEU A 199 73.24 3.76 -19.72
N VAL A 200 73.67 3.23 -18.59
CA VAL A 200 75.09 3.25 -18.24
C VAL A 200 75.77 1.93 -18.64
N GLN A 201 77.04 2.02 -19.02
CA GLN A 201 77.80 0.84 -19.41
C GLN A 201 78.59 0.28 -18.23
N LEU A 202 78.35 -0.98 -17.89
CA LEU A 202 79.05 -1.63 -16.80
C LEU A 202 80.35 -2.28 -17.30
N VAL A 203 81.46 -1.90 -16.68
CA VAL A 203 82.77 -2.40 -17.11
C VAL A 203 83.60 -2.90 -15.93
N ILE A 204 84.39 -3.94 -16.19
CA ILE A 204 85.29 -4.50 -15.19
C ILE A 204 86.73 -4.45 -15.70
N SER A 205 87.32 -3.26 -15.61
CA SER A 205 88.67 -3.04 -16.13
C SER A 205 89.72 -3.88 -15.40
N ASP A 206 90.91 -3.97 -15.99
CA ASP A 206 92.02 -4.70 -15.40
C ASP A 206 92.39 -4.13 -14.04
N GLU A 207 92.94 -4.99 -13.18
CA GLU A 207 93.31 -4.63 -11.80
C GLU A 207 92.09 -4.34 -10.91
N ASP A 208 90.92 -4.20 -11.53
CA ASP A 208 89.68 -4.01 -10.80
C ASP A 208 88.85 -5.29 -10.82
N GLU A 209 89.23 -6.21 -11.70
CA GLU A 209 88.54 -7.49 -11.82
C GLU A 209 88.75 -8.34 -10.57
N GLN A 210 89.89 -8.14 -9.91
CA GLN A 210 90.20 -8.84 -8.67
C GLN A 210 89.30 -8.34 -7.54
N GLN A 211 89.19 -7.02 -7.41
CA GLN A 211 88.35 -6.41 -6.40
C GLN A 211 86.88 -6.71 -6.66
N THR A 212 86.50 -6.73 -7.94
CA THR A 212 85.13 -7.02 -8.33
C THR A 212 84.72 -8.41 -7.88
N THR A 213 85.54 -9.40 -8.19
CA THR A 213 85.28 -10.78 -7.80
C THR A 213 85.28 -10.96 -6.28
N ALA A 214 86.03 -10.11 -5.60
CA ALA A 214 86.14 -10.18 -4.15
C ALA A 214 84.89 -9.61 -3.47
N ILE A 215 84.49 -8.41 -3.89
CA ILE A 215 83.33 -7.74 -3.32
C ILE A 215 82.04 -8.50 -3.59
N MET A 216 81.90 -8.97 -4.83
CA MET A 216 80.71 -9.72 -5.25
C MET A 216 80.55 -11.04 -4.49
N ASP A 217 81.66 -11.57 -3.98
CA ASP A 217 81.64 -12.84 -3.26
C ASP A 217 80.88 -12.76 -1.95
N MET A 218 81.28 -11.82 -1.08
CA MET A 218 80.65 -11.68 0.23
C MET A 218 79.17 -11.33 0.12
N LEU A 219 78.79 -10.74 -1.00
CA LEU A 219 77.40 -10.36 -1.24
C LEU A 219 76.53 -11.56 -1.62
N LEU A 220 77.01 -12.38 -2.54
CA LEU A 220 76.18 -13.44 -3.12
C LEU A 220 76.58 -14.86 -2.69
N ALA A 221 77.39 -14.98 -1.65
CA ALA A 221 77.77 -16.29 -1.14
C ALA A 221 76.78 -16.76 -0.08
N LYS A 222 76.24 -17.97 -0.28
CA LYS A 222 75.26 -18.55 0.65
C LYS A 222 75.80 -18.63 2.08
N LYS A 223 77.10 -18.86 2.20
CA LYS A 223 77.75 -18.87 3.51
C LYS A 223 78.03 -17.45 3.99
N ARG A 224 79.16 -17.28 4.67
CA ARG A 224 79.61 -15.98 5.13
C ARG A 224 78.60 -15.30 6.06
N SER A 225 77.67 -14.55 5.48
CA SER A 225 76.58 -13.91 6.22
C SER A 225 77.04 -12.90 7.27
N GLU A 226 77.89 -13.34 8.19
CA GLU A 226 78.44 -12.45 9.22
C GLU A 226 79.23 -11.31 8.59
N ASP A 227 79.92 -11.63 7.50
CA ASP A 227 80.68 -10.63 6.75
C ASP A 227 79.73 -9.57 6.19
N ARG A 228 78.52 -10.01 5.82
CA ARG A 228 77.49 -9.09 5.34
C ARG A 228 76.96 -8.23 6.48
N ARG A 229 76.85 -8.82 7.67
CA ARG A 229 76.43 -8.08 8.85
C ARG A 229 77.42 -6.95 9.13
N ASN A 230 78.70 -7.30 9.18
CA ASN A 230 79.76 -6.33 9.44
C ASN A 230 79.86 -5.29 8.33
N TRP A 231 79.61 -5.70 7.10
CA TRP A 231 79.64 -4.79 5.96
C TRP A 231 78.51 -3.77 6.07
N LEU A 232 77.32 -4.24 6.43
CA LEU A 232 76.18 -3.36 6.63
C LEU A 232 76.42 -2.44 7.83
N GLN A 233 77.19 -2.94 8.79
CA GLN A 233 77.54 -2.16 9.98
C GLN A 233 78.45 -1.01 9.62
N GLU A 234 79.53 -1.31 8.92
CA GLU A 234 80.50 -0.29 8.50
C GLU A 234 79.85 0.76 7.59
N LYS A 235 78.92 0.32 6.76
CA LYS A 235 78.20 1.21 5.86
C LYS A 235 77.04 1.90 6.57
N GLY A 236 77.33 2.51 7.71
CA GLY A 236 76.32 3.20 8.48
C GLY A 236 76.89 3.87 9.72
N ASP A 248 74.34 11.93 -9.71
CA ASP A 248 75.11 12.12 -10.93
C ASP A 248 75.38 10.78 -11.61
N MET A 249 75.70 10.84 -12.91
CA MET A 249 75.98 9.63 -13.67
C MET A 249 76.83 9.92 -14.89
N ALA A 250 77.53 8.90 -15.38
CA ALA A 250 78.36 9.03 -16.57
C ALA A 250 78.00 7.94 -17.58
N GLU A 251 78.66 7.96 -18.73
CA GLU A 251 78.40 7.00 -19.79
C GLU A 251 78.84 5.59 -19.43
N ARG A 252 79.69 5.48 -18.41
CA ARG A 252 80.19 4.18 -17.96
C ARG A 252 80.49 4.17 -16.46
N LEU A 253 80.18 3.06 -15.82
CA LEU A 253 80.40 2.91 -14.39
C LEU A 253 81.01 1.55 -14.07
N ALA A 254 81.84 1.50 -13.04
CA ALA A 254 82.47 0.25 -12.61
C ALA A 254 81.44 -0.72 -12.06
N LEU A 255 81.45 -1.96 -12.57
CA LEU A 255 80.49 -2.97 -12.17
C LEU A 255 80.55 -3.28 -10.67
N HIS A 256 81.74 -3.24 -10.10
CA HIS A 256 81.91 -3.50 -8.68
C HIS A 256 81.33 -2.36 -7.84
N GLU A 257 81.39 -1.15 -8.38
CA GLU A 257 80.83 0.02 -7.71
C GLU A 257 79.31 -0.03 -7.77
N PHE A 258 78.78 -0.49 -8.89
CA PHE A 258 77.34 -0.60 -9.08
C PHE A 258 76.74 -1.70 -8.23
N THR A 259 77.36 -2.88 -8.27
CA THR A 259 76.87 -4.05 -7.55
C THR A 259 76.88 -3.87 -6.04
N GLU A 260 77.92 -3.25 -5.50
CA GLU A 260 78.05 -3.09 -4.05
C GLU A 260 77.01 -2.13 -3.49
N ASN A 261 76.72 -1.06 -4.23
CA ASN A 261 75.75 -0.07 -3.79
C ASN A 261 74.32 -0.52 -4.01
N ALA A 262 74.10 -1.28 -5.07
CA ALA A 262 72.77 -1.80 -5.38
C ALA A 262 72.33 -2.82 -4.32
N TYR A 263 73.24 -3.72 -3.99
CA TYR A 263 72.95 -4.75 -2.99
C TYR A 263 72.81 -4.14 -1.60
N LEU A 264 73.47 -3.01 -1.39
CA LEU A 264 73.37 -2.28 -0.13
C LEU A 264 71.97 -1.71 0.05
N ASN A 265 71.45 -1.15 -1.04
CA ASN A 265 70.10 -0.59 -1.07
C ASN A 265 69.06 -1.65 -0.72
N TYR A 266 69.12 -2.79 -1.40
CA TYR A 266 68.18 -3.88 -1.16
C TYR A 266 68.30 -4.42 0.25
N SER A 267 69.54 -4.62 0.71
CA SER A 267 69.79 -5.13 2.05
C SER A 267 69.18 -4.21 3.11
N MET A 268 69.49 -2.93 3.02
CA MET A 268 68.98 -1.94 3.96
C MET A 268 67.45 -1.82 3.91
N TYR A 269 66.89 -1.93 2.71
CA TYR A 269 65.44 -1.84 2.55
C TYR A 269 64.73 -3.03 3.18
N VAL A 270 65.28 -4.22 2.96
CA VAL A 270 64.70 -5.45 3.52
C VAL A 270 64.83 -5.45 5.04
N ILE A 271 65.97 -5.02 5.55
CA ILE A 271 66.18 -4.94 6.99
C ILE A 271 65.22 -3.98 7.66
N MET A 272 65.19 -2.74 7.18
CA MET A 272 64.42 -1.68 7.81
C MET A 272 62.91 -1.74 7.51
N ASP A 273 62.55 -2.07 6.27
CA ASP A 273 61.17 -1.95 5.84
C ASP A 273 60.56 -3.24 5.29
N ARG A 274 60.91 -4.38 5.87
CA ARG A 274 60.34 -5.65 5.42
C ARG A 274 60.38 -6.76 6.47
N ALA A 275 61.57 -7.27 6.75
CA ALA A 275 61.71 -8.50 7.54
C ALA A 275 61.73 -8.28 9.05
N LEU A 276 62.34 -7.19 9.49
CA LEU A 276 62.48 -6.94 10.92
C LEU A 276 61.39 -6.02 11.45
N PRO A 277 60.79 -6.38 12.59
CA PRO A 277 59.72 -5.61 13.23
C PRO A 277 60.26 -4.50 14.14
N PHE A 278 59.42 -3.53 14.45
CA PHE A 278 59.78 -2.43 15.35
C PHE A 278 59.40 -2.78 16.77
N ILE A 279 60.29 -2.48 17.72
CA ILE A 279 60.10 -2.87 19.12
C ILE A 279 58.85 -2.28 19.76
N GLY A 280 58.39 -1.15 19.24
CA GLY A 280 57.22 -0.48 19.77
C GLY A 280 55.95 -1.31 19.70
N ASP A 281 55.46 -1.54 18.50
CA ASP A 281 54.22 -2.29 18.31
C ASP A 281 54.45 -3.72 17.82
N GLY A 282 55.72 -4.08 17.63
CA GLY A 282 56.07 -5.43 17.21
C GLY A 282 55.52 -5.81 15.84
N LEU A 283 55.43 -4.82 14.96
CA LEU A 283 54.84 -5.05 13.64
C LEU A 283 55.80 -4.75 12.49
N LYS A 284 55.58 -5.44 11.37
CA LYS A 284 56.28 -5.16 10.13
C LYS A 284 55.42 -4.18 9.34
N PRO A 285 56.05 -3.39 8.44
CA PRO A 285 55.33 -2.38 7.63
C PRO A 285 54.04 -2.89 7.01
N VAL A 286 54.06 -4.11 6.46
CA VAL A 286 52.87 -4.68 5.83
C VAL A 286 51.72 -4.85 6.81
N GLN A 287 52.02 -5.44 7.96
CA GLN A 287 51.01 -5.69 8.99
C GLN A 287 50.44 -4.39 9.53
N ARG A 288 51.33 -3.43 9.79
CA ARG A 288 50.93 -2.11 10.29
C ARG A 288 50.00 -1.44 9.31
N ARG A 289 50.37 -1.49 8.03
CA ARG A 289 49.55 -0.93 6.97
C ARG A 289 48.19 -1.61 6.90
N ILE A 290 48.16 -2.92 7.08
CA ILE A 290 46.91 -3.68 7.04
C ILE A 290 45.97 -3.26 8.18
N VAL A 291 46.47 -3.34 9.42
CA VAL A 291 45.64 -3.01 10.57
C VAL A 291 45.21 -1.55 10.58
N TYR A 292 46.08 -0.66 10.09
CA TYR A 292 45.73 0.76 10.03
C TYR A 292 44.69 1.01 8.95
N ALA A 293 44.83 0.34 7.81
CA ALA A 293 43.86 0.49 6.72
C ALA A 293 42.51 -0.09 7.12
N MET A 294 42.53 -1.06 8.04
CA MET A 294 41.30 -1.62 8.57
C MET A 294 40.68 -0.66 9.58
N SER A 295 41.54 0.02 10.35
CA SER A 295 41.07 1.05 11.28
C SER A 295 40.39 2.17 10.53
N GLU A 296 41.00 2.59 9.41
CA GLU A 296 40.45 3.64 8.58
C GLU A 296 39.17 3.20 7.90
N LEU A 297 39.09 1.91 7.58
CA LEU A 297 37.91 1.35 6.93
C LEU A 297 36.78 1.12 7.92
N GLY A 298 37.07 1.37 9.20
CA GLY A 298 36.07 1.26 10.26
C GLY A 298 35.73 -0.17 10.61
N LEU A 299 36.54 -1.11 10.16
CA LEU A 299 36.32 -2.53 10.44
C LEU A 299 36.76 -2.88 11.85
N ASN A 300 36.08 -2.33 12.85
CA ASN A 300 36.38 -2.63 14.24
C ASN A 300 35.74 -3.94 14.67
N ALA A 301 36.14 -4.43 15.84
CA ALA A 301 35.65 -5.71 16.35
C ALA A 301 34.15 -5.75 16.53
N SER A 302 33.55 -4.58 16.74
CA SER A 302 32.10 -4.49 16.92
C SER A 302 31.38 -4.25 15.60
N ALA A 303 32.14 -3.99 14.55
CA ALA A 303 31.57 -3.71 13.24
C ALA A 303 31.31 -4.99 12.46
N LYS A 304 30.49 -4.89 11.42
CA LYS A 304 30.18 -6.03 10.58
C LYS A 304 31.33 -6.38 9.65
N PHE A 305 31.43 -7.65 9.28
CA PHE A 305 32.49 -8.13 8.39
C PHE A 305 32.37 -7.54 6.99
N LYS A 306 33.52 -7.21 6.40
CA LYS A 306 33.56 -6.73 5.03
C LYS A 306 34.49 -7.61 4.20
N LYS A 307 34.28 -7.63 2.88
CA LYS A 307 35.08 -8.46 1.98
C LYS A 307 36.56 -8.14 2.09
N SER A 308 37.39 -9.17 2.07
CA SER A 308 38.85 -9.00 2.22
C SER A 308 39.45 -8.26 1.03
N ALA A 309 38.84 -8.43 -0.13
CA ALA A 309 39.32 -7.77 -1.35
C ALA A 309 39.26 -6.25 -1.21
N ARG A 310 38.27 -5.77 -0.47
CA ARG A 310 38.10 -4.35 -0.22
C ARG A 310 39.28 -3.78 0.58
N THR A 311 39.55 -4.41 1.72
CA THR A 311 40.63 -3.96 2.60
C THR A 311 42.00 -4.12 1.96
N VAL A 312 42.19 -5.23 1.23
CA VAL A 312 43.45 -5.45 0.52
C VAL A 312 43.65 -4.36 -0.55
N GLY A 313 42.61 -4.13 -1.34
CA GLY A 313 42.64 -3.09 -2.34
C GLY A 313 42.90 -1.72 -1.76
N ASP A 314 42.43 -1.51 -0.53
CA ASP A 314 42.70 -0.26 0.18
C ASP A 314 44.16 -0.17 0.61
N VAL A 315 44.70 -1.27 1.12
CA VAL A 315 46.10 -1.33 1.53
C VAL A 315 47.02 -1.04 0.37
N LEU A 316 46.71 -1.63 -0.79
CA LEU A 316 47.52 -1.40 -1.98
C LEU A 316 47.32 0.00 -2.56
N GLY A 317 46.07 0.46 -2.54
CA GLY A 317 45.72 1.73 -3.16
C GLY A 317 46.09 2.95 -2.33
N LYS A 318 46.44 2.73 -1.06
CA LYS A 318 46.76 3.85 -0.17
C LYS A 318 48.20 3.82 0.35
N TYR A 319 48.62 2.70 0.90
CA TYR A 319 49.87 2.66 1.65
C TYR A 319 50.94 1.70 1.12
N HIS A 320 50.54 0.49 0.76
CA HIS A 320 51.50 -0.55 0.37
C HIS A 320 51.67 -0.65 -1.15
N PRO A 321 52.85 -0.29 -1.65
CA PRO A 321 53.14 -0.31 -3.09
C PRO A 321 53.69 -1.65 -3.57
N HIS A 322 53.09 -2.74 -3.10
CA HIS A 322 53.54 -4.08 -3.48
C HIS A 322 52.41 -4.92 -4.06
N GLY A 323 52.57 -6.24 -4.00
CA GLY A 323 51.57 -7.14 -4.55
C GLY A 323 50.44 -7.44 -3.60
N ASP A 324 49.29 -7.83 -4.15
CA ASP A 324 48.11 -8.14 -3.34
C ASP A 324 48.17 -9.54 -2.75
N SER A 325 48.89 -10.44 -3.42
CA SER A 325 48.96 -11.83 -2.99
C SER A 325 49.70 -11.98 -1.66
N ALA A 326 50.93 -11.46 -1.60
CA ALA A 326 51.73 -11.53 -0.38
C ALA A 326 51.07 -10.79 0.77
N CYS A 327 50.38 -9.69 0.44
CA CYS A 327 49.68 -8.89 1.43
C CYS A 327 48.55 -9.70 2.07
N TYR A 328 47.70 -10.28 1.24
CA TYR A 328 46.60 -11.11 1.73
C TYR A 328 47.13 -12.34 2.43
N GLU A 329 48.33 -12.77 2.06
CA GLU A 329 49.00 -13.89 2.70
C GLU A 329 49.34 -13.53 4.14
N ALA A 330 49.97 -12.37 4.31
CA ALA A 330 50.33 -11.89 5.64
C ALA A 330 49.09 -11.64 6.50
N MET A 331 48.06 -11.10 5.88
CA MET A 331 46.78 -10.86 6.56
C MET A 331 46.15 -12.16 7.06
N VAL A 332 46.05 -13.13 6.17
CA VAL A 332 45.53 -14.45 6.52
C VAL A 332 46.35 -15.08 7.63
N LEU A 333 47.66 -14.88 7.58
CA LEU A 333 48.55 -15.37 8.62
C LEU A 333 48.24 -14.71 9.96
N MET A 334 47.87 -13.43 9.90
CA MET A 334 47.50 -12.69 11.11
C MET A 334 46.13 -13.12 11.63
N ALA A 335 45.32 -13.70 10.76
CA ALA A 335 43.96 -14.10 11.14
C ALA A 335 43.90 -15.49 11.77
N GLN A 336 44.97 -16.25 11.66
CA GLN A 336 45.00 -17.64 12.13
C GLN A 336 45.31 -17.76 13.61
N PRO A 337 44.40 -18.37 14.38
CA PRO A 337 44.55 -18.55 15.83
C PRO A 337 45.71 -19.48 16.18
N PHE A 338 46.02 -20.41 15.28
CA PHE A 338 47.09 -21.38 15.51
C PHE A 338 48.45 -20.83 15.07
N SER A 339 48.42 -19.78 14.25
CA SER A 339 49.66 -19.14 13.80
C SER A 339 50.01 -17.95 14.67
N TYR A 340 48.99 -17.18 15.04
CA TYR A 340 49.18 -16.01 15.90
C TYR A 340 48.64 -16.30 17.29
N ARG A 341 49.47 -16.05 18.31
CA ARG A 341 49.05 -16.26 19.69
C ARG A 341 47.88 -15.35 20.03
N TYR A 342 48.02 -14.07 19.67
CA TYR A 342 46.94 -13.10 19.79
C TYR A 342 46.72 -12.45 18.43
N PRO A 343 45.84 -13.06 17.61
CA PRO A 343 45.59 -12.62 16.24
C PRO A 343 44.85 -11.29 16.17
N LEU A 344 44.84 -10.65 15.01
CA LEU A 344 44.12 -9.38 14.86
C LEU A 344 43.53 -9.05 13.47
N GLY A 345 42.79 -9.96 12.83
CA GLY A 345 42.62 -11.33 13.26
C GLY A 345 41.21 -11.86 13.49
N ASP A 346 40.23 -11.31 12.80
CA ASP A 346 38.88 -11.88 12.86
C ASP A 346 38.29 -12.08 11.47
N GLY A 347 38.17 -13.34 11.05
CA GLY A 347 37.70 -13.63 9.70
C GLY A 347 36.52 -14.59 9.64
N GLN A 348 35.76 -14.48 8.56
CA GLN A 348 34.67 -15.41 8.30
C GLN A 348 34.95 -16.18 7.01
N GLY A 349 34.66 -17.47 7.02
CA GLY A 349 34.92 -18.32 5.87
C GLY A 349 36.12 -19.21 6.10
N ASN A 350 36.69 -19.73 5.00
CA ASN A 350 37.83 -20.62 5.10
C ASN A 350 39.15 -19.86 5.17
N TRP A 351 39.72 -19.79 6.37
CA TRP A 351 40.99 -19.11 6.57
C TRP A 351 42.11 -20.11 6.88
N GLY A 352 41.92 -21.35 6.44
CA GLY A 352 42.93 -22.37 6.61
C GLY A 352 42.76 -23.19 7.89
N ALA A 353 43.64 -24.18 8.05
CA ALA A 353 43.61 -25.06 9.22
C ALA A 353 44.97 -25.69 9.42
N PRO A 354 45.27 -26.15 10.64
CA PRO A 354 46.55 -26.83 10.88
C PRO A 354 46.62 -28.19 10.19
N LYS A 358 47.77 -24.09 7.22
CA LYS A 358 47.91 -24.50 5.82
C LYS A 358 47.46 -23.40 4.87
N SER A 359 46.66 -23.77 3.87
CA SER A 359 46.17 -22.82 2.88
C SER A 359 44.67 -22.55 3.03
N PHE A 360 44.21 -21.49 2.39
CA PHE A 360 42.91 -20.90 2.68
C PHE A 360 42.11 -20.56 1.43
N ALA A 361 40.99 -19.88 1.62
CA ALA A 361 40.13 -19.44 0.53
C ALA A 361 40.64 -18.14 -0.08
N ALA A 362 40.13 -17.81 -1.26
CA ALA A 362 40.53 -16.58 -1.94
C ALA A 362 39.97 -15.35 -1.23
N MET A 363 40.57 -14.19 -1.51
CA MET A 363 40.15 -12.95 -0.87
C MET A 363 38.80 -12.47 -1.41
N ARG A 364 38.39 -13.00 -2.55
CA ARG A 364 37.10 -12.64 -3.14
C ARG A 364 35.95 -13.31 -2.40
N TYR A 365 36.28 -14.25 -1.52
CA TYR A 365 35.26 -15.01 -0.79
C TYR A 365 35.24 -14.69 0.71
N THR A 366 36.42 -14.52 1.29
CA THR A 366 36.53 -14.33 2.74
C THR A 366 36.15 -12.92 3.19
N GLU A 367 35.62 -12.83 4.40
CA GLU A 367 35.26 -11.55 5.00
C GLU A 367 36.12 -11.31 6.23
N SER A 368 36.43 -10.05 6.50
CA SER A 368 37.39 -9.75 7.57
C SER A 368 36.98 -8.61 8.49
N ARG A 369 37.70 -8.51 9.61
CA ARG A 369 37.44 -7.55 10.67
C ARG A 369 38.56 -7.63 11.71
N LEU A 370 38.90 -6.48 12.31
CA LEU A 370 39.92 -6.44 13.35
C LEU A 370 39.47 -7.17 14.61
N SER A 371 40.42 -7.72 15.34
CA SER A 371 40.12 -8.40 16.59
C SER A 371 39.93 -7.39 17.72
N LYS A 372 39.39 -7.86 18.85
CA LYS A 372 39.25 -7.02 20.03
C LYS A 372 40.62 -6.71 20.62
N TYR A 373 41.58 -7.58 20.34
CA TYR A 373 42.95 -7.41 20.79
C TYR A 373 43.61 -6.24 20.06
N ALA A 374 43.24 -6.06 18.79
CA ALA A 374 43.81 -5.02 17.95
C ALA A 374 43.62 -3.62 18.51
N GLU A 375 42.64 -3.47 19.39
CA GLU A 375 42.41 -2.20 20.07
C GLU A 375 43.67 -1.73 20.79
N LEU A 376 44.40 -2.68 21.36
CA LEU A 376 45.64 -2.39 22.06
C LEU A 376 46.66 -1.66 21.19
N LEU A 377 46.50 -1.78 19.87
CA LEU A 377 47.39 -1.12 18.93
C LEU A 377 46.76 0.10 18.30
N LEU A 378 45.43 0.17 18.35
CA LEU A 378 44.70 1.19 17.58
C LEU A 378 44.00 2.26 18.40
N SER A 379 43.72 1.96 19.67
CA SER A 379 43.23 3.00 20.57
C SER A 379 44.38 3.99 20.80
N GLU A 380 44.03 5.23 21.14
CA GLU A 380 45.01 6.30 21.33
C GLU A 380 45.71 6.69 20.02
N LEU A 381 45.08 6.40 18.90
CA LEU A 381 45.66 6.71 17.60
C LEU A 381 45.55 8.19 17.26
N GLY A 382 44.34 8.73 17.29
CA GLY A 382 44.10 10.12 16.94
C GLY A 382 44.37 11.07 18.08
N GLN A 383 45.27 10.69 18.98
CA GLN A 383 45.56 11.52 20.15
C GLN A 383 47.03 11.96 20.18
N GLY A 384 47.60 12.18 18.99
CA GLY A 384 48.95 12.69 18.86
C GLY A 384 50.02 11.82 19.52
N THR A 385 49.89 10.51 19.38
CA THR A 385 50.80 9.58 20.05
C THR A 385 51.92 9.07 19.15
N VAL A 386 51.67 9.01 17.85
CA VAL A 386 52.66 8.50 16.90
C VAL A 386 52.99 9.51 15.80
N ASP A 387 54.15 9.33 15.17
CA ASP A 387 54.58 10.22 14.09
C ASP A 387 53.99 9.77 12.76
N TRP A 388 53.89 10.69 11.82
CA TRP A 388 53.25 10.42 10.54
C TRP A 388 54.11 10.78 9.34
N VAL A 389 54.33 9.79 8.46
CA VAL A 389 55.05 10.00 7.21
C VAL A 389 54.06 9.88 6.06
N PRO A 390 54.26 10.65 4.99
CA PRO A 390 53.30 10.60 3.88
C PRO A 390 53.47 9.34 3.03
N ASN A 391 52.41 8.93 2.35
CA ASN A 391 52.44 7.71 1.55
C ASN A 391 53.17 7.88 0.21
N PHE A 392 53.15 6.85 -0.62
CA PHE A 392 53.88 6.87 -1.87
C PHE A 392 53.37 7.90 -2.87
N ASP A 393 52.06 8.10 -2.92
CA ASP A 393 51.47 9.06 -3.84
C ASP A 393 51.50 10.47 -3.25
N GLY A 394 51.65 10.55 -1.93
CA GLY A 394 51.69 11.83 -1.25
C GLY A 394 50.31 12.43 -1.05
N THR A 395 49.28 11.64 -1.35
CA THR A 395 47.90 12.10 -1.22
C THR A 395 47.36 11.90 0.19
N LEU A 396 47.92 10.93 0.91
CA LEU A 396 47.46 10.61 2.26
C LEU A 396 48.63 10.52 3.24
N GLN A 397 48.32 10.32 4.52
CA GLN A 397 49.34 10.15 5.53
C GLN A 397 49.26 8.78 6.20
N GLU A 398 50.39 8.34 6.75
CA GLU A 398 50.52 6.99 7.28
C GLU A 398 51.34 7.02 8.58
N PRO A 399 50.87 6.28 9.60
CA PRO A 399 51.59 6.27 10.87
C PRO A 399 52.87 5.45 10.80
N LYS A 400 53.95 5.99 11.34
CA LYS A 400 55.22 5.28 11.37
C LYS A 400 55.16 4.15 12.39
N MET A 401 54.46 4.41 13.48
CA MET A 401 54.27 3.41 14.53
C MET A 401 52.80 3.35 14.93
N LEU A 402 52.47 2.44 15.84
CA LEU A 402 51.14 2.38 16.42
C LEU A 402 51.24 2.48 17.94
N PRO A 403 50.35 3.28 18.54
CA PRO A 403 50.35 3.48 20.00
C PRO A 403 49.97 2.20 20.73
N ALA A 404 50.90 1.25 20.81
CA ALA A 404 50.67 -0.01 21.49
C ALA A 404 50.49 0.21 22.98
N ARG A 405 49.55 -0.50 23.58
CA ARG A 405 49.29 -0.41 25.01
C ARG A 405 49.93 -1.57 25.75
N LEU A 406 50.20 -2.65 25.01
CA LEU A 406 50.92 -3.81 25.54
C LEU A 406 52.00 -4.23 24.55
N PRO A 407 53.15 -4.69 25.07
CA PRO A 407 54.29 -5.03 24.21
C PRO A 407 53.99 -6.20 23.27
N ASN A 408 53.40 -5.89 22.12
CA ASN A 408 53.02 -6.90 21.13
C ASN A 408 54.23 -7.64 20.56
N ILE A 409 55.41 -7.02 20.68
CA ILE A 409 56.64 -7.62 20.19
C ILE A 409 56.94 -8.94 20.92
N LEU A 410 56.57 -9.00 22.19
CA LEU A 410 56.75 -10.22 22.98
C LEU A 410 55.51 -11.10 22.98
N LEU A 411 54.34 -10.47 22.89
CA LEU A 411 53.08 -11.20 22.93
C LEU A 411 52.89 -12.10 21.71
N ASN A 412 52.94 -11.51 20.53
CA ASN A 412 52.76 -12.25 19.29
C ASN A 412 54.07 -12.82 18.76
N GLY A 413 55.15 -12.05 18.90
CA GLY A 413 56.44 -12.45 18.37
C GLY A 413 56.48 -12.31 16.87
N THR A 414 57.65 -12.53 16.27
CA THR A 414 57.80 -12.41 14.83
C THR A 414 58.89 -13.33 14.28
N THR A 415 58.75 -13.68 13.01
CA THR A 415 59.75 -14.48 12.31
C THR A 415 59.97 -13.88 10.92
N GLY A 416 61.21 -13.51 10.62
CA GLY A 416 61.51 -12.91 9.34
C GLY A 416 62.95 -13.12 8.91
N ILE A 417 63.19 -12.99 7.61
CA ILE A 417 64.52 -13.16 7.05
C ILE A 417 64.92 -11.96 6.21
N ALA A 418 66.00 -11.31 6.60
CA ALA A 418 66.51 -10.16 5.87
C ALA A 418 67.81 -10.51 5.15
N VAL A 419 68.55 -9.48 4.74
CA VAL A 419 69.85 -9.69 4.14
C VAL A 419 70.94 -9.53 5.19
N GLY A 420 71.62 -10.63 5.49
CA GLY A 420 72.68 -10.63 6.49
C GLY A 420 72.20 -11.02 7.88
N MET A 421 70.92 -10.76 8.16
CA MET A 421 70.37 -11.04 9.48
C MET A 421 68.93 -11.54 9.40
N ALA A 422 68.45 -12.09 10.52
CA ALA A 422 67.08 -12.58 10.60
C ALA A 422 66.51 -12.34 11.99
N THR A 423 65.23 -12.67 12.17
CA THR A 423 64.58 -12.49 13.46
C THR A 423 63.65 -13.66 13.77
N ASP A 424 63.75 -14.17 14.99
CA ASP A 424 62.89 -15.27 15.45
C ASP A 424 62.48 -15.05 16.90
N ILE A 425 61.28 -14.51 17.09
CA ILE A 425 60.77 -14.21 18.42
C ILE A 425 59.54 -15.07 18.74
N PRO A 426 59.63 -15.85 19.82
CA PRO A 426 58.50 -16.70 20.23
C PRO A 426 57.43 -15.89 20.95
N PRO A 427 56.16 -16.34 20.87
CA PRO A 427 55.06 -15.66 21.55
C PRO A 427 55.16 -15.80 23.06
N HIS A 428 54.47 -14.93 23.79
CA HIS A 428 54.47 -15.00 25.25
C HIS A 428 53.07 -14.77 25.81
N ASN A 429 52.90 -15.06 27.09
CA ASN A 429 51.61 -14.88 27.77
C ASN A 429 51.38 -13.43 28.15
N LEU A 430 50.22 -12.90 27.77
CA LEU A 430 49.89 -11.49 28.00
C LEU A 430 49.96 -11.11 29.48
N ARG A 431 49.32 -11.92 30.32
CA ARG A 431 49.31 -11.66 31.76
C ARG A 431 50.71 -11.66 32.35
N GLU A 432 51.53 -12.62 31.93
CA GLU A 432 52.89 -12.75 32.44
C GLU A 432 53.76 -11.56 32.05
N VAL A 433 53.70 -11.17 30.78
CA VAL A 433 54.50 -10.04 30.29
C VAL A 433 54.03 -8.73 30.90
N ALA A 434 52.71 -8.58 31.07
CA ALA A 434 52.15 -7.40 31.70
C ALA A 434 52.62 -7.30 33.15
N LYS A 435 52.53 -8.41 33.87
CA LYS A 435 52.97 -8.49 35.25
C LYS A 435 54.46 -8.16 35.35
N ALA A 436 55.23 -8.62 34.37
CA ALA A 436 56.66 -8.35 34.30
C ALA A 436 56.93 -6.86 34.10
N ALA A 437 56.15 -6.23 33.24
CA ALA A 437 56.28 -4.81 32.96
C ALA A 437 55.96 -3.98 34.20
N ILE A 438 54.85 -4.30 34.84
CA ILE A 438 54.44 -3.61 36.06
C ILE A 438 55.49 -3.78 37.15
N THR A 439 56.03 -4.99 37.27
CA THR A 439 57.11 -5.27 38.22
C THR A 439 58.34 -4.44 37.88
N LEU A 440 58.57 -4.23 36.59
CA LEU A 440 59.72 -3.44 36.14
C LEU A 440 59.53 -1.96 36.45
N ILE A 441 58.27 -1.53 36.49
CA ILE A 441 57.96 -0.14 36.84
C ILE A 441 58.11 0.09 38.34
N GLU A 442 57.56 -0.83 39.13
CA GLU A 442 57.61 -0.75 40.58
C GLU A 442 59.06 -0.76 41.08
N GLN A 443 59.84 -1.72 40.57
CA GLN A 443 61.25 -1.82 40.91
C GLN A 443 62.10 -1.81 39.64
N PRO A 444 62.59 -0.63 39.25
CA PRO A 444 63.36 -0.45 38.02
C PRO A 444 64.71 -1.16 38.05
N LYS A 445 65.18 -1.51 39.25
CA LYS A 445 66.46 -2.20 39.39
C LYS A 445 66.31 -3.72 39.28
N THR A 446 65.13 -4.16 38.85
CA THR A 446 64.84 -5.58 38.70
C THR A 446 65.77 -6.24 37.68
N THR A 447 66.37 -7.36 38.07
CA THR A 447 67.29 -8.09 37.20
C THR A 447 66.53 -8.99 36.25
N LEU A 448 67.28 -9.75 35.44
CA LEU A 448 66.67 -10.62 34.44
C LEU A 448 66.05 -11.87 35.07
N ASP A 449 66.69 -12.39 36.12
CA ASP A 449 66.22 -13.59 36.79
C ASP A 449 64.87 -13.35 37.47
N GLU A 450 64.75 -12.18 38.10
CA GLU A 450 63.52 -11.80 38.78
C GLU A 450 62.36 -11.67 37.80
N LEU A 451 62.64 -11.14 36.61
CA LEU A 451 61.66 -11.08 35.54
C LEU A 451 61.32 -12.48 35.05
N LEU A 452 62.33 -13.35 35.04
CA LEU A 452 62.15 -14.73 34.60
C LEU A 452 61.30 -15.54 35.59
N ASP A 453 61.26 -15.08 36.83
CA ASP A 453 60.40 -15.71 37.83
C ASP A 453 58.94 -15.40 37.55
N ILE A 454 58.70 -14.37 36.74
CA ILE A 454 57.36 -13.99 36.34
C ILE A 454 57.01 -14.58 34.98
N VAL A 455 57.81 -14.25 33.98
CA VAL A 455 57.65 -14.79 32.64
C VAL A 455 58.36 -16.13 32.53
N GLN A 456 57.59 -17.22 32.57
CA GLN A 456 58.15 -18.57 32.52
C GLN A 456 58.97 -18.80 31.26
N GLY A 457 58.49 -18.26 30.14
CA GLY A 457 59.15 -18.43 28.86
C GLY A 457 58.17 -18.23 27.72
N PRO A 458 58.48 -18.80 26.56
CA PRO A 458 57.60 -18.71 25.39
C PRO A 458 56.25 -19.37 25.65
N ASP A 459 55.20 -18.80 25.08
CA ASP A 459 53.85 -19.38 25.20
C ASP A 459 53.23 -19.57 23.82
N PHE A 460 53.22 -20.80 23.35
CA PHE A 460 52.71 -21.11 22.01
C PHE A 460 51.23 -21.43 22.05
N PRO A 461 50.50 -21.06 20.99
CA PRO A 461 49.06 -21.34 20.88
C PRO A 461 48.80 -22.74 20.36
N THR A 462 49.47 -23.73 20.92
CA THR A 462 49.36 -25.10 20.44
C THR A 462 49.36 -26.13 21.56
N GLU A 463 49.05 -25.66 22.77
CA GLU A 463 49.11 -26.50 23.97
C GLU A 463 50.48 -27.15 24.07
N ALA A 464 50.50 -28.43 24.44
CA ALA A 464 51.73 -29.24 24.48
C ALA A 464 52.78 -28.74 25.47
N GLU A 465 53.74 -29.60 25.77
CA GLU A 465 54.80 -29.28 26.72
C GLU A 465 55.98 -28.59 26.05
N ILE A 466 56.62 -27.68 26.78
CA ILE A 466 57.87 -27.09 26.32
C ILE A 466 59.00 -27.67 27.16
N ILE A 467 59.47 -28.84 26.75
CA ILE A 467 60.51 -29.55 27.49
C ILE A 467 61.87 -28.89 27.31
N THR A 468 62.18 -27.96 28.20
CA THR A 468 63.45 -27.25 28.17
C THR A 468 63.76 -26.75 29.57
N SER A 469 64.98 -27.02 30.03
CA SER A 469 65.41 -26.60 31.36
C SER A 469 65.23 -25.09 31.57
N ARG A 470 64.70 -24.73 32.72
CA ARG A 470 64.48 -23.32 33.07
C ARG A 470 65.78 -22.53 33.01
N ALA A 471 66.90 -23.21 33.30
CA ALA A 471 68.22 -22.59 33.21
C ALA A 471 68.59 -22.33 31.76
N GLU A 472 68.26 -23.27 30.89
CA GLU A 472 68.52 -23.12 29.46
C GLU A 472 67.71 -21.97 28.89
N ILE A 473 66.46 -21.86 29.31
CA ILE A 473 65.60 -20.75 28.92
C ILE A 473 66.17 -19.44 29.44
N ARG A 474 66.65 -19.47 30.68
CA ARG A 474 67.28 -18.31 31.31
C ARG A 474 68.48 -17.82 30.49
N LYS A 475 69.25 -18.77 29.98
CA LYS A 475 70.40 -18.45 29.14
C LYS A 475 69.96 -17.89 27.81
N ILE A 476 68.93 -18.50 27.22
CA ILE A 476 68.38 -18.07 25.94
C ILE A 476 67.89 -16.63 26.00
N TYR A 477 67.27 -16.27 27.12
CA TYR A 477 66.76 -14.92 27.31
C TYR A 477 67.86 -13.95 27.71
N GLN A 478 68.88 -14.46 28.41
CA GLN A 478 70.00 -13.63 28.83
C GLN A 478 70.87 -13.23 27.64
N ASN A 479 70.94 -14.10 26.64
CA ASN A 479 71.79 -13.85 25.46
C ASN A 479 71.00 -13.38 24.25
N GLY A 480 69.68 -13.52 24.29
CA GLY A 480 68.83 -13.07 23.20
C GLY A 480 68.78 -14.04 22.04
N ARG A 481 69.57 -15.11 22.13
CA ARG A 481 69.61 -16.13 21.10
C ARG A 481 69.60 -17.52 21.74
N GLY A 482 69.04 -18.49 21.03
CA GLY A 482 68.98 -19.85 21.53
C GLY A 482 67.95 -20.70 20.82
N SER A 483 67.50 -21.76 21.47
CA SER A 483 66.52 -22.67 20.90
C SER A 483 65.63 -23.28 21.97
N VAL A 484 64.32 -23.34 21.70
CA VAL A 484 63.38 -23.94 22.64
C VAL A 484 62.66 -25.12 21.99
N ARG A 485 62.61 -26.23 22.69
CA ARG A 485 62.01 -27.44 22.13
C ARG A 485 60.65 -27.77 22.74
N MET A 486 59.72 -28.22 21.91
CA MET A 486 58.40 -28.64 22.38
C MET A 486 58.17 -30.12 22.09
N ARG A 487 57.31 -30.72 22.90
CA ARG A 487 56.98 -32.14 22.76
C ARG A 487 55.48 -32.36 22.92
N ALA A 488 54.94 -33.27 22.13
CA ALA A 488 53.51 -33.58 22.18
C ALA A 488 53.08 -34.08 23.57
N VAL A 489 51.81 -33.86 23.90
CA VAL A 489 51.27 -34.32 25.18
C VAL A 489 50.49 -35.61 24.99
N TRP A 490 50.92 -36.67 25.66
CA TRP A 490 50.29 -37.98 25.50
C TRP A 490 49.96 -38.63 26.84
N SER A 491 48.96 -39.51 26.82
CA SER A 491 48.56 -40.24 28.02
C SER A 491 48.20 -41.68 27.67
N LYS A 492 48.45 -42.60 28.59
CA LYS A 492 48.16 -44.01 28.36
C LYS A 492 46.80 -44.40 28.95
N GLU A 493 45.86 -44.71 28.08
CA GLU A 493 44.51 -45.07 28.50
C GLU A 493 43.70 -45.70 27.37
N ASP A 494 43.49 -47.01 27.42
CA ASP A 494 44.02 -47.85 28.49
C ASP A 494 44.95 -48.91 27.91
N GLY A 495 46.24 -48.78 28.19
CA GLY A 495 47.24 -49.65 27.60
C GLY A 495 47.68 -49.13 26.25
N ALA A 496 46.81 -48.33 25.63
CA ALA A 496 47.12 -47.69 24.36
C ALA A 496 47.52 -46.24 24.60
N VAL A 497 48.38 -45.72 23.74
CA VAL A 497 48.86 -44.35 23.89
C VAL A 497 48.04 -43.37 23.07
N VAL A 498 47.54 -42.32 23.72
CA VAL A 498 46.75 -41.31 23.06
C VAL A 498 47.39 -39.93 23.16
N ILE A 499 47.73 -39.36 22.00
CA ILE A 499 48.28 -38.02 21.92
C ILE A 499 47.14 -37.01 21.77
N THR A 500 47.12 -36.00 22.63
CA THR A 500 46.03 -35.04 22.67
C THR A 500 46.44 -33.63 22.26
N ALA A 501 47.75 -33.41 22.10
CA ALA A 501 48.25 -32.09 21.73
C ALA A 501 49.58 -32.19 21.00
N LEU A 502 49.72 -31.43 19.92
CA LEU A 502 50.93 -31.43 19.12
C LEU A 502 51.67 -30.10 19.26
N PRO A 503 53.00 -30.12 19.05
CA PRO A 503 53.79 -28.88 19.12
C PRO A 503 53.38 -27.89 18.04
N HIS A 504 53.85 -26.65 18.16
CA HIS A 504 53.48 -25.58 17.25
C HIS A 504 53.91 -25.90 15.82
N GLN A 505 53.01 -25.63 14.88
CA GLN A 505 53.25 -25.84 13.45
C GLN A 505 53.51 -27.30 13.08
N VAL A 506 52.91 -28.22 13.82
CA VAL A 506 52.97 -29.64 13.48
C VAL A 506 51.68 -30.03 12.77
N SER A 507 51.81 -30.61 11.58
CA SER A 507 50.66 -30.90 10.74
C SER A 507 49.70 -31.93 11.33
N GLY A 508 50.24 -32.89 12.06
CA GLY A 508 49.43 -33.95 12.62
C GLY A 508 49.19 -35.06 11.63
N ALA A 509 48.72 -34.70 10.44
CA ALA A 509 48.56 -35.65 9.35
C ALA A 509 49.94 -36.09 8.88
N LYS A 510 50.89 -35.15 8.91
CA LYS A 510 52.27 -35.45 8.56
C LYS A 510 52.90 -36.34 9.62
N VAL A 511 52.50 -36.14 10.87
CA VAL A 511 52.96 -36.97 11.97
C VAL A 511 52.45 -38.38 11.79
N LEU A 512 51.14 -38.49 11.50
CA LEU A 512 50.50 -39.76 11.24
C LEU A 512 51.18 -40.48 10.09
N GLU A 513 51.49 -39.76 9.03
CA GLU A 513 52.17 -40.33 7.86
C GLU A 513 53.58 -40.79 8.22
N GLN A 514 54.24 -40.04 9.11
CA GLN A 514 55.58 -40.38 9.54
C GLN A 514 55.59 -41.70 10.32
N ILE A 515 54.74 -41.78 11.34
CA ILE A 515 54.63 -42.99 12.14
C ILE A 515 54.18 -44.18 11.31
N ALA A 516 53.27 -43.93 10.38
CA ALA A 516 52.73 -44.98 9.52
C ALA A 516 53.78 -45.52 8.56
N ALA A 517 54.60 -44.63 8.00
CA ALA A 517 55.68 -45.03 7.11
C ALA A 517 56.72 -45.81 7.90
N GLN A 518 56.96 -45.35 9.13
CA GLN A 518 57.89 -46.00 10.02
C GLN A 518 57.40 -47.41 10.35
N MET A 519 56.09 -47.59 10.38
CA MET A 519 55.49 -48.91 10.56
C MET A 519 55.65 -49.75 9.30
N ARG A 520 55.47 -49.12 8.15
CA ARG A 520 55.56 -49.82 6.87
C ARG A 520 56.96 -50.33 6.58
N ASN A 521 57.97 -49.64 7.11
CA ASN A 521 59.35 -50.09 6.95
C ASN A 521 59.78 -51.10 8.01
N LYS A 522 58.79 -51.71 8.67
CA LYS A 522 59.03 -52.74 9.67
C LYS A 522 59.91 -52.25 10.83
N LYS A 523 59.89 -50.95 11.07
CA LYS A 523 60.68 -50.36 12.16
C LYS A 523 59.90 -50.35 13.46
N LEU A 524 58.60 -50.61 13.38
CA LEU A 524 57.74 -50.61 14.57
C LEU A 524 56.90 -51.87 14.66
N PRO A 525 57.52 -52.98 15.08
CA PRO A 525 56.78 -54.24 15.27
C PRO A 525 56.11 -54.27 16.64
N MET A 526 56.47 -53.33 17.50
CA MET A 526 55.88 -53.23 18.84
C MET A 526 54.46 -52.68 18.75
N VAL A 527 54.24 -51.80 17.78
CA VAL A 527 52.95 -51.14 17.62
C VAL A 527 51.98 -51.97 16.76
N ASP A 528 50.83 -52.27 17.33
CA ASP A 528 49.81 -53.08 16.65
C ASP A 528 48.99 -52.29 15.64
N ASP A 529 48.54 -51.09 16.04
CA ASP A 529 47.66 -50.29 15.20
C ASP A 529 47.79 -48.79 15.45
N LEU A 530 47.60 -48.00 14.40
CA LEU A 530 47.62 -46.55 14.50
C LEU A 530 46.26 -45.98 14.07
N ARG A 531 45.63 -45.21 14.96
CA ARG A 531 44.29 -44.69 14.70
C ARG A 531 44.20 -43.17 14.84
N ASP A 532 43.41 -42.56 13.96
CA ASP A 532 43.14 -41.13 14.05
C ASP A 532 41.71 -40.88 14.52
N GLU A 533 41.54 -40.66 15.83
CA GLU A 533 40.24 -40.40 16.40
C GLU A 533 39.97 -38.91 16.54
N SER A 534 40.66 -38.12 15.72
CA SER A 534 40.50 -36.67 15.73
C SER A 534 39.15 -36.24 15.13
N ASP A 535 38.22 -35.85 16.00
CA ASP A 535 36.91 -35.40 15.55
C ASP A 535 36.71 -33.92 15.83
N HIS A 536 35.48 -33.44 15.64
CA HIS A 536 35.15 -32.04 15.89
C HIS A 536 35.33 -31.66 17.36
N GLU A 537 34.91 -32.55 18.25
CA GLU A 537 35.03 -32.33 19.68
C GLU A 537 36.49 -32.35 20.12
N ASN A 538 37.22 -33.37 19.69
CA ASN A 538 38.64 -33.49 20.00
C ASN A 538 39.49 -33.29 18.75
N PRO A 539 40.05 -32.09 18.59
CA PRO A 539 40.84 -31.69 17.43
C PRO A 539 42.04 -32.60 17.16
N THR A 540 42.84 -32.85 18.19
CA THR A 540 44.00 -33.72 18.05
C THR A 540 43.89 -34.95 18.94
N ARG A 541 43.64 -36.11 18.33
CA ARG A 541 43.57 -37.36 19.07
C ARG A 541 44.22 -38.49 18.28
N LEU A 542 45.49 -38.77 18.58
CA LEU A 542 46.24 -39.81 17.86
C LEU A 542 46.46 -41.03 18.74
N VAL A 543 45.79 -42.13 18.40
CA VAL A 543 45.87 -43.35 19.20
C VAL A 543 46.92 -44.33 18.68
N ILE A 544 47.78 -44.80 19.58
CA ILE A 544 48.79 -45.80 19.24
C ILE A 544 48.60 -47.06 20.08
N VAL A 545 48.11 -48.12 19.45
CA VAL A 545 47.82 -49.38 20.12
C VAL A 545 48.96 -50.38 19.94
N PRO A 546 49.51 -50.87 21.07
CA PRO A 546 50.62 -51.83 21.06
C PRO A 546 50.15 -53.27 20.98
N ARG A 547 50.95 -54.13 20.37
CA ARG A 547 50.69 -55.56 20.35
C ARG A 547 51.16 -56.14 21.68
N SER A 548 50.23 -56.71 22.44
CA SER A 548 50.46 -57.19 23.80
C SER A 548 50.76 -56.05 24.78
N ASN A 549 50.39 -56.24 26.05
CA ASN A 549 50.54 -55.20 27.06
C ASN A 549 51.89 -55.24 27.77
N ARG A 550 52.82 -56.05 27.29
CA ARG A 550 54.12 -56.18 27.92
C ARG A 550 55.17 -55.25 27.32
N VAL A 551 54.91 -54.77 26.11
CA VAL A 551 55.86 -53.90 25.43
C VAL A 551 55.96 -52.53 26.11
N ASP A 552 57.18 -52.05 26.27
CA ASP A 552 57.42 -50.75 26.90
C ASP A 552 57.09 -49.62 25.92
N MET A 553 55.90 -49.06 26.05
CA MET A 553 55.45 -48.00 25.16
C MET A 553 56.22 -46.69 25.37
N GLU A 554 56.93 -46.59 26.49
CA GLU A 554 57.74 -45.42 26.77
C GLU A 554 58.94 -45.36 25.83
N GLN A 555 59.55 -46.52 25.59
CA GLN A 555 60.67 -46.62 24.67
C GLN A 555 60.25 -46.27 23.25
N VAL A 556 59.08 -46.79 22.86
CA VAL A 556 58.50 -46.50 21.56
C VAL A 556 58.21 -45.01 21.43
N MET A 557 57.73 -44.43 22.52
CA MET A 557 57.40 -43.01 22.56
C MET A 557 58.64 -42.14 22.40
N ASN A 558 59.71 -42.52 23.09
CA ASN A 558 60.99 -41.83 22.95
C ASN A 558 61.50 -41.94 21.52
N HIS A 559 61.33 -43.13 20.93
CA HIS A 559 61.73 -43.37 19.55
C HIS A 559 60.96 -42.48 18.58
N LEU A 560 59.68 -42.26 18.87
CA LEU A 560 58.85 -41.41 18.03
C LEU A 560 59.17 -39.93 18.25
N PHE A 561 59.60 -39.60 19.47
CA PHE A 561 60.03 -38.24 19.77
C PHE A 561 61.32 -37.92 19.03
N ALA A 562 62.17 -38.92 18.89
CA ALA A 562 63.46 -38.74 18.20
C ALA A 562 63.31 -38.79 16.68
N THR A 563 62.40 -39.63 16.20
CA THR A 563 62.23 -39.83 14.76
C THR A 563 61.13 -38.95 14.15
N THR A 564 59.92 -39.07 14.68
CA THR A 564 58.77 -38.34 14.13
C THR A 564 58.79 -36.87 14.51
N ASP A 565 57.70 -36.17 14.23
CA ASP A 565 57.61 -34.74 14.47
C ASP A 565 56.84 -34.43 15.75
N LEU A 566 56.77 -35.41 16.65
CA LEU A 566 56.12 -35.21 17.94
C LEU A 566 56.95 -34.30 18.82
N GLU A 567 58.24 -34.20 18.51
CA GLU A 567 59.14 -33.28 19.19
C GLU A 567 59.73 -32.33 18.15
N LYS A 568 59.61 -31.03 18.39
CA LYS A 568 60.07 -30.05 17.42
C LYS A 568 60.96 -28.98 18.08
N SER A 569 61.98 -28.54 17.36
CA SER A 569 62.86 -27.49 17.84
C SER A 569 62.46 -26.14 17.25
N TYR A 570 62.64 -25.09 18.03
CA TYR A 570 62.25 -23.75 17.59
C TYR A 570 63.38 -22.74 17.80
N ARG A 571 63.74 -22.04 16.72
CA ARG A 571 64.79 -21.04 16.76
C ARG A 571 64.35 -19.82 17.56
N ILE A 572 65.27 -19.25 18.32
CA ILE A 572 65.02 -18.02 19.05
C ILE A 572 66.13 -17.01 18.77
N ASN A 573 65.75 -15.90 18.15
CA ASN A 573 66.69 -14.84 17.81
C ASN A 573 66.03 -13.48 18.00
N LEU A 574 66.20 -12.92 19.20
CA LEU A 574 65.51 -11.70 19.58
C LEU A 574 66.06 -10.46 18.89
N ASN A 575 66.03 -10.45 17.56
CA ASN A 575 66.48 -9.31 16.78
C ASN A 575 65.31 -8.43 16.36
N MET A 576 65.43 -7.12 16.58
CA MET A 576 64.35 -6.20 16.26
C MET A 576 64.89 -4.79 16.08
N ILE A 577 64.04 -3.90 15.56
CA ILE A 577 64.42 -2.51 15.38
C ILE A 577 64.09 -1.69 16.61
N GLY A 578 65.12 -1.25 17.33
CA GLY A 578 64.94 -0.50 18.55
C GLY A 578 64.45 0.91 18.28
N LEU A 579 64.26 1.68 19.36
CA LEU A 579 63.83 3.07 19.23
C LEU A 579 64.90 3.93 18.59
N ASP A 580 66.13 3.44 18.59
CA ASP A 580 67.25 4.14 17.96
C ASP A 580 67.08 4.20 16.45
N GLY A 581 66.36 3.23 15.90
CA GLY A 581 66.13 3.17 14.47
C GLY A 581 67.01 2.15 13.78
N ARG A 582 67.83 1.47 14.56
CA ARG A 582 68.74 0.46 14.02
C ARG A 582 68.42 -0.91 14.64
N PRO A 583 68.54 -1.98 13.83
CA PRO A 583 68.25 -3.33 14.30
C PRO A 583 69.34 -3.86 15.22
N ALA A 584 68.94 -4.62 16.24
CA ALA A 584 69.90 -5.18 17.20
C ALA A 584 69.26 -6.30 18.01
N VAL A 585 70.06 -7.29 18.37
CA VAL A 585 69.60 -8.37 19.23
C VAL A 585 69.56 -7.89 20.68
N LYS A 586 68.41 -8.07 21.33
CA LYS A 586 68.22 -7.57 22.68
C LYS A 586 67.71 -8.66 23.60
N ASN A 587 68.12 -8.63 24.86
CA ASN A 587 67.63 -9.57 25.85
C ASN A 587 66.30 -9.09 26.44
N LEU A 588 65.63 -9.96 27.19
CA LEU A 588 64.30 -9.69 27.72
C LEU A 588 64.25 -8.38 28.52
N LEU A 589 65.26 -8.15 29.35
CA LEU A 589 65.32 -6.93 30.15
C LEU A 589 65.40 -5.69 29.28
N GLU A 590 66.23 -5.75 28.24
CA GLU A 590 66.39 -4.63 27.32
C GLU A 590 65.09 -4.35 26.56
N ILE A 591 64.44 -5.43 26.12
CA ILE A 591 63.18 -5.32 25.38
C ILE A 591 62.10 -4.66 26.25
N LEU A 592 61.90 -5.21 27.45
CA LEU A 592 60.90 -4.68 28.36
C LEU A 592 61.19 -3.23 28.77
N SER A 593 62.46 -2.92 29.02
CA SER A 593 62.86 -1.57 29.40
C SER A 593 62.59 -0.57 28.28
N GLU A 594 63.11 -0.87 27.10
CA GLU A 594 62.95 0.01 25.94
C GLU A 594 61.48 0.19 25.60
N TRP A 595 60.70 -0.88 25.67
CA TRP A 595 59.28 -0.79 25.43
C TRP A 595 58.60 0.08 26.48
N LEU A 596 59.06 -0.02 27.73
CA LEU A 596 58.52 0.82 28.81
C LEU A 596 58.80 2.29 28.50
N VAL A 597 59.96 2.56 27.93
CA VAL A 597 60.30 3.91 27.50
C VAL A 597 59.33 4.38 26.43
N PHE A 598 59.11 3.53 25.42
CA PHE A 598 58.17 3.83 24.35
C PHE A 598 56.76 4.14 24.86
N ARG A 599 56.26 3.27 25.75
CA ARG A 599 54.92 3.41 26.30
C ARG A 599 54.79 4.67 27.13
N ARG A 600 55.80 4.93 27.97
CA ARG A 600 55.80 6.11 28.82
C ARG A 600 55.74 7.38 27.96
N ASP A 601 56.57 7.40 26.91
CA ASP A 601 56.61 8.53 26.00
C ASP A 601 55.27 8.74 25.31
N THR A 602 54.70 7.67 24.76
CA THR A 602 53.43 7.76 24.05
C THR A 602 52.29 8.22 24.96
N VAL A 603 52.26 7.70 26.19
CA VAL A 603 51.26 8.11 27.16
C VAL A 603 51.42 9.60 27.48
N ARG A 604 52.66 10.04 27.65
CA ARG A 604 52.93 11.45 27.87
C ARG A 604 52.40 12.31 26.73
N ARG A 605 52.61 11.85 25.49
CA ARG A 605 52.14 12.58 24.32
C ARG A 605 50.61 12.65 24.30
N ARG A 606 49.96 11.54 24.64
CA ARG A 606 48.50 11.51 24.70
C ARG A 606 47.99 12.54 25.71
N LEU A 607 48.60 12.51 26.91
CA LEU A 607 48.23 13.42 27.99
C LEU A 607 48.40 14.88 27.56
N ASN A 608 49.52 15.20 26.92
CA ASN A 608 49.77 16.55 26.44
C ASN A 608 48.76 16.99 25.37
N HIS A 609 48.44 16.07 24.46
CA HIS A 609 47.46 16.34 23.40
C HIS A 609 46.11 16.72 24.02
N ARG A 610 45.63 15.85 24.91
CA ARG A 610 44.37 16.10 25.61
C ARG A 610 44.43 17.41 26.39
N LEU A 611 45.59 17.70 26.99
CA LEU A 611 45.78 18.93 27.74
C LEU A 611 45.57 20.14 26.84
N GLU A 612 46.23 20.15 25.69
CA GLU A 612 46.11 21.24 24.73
C GLU A 612 44.65 21.43 24.30
N LYS A 613 43.99 20.31 23.98
CA LYS A 613 42.57 20.37 23.60
C LYS A 613 41.72 21.03 24.69
N VAL A 614 41.88 20.56 25.92
CA VAL A 614 41.15 21.10 27.07
C VAL A 614 41.39 22.58 27.25
N LEU A 615 42.66 22.99 27.18
CA LEU A 615 43.04 24.40 27.32
C LEU A 615 42.35 25.27 26.27
N LYS A 616 42.47 24.88 25.01
CA LYS A 616 41.84 25.61 23.92
C LYS A 616 40.33 25.74 24.13
N ARG A 617 39.69 24.61 24.46
CA ARG A 617 38.25 24.61 24.70
C ARG A 617 37.87 25.54 25.84
N LEU A 618 38.69 25.57 26.89
CA LEU A 618 38.48 26.46 28.02
C LEU A 618 38.56 27.92 27.60
N HIS A 619 39.54 28.22 26.77
CA HIS A 619 39.70 29.57 26.22
C HIS A 619 38.44 30.00 25.47
N ILE A 620 38.01 29.14 24.55
CA ILE A 620 36.80 29.40 23.77
C ILE A 620 35.57 29.58 24.66
N LEU A 621 35.47 28.75 25.70
CA LEU A 621 34.35 28.83 26.64
C LEU A 621 34.33 30.15 27.39
N GLU A 622 35.51 30.59 27.83
CA GLU A 622 35.64 31.88 28.50
C GLU A 622 35.19 33.00 27.57
N GLY A 623 35.61 32.92 26.31
CA GLY A 623 35.18 33.88 25.29
C GLY A 623 33.67 33.91 25.16
N LEU A 624 33.07 32.73 25.09
CA LEU A 624 31.62 32.59 24.95
C LEU A 624 30.87 33.19 26.13
N LEU A 625 31.35 32.93 27.34
CA LEU A 625 30.73 33.46 28.54
C LEU A 625 30.81 34.99 28.56
N VAL A 626 31.97 35.51 28.17
CA VAL A 626 32.14 36.95 28.04
C VAL A 626 31.13 37.52 27.06
N ALA A 627 30.94 36.82 25.94
CA ALA A 627 29.96 37.23 24.93
C ALA A 627 28.54 37.26 25.50
N PHE A 628 28.14 36.18 26.15
CA PHE A 628 26.83 36.09 26.79
C PHE A 628 26.59 37.21 27.79
N LEU A 629 27.64 37.57 28.54
CA LEU A 629 27.53 38.62 29.55
C LEU A 629 27.14 39.97 28.94
N ASN A 630 27.59 40.22 27.71
CA ASN A 630 27.26 41.44 27.01
C ASN A 630 26.78 41.20 25.58
N ILE A 631 25.74 40.39 25.44
CA ILE A 631 25.25 40.00 24.12
C ILE A 631 24.72 41.16 23.29
N ASP A 632 24.05 42.10 23.94
CA ASP A 632 23.47 43.24 23.26
C ASP A 632 24.54 44.07 22.56
N GLU A 633 25.62 44.36 23.27
CA GLU A 633 26.73 45.13 22.73
C GLU A 633 27.42 44.35 21.62
N VAL A 634 27.50 43.03 21.78
CA VAL A 634 28.09 42.18 20.75
C VAL A 634 27.30 42.29 19.46
N ILE A 635 26.00 42.05 19.52
CA ILE A 635 25.11 42.15 18.37
C ILE A 635 25.18 43.55 17.75
N GLU A 636 25.27 44.56 18.61
CA GLU A 636 25.43 45.93 18.16
C GLU A 636 26.69 46.07 17.29
N ILE A 637 27.81 45.58 17.81
CA ILE A 637 29.07 45.59 17.07
C ILE A 637 28.94 44.85 15.74
N ILE A 638 28.24 43.72 15.75
CA ILE A 638 28.03 42.94 14.53
C ILE A 638 27.25 43.73 13.48
N ARG A 639 26.23 44.45 13.93
CA ARG A 639 25.34 45.16 13.01
C ARG A 639 25.64 46.66 12.88
N THR A 640 26.82 47.08 13.33
CA THR A 640 27.20 48.49 13.21
C THR A 640 28.65 48.66 12.77
N GLU A 641 29.44 47.60 12.89
CA GLU A 641 30.84 47.65 12.47
C GLU A 641 31.06 46.77 11.24
N ASP A 642 31.72 47.35 10.23
CA ASP A 642 32.06 46.58 9.04
C ASP A 642 33.15 45.59 9.40
N GLU A 643 32.84 44.30 9.29
CA GLU A 643 33.72 43.22 9.74
C GLU A 643 34.05 43.39 11.22
N PRO A 644 33.21 42.78 12.08
CA PRO A 644 33.25 42.97 13.54
C PRO A 644 34.33 42.17 14.25
N LYS A 645 35.01 41.29 13.53
CA LYS A 645 36.06 40.45 14.13
C LYS A 645 37.14 41.24 14.90
N PRO A 646 37.76 42.25 14.27
CA PRO A 646 38.74 42.99 15.07
C PRO A 646 38.08 43.97 16.03
N ALA A 647 36.83 44.32 15.76
CA ALA A 647 36.08 45.22 16.63
C ALA A 647 35.72 44.54 17.95
N LEU A 648 35.36 43.26 17.87
CA LEU A 648 35.03 42.48 19.05
C LEU A 648 36.27 42.26 19.92
N MET A 649 37.42 42.06 19.28
CA MET A 649 38.68 41.87 19.97
C MET A 649 39.06 43.09 20.80
N SER A 650 38.91 44.26 20.21
CA SER A 650 39.28 45.51 20.87
C SER A 650 38.35 45.86 22.03
N ARG A 651 37.04 45.68 21.81
CA ARG A 651 36.04 46.10 22.78
C ARG A 651 35.99 45.24 24.05
N PHE A 652 36.40 43.98 23.94
CA PHE A 652 36.28 43.06 25.06
C PHE A 652 37.62 42.50 25.54
N GLY A 653 38.68 42.75 24.78
CA GLY A 653 39.98 42.17 25.07
C GLY A 653 39.88 40.67 24.85
N ILE A 654 39.75 40.29 23.59
CA ILE A 654 39.45 38.91 23.24
C ILE A 654 40.28 38.46 22.02
N SER A 655 40.74 37.22 22.04
CA SER A 655 41.56 36.69 20.96
C SER A 655 40.74 36.48 19.69
N GLU A 656 41.41 36.41 18.55
CA GLU A 656 40.74 36.21 17.27
C GLU A 656 39.97 34.89 17.24
N THR A 657 40.47 33.89 17.94
CA THR A 657 39.80 32.60 18.04
C THR A 657 38.48 32.74 18.79
N GLN A 658 38.52 33.47 19.90
CA GLN A 658 37.32 33.72 20.69
C GLN A 658 36.34 34.55 19.89
N ALA A 659 36.86 35.48 19.09
CA ALA A 659 36.04 36.33 18.24
C ALA A 659 35.28 35.49 17.22
N GLU A 660 36.00 34.59 16.55
CA GLU A 660 35.39 33.67 15.60
C GLU A 660 34.38 32.76 16.29
N ALA A 661 34.68 32.36 17.52
CA ALA A 661 33.79 31.53 18.30
C ALA A 661 32.46 32.24 18.56
N ILE A 662 32.55 33.51 18.95
CA ILE A 662 31.38 34.34 19.18
C ILE A 662 30.60 34.53 17.88
N LEU A 663 31.33 34.76 16.80
CA LEU A 663 30.72 34.95 15.47
C LEU A 663 29.98 33.70 14.99
N GLU A 664 30.42 32.53 15.46
CA GLU A 664 29.83 31.27 15.01
C GLU A 664 28.73 30.78 15.94
N LEU A 665 28.42 31.56 16.97
CA LEU A 665 27.32 31.23 17.87
C LEU A 665 25.99 31.29 17.13
N LYS A 666 25.08 30.39 17.49
CA LYS A 666 23.74 30.38 16.90
C LYS A 666 22.77 31.12 17.82
N LEU A 667 21.67 31.60 17.25
CA LEU A 667 20.67 32.34 18.02
C LEU A 667 20.08 31.47 19.12
N ARG A 668 19.89 30.19 18.83
CA ARG A 668 19.33 29.26 19.80
C ARG A 668 20.26 29.03 20.99
N HIS A 669 21.52 29.43 20.83
CA HIS A 669 22.49 29.34 21.92
C HIS A 669 22.42 30.54 22.85
N LEU A 670 21.56 31.50 22.51
CA LEU A 670 21.40 32.69 23.33
C LEU A 670 20.48 32.41 24.52
N ALA A 671 19.88 31.23 24.53
CA ALA A 671 19.03 30.80 25.64
C ALA A 671 19.86 30.58 26.90
N LYS A 672 19.18 30.46 28.04
CA LYS A 672 19.86 30.34 29.33
C LYS A 672 20.42 28.94 29.55
N LEU A 673 19.67 27.92 29.14
CA LEU A 673 20.10 26.53 29.30
C LEU A 673 21.42 26.25 28.61
N GLU A 674 21.65 26.89 27.46
CA GLU A 674 22.89 26.74 26.73
C GLU A 674 24.06 27.31 27.52
N GLU A 675 23.83 28.47 28.14
CA GLU A 675 24.84 29.10 28.97
C GLU A 675 25.14 28.22 30.19
N MET A 676 24.11 27.59 30.72
CA MET A 676 24.25 26.67 31.85
C MET A 676 25.12 25.48 31.47
N LYS A 677 24.80 24.86 30.34
CA LYS A 677 25.60 23.74 29.83
C LYS A 677 27.05 24.15 29.63
N ILE A 678 27.24 25.32 29.05
CA ILE A 678 28.58 25.86 28.81
C ILE A 678 29.36 26.04 30.11
N ARG A 679 28.68 26.55 31.14
CA ARG A 679 29.29 26.77 32.44
C ARG A 679 29.67 25.46 33.12
N GLY A 680 28.78 24.48 33.07
CA GLY A 680 29.04 23.17 33.64
C GLY A 680 30.23 22.50 32.96
N GLU A 681 30.23 22.57 31.63
CA GLU A 681 31.32 22.03 30.84
C GLU A 681 32.63 22.75 31.18
N GLN A 682 32.52 24.04 31.48
CA GLN A 682 33.67 24.84 31.89
C GLN A 682 34.25 24.31 33.20
N SER A 683 33.37 24.03 34.16
CA SER A 683 33.79 23.47 35.44
C SER A 683 34.49 22.12 35.24
N GLU A 684 33.82 21.24 34.51
CA GLU A 684 34.37 19.92 34.21
C GLU A 684 35.75 20.00 33.57
N LEU A 685 35.88 20.85 32.56
CA LEU A 685 37.13 21.03 31.85
C LEU A 685 38.23 21.65 32.71
N GLU A 686 37.84 22.50 33.65
CA GLU A 686 38.80 23.06 34.59
C GLU A 686 39.36 21.97 35.49
N LYS A 687 38.47 21.14 36.03
CA LYS A 687 38.88 20.02 36.87
C LYS A 687 39.79 19.05 36.10
N GLU A 688 39.38 18.71 34.88
CA GLU A 688 40.15 17.81 34.03
C GLU A 688 41.52 18.39 33.69
N ARG A 689 41.57 19.70 33.47
CA ARG A 689 42.81 20.38 33.18
C ARG A 689 43.74 20.29 34.39
N ASP A 690 43.17 20.50 35.57
CA ASP A 690 43.93 20.37 36.81
C ASP A 690 44.52 18.97 36.95
N GLN A 691 43.70 17.96 36.69
CA GLN A 691 44.14 16.57 36.78
C GLN A 691 45.27 16.25 35.80
N LEU A 692 45.06 16.60 34.54
CA LEU A 692 46.04 16.37 33.49
C LEU A 692 47.36 17.05 33.80
N GLN A 693 47.30 18.32 34.17
CA GLN A 693 48.51 19.07 34.51
C GLN A 693 49.21 18.48 35.73
N ALA A 694 48.42 17.95 36.66
CA ALA A 694 48.96 17.32 37.87
C ALA A 694 49.75 16.06 37.53
N ILE A 695 49.13 15.17 36.76
CA ILE A 695 49.76 13.91 36.39
C ILE A 695 51.01 14.11 35.53
N LEU A 696 51.04 15.20 34.77
CA LEU A 696 52.16 15.49 33.87
C LEU A 696 53.44 15.84 34.61
N ALA A 697 53.30 16.41 35.82
CA ALA A 697 54.45 16.95 36.54
C ALA A 697 54.99 16.01 37.61
N SER A 698 54.29 14.90 37.84
CA SER A 698 54.72 13.94 38.85
C SER A 698 55.14 12.61 38.22
N GLU A 699 56.34 12.16 38.53
CA GLU A 699 56.84 10.89 38.03
C GLU A 699 56.11 9.72 38.69
N ARG A 700 55.82 9.89 39.98
CA ARG A 700 55.11 8.86 40.75
C ARG A 700 53.70 8.65 40.22
N LYS A 701 52.99 9.75 39.98
CA LYS A 701 51.62 9.69 39.47
C LYS A 701 51.59 9.14 38.05
N MET A 702 52.62 9.47 37.28
CA MET A 702 52.75 8.99 35.91
C MET A 702 52.93 7.48 35.90
N ASN A 703 53.89 7.01 36.72
CA ASN A 703 54.13 5.58 36.88
C ASN A 703 52.89 4.85 37.37
N ASN A 704 52.18 5.48 38.30
CA ASN A 704 50.93 4.91 38.81
C ASN A 704 49.88 4.77 37.72
N LEU A 705 49.83 5.76 36.84
CA LEU A 705 48.91 5.72 35.71
C LEU A 705 49.27 4.58 34.75
N LEU A 706 50.56 4.46 34.45
CA LEU A 706 51.04 3.39 33.58
C LEU A 706 50.73 2.01 34.16
N LYS A 707 50.98 1.85 35.45
CA LYS A 707 50.69 0.60 36.15
C LYS A 707 49.20 0.28 36.10
N LYS A 708 48.38 1.31 36.33
CA LYS A 708 46.94 1.16 36.30
C LYS A 708 46.46 0.68 34.93
N GLU A 709 46.96 1.33 33.87
CA GLU A 709 46.58 0.96 32.52
C GLU A 709 47.06 -0.44 32.13
N LEU A 710 48.27 -0.78 32.58
CA LEU A 710 48.83 -2.10 32.32
C LEU A 710 48.00 -3.20 32.98
N GLN A 711 47.70 -3.02 34.27
CA GLN A 711 46.87 -3.97 35.00
C GLN A 711 45.48 -4.09 34.39
N ALA A 712 44.90 -2.94 34.01
CA ALA A 712 43.58 -2.91 33.41
C ALA A 712 43.55 -3.67 32.10
N ASP A 713 44.58 -3.47 31.27
CA ASP A 713 44.70 -4.16 29.99
C ASP A 713 44.91 -5.65 30.19
N ALA A 714 45.66 -6.01 31.22
CA ALA A 714 45.95 -7.40 31.52
C ALA A 714 44.68 -8.19 31.86
N ASP A 715 43.71 -7.52 32.48
CA ASP A 715 42.46 -8.17 32.87
C ASP A 715 41.54 -8.42 31.67
N ALA A 716 41.39 -7.40 30.82
CA ALA A 716 40.45 -7.48 29.70
C ALA A 716 40.94 -8.40 28.59
N PHE A 717 42.24 -8.39 28.33
CA PHE A 717 42.80 -9.16 27.22
C PHE A 717 43.63 -10.34 27.73
N GLY A 718 43.37 -10.74 28.98
CA GLY A 718 44.13 -11.80 29.62
C GLY A 718 43.91 -13.17 29.02
N ASP A 719 44.92 -14.02 29.14
CA ASP A 719 44.86 -15.38 28.61
C ASP A 719 45.53 -16.36 29.56
N ASP A 720 44.96 -17.54 29.71
CA ASP A 720 45.58 -18.58 30.51
C ASP A 720 46.75 -19.17 29.75
N ARG A 721 47.71 -19.75 30.47
CA ARG A 721 48.86 -20.38 29.85
C ARG A 721 48.43 -21.59 29.02
N ARG A 722 48.72 -21.55 27.73
CA ARG A 722 48.35 -22.64 26.83
C ARG A 722 49.38 -23.76 26.84
N SER A 723 50.65 -23.40 26.69
CA SER A 723 51.73 -24.39 26.68
C SER A 723 52.49 -24.39 28.01
N PRO A 724 52.26 -25.42 28.83
CA PRO A 724 52.93 -25.54 30.13
C PRO A 724 54.38 -25.94 29.97
N LEU A 725 55.20 -25.63 30.96
CA LEU A 725 56.62 -26.00 30.93
C LEU A 725 56.87 -27.29 31.69
N HIS A 726 57.68 -28.17 31.12
CA HIS A 726 58.00 -29.44 31.77
C HIS A 726 59.40 -29.89 31.36
N GLU A 727 59.73 -31.14 31.65
CA GLU A 727 61.03 -31.69 31.32
C GLU A 727 61.00 -33.20 31.18
N GLY D 12 -55.68 -21.92 -7.25
CA GLY D 12 -54.42 -21.23 -7.46
C GLY D 12 -53.84 -20.71 -6.16
N LYS D 13 -54.33 -19.56 -5.71
CA LYS D 13 -53.87 -18.96 -4.47
C LYS D 13 -54.59 -19.54 -3.26
N LEU D 14 -55.43 -20.55 -3.50
CA LEU D 14 -56.20 -21.19 -2.45
C LEU D 14 -55.30 -21.93 -1.46
N ALA D 15 -55.70 -21.94 -0.20
CA ALA D 15 -55.09 -22.78 0.81
C ALA D 15 -56.19 -23.66 1.36
N ASP D 16 -56.52 -24.70 0.59
CA ASP D 16 -57.70 -25.52 0.85
C ASP D 16 -57.62 -26.33 2.13
N CYS D 17 -58.78 -26.80 2.59
CA CYS D 17 -58.87 -27.62 3.80
C CYS D 17 -58.81 -29.10 3.44
N THR D 18 -58.68 -29.94 4.46
CA THR D 18 -58.61 -31.39 4.25
C THR D 18 -59.95 -32.07 4.46
N ALA D 19 -60.99 -31.56 3.79
CA ALA D 19 -62.33 -32.13 3.90
C ALA D 19 -63.22 -31.71 2.74
N GLN D 20 -64.18 -32.56 2.40
CA GLN D 20 -65.12 -32.28 1.32
C GLN D 20 -66.56 -32.35 1.82
N ASP D 21 -66.74 -32.73 3.08
CA ASP D 21 -68.06 -32.86 3.67
C ASP D 21 -68.74 -31.50 3.82
N LEU D 22 -69.80 -31.29 3.05
CA LEU D 22 -70.56 -30.04 3.11
C LEU D 22 -71.28 -29.88 4.44
N ASN D 23 -71.95 -28.75 4.62
CA ASN D 23 -72.62 -28.41 5.87
C ASN D 23 -71.70 -28.43 7.07
N ARG D 24 -70.40 -28.19 6.81
CA ARG D 24 -69.39 -28.18 7.86
C ARG D 24 -68.15 -27.43 7.37
N THR D 25 -67.92 -27.49 6.07
CA THR D 25 -66.78 -26.79 5.45
C THR D 25 -67.12 -25.33 5.15
N GLU D 26 -66.15 -24.45 5.36
CA GLU D 26 -66.34 -23.02 5.14
C GLU D 26 -65.25 -22.43 4.26
N LEU D 27 -65.66 -21.60 3.29
CA LEU D 27 -64.71 -20.93 2.41
C LEU D 27 -64.70 -19.43 2.69
N PHE D 28 -63.55 -18.93 3.13
CA PHE D 28 -63.38 -17.52 3.47
C PHE D 28 -62.73 -16.73 2.34
N LEU D 29 -63.39 -15.67 1.89
CA LEU D 29 -62.80 -14.76 0.91
C LEU D 29 -62.20 -13.54 1.62
N VAL D 30 -60.88 -13.49 1.68
CA VAL D 30 -60.19 -12.43 2.42
C VAL D 30 -59.79 -11.29 1.48
N GLU D 31 -59.90 -10.05 1.97
CA GLU D 31 -59.60 -8.87 1.17
C GLU D 31 -58.11 -8.69 0.90
N GLY D 32 -57.30 -8.76 1.93
CA GLY D 32 -55.86 -8.56 1.78
C GLY D 32 -55.10 -9.86 1.66
N ASP D 33 -54.08 -9.88 0.80
CA ASP D 33 -53.23 -11.05 0.65
C ASP D 33 -52.46 -11.29 1.94
N SER D 34 -52.07 -10.21 2.61
CA SER D 34 -51.43 -10.29 3.90
C SER D 34 -52.45 -10.75 4.94
N ALA D 35 -53.62 -10.13 4.91
CA ALA D 35 -54.73 -10.52 5.76
C ALA D 35 -55.15 -11.96 5.44
N GLY D 36 -54.99 -12.34 4.18
CA GLY D 36 -55.24 -13.71 3.76
C GLY D 36 -54.24 -14.65 4.40
N GLY D 37 -53.00 -14.18 4.53
CA GLY D 37 -51.95 -14.94 5.19
C GLY D 37 -52.28 -15.14 6.65
N SER D 38 -52.71 -14.05 7.31
CA SER D 38 -53.09 -14.10 8.72
C SER D 38 -54.27 -15.03 8.94
N ALA D 39 -55.24 -14.99 8.02
CA ALA D 39 -56.44 -15.83 8.11
C ALA D 39 -56.09 -17.30 7.92
N LYS D 40 -55.27 -17.58 6.92
CA LYS D 40 -54.82 -18.94 6.64
C LYS D 40 -53.97 -19.47 7.81
N GLN D 41 -53.32 -18.55 8.51
CA GLN D 41 -52.49 -18.90 9.65
C GLN D 41 -53.32 -19.27 10.89
N ALA D 42 -54.61 -18.95 10.85
CA ALA D 42 -55.47 -19.13 12.03
C ALA D 42 -56.69 -20.01 11.77
N ARG D 43 -56.77 -20.57 10.57
CA ARG D 43 -57.90 -21.44 10.21
C ARG D 43 -57.82 -22.78 10.93
N ASP D 44 -58.90 -23.54 10.88
CA ASP D 44 -58.97 -24.84 11.54
C ASP D 44 -58.41 -25.93 10.65
N ARG D 45 -58.40 -25.67 9.34
CA ARG D 45 -57.87 -26.58 8.32
C ARG D 45 -58.67 -27.88 8.17
N GLU D 46 -59.43 -28.25 9.20
CA GLU D 46 -60.26 -29.44 9.15
C GLU D 46 -61.55 -29.17 8.38
N TYR D 47 -61.88 -27.89 8.20
CA TYR D 47 -63.10 -27.51 7.51
C TYR D 47 -63.07 -26.05 7.05
N GLN D 48 -61.96 -25.36 7.30
CA GLN D 48 -61.84 -23.96 6.94
C GLN D 48 -60.79 -23.72 5.86
N ALA D 49 -61.22 -23.20 4.72
CA ALA D 49 -60.30 -22.87 3.63
C ALA D 49 -60.25 -21.36 3.41
N ILE D 50 -59.08 -20.85 3.06
CA ILE D 50 -58.89 -19.41 2.89
C ILE D 50 -58.42 -19.05 1.48
N MET D 51 -59.16 -18.14 0.84
CA MET D 51 -58.78 -17.63 -0.47
C MET D 51 -58.77 -16.11 -0.44
N PRO D 52 -57.61 -15.50 -0.73
CA PRO D 52 -57.44 -14.05 -0.73
C PRO D 52 -57.75 -13.41 -2.08
N LEU D 53 -58.45 -12.28 -2.06
CA LEU D 53 -58.75 -11.55 -3.28
C LEU D 53 -57.94 -10.26 -3.36
N LYS D 54 -56.85 -10.30 -4.10
CA LYS D 54 -55.90 -9.18 -4.16
C LYS D 54 -56.49 -7.95 -4.85
N GLY D 55 -56.91 -6.98 -4.04
CA GLY D 55 -57.40 -5.71 -4.56
C GLY D 55 -58.90 -5.70 -4.85
N LYS D 56 -59.38 -4.59 -5.38
CA LYS D 56 -60.79 -4.42 -5.70
C LYS D 56 -61.18 -5.30 -6.88
N ILE D 57 -62.23 -6.09 -6.71
CA ILE D 57 -62.71 -6.99 -7.75
C ILE D 57 -63.43 -6.24 -8.87
N LEU D 58 -63.82 -6.98 -9.90
CA LEU D 58 -64.54 -6.41 -11.03
C LEU D 58 -66.01 -6.19 -10.67
N ASN D 59 -66.64 -5.21 -11.31
CA ASN D 59 -68.06 -4.97 -11.13
C ASN D 59 -68.86 -5.83 -12.10
N THR D 60 -69.02 -7.11 -11.75
CA THR D 60 -69.68 -8.06 -12.63
C THR D 60 -71.20 -7.99 -12.52
N TRP D 61 -71.75 -6.78 -12.66
CA TRP D 61 -73.19 -6.58 -12.62
C TRP D 61 -73.75 -6.27 -14.00
N GLU D 62 -72.89 -5.84 -14.92
CA GLU D 62 -73.31 -5.57 -16.29
C GLU D 62 -72.41 -6.28 -17.30
N VAL D 63 -71.70 -7.28 -16.83
CA VAL D 63 -70.81 -8.07 -17.68
C VAL D 63 -71.44 -9.41 -18.01
N SER D 64 -71.10 -9.96 -19.17
CA SER D 64 -71.61 -11.25 -19.60
C SER D 64 -71.14 -12.37 -18.68
N SER D 65 -71.85 -13.49 -18.70
CA SER D 65 -71.51 -14.64 -17.87
C SER D 65 -70.16 -15.23 -18.28
N ASP D 66 -69.73 -14.93 -19.50
CA ASP D 66 -68.44 -15.38 -20.00
C ASP D 66 -67.38 -14.31 -19.74
N GLU D 67 -67.80 -13.06 -19.77
CA GLU D 67 -66.90 -11.93 -19.53
C GLU D 67 -66.38 -11.93 -18.09
N VAL D 68 -67.16 -12.51 -17.18
CA VAL D 68 -66.77 -12.61 -15.79
C VAL D 68 -65.56 -13.50 -15.63
N LEU D 69 -65.46 -14.52 -16.48
CA LEU D 69 -64.36 -15.46 -16.45
C LEU D 69 -63.05 -14.85 -16.96
N ALA D 70 -63.15 -13.71 -17.62
CA ALA D 70 -61.98 -13.03 -18.14
C ALA D 70 -61.14 -12.43 -17.02
N SER D 71 -61.82 -11.85 -16.02
CA SER D 71 -61.16 -11.30 -14.86
C SER D 71 -60.58 -12.40 -13.99
N GLN D 72 -59.27 -12.37 -13.79
CA GLN D 72 -58.57 -13.44 -13.06
C GLN D 72 -59.12 -13.67 -11.65
N GLU D 73 -59.52 -12.59 -10.99
CA GLU D 73 -60.08 -12.68 -9.65
C GLU D 73 -61.40 -13.43 -9.63
N VAL D 74 -62.36 -12.96 -10.42
CA VAL D 74 -63.67 -13.59 -10.50
C VAL D 74 -63.57 -15.01 -11.06
N HIS D 75 -62.61 -15.22 -11.95
CA HIS D 75 -62.34 -16.55 -12.50
C HIS D 75 -61.92 -17.49 -11.38
N ASP D 76 -60.91 -17.07 -10.62
CA ASP D 76 -60.39 -17.85 -9.51
C ASP D 76 -61.48 -18.13 -8.47
N ILE D 77 -62.34 -17.15 -8.24
CA ILE D 77 -63.46 -17.32 -7.32
C ILE D 77 -64.44 -18.38 -7.84
N SER D 78 -64.74 -18.31 -9.13
CA SER D 78 -65.65 -19.26 -9.76
C SER D 78 -65.11 -20.68 -9.68
N VAL D 79 -63.84 -20.85 -10.02
CA VAL D 79 -63.19 -22.16 -9.95
C VAL D 79 -63.12 -22.67 -8.52
N ALA D 80 -62.93 -21.74 -7.57
CA ALA D 80 -62.85 -22.08 -6.16
C ALA D 80 -64.18 -22.61 -5.63
N ILE D 81 -65.26 -21.90 -5.95
CA ILE D 81 -66.59 -22.26 -5.47
C ILE D 81 -67.07 -23.58 -6.09
N GLY D 82 -66.51 -23.94 -7.22
CA GLY D 82 -66.91 -25.15 -7.93
C GLY D 82 -68.28 -24.99 -8.56
N ILE D 83 -68.51 -23.83 -9.16
CA ILE D 83 -69.78 -23.52 -9.80
C ILE D 83 -69.57 -22.56 -10.97
N ASP D 84 -70.30 -22.78 -12.06
CA ASP D 84 -70.22 -21.90 -13.22
C ASP D 84 -71.28 -20.81 -13.11
N PRO D 85 -70.95 -19.60 -13.57
CA PRO D 85 -71.85 -18.43 -13.50
C PRO D 85 -73.18 -18.61 -14.24
N ASP D 86 -73.83 -19.75 -14.07
CA ASP D 86 -75.12 -20.00 -14.72
C ASP D 86 -75.82 -21.23 -14.16
N SER D 87 -76.78 -21.01 -13.28
CA SER D 87 -77.73 -22.05 -12.84
C SER D 87 -77.14 -23.28 -12.12
N ASP D 88 -75.81 -23.44 -12.18
CA ASP D 88 -75.07 -24.60 -11.66
C ASP D 88 -75.78 -25.51 -10.65
N ASP D 89 -76.38 -24.91 -9.64
CA ASP D 89 -77.16 -25.63 -8.62
C ASP D 89 -76.35 -26.70 -7.88
N LEU D 90 -75.48 -26.26 -6.98
CA LEU D 90 -74.67 -27.14 -6.14
C LEU D 90 -73.89 -28.18 -6.93
N SER D 91 -74.19 -29.45 -6.68
CA SER D 91 -73.53 -30.58 -7.34
C SER D 91 -72.01 -30.57 -7.14
N GLN D 92 -71.34 -29.63 -7.79
CA GLN D 92 -69.89 -29.51 -7.70
C GLN D 92 -69.48 -28.49 -6.64
N LEU D 93 -70.41 -28.14 -5.76
CA LEU D 93 -70.12 -27.21 -4.67
C LEU D 93 -69.10 -27.80 -3.70
N ARG D 94 -67.94 -27.16 -3.61
CA ARG D 94 -66.83 -27.68 -2.82
C ARG D 94 -66.91 -27.30 -1.34
N TYR D 95 -67.67 -26.26 -1.03
CA TYR D 95 -67.75 -25.76 0.34
C TYR D 95 -69.18 -25.52 0.79
N GLY D 96 -69.46 -25.81 2.06
CA GLY D 96 -70.78 -25.63 2.61
C GLY D 96 -71.17 -24.17 2.74
N LYS D 97 -70.25 -23.36 3.27
CA LYS D 97 -70.50 -21.94 3.47
C LYS D 97 -69.43 -21.07 2.83
N ILE D 98 -69.84 -20.07 2.08
CA ILE D 98 -68.93 -19.10 1.49
C ILE D 98 -69.07 -17.75 2.18
N CYS D 99 -68.10 -17.40 3.00
CA CYS D 99 -68.16 -16.17 3.79
C CYS D 99 -67.20 -15.10 3.28
N ILE D 100 -67.72 -13.88 3.11
CA ILE D 100 -66.92 -12.75 2.66
C ILE D 100 -66.29 -12.03 3.85
N LEU D 101 -64.95 -11.97 3.85
CA LEU D 101 -64.22 -11.34 4.95
C LEU D 101 -63.38 -10.15 4.47
N ALA D 102 -63.80 -8.95 4.85
CA ALA D 102 -63.04 -7.74 4.54
C ALA D 102 -62.96 -6.85 5.78
N ASP D 103 -61.96 -5.98 5.82
CA ASP D 103 -61.77 -5.12 6.99
C ASP D 103 -62.83 -4.03 7.09
N ALA D 104 -62.85 -3.32 8.21
CA ALA D 104 -63.89 -2.34 8.51
C ALA D 104 -63.76 -1.02 7.75
N ASP D 105 -63.00 -1.02 6.67
CA ASP D 105 -62.90 0.15 5.82
C ASP D 105 -64.24 0.41 5.13
N SER D 106 -64.39 1.60 4.54
CA SER D 106 -65.50 1.84 3.64
C SER D 106 -65.20 1.09 2.35
N ASP D 107 -63.91 1.00 2.04
CA ASP D 107 -63.43 0.23 0.90
C ASP D 107 -63.72 -1.26 1.10
N GLY D 108 -63.66 -1.69 2.36
CA GLY D 108 -63.99 -3.06 2.71
C GLY D 108 -65.43 -3.37 2.39
N LEU D 109 -66.32 -2.44 2.74
CA LEU D 109 -67.74 -2.58 2.43
C LEU D 109 -67.97 -2.47 0.93
N HIS D 110 -67.08 -1.76 0.24
CA HIS D 110 -67.15 -1.67 -1.21
C HIS D 110 -66.85 -3.03 -1.84
N ILE D 111 -65.77 -3.66 -1.37
CA ILE D 111 -65.41 -5.00 -1.83
C ILE D 111 -66.53 -5.98 -1.52
N ALA D 112 -67.11 -5.84 -0.33
CA ALA D 112 -68.23 -6.67 0.08
C ALA D 112 -69.41 -6.54 -0.88
N THR D 113 -69.76 -5.31 -1.21
CA THR D 113 -70.85 -5.04 -2.14
C THR D 113 -70.55 -5.56 -3.55
N LEU D 114 -69.28 -5.49 -3.94
CA LEU D 114 -68.87 -5.99 -5.25
C LEU D 114 -69.02 -7.50 -5.32
N LEU D 115 -68.53 -8.20 -4.30
CA LEU D 115 -68.68 -9.65 -4.22
C LEU D 115 -70.14 -10.05 -4.14
N CYS D 116 -70.94 -9.22 -3.46
CA CYS D 116 -72.37 -9.44 -3.36
C CYS D 116 -73.05 -9.26 -4.70
N ALA D 117 -72.55 -8.35 -5.52
CA ALA D 117 -73.07 -8.16 -6.87
C ALA D 117 -72.75 -9.37 -7.73
N LEU D 118 -71.49 -9.78 -7.69
CA LEU D 118 -71.03 -10.95 -8.42
C LEU D 118 -71.85 -12.19 -8.07
N PHE D 119 -72.11 -12.37 -6.78
CA PHE D 119 -72.89 -13.50 -6.30
C PHE D 119 -74.37 -13.41 -6.67
N VAL D 120 -74.95 -12.22 -6.52
CA VAL D 120 -76.37 -12.04 -6.82
C VAL D 120 -76.67 -12.26 -8.30
N ARG D 121 -75.88 -11.67 -9.19
CA ARG D 121 -76.17 -11.77 -10.61
C ARG D 121 -75.73 -13.10 -11.24
N HIS D 122 -74.58 -13.62 -10.83
CA HIS D 122 -74.00 -14.78 -11.50
C HIS D 122 -74.13 -16.09 -10.71
N PHE D 123 -74.50 -15.98 -9.43
CA PHE D 123 -74.65 -17.17 -8.60
C PHE D 123 -75.90 -17.03 -7.74
N ARG D 124 -76.99 -16.60 -8.37
CA ARG D 124 -78.24 -16.31 -7.67
C ARG D 124 -78.77 -17.52 -6.90
N THR D 125 -78.59 -18.70 -7.48
CA THR D 125 -79.03 -19.94 -6.84
C THR D 125 -78.24 -20.20 -5.56
N LEU D 126 -76.95 -19.87 -5.58
CA LEU D 126 -76.08 -20.08 -4.44
C LEU D 126 -76.46 -19.17 -3.27
N VAL D 127 -76.77 -17.91 -3.59
CA VAL D 127 -77.17 -16.94 -2.58
C VAL D 127 -78.57 -17.26 -2.06
N LYS D 128 -79.42 -17.76 -2.93
CA LYS D 128 -80.78 -18.13 -2.56
C LYS D 128 -80.78 -19.35 -1.66
N GLU D 129 -79.84 -20.26 -1.89
CA GLU D 129 -79.72 -21.46 -1.07
C GLU D 129 -79.14 -21.14 0.31
N GLY D 130 -78.59 -19.94 0.45
CA GLY D 130 -78.05 -19.50 1.71
C GLY D 130 -76.65 -20.03 1.97
N HIS D 131 -75.71 -19.63 1.12
CA HIS D 131 -74.32 -20.04 1.29
C HIS D 131 -73.40 -18.82 1.34
N VAL D 132 -73.96 -17.66 1.03
CA VAL D 132 -73.21 -16.41 1.06
C VAL D 132 -73.31 -15.76 2.43
N TYR D 133 -72.18 -15.61 3.09
CA TYR D 133 -72.14 -15.01 4.42
C TYR D 133 -71.23 -13.79 4.45
N VAL D 134 -71.60 -12.81 5.28
CA VAL D 134 -70.77 -11.63 5.48
C VAL D 134 -70.14 -11.68 6.87
N ALA D 135 -68.81 -11.57 6.92
CA ALA D 135 -68.08 -11.61 8.17
C ALA D 135 -67.91 -10.21 8.76
N LEU D 136 -68.39 -10.03 9.98
CA LEU D 136 -68.31 -8.74 10.65
C LEU D 136 -67.13 -8.71 11.62
N PRO D 137 -66.06 -7.99 11.25
CA PRO D 137 -64.85 -7.88 12.07
C PRO D 137 -64.96 -6.77 13.11
N PRO D 138 -64.21 -6.90 14.23
CA PRO D 138 -64.28 -5.92 15.32
C PRO D 138 -63.59 -4.60 14.96
N LEU D 139 -64.15 -3.50 15.42
CA LEU D 139 -63.57 -2.18 15.20
C LEU D 139 -62.65 -1.80 16.37
N TYR D 140 -62.99 -2.28 17.56
CA TYR D 140 -62.22 -1.98 18.76
C TYR D 140 -61.91 -3.24 19.56
N ARG D 141 -60.80 -3.22 20.29
CA ARG D 141 -60.48 -4.29 21.22
C ARG D 141 -60.10 -3.70 22.57
N ILE D 142 -60.82 -4.11 23.61
CA ILE D 142 -60.61 -3.58 24.95
C ILE D 142 -60.11 -4.65 25.91
N ASP D 143 -59.03 -4.35 26.63
CA ASP D 143 -58.42 -5.32 27.53
C ASP D 143 -57.95 -4.68 28.83
N LEU D 144 -58.52 -5.13 29.94
CA LEU D 144 -58.09 -4.70 31.27
C LEU D 144 -57.78 -5.92 32.11
N GLY D 145 -56.49 -6.19 32.30
CA GLY D 145 -56.06 -7.40 32.98
C GLY D 145 -56.24 -8.59 32.07
N LYS D 146 -56.69 -9.71 32.64
CA LYS D 146 -56.94 -10.92 31.87
C LYS D 146 -58.21 -10.79 31.02
N GLU D 147 -59.03 -9.79 31.34
CA GLU D 147 -60.26 -9.54 30.60
C GLU D 147 -59.96 -8.99 29.21
N VAL D 148 -60.66 -9.50 28.21
CA VAL D 148 -60.52 -9.01 26.84
C VAL D 148 -61.88 -8.95 26.15
N TYR D 149 -62.19 -7.80 25.56
CA TYR D 149 -63.49 -7.61 24.91
C TYR D 149 -63.32 -7.10 23.48
N TYR D 150 -64.24 -7.49 22.61
CA TYR D 150 -64.27 -7.00 21.25
C TYR D 150 -65.59 -6.29 20.98
N ALA D 151 -65.56 -5.24 20.17
CA ALA D 151 -66.75 -4.46 19.88
C ALA D 151 -66.80 -4.00 18.43
N LEU D 152 -67.93 -4.21 17.78
CA LEU D 152 -68.12 -3.82 16.39
C LEU D 152 -68.69 -2.41 16.30
N THR D 153 -69.27 -1.94 17.40
CA THR D 153 -69.87 -0.61 17.44
C THR D 153 -69.16 0.27 18.47
N GLU D 154 -69.08 1.56 18.17
CA GLU D 154 -68.45 2.52 19.07
C GLU D 154 -69.24 2.62 20.38
N GLU D 155 -70.56 2.59 20.26
CA GLU D 155 -71.44 2.61 21.42
C GLU D 155 -71.23 1.36 22.26
N GLU D 156 -70.97 0.25 21.59
CA GLU D 156 -70.69 -1.02 22.26
C GLU D 156 -69.36 -0.92 23.01
N LYS D 157 -68.41 -0.22 22.41
CA LYS D 157 -67.11 0.00 23.02
C LYS D 157 -67.24 0.83 24.29
N THR D 158 -67.97 1.95 24.20
CA THR D 158 -68.20 2.81 25.34
C THR D 158 -69.01 2.09 26.41
N GLY D 159 -69.81 1.12 25.97
CA GLY D 159 -70.56 0.28 26.88
C GLY D 159 -69.62 -0.62 27.67
N VAL D 160 -68.67 -1.23 26.97
CA VAL D 160 -67.67 -2.08 27.61
C VAL D 160 -66.82 -1.29 28.60
N LEU D 161 -66.40 -0.10 28.17
CA LEU D 161 -65.57 0.76 29.01
C LEU D 161 -66.29 1.21 30.28
N GLU D 162 -67.60 1.44 30.17
CA GLU D 162 -68.41 1.84 31.32
C GLU D 162 -68.47 0.75 32.38
N GLN D 163 -68.56 -0.50 31.92
CA GLN D 163 -68.61 -1.64 32.84
C GLN D 163 -67.27 -1.86 33.55
N LEU D 164 -66.18 -1.64 32.83
CA LEU D 164 -64.84 -1.83 33.39
C LEU D 164 -64.48 -0.79 34.45
N LYS D 165 -65.31 0.22 34.60
CA LYS D 165 -65.06 1.29 35.57
C LYS D 165 -65.22 0.80 37.01
N ARG D 166 -65.81 -0.38 37.18
CA ARG D 166 -66.00 -0.95 38.51
C ARG D 166 -64.77 -1.74 38.95
N LYS D 167 -64.00 -2.23 37.98
CA LYS D 167 -62.79 -2.99 38.26
C LYS D 167 -61.58 -2.07 38.35
N LYS D 168 -60.43 -2.63 38.71
CA LYS D 168 -59.19 -1.87 38.78
C LYS D 168 -58.90 -1.19 37.43
N GLY D 169 -58.73 0.12 37.47
CA GLY D 169 -58.71 0.95 36.27
C GLY D 169 -57.62 0.68 35.23
N LYS D 170 -57.60 1.55 34.23
CA LYS D 170 -56.65 1.52 33.12
C LYS D 170 -56.86 0.37 32.12
N PRO D 171 -57.89 0.49 31.28
CA PRO D 171 -58.15 -0.46 30.20
C PRO D 171 -57.50 -0.01 28.89
N ASN D 172 -57.14 -0.95 28.02
CA ASN D 172 -56.51 -0.61 26.75
C ASN D 172 -57.44 -0.73 25.56
N VAL D 173 -57.73 0.40 24.92
CA VAL D 173 -58.50 0.41 23.68
C VAL D 173 -57.52 0.40 22.51
N GLN D 174 -57.79 -0.44 21.52
CA GLN D 174 -56.86 -0.61 20.41
C GLN D 174 -57.29 0.04 19.10
N ARG D 175 -58.54 -0.20 18.71
CA ARG D 175 -59.09 0.32 17.44
C ARG D 175 -58.35 -0.25 16.22
N PHE D 176 -58.96 -1.23 15.57
CA PHE D 176 -58.37 -1.86 14.40
C PHE D 176 -58.61 -1.06 13.11
N LYS D 177 -57.53 -0.71 12.42
CA LYS D 177 -57.63 0.01 11.17
C LYS D 177 -57.92 -0.96 10.02
N GLY D 178 -57.58 -2.23 10.23
CA GLY D 178 -57.80 -3.25 9.21
C GLY D 178 -57.47 -4.65 9.70
N LEU D 179 -57.69 -5.63 8.84
CA LEU D 179 -57.42 -7.04 9.17
C LEU D 179 -55.93 -7.32 9.19
N GLY D 180 -55.16 -6.57 8.42
CA GLY D 180 -53.73 -6.74 8.36
C GLY D 180 -53.04 -6.35 9.66
N GLU D 181 -53.67 -5.46 10.41
CA GLU D 181 -53.08 -4.93 11.63
C GLU D 181 -53.35 -5.80 12.86
N MET D 182 -54.35 -6.68 12.76
CA MET D 182 -54.70 -7.54 13.90
C MET D 182 -53.98 -8.89 13.86
N ASN D 183 -53.59 -9.37 15.04
CA ASN D 183 -52.91 -10.64 15.19
C ASN D 183 -53.76 -11.82 14.71
N PRO D 184 -53.10 -12.88 14.18
CA PRO D 184 -53.77 -14.07 13.66
C PRO D 184 -54.78 -14.67 14.64
N MET D 185 -54.39 -14.82 15.89
CA MET D 185 -55.27 -15.39 16.91
C MET D 185 -56.50 -14.52 17.16
N GLN D 186 -56.29 -13.21 17.13
CA GLN D 186 -57.39 -12.26 17.29
C GLN D 186 -58.38 -12.40 16.14
N LEU D 187 -57.85 -12.57 14.93
CA LEU D 187 -58.67 -12.77 13.74
C LEU D 187 -59.44 -14.08 13.86
N ARG D 188 -58.79 -15.09 14.43
CA ARG D 188 -59.41 -16.40 14.62
C ARG D 188 -60.59 -16.31 15.57
N GLU D 189 -60.37 -15.71 16.73
CA GLU D 189 -61.42 -15.57 17.73
C GLU D 189 -62.56 -14.65 17.25
N THR D 190 -62.21 -13.64 16.45
CA THR D 190 -63.17 -12.63 16.04
C THR D 190 -64.02 -13.02 14.83
N THR D 191 -63.43 -13.71 13.86
CA THR D 191 -64.12 -13.94 12.60
C THR D 191 -64.06 -15.39 12.08
N LEU D 192 -63.23 -16.22 12.68
CA LEU D 192 -63.05 -17.58 12.19
C LEU D 192 -63.73 -18.64 13.07
N ASP D 193 -63.24 -18.81 14.30
CA ASP D 193 -63.76 -19.82 15.21
C ASP D 193 -65.25 -19.64 15.47
N PRO D 194 -66.06 -20.64 15.07
CA PRO D 194 -67.52 -20.58 15.12
C PRO D 194 -68.07 -20.33 16.53
N ASN D 195 -67.37 -20.81 17.54
CA ASN D 195 -67.80 -20.64 18.93
C ASN D 195 -67.70 -19.18 19.39
N THR D 196 -66.83 -18.42 18.74
CA THR D 196 -66.59 -17.04 19.13
C THR D 196 -66.77 -16.03 17.99
N ARG D 197 -67.06 -16.52 16.79
CA ARG D 197 -67.17 -15.67 15.61
C ARG D 197 -68.45 -14.83 15.61
N ARG D 198 -68.49 -13.84 14.72
CA ARG D 198 -69.69 -13.05 14.50
C ARG D 198 -69.96 -12.90 13.01
N LEU D 199 -70.42 -13.98 12.38
CA LEU D 199 -70.71 -13.97 10.95
C LEU D 199 -72.21 -13.91 10.67
N VAL D 200 -72.62 -12.94 9.87
CA VAL D 200 -74.03 -12.78 9.53
C VAL D 200 -74.37 -13.47 8.22
N GLN D 201 -75.58 -14.02 8.14
CA GLN D 201 -76.04 -14.71 6.94
C GLN D 201 -76.84 -13.79 6.01
N LEU D 202 -76.37 -13.67 4.76
CA LEU D 202 -77.07 -12.86 3.78
C LEU D 202 -78.11 -13.70 3.06
N VAL D 203 -79.36 -13.24 3.08
CA VAL D 203 -80.46 -13.99 2.47
C VAL D 203 -81.33 -13.12 1.57
N ILE D 204 -81.82 -13.71 0.49
CA ILE D 204 -82.73 -13.03 -0.43
C ILE D 204 -84.05 -13.79 -0.53
N SER D 205 -84.89 -13.63 0.48
CA SER D 205 -86.17 -14.34 0.54
C SER D 205 -87.10 -13.96 -0.59
N ASP D 206 -88.15 -14.76 -0.79
CA ASP D 206 -89.15 -14.49 -1.80
C ASP D 206 -89.84 -13.15 -1.57
N GLU D 207 -90.34 -12.55 -2.65
CA GLU D 207 -90.97 -11.22 -2.64
C GLU D 207 -89.99 -10.09 -2.34
N ASP D 208 -88.79 -10.45 -1.89
CA ASP D 208 -87.74 -9.47 -1.66
C ASP D 208 -86.71 -9.54 -2.77
N GLU D 209 -86.78 -10.59 -3.57
CA GLU D 209 -85.86 -10.78 -4.70
C GLU D 209 -86.10 -9.72 -5.76
N GLN D 210 -87.34 -9.25 -5.85
CA GLN D 210 -87.69 -8.20 -6.80
C GLN D 210 -87.09 -6.87 -6.37
N GLN D 211 -87.25 -6.55 -5.10
CA GLN D 211 -86.70 -5.31 -4.54
C GLN D 211 -85.17 -5.34 -4.52
N THR D 212 -84.61 -6.53 -4.26
CA THR D 212 -83.16 -6.71 -4.23
C THR D 212 -82.52 -6.37 -5.57
N THR D 213 -83.06 -6.92 -6.64
CA THR D 213 -82.56 -6.66 -7.99
C THR D 213 -82.73 -5.19 -8.38
N ALA D 214 -83.73 -4.54 -7.80
CA ALA D 214 -84.01 -3.15 -8.10
C ALA D 214 -83.02 -2.20 -7.42
N ILE D 215 -82.84 -2.40 -6.12
CA ILE D 215 -81.93 -1.56 -5.33
C ILE D 215 -80.48 -1.73 -5.77
N MET D 216 -80.06 -2.97 -5.99
CA MET D 216 -78.70 -3.28 -6.39
C MET D 216 -78.32 -2.71 -7.76
N ASP D 217 -79.32 -2.49 -8.61
CA ASP D 217 -79.07 -2.01 -9.96
C ASP D 217 -78.54 -0.57 -9.97
N MET D 218 -79.28 0.34 -9.34
CA MET D 218 -78.92 1.76 -9.32
C MET D 218 -77.55 1.99 -8.67
N LEU D 219 -77.16 1.06 -7.80
CA LEU D 219 -75.87 1.15 -7.12
C LEU D 219 -74.71 0.79 -8.04
N LEU D 220 -74.85 -0.33 -8.76
CA LEU D 220 -73.75 -0.88 -9.53
C LEU D 220 -73.88 -0.73 -11.05
N ALA D 221 -74.79 0.12 -11.50
CA ALA D 221 -74.96 0.36 -12.93
C ALA D 221 -74.04 1.47 -13.41
N LYS D 222 -73.24 1.18 -14.43
CA LYS D 222 -72.30 2.14 -14.99
C LYS D 222 -72.99 3.43 -15.44
N LYS D 223 -74.20 3.29 -15.94
CA LYS D 223 -75.01 4.45 -16.34
C LYS D 223 -75.67 5.05 -15.11
N ARG D 224 -76.91 5.54 -15.29
CA ARG D 224 -77.71 6.09 -14.20
C ARG D 224 -77.01 7.27 -13.52
N SER D 225 -76.20 6.97 -12.52
CA SER D 225 -75.38 7.97 -11.82
C SER D 225 -76.19 9.06 -11.09
N GLU D 226 -77.04 9.76 -11.83
CA GLU D 226 -77.89 10.81 -11.26
C GLU D 226 -78.82 10.23 -10.22
N ASP D 227 -79.30 9.01 -10.45
CA ASP D 227 -80.15 8.31 -9.51
C ASP D 227 -79.40 8.07 -8.21
N ARG D 228 -78.10 7.85 -8.32
CA ARG D 228 -77.23 7.69 -7.16
C ARG D 228 -77.05 9.01 -6.41
N ARG D 229 -76.97 10.10 -7.17
CA ARG D 229 -76.89 11.43 -6.58
C ARG D 229 -78.12 11.69 -5.72
N ASN D 230 -79.29 11.49 -6.33
CA ASN D 230 -80.56 11.69 -5.64
C ASN D 230 -80.76 10.73 -4.49
N TRP D 231 -80.23 9.52 -4.64
CA TRP D 231 -80.29 8.51 -3.58
C TRP D 231 -79.48 8.96 -2.36
N LEU D 232 -78.29 9.48 -2.62
CA LEU D 232 -77.44 10.02 -1.57
C LEU D 232 -78.08 11.26 -0.96
N GLN D 233 -78.84 11.98 -1.77
CA GLN D 233 -79.52 13.19 -1.32
C GLN D 233 -80.64 12.88 -0.33
N GLU D 234 -81.56 12.00 -0.73
CA GLU D 234 -82.67 11.61 0.12
C GLU D 234 -82.21 10.92 1.40
N LYS D 235 -81.16 10.10 1.27
CA LYS D 235 -80.59 9.40 2.42
C LYS D 235 -79.58 10.27 3.16
N GLY D 236 -79.99 11.49 3.50
CA GLY D 236 -79.12 12.41 4.19
C GLY D 236 -79.81 13.72 4.51
N MET D 249 -77.74 -6.17 14.79
CA MET D 249 -77.57 -7.25 13.82
C MET D 249 -78.20 -8.54 14.31
N ALA D 250 -78.53 -9.43 13.37
CA ALA D 250 -79.13 -10.71 13.70
C ALA D 250 -78.34 -11.85 13.06
N GLU D 251 -78.78 -13.08 13.30
CA GLU D 251 -78.11 -14.25 12.75
C GLU D 251 -78.25 -14.32 11.23
N ARG D 252 -79.19 -13.54 10.70
CA ARG D 252 -79.42 -13.48 9.26
C ARG D 252 -79.90 -12.09 8.87
N LEU D 253 -79.40 -11.59 7.74
CA LEU D 253 -79.77 -10.26 7.27
C LEU D 253 -80.08 -10.25 5.78
N ALA D 254 -81.01 -9.38 5.38
CA ALA D 254 -81.40 -9.26 3.99
C ALA D 254 -80.25 -8.66 3.15
N LEU D 255 -79.91 -9.35 2.07
CA LEU D 255 -78.83 -8.90 1.19
C LEU D 255 -79.09 -7.52 0.61
N HIS D 256 -80.36 -7.22 0.33
CA HIS D 256 -80.73 -5.92 -0.23
C HIS D 256 -80.58 -4.82 0.82
N GLU D 257 -80.81 -5.18 2.08
CA GLU D 257 -80.66 -4.24 3.18
C GLU D 257 -79.18 -3.98 3.47
N PHE D 258 -78.38 -5.03 3.39
CA PHE D 258 -76.95 -4.93 3.66
C PHE D 258 -76.20 -4.18 2.55
N THR D 259 -76.49 -4.54 1.30
CA THR D 259 -75.81 -3.95 0.15
C THR D 259 -76.05 -2.45 0.03
N GLU D 260 -77.28 -2.02 0.30
CA GLU D 260 -77.64 -0.61 0.18
C GLU D 260 -76.92 0.24 1.23
N ASN D 261 -76.78 -0.31 2.43
CA ASN D 261 -76.13 0.41 3.52
C ASN D 261 -74.60 0.37 3.42
N ALA D 262 -74.07 -0.73 2.89
CA ALA D 262 -72.63 -0.86 2.71
C ALA D 262 -72.13 0.11 1.64
N TYR D 263 -72.85 0.18 0.54
CA TYR D 263 -72.49 1.06 -0.57
C TYR D 263 -72.69 2.53 -0.20
N LEU D 264 -73.58 2.78 0.75
CA LEU D 264 -73.84 4.13 1.23
C LEU D 264 -72.62 4.66 2.00
N ASN D 265 -72.05 3.80 2.83
CA ASN D 265 -70.86 4.13 3.61
C ASN D 265 -69.71 4.51 2.70
N TYR D 266 -69.43 3.67 1.71
CA TYR D 266 -68.33 3.91 0.77
C TYR D 266 -68.56 5.19 -0.03
N SER D 267 -69.79 5.37 -0.52
CA SER D 267 -70.15 6.55 -1.30
C SER D 267 -69.90 7.83 -0.50
N MET D 268 -70.47 7.89 0.70
CA MET D 268 -70.32 9.06 1.55
C MET D 268 -68.87 9.30 1.97
N TYR D 269 -68.13 8.22 2.22
CA TYR D 269 -66.73 8.34 2.62
C TYR D 269 -65.87 8.89 1.50
N VAL D 270 -66.09 8.40 0.29
CA VAL D 270 -65.35 8.87 -0.88
C VAL D 270 -65.70 10.32 -1.22
N ILE D 271 -66.98 10.65 -1.14
CA ILE D 271 -67.43 12.01 -1.42
C ILE D 271 -66.85 13.01 -0.42
N MET D 272 -67.05 12.74 0.87
CA MET D 272 -66.66 13.69 1.91
C MET D 272 -65.16 13.67 2.22
N ASP D 273 -64.54 12.50 2.21
CA ASP D 273 -63.17 12.37 2.69
C ASP D 273 -62.21 11.74 1.68
N ARG D 274 -62.36 12.05 0.40
CA ARG D 274 -61.46 11.51 -0.62
C ARG D 274 -61.40 12.33 -1.90
N ALA D 275 -62.48 12.27 -2.68
CA ALA D 275 -62.46 12.79 -4.05
C ALA D 275 -62.76 14.29 -4.15
N LEU D 276 -63.66 14.79 -3.30
CA LEU D 276 -64.08 16.18 -3.37
C LEU D 276 -63.28 17.06 -2.41
N PRO D 277 -62.83 18.23 -2.90
CA PRO D 277 -62.06 19.18 -2.11
C PRO D 277 -62.95 20.09 -1.27
N PHE D 278 -62.38 20.69 -0.24
CA PHE D 278 -63.10 21.63 0.61
C PHE D 278 -62.90 23.05 0.10
N ILE D 279 -63.98 23.83 0.06
CA ILE D 279 -63.95 25.17 -0.53
C ILE D 279 -62.96 26.12 0.15
N GLY D 280 -62.68 25.86 1.43
CA GLY D 280 -61.79 26.69 2.20
C GLY D 280 -60.37 26.75 1.67
N ASP D 281 -59.66 25.63 1.78
CA ASP D 281 -58.27 25.56 1.36
C ASP D 281 -58.07 24.84 0.03
N GLY D 282 -59.17 24.36 -0.55
CA GLY D 282 -59.11 23.68 -1.84
C GLY D 282 -58.31 22.39 -1.81
N LEU D 283 -58.35 21.70 -0.68
CA LEU D 283 -57.53 20.50 -0.50
C LEU D 283 -58.36 19.25 -0.21
N LYS D 284 -57.81 18.10 -0.63
CA LYS D 284 -58.36 16.80 -0.27
C LYS D 284 -57.64 16.33 0.99
N PRO D 285 -58.27 15.46 1.78
CA PRO D 285 -57.70 14.94 3.03
C PRO D 285 -56.25 14.50 2.90
N VAL D 286 -55.91 13.79 1.83
CA VAL D 286 -54.55 13.31 1.61
C VAL D 286 -53.55 14.46 1.50
N GLN D 287 -53.88 15.44 0.66
CA GLN D 287 -53.01 16.58 0.42
C GLN D 287 -52.84 17.42 1.69
N ARG D 288 -53.95 17.64 2.38
CA ARG D 288 -53.96 18.39 3.63
C ARG D 288 -53.06 17.71 4.65
N ARG D 289 -53.22 16.41 4.78
CA ARG D 289 -52.41 15.61 5.70
C ARG D 289 -50.93 15.69 5.34
N ILE D 290 -50.63 15.67 4.04
CA ILE D 290 -49.25 15.75 3.58
C ILE D 290 -48.61 17.09 3.95
N VAL D 291 -49.25 18.18 3.55
CA VAL D 291 -48.70 19.51 3.83
C VAL D 291 -48.62 19.82 5.32
N TYR D 292 -49.59 19.31 6.09
CA TYR D 292 -49.57 19.51 7.53
C TYR D 292 -48.46 18.70 8.20
N ALA D 293 -48.28 17.47 7.73
CA ALA D 293 -47.22 16.62 8.27
C ALA D 293 -45.86 17.16 7.89
N MET D 294 -45.80 17.90 6.78
CA MET D 294 -44.57 18.57 6.37
C MET D 294 -44.31 19.79 7.24
N SER D 295 -45.39 20.50 7.58
CA SER D 295 -45.30 21.64 8.49
C SER D 295 -44.77 21.18 9.85
N GLU D 296 -45.30 20.05 10.31
CA GLU D 296 -44.90 19.47 11.58
C GLU D 296 -43.45 18.99 11.53
N LEU D 297 -43.03 18.53 10.36
CA LEU D 297 -41.66 18.05 10.17
C LEU D 297 -40.69 19.20 10.01
N GLY D 298 -41.21 20.42 9.96
CA GLY D 298 -40.39 21.61 9.86
C GLY D 298 -39.79 21.82 8.49
N LEU D 299 -40.29 21.09 7.50
CA LEU D 299 -39.80 21.22 6.13
C LEU D 299 -40.37 22.46 5.45
N ASN D 300 -40.01 23.63 5.96
CA ASN D 300 -40.46 24.89 5.39
C ASN D 300 -39.61 25.29 4.17
N ALA D 301 -40.08 26.30 3.44
CA ALA D 301 -39.42 26.75 2.23
C ALA D 301 -37.99 27.23 2.48
N SER D 302 -37.73 27.68 3.70
CA SER D 302 -36.39 28.15 4.08
C SER D 302 -35.55 27.03 4.67
N ALA D 303 -36.19 25.89 4.92
CA ALA D 303 -35.49 24.76 5.54
C ALA D 303 -34.79 23.89 4.50
N LYS D 304 -33.87 23.06 4.96
CA LYS D 304 -33.14 22.15 4.07
C LYS D 304 -34.01 20.97 3.67
N PHE D 305 -33.73 20.41 2.48
CA PHE D 305 -34.49 19.29 1.97
C PHE D 305 -34.32 18.03 2.81
N LYS D 306 -35.41 17.30 2.99
CA LYS D 306 -35.38 16.02 3.69
C LYS D 306 -35.95 14.94 2.77
N LYS D 307 -35.57 13.69 3.00
CA LYS D 307 -36.03 12.58 2.17
C LYS D 307 -37.54 12.46 2.17
N SER D 308 -38.10 12.18 1.00
CA SER D 308 -39.56 12.09 0.84
C SER D 308 -40.15 10.93 1.63
N ALA D 309 -39.36 9.87 1.77
CA ALA D 309 -39.77 8.69 2.52
C ALA D 309 -40.08 9.03 3.98
N ARG D 310 -39.33 9.98 4.53
CA ARG D 310 -39.53 10.42 5.91
C ARG D 310 -40.90 11.07 6.09
N THR D 311 -41.19 12.06 5.24
CA THR D 311 -42.45 12.79 5.32
C THR D 311 -43.63 11.89 5.00
N VAL D 312 -43.46 11.00 4.03
CA VAL D 312 -44.51 10.03 3.69
C VAL D 312 -44.80 9.11 4.86
N GLY D 313 -43.73 8.56 5.44
CA GLY D 313 -43.83 7.70 6.61
C GLY D 313 -44.48 8.40 7.79
N ASP D 314 -44.27 9.71 7.87
CA ASP D 314 -44.91 10.51 8.91
C ASP D 314 -46.39 10.66 8.64
N VAL D 315 -46.73 10.91 7.37
CA VAL D 315 -48.13 11.04 6.96
C VAL D 315 -48.91 9.77 7.26
N LEU D 316 -48.30 8.61 6.97
CA LEU D 316 -48.94 7.33 7.26
C LEU D 316 -48.97 7.03 8.75
N GLY D 317 -47.88 7.35 9.45
CA GLY D 317 -47.76 7.02 10.86
C GLY D 317 -48.52 7.93 11.79
N LYS D 318 -49.01 9.06 11.29
CA LYS D 318 -49.71 10.01 12.13
C LYS D 318 -51.16 10.26 11.75
N TYR D 319 -51.41 10.55 10.47
CA TYR D 319 -52.72 11.06 10.06
C TYR D 319 -53.44 10.19 9.03
N HIS D 320 -52.72 9.74 8.01
CA HIS D 320 -53.35 9.02 6.90
C HIS D 320 -53.21 7.50 7.08
N PRO D 321 -54.34 6.82 7.31
CA PRO D 321 -54.34 5.38 7.55
C PRO D 321 -54.48 4.58 6.25
N HIS D 322 -53.76 4.99 5.21
CA HIS D 322 -53.83 4.30 3.92
C HIS D 322 -52.45 3.88 3.43
N GLY D 323 -52.33 3.67 2.12
CA GLY D 323 -51.07 3.23 1.53
C GLY D 323 -50.11 4.36 1.24
N ASP D 324 -48.82 4.03 1.19
CA ASP D 324 -47.78 5.01 0.91
C ASP D 324 -47.64 5.31 -0.57
N SER D 325 -48.04 4.35 -1.41
CA SER D 325 -47.90 4.49 -2.86
C SER D 325 -48.78 5.61 -3.41
N ALA D 326 -50.08 5.53 -3.14
CA ALA D 326 -51.02 6.54 -3.59
C ALA D 326 -50.71 7.90 -2.96
N CYS D 327 -50.24 7.86 -1.71
CA CYS D 327 -49.89 9.07 -0.99
C CYS D 327 -48.71 9.78 -1.64
N TYR D 328 -47.62 9.05 -1.86
CA TYR D 328 -46.44 9.61 -2.51
C TYR D 328 -46.75 10.01 -3.95
N GLU D 329 -47.71 9.33 -4.56
CA GLU D 329 -48.16 9.68 -5.90
C GLU D 329 -48.81 11.06 -5.90
N ALA D 330 -49.73 11.26 -4.95
CA ALA D 330 -50.42 12.54 -4.80
C ALA D 330 -49.43 13.66 -4.47
N MET D 331 -48.47 13.35 -3.61
CA MET D 331 -47.43 14.29 -3.22
C MET D 331 -46.60 14.72 -4.44
N VAL D 332 -46.15 13.73 -5.21
CA VAL D 332 -45.40 13.97 -6.42
C VAL D 332 -46.22 14.82 -7.39
N LEU D 333 -47.51 14.55 -7.45
CA LEU D 333 -48.41 15.34 -8.29
C LEU D 333 -48.47 16.78 -7.81
N MET D 334 -48.41 16.97 -6.50
CA MET D 334 -48.40 18.32 -5.93
C MET D 334 -47.07 19.02 -6.19
N ALA D 335 -46.02 18.23 -6.44
CA ALA D 335 -44.68 18.79 -6.63
C ALA D 335 -44.40 19.19 -8.07
N GLN D 336 -45.25 18.76 -9.00
CA GLN D 336 -45.02 18.99 -10.42
C GLN D 336 -45.52 20.36 -10.89
N PRO D 337 -44.61 21.20 -11.41
CA PRO D 337 -44.91 22.54 -11.91
C PRO D 337 -45.81 22.51 -13.14
N PHE D 338 -45.72 21.42 -13.91
CA PHE D 338 -46.52 21.29 -15.13
C PHE D 338 -47.89 20.70 -14.84
N SER D 339 -48.02 20.08 -13.66
CA SER D 339 -49.29 19.52 -13.24
C SER D 339 -50.05 20.49 -12.34
N TYR D 340 -49.32 21.16 -11.45
CA TYR D 340 -49.90 22.13 -10.53
C TYR D 340 -49.54 23.55 -10.94
N ARG D 341 -50.55 24.40 -11.05
CA ARG D 341 -50.33 25.81 -11.39
C ARG D 341 -49.50 26.50 -10.32
N TYR D 342 -49.89 26.32 -9.07
CA TYR D 342 -49.10 26.79 -7.94
C TYR D 342 -48.80 25.61 -7.02
N PRO D 343 -47.69 24.90 -7.28
CA PRO D 343 -47.34 23.69 -6.54
C PRO D 343 -46.92 23.98 -5.10
N LEU D 344 -46.89 22.97 -4.26
CA LEU D 344 -46.47 23.15 -2.87
C LEU D 344 -45.76 21.98 -2.16
N GLY D 345 -44.75 21.35 -2.76
CA GLY D 345 -44.32 21.58 -4.13
C GLY D 345 -42.90 22.00 -4.40
N ASP D 346 -41.96 21.61 -3.56
CA ASP D 346 -40.54 21.85 -3.86
C ASP D 346 -39.72 20.58 -3.67
N GLY D 347 -39.25 20.01 -4.77
CA GLY D 347 -38.53 18.76 -4.70
C GLY D 347 -37.17 18.75 -5.37
N GLN D 348 -36.30 17.86 -4.91
CA GLN D 348 -34.99 17.64 -5.52
C GLN D 348 -34.91 16.23 -6.07
N GLY D 349 -34.33 16.07 -7.25
CA GLY D 349 -34.24 14.77 -7.89
C GLY D 349 -35.23 14.66 -9.03
N ASN D 350 -35.53 13.43 -9.44
CA ASN D 350 -36.45 13.20 -10.54
C ASN D 350 -37.90 13.15 -10.07
N TRP D 351 -38.63 14.23 -10.32
CA TRP D 351 -40.03 14.31 -9.96
C TRP D 351 -40.93 14.26 -11.20
N GLY D 352 -40.40 13.70 -12.28
CA GLY D 352 -41.15 13.52 -13.51
C GLY D 352 -40.97 14.65 -14.51
N ALA D 353 -41.61 14.48 -15.67
CA ALA D 353 -41.54 15.46 -16.75
C ALA D 353 -42.74 15.28 -17.68
N PRO D 354 -43.11 16.33 -18.42
CA PRO D 354 -44.21 16.20 -19.39
C PRO D 354 -43.83 15.31 -20.57
N LYS D 358 -45.49 12.62 -16.20
CA LYS D 358 -45.17 11.22 -16.45
C LYS D 358 -44.78 10.50 -15.16
N SER D 359 -43.69 9.74 -15.22
CA SER D 359 -43.24 8.98 -14.05
C SER D 359 -41.94 9.55 -13.48
N PHE D 360 -41.64 9.15 -12.25
CA PHE D 360 -40.61 9.82 -11.45
C PHE D 360 -39.72 8.82 -10.72
N ALA D 361 -38.87 9.35 -9.84
CA ALA D 361 -37.98 8.52 -9.04
C ALA D 361 -38.70 8.03 -7.78
N ALA D 362 -38.11 7.03 -7.13
CA ALA D 362 -38.70 6.47 -5.91
C ALA D 362 -38.58 7.45 -4.74
N MET D 363 -39.38 7.24 -3.71
CA MET D 363 -39.38 8.13 -2.55
C MET D 363 -38.12 7.96 -1.71
N ARG D 364 -37.41 6.85 -1.91
CA ARG D 364 -36.17 6.59 -1.20
C ARG D 364 -35.02 7.43 -1.75
N TYR D 365 -35.26 8.07 -2.90
CA TYR D 365 -34.22 8.84 -3.57
C TYR D 365 -34.49 10.35 -3.53
N THR D 366 -35.74 10.72 -3.71
CA THR D 366 -36.10 12.13 -3.82
C THR D 366 -36.15 12.84 -2.46
N GLU D 367 -35.82 14.12 -2.46
CA GLU D 367 -35.90 14.94 -1.25
C GLU D 367 -36.96 16.01 -1.46
N SER D 368 -37.63 16.41 -0.39
CA SER D 368 -38.77 17.31 -0.51
C SER D 368 -38.79 18.47 0.48
N ARG D 369 -39.67 19.42 0.21
CA ARG D 369 -39.79 20.64 1.00
C ARG D 369 -41.02 21.42 0.53
N LEU D 370 -41.70 22.09 1.46
CA LEU D 370 -42.86 22.90 1.14
C LEU D 370 -42.45 24.11 0.30
N SER D 371 -43.36 24.56 -0.56
CA SER D 371 -43.10 25.74 -1.37
C SER D 371 -43.32 27.02 -0.58
N LYS D 372 -42.88 28.14 -1.13
CA LYS D 372 -43.11 29.44 -0.51
C LYS D 372 -44.58 29.79 -0.58
N TYR D 373 -45.27 29.21 -1.57
CA TYR D 373 -46.70 29.40 -1.74
C TYR D 373 -47.47 28.71 -0.62
N ALA D 374 -46.94 27.57 -0.17
CA ALA D 374 -47.59 26.76 0.85
C ALA D 374 -47.81 27.52 2.16
N GLU D 375 -47.03 28.59 2.36
CA GLU D 375 -47.18 29.46 3.51
C GLU D 375 -48.62 29.98 3.60
N LEU D 376 -49.20 30.29 2.43
CA LEU D 376 -50.57 30.80 2.36
C LEU D 376 -51.58 29.84 2.99
N LEU D 377 -51.20 28.57 3.10
CA LEU D 377 -52.07 27.57 3.70
C LEU D 377 -51.64 27.23 5.12
N LEU D 378 -50.39 27.52 5.46
CA LEU D 378 -49.83 27.04 6.72
C LEU D 378 -49.52 28.14 7.75
N SER D 379 -49.35 29.38 7.28
CA SER D 379 -49.26 30.49 8.20
C SER D 379 -50.62 30.68 8.86
N GLU D 380 -50.63 31.27 10.06
CA GLU D 380 -51.86 31.47 10.83
C GLU D 380 -52.48 30.14 11.29
N LEU D 381 -51.67 29.10 11.35
CA LEU D 381 -52.16 27.78 11.77
C LEU D 381 -52.34 27.71 13.28
N GLY D 382 -51.28 28.02 14.01
CA GLY D 382 -51.31 27.94 15.46
C GLY D 382 -51.91 29.17 16.12
N GLN D 383 -52.83 29.83 15.40
CA GLN D 383 -53.46 31.03 15.92
C GLN D 383 -54.97 30.87 16.05
N GLY D 384 -55.40 29.66 16.39
CA GLY D 384 -56.81 29.36 16.63
C GLY D 384 -57.73 29.67 15.47
N THR D 385 -57.28 29.35 14.26
CA THR D 385 -58.02 29.68 13.05
C THR D 385 -58.86 28.51 12.52
N VAL D 386 -58.41 27.29 12.78
CA VAL D 386 -59.09 26.11 12.28
C VAL D 386 -59.49 25.15 13.41
N ASP D 387 -60.46 24.29 13.14
CA ASP D 387 -60.91 23.31 14.11
C ASP D 387 -60.01 22.08 14.07
N TRP D 388 -60.00 21.32 15.16
CA TRP D 388 -59.10 20.18 15.27
C TRP D 388 -59.79 18.89 15.67
N VAL D 389 -59.63 17.86 14.84
CA VAL D 389 -60.16 16.53 15.12
C VAL D 389 -59.00 15.58 15.41
N PRO D 390 -59.20 14.61 16.32
CA PRO D 390 -58.11 13.70 16.66
C PRO D 390 -57.87 12.65 15.58
N ASN D 391 -56.65 12.11 15.54
CA ASN D 391 -56.28 11.15 14.51
C ASN D 391 -56.82 9.75 14.80
N PHE D 392 -56.43 8.79 13.96
CA PHE D 392 -56.96 7.43 14.05
C PHE D 392 -56.57 6.70 15.33
N ASP D 393 -55.35 6.93 15.82
CA ASP D 393 -54.89 6.29 17.04
C ASP D 393 -55.35 7.07 18.27
N GLY D 394 -55.70 8.33 18.05
CA GLY D 394 -56.16 9.20 19.12
C GLY D 394 -55.01 9.74 19.95
N THR D 395 -53.79 9.52 19.49
CA THR D 395 -52.60 9.96 20.22
C THR D 395 -52.24 11.41 19.87
N LEU D 396 -52.62 11.85 18.68
CA LEU D 396 -52.29 13.19 18.21
C LEU D 396 -53.52 13.89 17.65
N GLN D 397 -53.36 15.16 17.27
CA GLN D 397 -54.45 15.93 16.69
C GLN D 397 -54.15 16.40 15.26
N GLU D 398 -55.21 16.66 14.52
CA GLU D 398 -55.11 16.98 13.10
C GLU D 398 -56.11 18.08 12.75
N PRO D 399 -55.67 19.09 11.98
CA PRO D 399 -56.55 20.20 11.60
C PRO D 399 -57.58 19.76 10.56
N LYS D 400 -58.83 20.14 10.76
CA LYS D 400 -59.88 19.80 9.81
C LYS D 400 -59.73 20.63 8.54
N MET D 401 -59.31 21.88 8.71
CA MET D 401 -59.08 22.79 7.58
C MET D 401 -57.73 23.46 7.73
N LEU D 402 -57.36 24.27 6.74
CA LEU D 402 -56.16 25.08 6.81
C LEU D 402 -56.51 26.55 6.58
N PRO D 403 -55.94 27.44 7.40
CA PRO D 403 -56.22 28.87 7.29
C PRO D 403 -55.66 29.45 5.99
N ALA D 404 -56.33 29.17 4.88
CA ALA D 404 -55.89 29.68 3.58
C ALA D 404 -56.05 31.20 3.54
N ARG D 405 -55.06 31.87 2.95
CA ARG D 405 -55.10 33.32 2.84
C ARG D 405 -55.57 33.74 1.45
N LEU D 406 -55.46 32.82 0.50
CA LEU D 406 -55.97 33.03 -0.85
C LEU D 406 -56.76 31.80 -1.28
N PRO D 407 -57.84 32.02 -2.04
CA PRO D 407 -58.73 30.91 -2.43
C PRO D 407 -58.03 29.87 -3.30
N ASN D 408 -57.34 28.93 -2.65
CA ASN D 408 -56.58 27.90 -3.35
C ASN D 408 -57.47 26.97 -4.18
N ILE D 409 -58.76 26.93 -3.84
CA ILE D 409 -59.73 26.13 -4.58
C ILE D 409 -59.83 26.56 -6.04
N LEU D 410 -59.68 27.86 -6.28
CA LEU D 410 -59.72 28.40 -7.64
C LEU D 410 -58.33 28.51 -8.25
N LEU D 411 -57.33 28.76 -7.40
CA LEU D 411 -55.96 28.94 -7.86
C LEU D 411 -55.39 27.66 -8.46
N ASN D 412 -55.37 26.59 -7.66
CA ASN D 412 -54.83 25.32 -8.11
C ASN D 412 -55.88 24.45 -8.81
N GLY D 413 -57.11 24.50 -8.30
CA GLY D 413 -58.17 23.67 -8.83
C GLY D 413 -58.01 22.23 -8.40
N THR D 414 -58.99 21.39 -8.74
CA THR D 414 -58.94 19.98 -8.37
C THR D 414 -59.66 19.10 -9.37
N THR D 415 -59.25 17.84 -9.44
CA THR D 415 -59.91 16.85 -10.28
C THR D 415 -60.06 15.55 -9.50
N GLY D 416 -61.29 15.07 -9.36
CA GLY D 416 -61.55 13.86 -8.60
C GLY D 416 -62.81 13.15 -9.02
N ILE D 417 -62.89 11.86 -8.71
CA ILE D 417 -64.06 11.06 -9.04
C ILE D 417 -64.58 10.35 -7.81
N ALA D 418 -65.83 10.63 -7.46
CA ALA D 418 -66.45 9.99 -6.31
C ALA D 418 -67.54 9.01 -6.75
N VAL D 419 -68.40 8.64 -5.82
CA VAL D 419 -69.53 7.77 -6.12
C VAL D 419 -70.78 8.61 -6.37
N GLY D 420 -71.26 8.60 -7.62
CA GLY D 420 -72.44 9.37 -7.98
C GLY D 420 -72.10 10.74 -8.55
N MET D 421 -70.97 11.29 -8.11
CA MET D 421 -70.57 12.63 -8.54
C MET D 421 -69.07 12.74 -8.74
N ALA D 422 -68.64 13.81 -9.39
CA ALA D 422 -67.23 14.05 -9.63
C ALA D 422 -66.92 15.55 -9.58
N THR D 423 -65.65 15.90 -9.69
CA THR D 423 -65.22 17.29 -9.65
C THR D 423 -64.11 17.57 -10.66
N ASP D 424 -64.26 18.66 -11.39
CA ASP D 424 -63.27 19.09 -12.37
C ASP D 424 -63.10 20.60 -12.34
N ILE D 425 -62.08 21.06 -11.62
CA ILE D 425 -61.85 22.50 -11.48
C ILE D 425 -60.53 22.93 -12.10
N PRO D 426 -60.58 23.85 -13.07
CA PRO D 426 -59.37 24.36 -13.73
C PRO D 426 -58.66 25.39 -12.86
N PRO D 427 -57.33 25.51 -13.02
CA PRO D 427 -56.52 26.49 -12.28
C PRO D 427 -56.82 27.92 -12.73
N HIS D 428 -56.48 28.89 -11.88
CA HIS D 428 -56.67 30.30 -12.22
C HIS D 428 -55.47 31.15 -11.81
N ASN D 429 -55.42 32.39 -12.29
CA ASN D 429 -54.36 33.31 -11.95
C ASN D 429 -54.57 33.97 -10.59
N LEU D 430 -53.53 33.92 -9.75
CA LEU D 430 -53.60 34.44 -8.38
C LEU D 430 -54.00 35.91 -8.33
N ARG D 431 -53.34 36.73 -9.14
CA ARG D 431 -53.60 38.17 -9.18
C ARG D 431 -55.04 38.49 -9.57
N GLU D 432 -55.53 37.79 -10.58
CA GLU D 432 -56.89 38.02 -11.09
C GLU D 432 -57.95 37.67 -10.05
N VAL D 433 -57.80 36.50 -9.43
CA VAL D 433 -58.75 36.05 -8.42
C VAL D 433 -58.69 36.94 -7.18
N ALA D 434 -57.48 37.37 -6.82
CA ALA D 434 -57.32 38.28 -5.69
C ALA D 434 -58.02 39.61 -5.96
N LYS D 435 -57.80 40.15 -7.16
CA LYS D 435 -58.44 41.40 -7.57
C LYS D 435 -59.96 41.25 -7.57
N ALA D 436 -60.44 40.08 -7.97
CA ALA D 436 -61.87 39.78 -7.98
C ALA D 436 -62.43 39.76 -6.55
N ALA D 437 -61.68 39.17 -5.64
CA ALA D 437 -62.10 39.10 -4.24
C ALA D 437 -62.15 40.48 -3.61
N ILE D 438 -61.10 41.27 -3.83
CA ILE D 438 -61.04 42.63 -3.33
C ILE D 438 -62.19 43.47 -3.90
N THR D 439 -62.47 43.28 -5.19
CA THR D 439 -63.59 43.96 -5.82
C THR D 439 -64.90 43.54 -5.18
N LEU D 440 -64.97 42.27 -4.76
CA LEU D 440 -66.17 41.75 -4.13
C LEU D 440 -66.34 42.32 -2.73
N ILE D 441 -65.24 42.65 -2.07
CA ILE D 441 -65.30 43.25 -0.75
C ILE D 441 -65.70 44.72 -0.82
N GLU D 442 -65.10 45.46 -1.75
CA GLU D 442 -65.41 46.88 -1.93
C GLU D 442 -66.88 47.08 -2.33
N GLN D 443 -67.32 46.33 -3.34
CA GLN D 443 -68.71 46.38 -3.77
C GLN D 443 -69.31 44.98 -3.76
N PRO D 444 -70.01 44.64 -2.67
CA PRO D 444 -70.58 43.31 -2.47
C PRO D 444 -71.70 42.99 -3.47
N LYS D 445 -72.23 44.03 -4.12
CA LYS D 445 -73.30 43.86 -5.09
C LYS D 445 -72.76 43.56 -6.48
N THR D 446 -71.46 43.28 -6.56
CA THR D 446 -70.82 42.95 -7.83
C THR D 446 -71.41 41.69 -8.45
N THR D 447 -71.78 41.78 -9.73
CA THR D 447 -72.38 40.66 -10.43
C THR D 447 -71.33 39.69 -10.94
N LEU D 448 -71.78 38.66 -11.65
CA LEU D 448 -70.89 37.64 -12.19
C LEU D 448 -70.11 38.16 -13.39
N ASP D 449 -70.78 38.97 -14.21
CA ASP D 449 -70.16 39.50 -15.42
C ASP D 449 -69.01 40.45 -15.08
N GLU D 450 -69.21 41.26 -14.05
CA GLU D 450 -68.20 42.20 -13.60
C GLU D 450 -66.97 41.47 -13.07
N LEU D 451 -67.20 40.35 -12.39
CA LEU D 451 -66.12 39.50 -11.93
C LEU D 451 -65.41 38.85 -13.10
N LEU D 452 -66.18 38.53 -14.14
CA LEU D 452 -65.64 37.91 -15.34
C LEU D 452 -64.81 38.90 -16.15
N ASP D 453 -65.07 40.19 -15.97
CA ASP D 453 -64.28 41.23 -16.61
C ASP D 453 -62.92 41.35 -15.94
N ILE D 454 -62.81 40.80 -14.73
CA ILE D 454 -61.56 40.78 -14.00
C ILE D 454 -60.85 39.44 -14.19
N VAL D 455 -61.54 38.36 -13.84
CA VAL D 455 -61.00 37.02 -14.04
C VAL D 455 -61.30 36.55 -15.46
N GLN D 456 -60.29 36.59 -16.32
CA GLN D 456 -60.44 36.23 -17.72
C GLN D 456 -60.93 34.80 -17.90
N GLY D 457 -60.42 33.89 -17.07
CA GLY D 457 -60.80 32.50 -17.15
C GLY D 457 -59.74 31.59 -16.54
N PRO D 458 -59.72 30.32 -16.94
CA PRO D 458 -58.73 29.36 -16.46
C PRO D 458 -57.31 29.78 -16.84
N ASP D 459 -56.35 29.51 -15.97
CA ASP D 459 -54.96 29.82 -16.25
C ASP D 459 -54.09 28.58 -16.06
N PHE D 460 -53.72 27.94 -17.16
CA PHE D 460 -52.96 26.70 -17.12
C PHE D 460 -51.45 26.97 -17.14
N PRO D 461 -50.68 26.13 -16.45
CA PRO D 461 -49.21 26.27 -16.41
C PRO D 461 -48.54 25.64 -17.63
N THR D 462 -49.06 25.93 -18.81
CA THR D 462 -48.54 25.30 -20.03
C THR D 462 -48.51 26.26 -21.21
N GLU D 463 -48.59 27.57 -20.92
CA GLU D 463 -48.68 28.59 -21.96
C GLU D 463 -49.85 28.27 -22.88
N ALA D 464 -49.62 28.45 -24.19
CA ALA D 464 -50.60 28.08 -25.22
C ALA D 464 -51.90 28.88 -25.15
N GLU D 465 -52.67 28.81 -26.23
CA GLU D 465 -53.92 29.56 -26.32
C GLU D 465 -55.11 28.78 -25.75
N ILE D 466 -56.03 29.50 -25.14
CA ILE D 466 -57.30 28.91 -24.70
C ILE D 466 -58.40 29.39 -25.64
N ILE D 467 -58.54 28.69 -26.77
CA ILE D 467 -59.50 29.08 -27.80
C ILE D 467 -60.93 28.77 -27.39
N THR D 468 -61.57 29.74 -26.76
CA THR D 468 -62.96 29.61 -26.35
C THR D 468 -63.60 30.99 -26.23
N SER D 469 -64.76 31.16 -26.84
CA SER D 469 -65.47 32.42 -26.81
C SER D 469 -65.71 32.89 -25.38
N ARG D 470 -65.50 34.18 -25.14
CA ARG D 470 -65.69 34.77 -23.82
C ARG D 470 -67.12 34.56 -23.31
N ALA D 471 -68.07 34.49 -24.24
CA ALA D 471 -69.46 34.21 -23.90
C ALA D 471 -69.63 32.78 -23.42
N GLU D 472 -68.96 31.85 -24.09
CA GLU D 472 -68.99 30.45 -23.71
C GLU D 472 -68.38 30.25 -22.33
N ILE D 473 -67.29 30.95 -22.07
CA ILE D 473 -66.65 30.93 -20.76
C ILE D 473 -67.59 31.50 -19.71
N ARG D 474 -68.26 32.60 -20.08
CA ARG D 474 -69.24 33.23 -19.20
C ARG D 474 -70.36 32.27 -18.83
N LYS D 475 -70.79 31.47 -19.79
CA LYS D 475 -71.83 30.47 -19.54
C LYS D 475 -71.31 29.37 -18.64
N ILE D 476 -70.08 28.93 -18.91
CA ILE D 476 -69.44 27.88 -18.12
C ILE D 476 -69.31 28.26 -16.66
N TYR D 477 -68.98 29.53 -16.41
CA TYR D 477 -68.84 30.03 -15.05
C TYR D 477 -70.17 30.37 -14.40
N GLN D 478 -71.14 30.79 -15.21
CA GLN D 478 -72.47 31.11 -14.70
C GLN D 478 -73.25 29.87 -14.29
N ASN D 479 -72.98 28.76 -14.97
CA ASN D 479 -73.69 27.52 -14.70
C ASN D 479 -72.89 26.51 -13.87
N GLY D 480 -71.59 26.76 -13.75
CA GLY D 480 -70.72 25.91 -12.95
C GLY D 480 -70.30 24.64 -13.64
N ARG D 481 -70.82 24.42 -14.85
CA ARG D 481 -70.46 23.25 -15.65
C ARG D 481 -70.22 23.63 -17.10
N GLY D 482 -69.34 22.90 -17.77
CA GLY D 482 -69.03 23.18 -19.16
C GLY D 482 -67.73 22.54 -19.62
N SER D 483 -67.15 23.10 -20.68
CA SER D 483 -65.90 22.59 -21.23
C SER D 483 -65.07 23.70 -21.86
N VAL D 484 -63.76 23.67 -21.59
CA VAL D 484 -62.86 24.66 -22.16
C VAL D 484 -61.78 23.99 -23.01
N ARG D 485 -61.57 24.50 -24.21
CA ARG D 485 -60.63 23.89 -25.15
C ARG D 485 -59.33 24.69 -25.31
N MET D 486 -58.21 23.99 -25.39
CA MET D 486 -56.92 24.61 -25.62
C MET D 486 -56.30 24.17 -26.94
N ARG D 487 -55.45 25.01 -27.49
CA ARG D 487 -54.78 24.73 -28.76
C ARG D 487 -53.31 25.12 -28.68
N ALA D 488 -52.45 24.30 -29.28
CA ALA D 488 -51.01 24.55 -29.27
C ALA D 488 -50.65 25.87 -29.95
N VAL D 489 -49.54 26.46 -29.54
CA VAL D 489 -49.05 27.70 -30.11
C VAL D 489 -47.96 27.44 -31.15
N TRP D 490 -48.21 27.83 -32.39
CA TRP D 490 -47.27 27.57 -33.47
C TRP D 490 -46.96 28.83 -34.28
N SER D 491 -45.80 28.84 -34.91
CA SER D 491 -45.38 29.96 -35.75
C SER D 491 -44.68 29.47 -37.00
N LYS D 492 -44.84 30.19 -38.10
CA LYS D 492 -44.23 29.80 -39.36
C LYS D 492 -42.92 30.55 -39.58
N GLU D 493 -41.81 29.83 -39.52
CA GLU D 493 -40.48 30.44 -39.68
C GLU D 493 -39.40 29.38 -39.89
N ASP D 494 -38.91 29.26 -41.12
CA ASP D 494 -39.37 30.09 -42.23
C ASP D 494 -39.97 29.20 -43.31
N GLY D 495 -41.28 29.26 -43.48
CA GLY D 495 -41.99 28.39 -44.39
C GLY D 495 -42.34 27.07 -43.72
N ALA D 496 -41.59 26.73 -42.67
CA ALA D 496 -41.83 25.53 -41.89
C ALA D 496 -42.58 25.91 -40.61
N VAL D 497 -43.39 24.98 -40.11
CA VAL D 497 -44.18 25.23 -38.92
C VAL D 497 -43.51 24.73 -37.65
N VAL D 498 -43.38 25.62 -36.67
CA VAL D 498 -42.78 25.27 -35.38
C VAL D 498 -43.74 25.50 -34.22
N ILE D 499 -44.08 24.43 -33.52
CA ILE D 499 -44.92 24.52 -32.33
C ILE D 499 -44.04 24.75 -31.11
N THR D 500 -44.35 25.78 -30.35
CA THR D 500 -43.51 26.19 -29.22
C THR D 500 -44.19 25.97 -27.87
N ALA D 501 -45.47 25.62 -27.90
CA ALA D 501 -46.23 25.41 -26.67
C ALA D 501 -47.38 24.44 -26.90
N LEU D 502 -47.54 23.50 -25.98
CA LEU D 502 -48.60 22.50 -26.07
C LEU D 502 -49.64 22.72 -24.98
N PRO D 503 -50.88 22.26 -25.21
CA PRO D 503 -51.93 22.39 -24.20
C PRO D 503 -51.62 21.62 -22.93
N HIS D 504 -52.38 21.87 -21.87
CA HIS D 504 -52.13 21.27 -20.56
C HIS D 504 -52.24 19.74 -20.59
N GLN D 505 -51.31 19.08 -19.91
CA GLN D 505 -51.28 17.62 -19.81
C GLN D 505 -51.11 16.92 -21.16
N VAL D 506 -50.39 17.57 -22.08
CA VAL D 506 -50.05 16.96 -23.36
C VAL D 506 -48.63 16.40 -23.31
N SER D 507 -48.49 15.13 -23.67
CA SER D 507 -47.22 14.41 -23.53
C SER D 507 -46.11 14.98 -24.42
N GLY D 508 -46.48 15.48 -25.59
CA GLY D 508 -45.52 16.02 -26.53
C GLY D 508 -44.90 14.95 -27.40
N ALA D 509 -44.37 13.91 -26.75
CA ALA D 509 -43.83 12.76 -27.48
C ALA D 509 -44.98 12.00 -28.14
N LYS D 510 -46.12 11.99 -27.46
CA LYS D 510 -47.32 11.34 -27.98
C LYS D 510 -47.86 12.11 -29.19
N VAL D 511 -47.70 13.43 -29.17
CA VAL D 511 -48.10 14.26 -30.29
C VAL D 511 -47.23 13.95 -31.50
N LEU D 512 -45.93 13.88 -31.26
CA LEU D 512 -44.95 13.53 -32.28
C LEU D 512 -45.27 12.17 -32.89
N GLU D 513 -45.59 11.21 -32.02
CA GLU D 513 -45.95 9.87 -32.46
C GLU D 513 -47.25 9.86 -33.27
N GLN D 514 -48.18 10.72 -32.89
CA GLN D 514 -49.45 10.84 -33.59
C GLN D 514 -49.24 11.36 -35.01
N ILE D 515 -48.55 12.49 -35.12
CA ILE D 515 -48.25 13.08 -36.42
C ILE D 515 -47.44 12.12 -37.28
N ALA D 516 -46.50 11.42 -36.64
CA ALA D 516 -45.64 10.48 -37.35
C ALA D 516 -46.41 9.28 -37.89
N ALA D 517 -47.35 8.78 -37.09
CA ALA D 517 -48.20 7.67 -37.52
C ALA D 517 -49.13 8.13 -38.64
N GLN D 518 -49.61 9.36 -38.52
CA GLN D 518 -50.48 9.94 -39.53
C GLN D 518 -49.74 10.10 -40.85
N MET D 519 -48.43 10.36 -40.77
CA MET D 519 -47.59 10.42 -41.95
C MET D 519 -47.35 9.03 -42.51
N ARG D 520 -47.14 8.07 -41.61
CA ARG D 520 -46.84 6.69 -41.98
C ARG D 520 -48.01 6.02 -42.67
N ASN D 521 -49.22 6.45 -42.35
CA ASN D 521 -50.42 5.90 -42.98
C ASN D 521 -50.77 6.63 -44.28
N LYS D 522 -49.80 7.33 -44.84
CA LYS D 522 -49.94 8.04 -46.11
C LYS D 522 -51.07 9.06 -46.11
N LYS D 523 -51.43 9.56 -44.93
CA LYS D 523 -52.49 10.56 -44.81
C LYS D 523 -51.93 11.97 -44.92
N LEU D 524 -50.61 12.10 -44.81
CA LEU D 524 -49.96 13.41 -44.88
C LEU D 524 -48.79 13.43 -45.85
N PRO D 525 -49.08 13.50 -47.15
CA PRO D 525 -48.03 13.61 -48.17
C PRO D 525 -47.58 15.07 -48.33
N MET D 526 -48.31 15.98 -47.71
CA MET D 526 -47.97 17.40 -47.75
C MET D 526 -46.75 17.68 -46.89
N VAL D 527 -46.60 16.94 -45.81
CA VAL D 527 -45.49 17.14 -44.88
C VAL D 527 -44.26 16.34 -45.30
N ASP D 528 -43.16 17.04 -45.50
CA ASP D 528 -41.91 16.41 -45.94
C ASP D 528 -41.16 15.72 -44.80
N ASP D 529 -41.05 16.40 -43.67
CA ASP D 529 -40.27 15.87 -42.55
C ASP D 529 -40.76 16.39 -41.21
N LEU D 530 -40.65 15.57 -40.17
CA LEU D 530 -41.02 15.97 -38.82
C LEU D 530 -39.80 15.92 -37.91
N ARG D 531 -39.49 17.04 -37.27
CA ARG D 531 -38.30 17.17 -36.45
C ARG D 531 -38.60 17.58 -35.02
N ASP D 532 -37.85 17.00 -34.07
CA ASP D 532 -37.94 17.38 -32.67
C ASP D 532 -36.71 18.16 -32.26
N GLU D 533 -36.80 19.49 -32.31
CA GLU D 533 -35.68 20.34 -31.92
C GLU D 533 -35.84 20.80 -30.47
N SER D 534 -36.59 20.02 -29.69
CA SER D 534 -36.80 20.34 -28.29
C SER D 534 -35.53 20.08 -27.48
N ASP D 535 -34.85 21.16 -27.11
CA ASP D 535 -33.61 21.05 -26.35
C ASP D 535 -33.78 21.61 -24.92
N HIS D 536 -32.67 21.73 -24.21
CA HIS D 536 -32.70 22.25 -22.85
C HIS D 536 -33.17 23.70 -22.82
N GLU D 537 -32.71 24.49 -23.79
CA GLU D 537 -33.09 25.90 -23.89
C GLU D 537 -34.56 26.04 -24.27
N ASN D 538 -34.98 25.31 -25.29
CA ASN D 538 -36.37 25.33 -25.73
C ASN D 538 -37.06 24.01 -25.43
N PRO D 539 -37.86 23.99 -24.34
CA PRO D 539 -38.55 22.79 -23.85
C PRO D 539 -39.46 22.16 -24.90
N THR D 540 -40.31 22.97 -25.53
CA THR D 540 -41.20 22.48 -26.58
C THR D 540 -40.90 23.14 -27.91
N ARG D 541 -40.28 22.40 -28.82
CA ARG D 541 -40.02 22.89 -30.17
C ARG D 541 -40.25 21.79 -31.20
N LEU D 542 -41.44 21.76 -31.77
CA LEU D 542 -41.79 20.73 -32.75
C LEU D 542 -41.85 21.30 -34.16
N VAL D 543 -40.89 20.93 -35.00
CA VAL D 543 -40.81 21.45 -36.35
C VAL D 543 -41.50 20.55 -37.37
N ILE D 544 -42.36 21.14 -38.19
CA ILE D 544 -43.02 20.41 -39.26
C ILE D 544 -42.67 21.02 -40.62
N VAL D 545 -41.82 20.33 -41.36
CA VAL D 545 -41.34 20.82 -42.65
C VAL D 545 -42.16 20.26 -43.80
N PRO D 546 -42.76 21.15 -44.61
CA PRO D 546 -43.60 20.78 -45.75
C PRO D 546 -42.80 20.55 -47.03
N ARG D 547 -43.30 19.66 -47.88
CA ARG D 547 -42.71 19.46 -49.19
C ARG D 547 -43.22 20.56 -50.12
N SER D 548 -42.30 21.36 -50.64
CA SER D 548 -42.62 22.54 -51.45
C SER D 548 -43.33 23.64 -50.65
N ASN D 549 -43.12 24.88 -51.07
CA ASN D 549 -43.67 26.03 -50.36
C ASN D 549 -45.07 26.42 -50.85
N ARG D 550 -45.68 25.57 -51.66
CA ARG D 550 -47.00 25.86 -52.22
C ARG D 550 -48.13 25.26 -51.38
N VAL D 551 -47.80 24.28 -50.56
CA VAL D 551 -48.81 23.62 -49.72
C VAL D 551 -49.32 24.54 -48.63
N ASP D 552 -50.64 24.55 -48.46
CA ASP D 552 -51.27 25.38 -47.42
C ASP D 552 -51.10 24.73 -46.06
N MET D 553 -50.12 25.21 -45.31
CA MET D 553 -49.81 24.65 -43.99
C MET D 553 -50.90 24.95 -42.97
N GLU D 554 -51.76 25.92 -43.27
CA GLU D 554 -52.87 26.25 -42.39
C GLU D 554 -53.90 25.12 -42.38
N GLN D 555 -54.18 24.56 -43.56
CA GLN D 555 -55.10 23.45 -43.68
C GLN D 555 -54.57 22.22 -42.96
N VAL D 556 -53.28 21.96 -43.13
CA VAL D 556 -52.62 20.85 -42.46
C VAL D 556 -52.67 21.05 -40.95
N MET D 557 -52.49 22.29 -40.52
CA MET D 557 -52.53 22.63 -39.10
C MET D 557 -53.91 22.40 -38.50
N ASN D 558 -54.94 22.81 -39.22
CA ASN D 558 -56.30 22.58 -38.79
C ASN D 558 -56.58 21.07 -38.72
N HIS D 559 -56.07 20.34 -39.70
CA HIS D 559 -56.20 18.89 -39.72
C HIS D 559 -55.53 18.23 -38.52
N LEU D 560 -54.40 18.78 -38.10
CA LEU D 560 -53.69 18.26 -36.94
C LEU D 560 -54.38 18.66 -35.64
N PHE D 561 -55.06 19.81 -35.65
CA PHE D 561 -55.83 20.24 -34.51
C PHE D 561 -57.05 19.34 -34.32
N ALA D 562 -57.62 18.90 -35.44
CA ALA D 562 -58.78 18.02 -35.39
C ALA D 562 -58.42 16.56 -35.11
N THR D 563 -57.28 16.12 -35.65
CA THR D 563 -56.87 14.73 -35.53
C THR D 563 -55.92 14.48 -34.36
N THR D 564 -54.79 15.19 -34.36
CA THR D 564 -53.77 14.98 -33.33
C THR D 564 -54.17 15.60 -31.99
N ASP D 565 -53.24 15.63 -31.06
CA ASP D 565 -53.53 16.13 -29.72
C ASP D 565 -53.07 17.56 -29.50
N LEU D 566 -52.89 18.31 -30.59
CA LEU D 566 -52.51 19.72 -30.51
C LEU D 566 -53.66 20.55 -29.97
N GLU D 567 -54.87 20.03 -30.11
CA GLU D 567 -56.05 20.67 -29.53
C GLU D 567 -56.71 19.72 -28.56
N LYS D 568 -56.93 20.18 -27.33
CA LYS D 568 -57.48 19.31 -26.29
C LYS D 568 -58.67 19.93 -25.58
N SER D 569 -59.64 19.09 -25.22
CA SER D 569 -60.82 19.54 -24.48
C SER D 569 -60.63 19.28 -22.99
N TYR D 570 -61.18 20.16 -22.17
CA TYR D 570 -61.05 20.05 -20.72
C TYR D 570 -62.41 20.20 -20.02
N ARG D 571 -62.74 19.19 -19.22
CA ARG D 571 -63.99 19.18 -18.48
C ARG D 571 -64.00 20.23 -17.36
N ILE D 572 -65.15 20.87 -17.18
CA ILE D 572 -65.31 21.82 -16.08
C ILE D 572 -66.57 21.49 -15.27
N ASN D 573 -66.37 21.12 -14.01
CA ASN D 573 -67.47 20.79 -13.12
C ASN D 573 -67.16 21.30 -11.71
N LEU D 574 -67.60 22.51 -11.42
CA LEU D 574 -67.27 23.20 -10.17
C LEU D 574 -67.98 22.61 -8.96
N ASN D 575 -67.75 21.32 -8.69
CA ASN D 575 -68.34 20.67 -7.54
C ASN D 575 -67.35 20.62 -6.37
N MET D 576 -67.80 21.04 -5.19
CA MET D 576 -66.93 21.09 -4.02
C MET D 576 -67.74 21.06 -2.73
N ILE D 577 -67.04 20.88 -1.61
CA ILE D 577 -67.69 20.86 -0.31
C ILE D 577 -67.75 22.26 0.29
N GLY D 578 -68.97 22.81 0.37
CA GLY D 578 -69.17 24.14 0.90
C GLY D 578 -68.99 24.19 2.41
N LEU D 579 -69.14 25.38 2.99
CA LEU D 579 -69.02 25.55 4.43
C LEU D 579 -70.15 24.86 5.17
N ASP D 580 -71.23 24.55 4.45
CA ASP D 580 -72.36 23.83 5.01
C ASP D 580 -71.99 22.40 5.38
N GLY D 581 -71.00 21.86 4.68
CA GLY D 581 -70.54 20.50 4.94
C GLY D 581 -71.04 19.51 3.90
N ARG D 582 -71.80 20.00 2.93
CA ARG D 582 -72.35 19.16 1.88
C ARG D 582 -71.82 19.59 0.52
N PRO D 583 -71.58 18.61 -0.38
CA PRO D 583 -71.06 18.92 -1.71
C PRO D 583 -72.12 19.55 -2.61
N ALA D 584 -71.71 20.48 -3.46
CA ALA D 584 -72.64 21.16 -4.36
C ALA D 584 -71.89 21.88 -5.47
N VAL D 585 -72.51 21.94 -6.65
CA VAL D 585 -71.95 22.69 -7.76
C VAL D 585 -72.20 24.17 -7.55
N LYS D 586 -71.14 24.96 -7.65
CA LYS D 586 -71.23 26.40 -7.38
C LYS D 586 -70.65 27.22 -8.52
N ASN D 587 -71.24 28.38 -8.78
CA ASN D 587 -70.69 29.29 -9.78
C ASN D 587 -69.60 30.16 -9.16
N LEU D 588 -68.85 30.86 -10.01
CA LEU D 588 -67.70 31.66 -9.57
C LEU D 588 -68.05 32.65 -8.45
N LEU D 589 -69.19 33.33 -8.60
CA LEU D 589 -69.64 34.29 -7.61
C LEU D 589 -69.89 33.63 -6.26
N GLU D 590 -70.56 32.49 -6.28
CA GLU D 590 -70.85 31.75 -5.06
C GLU D 590 -69.57 31.25 -4.38
N ILE D 591 -68.64 30.74 -5.19
CA ILE D 591 -67.36 30.25 -4.68
C ILE D 591 -66.58 31.38 -4.01
N LEU D 592 -66.43 32.49 -4.71
CA LEU D 592 -65.71 33.64 -4.17
C LEU D 592 -66.38 34.20 -2.92
N SER D 593 -67.71 34.26 -2.93
CA SER D 593 -68.46 34.76 -1.78
C SER D 593 -68.26 33.89 -0.55
N GLU D 594 -68.53 32.59 -0.71
CA GLU D 594 -68.40 31.64 0.39
C GLU D 594 -66.97 31.60 0.93
N TRP D 595 -66.00 31.63 0.03
CA TRP D 595 -64.60 31.66 0.48
C TRP D 595 -64.30 32.95 1.23
N LEU D 596 -64.86 34.06 0.78
CA LEU D 596 -64.69 35.32 1.49
C LEU D 596 -65.26 35.24 2.89
N VAL D 597 -66.38 34.53 3.03
CA VAL D 597 -66.96 34.26 4.34
C VAL D 597 -65.98 33.47 5.19
N PHE D 598 -65.42 32.41 4.61
CA PHE D 598 -64.43 31.57 5.30
C PHE D 598 -63.24 32.39 5.79
N ARG D 599 -62.69 33.23 4.90
CA ARG D 599 -61.53 34.05 5.22
C ARG D 599 -61.85 35.05 6.32
N ARG D 600 -63.02 35.68 6.21
CA ARG D 600 -63.46 36.64 7.23
C ARG D 600 -63.54 35.98 8.59
N ASP D 601 -64.14 34.79 8.62
CA ASP D 601 -64.27 34.04 9.86
C ASP D 601 -62.90 33.69 10.45
N THR D 602 -62.02 33.14 9.62
CA THR D 602 -60.69 32.73 10.09
C THR D 602 -59.87 33.92 10.60
N VAL D 603 -59.93 35.03 9.90
CA VAL D 603 -59.24 36.25 10.32
C VAL D 603 -59.80 36.72 11.65
N ARG D 604 -61.12 36.68 11.79
CA ARG D 604 -61.78 37.05 13.04
C ARG D 604 -61.29 36.18 14.20
N ARG D 605 -61.17 34.88 13.95
CA ARG D 605 -60.69 33.95 14.96
C ARG D 605 -59.24 34.22 15.35
N ARG D 606 -58.41 34.53 14.35
CA ARG D 606 -57.02 34.87 14.60
C ARG D 606 -56.93 36.11 15.50
N LEU D 607 -57.70 37.12 15.14
CA LEU D 607 -57.75 38.37 15.89
C LEU D 607 -58.18 38.13 17.34
N ASN D 608 -59.21 37.33 17.53
CA ASN D 608 -59.68 37.00 18.89
C ASN D 608 -58.63 36.24 19.70
N HIS D 609 -57.97 35.28 19.06
CA HIS D 609 -56.91 34.51 19.71
C HIS D 609 -55.78 35.43 20.19
N ARG D 610 -55.28 36.24 19.27
CA ARG D 610 -54.22 37.20 19.59
C ARG D 610 -54.67 38.16 20.69
N LEU D 611 -55.95 38.55 20.65
CA LEU D 611 -56.53 39.43 21.65
C LEU D 611 -56.43 38.78 23.03
N GLU D 612 -56.88 37.53 23.13
CA GLU D 612 -56.83 36.79 24.39
C GLU D 612 -55.39 36.70 24.91
N LYS D 613 -54.46 36.37 24.02
CA LYS D 613 -53.05 36.30 24.39
C LYS D 613 -52.55 37.62 24.97
N VAL D 614 -52.82 38.71 24.26
CA VAL D 614 -52.40 40.05 24.69
C VAL D 614 -53.00 40.40 26.05
N LEU D 615 -54.29 40.14 26.23
CA LEU D 615 -54.96 40.42 27.50
C LEU D 615 -54.30 39.66 28.65
N LYS D 616 -54.11 38.36 28.47
CA LYS D 616 -53.46 37.53 29.48
C LYS D 616 -52.08 38.06 29.84
N ARG D 617 -51.28 38.35 28.82
CA ARG D 617 -49.93 38.87 29.03
C ARG D 617 -49.95 40.19 29.79
N LEU D 618 -50.92 41.04 29.48
CA LEU D 618 -51.08 42.32 30.17
C LEU D 618 -51.41 42.10 31.64
N HIS D 619 -52.28 41.13 31.91
CA HIS D 619 -52.64 40.77 33.28
C HIS D 619 -51.39 40.36 34.07
N ILE D 620 -50.64 39.41 33.49
CA ILE D 620 -49.42 38.93 34.10
C ILE D 620 -48.41 40.07 34.33
N LEU D 621 -48.29 40.95 33.36
CA LEU D 621 -47.38 42.10 33.45
C LEU D 621 -47.78 43.05 34.59
N GLU D 622 -49.07 43.31 34.71
CA GLU D 622 -49.58 44.14 35.80
C GLU D 622 -49.22 43.49 37.14
N GLY D 623 -49.41 42.18 37.23
CA GLY D 623 -49.03 41.45 38.42
C GLY D 623 -47.55 41.61 38.74
N LEU D 624 -46.71 41.50 37.72
CA LEU D 624 -45.27 41.62 37.87
C LEU D 624 -44.85 43.01 38.35
N LEU D 625 -45.44 44.04 37.77
CA LEU D 625 -45.14 45.41 38.16
C LEU D 625 -45.54 45.66 39.62
N VAL D 626 -46.72 45.15 39.98
CA VAL D 626 -47.18 45.21 41.37
C VAL D 626 -46.17 44.53 42.29
N ALA D 627 -45.66 43.38 41.86
CA ALA D 627 -44.64 42.66 42.62
C ALA D 627 -43.37 43.48 42.81
N PHE D 628 -42.84 44.02 41.71
CA PHE D 628 -41.66 44.87 41.74
C PHE D 628 -41.82 46.06 42.69
N LEU D 629 -43.02 46.64 42.69
CA LEU D 629 -43.30 47.80 43.53
C LEU D 629 -43.12 47.52 45.01
N ASN D 630 -43.39 46.28 45.41
CA ASN D 630 -43.22 45.88 46.81
C ASN D 630 -42.43 44.57 46.93
N ILE D 631 -41.22 44.56 46.39
CA ILE D 631 -40.41 43.35 46.34
C ILE D 631 -40.04 42.82 47.72
N ASP D 632 -39.74 43.73 48.65
CA ASP D 632 -39.36 43.34 50.01
C ASP D 632 -40.47 42.57 50.71
N GLU D 633 -41.69 43.11 50.64
CA GLU D 633 -42.83 42.47 51.27
C GLU D 633 -43.16 41.15 50.59
N VAL D 634 -42.96 41.11 49.28
CA VAL D 634 -43.17 39.88 48.51
C VAL D 634 -42.23 38.79 49.01
N ILE D 635 -40.94 39.08 49.02
CA ILE D 635 -39.93 38.13 49.48
C ILE D 635 -40.19 37.71 50.92
N GLU D 636 -40.64 38.65 51.75
CA GLU D 636 -41.03 38.35 53.12
C GLU D 636 -42.14 37.29 53.15
N ILE D 637 -43.20 37.53 52.38
CA ILE D 637 -44.30 36.59 52.27
C ILE D 637 -43.82 35.21 51.81
N ILE D 638 -42.92 35.20 50.82
CA ILE D 638 -42.36 33.96 50.30
C ILE D 638 -41.58 33.19 51.35
N ARG D 639 -40.80 33.91 52.15
CA ARG D 639 -39.90 33.28 53.12
C ARG D 639 -40.45 33.25 54.54
N THR D 640 -41.75 33.47 54.70
CA THR D 640 -42.36 33.44 56.03
C THR D 640 -43.69 32.68 56.05
N GLU D 641 -44.28 32.46 54.89
CA GLU D 641 -45.55 31.76 54.79
C GLU D 641 -45.42 30.39 54.13
N ASP D 642 -45.99 29.37 54.78
CA ASP D 642 -46.04 28.03 54.19
C ASP D 642 -47.02 28.07 53.04
N GLU D 643 -46.52 27.78 51.83
CA GLU D 643 -47.28 27.94 50.60
C GLU D 643 -47.73 29.40 50.46
N PRO D 644 -46.88 30.23 49.85
CA PRO D 644 -47.07 31.69 49.77
C PRO D 644 -48.02 32.12 48.66
N LYS D 645 -48.39 31.18 47.79
CA LYS D 645 -49.29 31.49 46.67
C LYS D 645 -50.61 32.16 47.08
N PRO D 646 -51.37 31.56 48.02
CA PRO D 646 -52.61 32.25 48.40
C PRO D 646 -52.35 33.43 49.34
N ALA D 647 -51.19 33.46 49.97
CA ALA D 647 -50.81 34.58 50.84
C ALA D 647 -50.54 35.83 50.02
N LEU D 648 -49.91 35.66 48.86
CA LEU D 648 -49.62 36.76 47.95
C LEU D 648 -50.91 37.31 47.36
N MET D 649 -51.86 36.42 47.09
CA MET D 649 -53.16 36.81 46.53
C MET D 649 -53.91 37.74 47.47
N SER D 650 -53.91 37.39 48.75
CA SER D 650 -54.61 38.17 49.76
C SER D 650 -53.96 39.53 50.01
N ARG D 651 -52.63 39.53 50.09
CA ARG D 651 -51.88 40.73 50.45
C ARG D 651 -51.86 41.80 49.37
N PHE D 652 -52.00 41.39 48.11
CA PHE D 652 -51.87 42.32 46.98
C PHE D 652 -53.12 42.42 46.11
N GLY D 653 -54.08 41.54 46.34
CA GLY D 653 -55.26 41.47 45.49
C GLY D 653 -54.82 41.02 44.11
N ILE D 654 -54.40 39.77 44.02
CA ILE D 654 -53.76 39.26 42.81
C ILE D 654 -54.27 37.85 42.48
N SER D 655 -54.45 37.59 41.19
CA SER D 655 -54.97 36.29 40.74
C SER D 655 -53.91 35.20 40.91
N GLU D 656 -54.37 33.95 40.95
CA GLU D 656 -53.47 32.81 41.09
C GLU D 656 -52.46 32.75 39.95
N THR D 657 -52.89 33.20 38.77
CA THR D 657 -52.00 33.26 37.61
C THR D 657 -50.88 34.27 37.85
N GLN D 658 -51.25 35.44 38.36
CA GLN D 658 -50.27 36.48 38.67
C GLN D 658 -49.38 36.03 39.81
N ALA D 659 -49.94 35.29 40.76
CA ALA D 659 -49.19 34.77 41.88
C ALA D 659 -48.10 33.81 41.40
N GLU D 660 -48.50 32.88 40.54
CA GLU D 660 -47.56 31.93 39.95
C GLU D 660 -46.51 32.66 39.10
N ALA D 661 -46.94 33.72 38.43
CA ALA D 661 -46.03 34.53 37.62
C ALA D 661 -44.96 35.18 38.49
N ILE D 662 -45.38 35.73 39.62
CA ILE D 662 -44.45 36.33 40.58
C ILE D 662 -43.51 35.27 41.16
N LEU D 663 -44.07 34.10 41.46
CA LEU D 663 -43.29 33.00 42.01
C LEU D 663 -42.22 32.51 41.04
N GLU D 664 -42.47 32.67 39.75
CA GLU D 664 -41.57 32.17 38.72
C GLU D 664 -40.57 33.22 38.27
N LEU D 665 -40.62 34.39 38.87
CA LEU D 665 -39.66 35.46 38.58
C LEU D 665 -38.26 35.02 39.00
N LYS D 666 -37.26 35.41 38.22
CA LYS D 666 -35.87 35.10 38.55
C LYS D 666 -35.24 36.28 39.29
N LEU D 667 -34.18 36.00 40.04
CA LEU D 667 -33.50 37.04 40.80
C LEU D 667 -32.93 38.11 39.88
N ARG D 668 -32.41 37.67 38.73
CA ARG D 668 -31.85 38.60 37.75
C ARG D 668 -32.91 39.48 37.12
N HIS D 669 -34.18 39.10 37.29
CA HIS D 669 -35.29 39.90 36.80
C HIS D 669 -35.66 41.00 37.79
N LEU D 670 -35.00 41.01 38.95
CA LEU D 670 -35.25 42.02 39.96
C LEU D 670 -34.52 43.32 39.62
N ALA D 671 -33.69 43.26 38.58
CA ALA D 671 -32.97 44.43 38.11
C ALA D 671 -33.92 45.46 37.52
N LYS D 672 -33.41 46.68 37.31
CA LYS D 672 -34.24 47.77 36.82
C LYS D 672 -34.52 47.68 35.32
N LEU D 673 -33.51 47.26 34.56
CA LEU D 673 -33.65 47.13 33.11
C LEU D 673 -34.77 46.17 32.73
N GLU D 674 -34.94 45.12 33.52
CA GLU D 674 -36.00 44.15 33.29
C GLU D 674 -37.37 44.80 33.49
N GLU D 675 -37.46 45.64 34.52
CA GLU D 675 -38.69 46.38 34.80
C GLU D 675 -39.00 47.36 33.68
N MET D 676 -37.95 47.98 33.14
CA MET D 676 -38.09 48.90 32.01
C MET D 676 -38.62 48.17 30.78
N LYS D 677 -38.01 47.03 30.47
CA LYS D 677 -38.44 46.20 29.35
C LYS D 677 -39.90 45.79 29.53
N ILE D 678 -40.25 45.39 30.75
CA ILE D 678 -41.62 44.99 31.08
C ILE D 678 -42.60 46.14 30.88
N ARG D 679 -42.21 47.35 31.27
CA ARG D 679 -43.06 48.52 31.13
C ARG D 679 -43.27 48.90 29.66
N GLY D 680 -42.20 48.87 28.89
CA GLY D 680 -42.28 49.15 27.46
C GLY D 680 -43.18 48.14 26.77
N GLU D 681 -42.99 46.87 27.11
CA GLU D 681 -43.81 45.79 26.59
C GLU D 681 -45.27 45.99 26.98
N GLN D 682 -45.48 46.53 28.18
CA GLN D 682 -46.82 46.81 28.68
C GLN D 682 -47.49 47.88 27.80
N SER D 683 -46.75 48.94 27.50
CA SER D 683 -47.27 49.99 26.64
C SER D 683 -47.62 49.46 25.26
N GLU D 684 -46.66 48.74 24.66
CA GLU D 684 -46.85 48.13 23.35
C GLU D 684 -48.09 47.24 23.31
N LEU D 685 -48.21 46.37 24.31
CA LEU D 685 -49.34 45.44 24.40
C LEU D 685 -50.67 46.15 24.63
N GLU D 686 -50.63 47.28 25.33
CA GLU D 686 -51.83 48.07 25.53
C GLU D 686 -52.30 48.66 24.21
N LYS D 687 -51.36 49.24 23.46
CA LYS D 687 -51.67 49.79 22.14
C LYS D 687 -52.21 48.71 21.21
N GLU D 688 -51.54 47.57 21.18
CA GLU D 688 -51.94 46.45 20.35
C GLU D 688 -53.33 45.93 20.71
N ARG D 689 -53.61 45.88 22.01
CA ARG D 689 -54.92 45.45 22.49
C ARG D 689 -56.00 46.43 22.04
N ASP D 690 -55.69 47.72 22.13
CA ASP D 690 -56.62 48.75 21.66
C ASP D 690 -56.91 48.60 20.18
N GLN D 691 -55.86 48.39 19.39
CA GLN D 691 -56.00 48.20 17.95
C GLN D 691 -56.85 46.98 17.61
N LEU D 692 -56.51 45.85 18.21
CA LEU D 692 -57.24 44.59 17.99
C LEU D 692 -58.71 44.74 18.36
N GLN D 693 -58.97 45.32 19.52
CA GLN D 693 -60.34 45.54 19.97
C GLN D 693 -61.09 46.47 19.03
N ALA D 694 -60.37 47.43 18.46
CA ALA D 694 -60.96 48.36 17.50
C ALA D 694 -61.38 47.64 16.22
N ILE D 695 -60.47 46.87 15.65
CA ILE D 695 -60.72 46.14 14.41
C ILE D 695 -61.82 45.09 14.57
N LEU D 696 -61.94 44.54 15.78
CA LEU D 696 -62.91 43.49 16.05
C LEU D 696 -64.35 43.99 16.03
N ALA D 697 -64.53 45.26 16.35
CA ALA D 697 -65.87 45.82 16.52
C ALA D 697 -66.34 46.62 15.31
N SER D 698 -65.45 46.80 14.33
CA SER D 698 -65.79 47.56 13.13
C SER D 698 -65.80 46.67 11.89
N GLU D 699 -66.91 46.68 11.16
CA GLU D 699 -67.03 45.94 9.92
C GLU D 699 -66.21 46.57 8.82
N ARG D 700 -66.18 47.91 8.80
CA ARG D 700 -65.42 48.65 7.80
C ARG D 700 -63.92 48.40 7.95
N LYS D 701 -63.43 48.45 9.19
CA LYS D 701 -62.02 48.22 9.47
C LYS D 701 -61.64 46.77 9.18
N MET D 702 -62.59 45.86 9.41
CA MET D 702 -62.39 44.45 9.15
C MET D 702 -62.23 44.21 7.65
N ASN D 703 -63.17 44.74 6.87
CA ASN D 703 -63.12 44.65 5.43
C ASN D 703 -61.85 45.29 4.87
N ASN D 704 -61.46 46.43 5.45
CA ASN D 704 -60.23 47.10 5.05
C ASN D 704 -59.00 46.23 5.32
N LEU D 705 -59.03 45.52 6.45
CA LEU D 705 -57.96 44.60 6.80
C LEU D 705 -57.88 43.45 5.80
N LEU D 706 -59.04 42.89 5.46
CA LEU D 706 -59.10 41.81 4.48
C LEU D 706 -58.56 42.26 3.13
N LYS D 707 -58.97 43.45 2.70
CA LYS D 707 -58.48 44.02 1.45
C LYS D 707 -56.97 44.22 1.47
N LYS D 708 -56.47 44.73 2.58
CA LYS D 708 -55.04 44.96 2.75
C LYS D 708 -54.25 43.66 2.65
N GLU D 709 -54.70 42.64 3.37
CA GLU D 709 -54.03 41.34 3.35
C GLU D 709 -54.11 40.66 1.98
N LEU D 710 -55.25 40.80 1.32
CA LEU D 710 -55.44 40.24 -0.03
C LEU D 710 -54.48 40.90 -1.02
N GLN D 711 -54.43 42.22 -1.00
CA GLN D 711 -53.54 42.97 -1.87
C GLN D 711 -52.08 42.64 -1.59
N ALA D 712 -51.74 42.53 -0.30
CA ALA D 712 -50.38 42.21 0.10
C ALA D 712 -49.96 40.83 -0.38
N ASP D 713 -50.86 39.85 -0.23
CA ASP D 713 -50.59 38.49 -0.68
C ASP D 713 -50.49 38.42 -2.20
N ALA D 714 -51.29 39.22 -2.87
CA ALA D 714 -51.30 39.26 -4.34
C ALA D 714 -49.96 39.72 -4.92
N ASP D 715 -49.29 40.61 -4.20
CA ASP D 715 -48.02 41.15 -4.66
C ASP D 715 -46.86 40.15 -4.52
N ALA D 716 -46.78 39.50 -3.35
CA ALA D 716 -45.66 38.61 -3.06
C ALA D 716 -45.71 37.30 -3.85
N PHE D 717 -46.90 36.74 -4.01
CA PHE D 717 -47.05 35.45 -4.67
C PHE D 717 -47.69 35.58 -6.04
N GLY D 718 -47.62 36.78 -6.60
CA GLY D 718 -48.25 37.07 -7.88
C GLY D 718 -47.59 36.39 -9.05
N ASP D 719 -48.38 36.12 -10.09
CA ASP D 719 -47.88 35.45 -11.29
C ASP D 719 -48.53 36.06 -12.53
N ASP D 720 -47.75 36.21 -13.59
CA ASP D 720 -48.29 36.69 -14.86
C ASP D 720 -49.12 35.61 -15.53
N ARG D 721 -50.03 36.03 -16.40
CA ARG D 721 -50.89 35.09 -17.12
C ARG D 721 -50.04 34.21 -18.05
N ARG D 722 -50.11 32.90 -17.83
CA ARG D 722 -49.35 31.96 -18.65
C ARG D 722 -50.09 31.62 -19.93
N SER D 723 -51.37 31.27 -19.81
CA SER D 723 -52.18 30.92 -20.96
C SER D 723 -53.13 32.06 -21.34
N PRO D 724 -52.81 32.77 -22.42
CA PRO D 724 -53.62 33.89 -22.90
C PRO D 724 -54.92 33.39 -23.55
N LEU D 725 -55.92 34.26 -23.62
CA LEU D 725 -57.17 33.90 -24.27
C LEU D 725 -57.16 34.38 -25.71
N HIS D 726 -57.62 33.52 -26.63
CA HIS D 726 -57.63 33.86 -28.05
C HIS D 726 -58.77 33.14 -28.77
N GLU D 727 -58.72 33.17 -30.09
CA GLU D 727 -59.75 32.52 -30.89
C GLU D 727 -59.21 32.15 -32.28
N GLY G 12 42.92 -38.28 -7.62
CA GLY G 12 43.93 -37.24 -7.58
C GLY G 12 43.68 -36.23 -6.50
N LYS G 13 42.80 -35.27 -6.78
CA LYS G 13 42.46 -34.23 -5.81
C LYS G 13 41.38 -34.72 -4.84
N LEU G 14 41.00 -35.98 -4.97
CA LEU G 14 39.99 -36.57 -4.11
C LEU G 14 40.46 -36.64 -2.67
N ALA G 15 39.52 -36.53 -1.74
CA ALA G 15 39.81 -36.73 -0.33
C ALA G 15 38.94 -37.87 0.19
N ASP G 16 39.38 -39.09 -0.08
CA ASP G 16 38.57 -40.28 0.18
C ASP G 16 38.33 -40.50 1.67
N CYS G 17 37.31 -41.30 1.98
CA CYS G 17 36.96 -41.62 3.36
C CYS G 17 37.62 -42.92 3.79
N THR G 18 37.55 -43.22 5.08
CA THR G 18 38.14 -44.43 5.62
C THR G 18 37.10 -45.54 5.74
N ALA G 19 36.36 -45.77 4.66
CA ALA G 19 35.32 -46.81 4.64
C ALA G 19 34.96 -47.17 3.21
N GLN G 20 34.51 -48.41 3.02
CA GLN G 20 34.10 -48.89 1.69
C GLN G 20 32.66 -49.40 1.71
N ASP G 21 32.06 -49.41 2.89
CA ASP G 21 30.69 -49.89 3.05
C ASP G 21 29.70 -48.96 2.38
N LEU G 22 29.07 -49.43 1.30
CA LEU G 22 28.07 -48.66 0.58
C LEU G 22 26.82 -48.45 1.43
N ASN G 23 25.87 -47.69 0.89
CA ASN G 23 24.64 -47.33 1.60
C ASN G 23 24.92 -46.62 2.92
N ARG G 24 26.07 -45.95 2.99
CA ARG G 24 26.48 -45.23 4.19
C ARG G 24 27.54 -44.20 3.83
N THR G 25 28.32 -44.49 2.80
CA THR G 25 29.36 -43.59 2.33
C THR G 25 28.79 -42.53 1.41
N GLU G 26 29.29 -41.29 1.55
CA GLU G 26 28.78 -40.18 0.76
C GLU G 26 29.91 -39.44 0.05
N LEU G 27 29.70 -39.16 -1.23
CA LEU G 27 30.69 -38.42 -2.02
C LEU G 27 30.17 -37.04 -2.39
N PHE G 28 30.85 -36.00 -1.91
CA PHE G 28 30.45 -34.63 -2.17
C PHE G 28 31.28 -34.03 -3.30
N LEU G 29 30.58 -33.54 -4.33
CA LEU G 29 31.23 -32.83 -5.42
C LEU G 29 31.13 -31.33 -5.18
N VAL G 30 32.24 -30.69 -4.83
CA VAL G 30 32.23 -29.28 -4.48
C VAL G 30 32.57 -28.38 -5.66
N GLU G 31 31.87 -27.25 -5.74
CA GLU G 31 32.05 -26.32 -6.85
C GLU G 31 33.39 -25.60 -6.79
N GLY G 32 33.68 -25.00 -5.64
CA GLY G 32 34.91 -24.23 -5.48
C GLY G 32 35.99 -25.03 -4.79
N ASP G 33 37.24 -24.84 -5.23
CA ASP G 33 38.37 -25.49 -4.60
C ASP G 33 38.53 -24.98 -3.16
N SER G 34 38.22 -23.70 -2.97
CA SER G 34 38.22 -23.11 -1.65
C SER G 34 37.06 -23.69 -0.84
N ALA G 35 35.90 -23.74 -1.47
CA ALA G 35 34.72 -24.37 -0.88
C ALA G 35 34.98 -25.85 -0.65
N GLY G 36 35.81 -26.45 -1.51
CA GLY G 36 36.22 -27.82 -1.34
C GLY G 36 37.09 -27.99 -0.12
N GLY G 37 37.95 -27.01 0.13
CA GLY G 37 38.78 -27.00 1.31
C GLY G 37 37.95 -26.88 2.57
N SER G 38 36.99 -25.96 2.55
CA SER G 38 36.07 -25.76 3.67
C SER G 38 35.25 -27.03 3.94
N ALA G 39 34.82 -27.69 2.87
CA ALA G 39 34.03 -28.91 2.98
C ALA G 39 34.86 -30.05 3.55
N LYS G 40 36.09 -30.19 3.06
CA LYS G 40 37.01 -31.22 3.54
C LYS G 40 37.37 -30.96 5.00
N GLN G 41 37.32 -29.71 5.40
CA GLN G 41 37.62 -29.32 6.78
C GLN G 41 36.49 -29.71 7.73
N ALA G 42 35.32 -30.01 7.18
CA ALA G 42 34.14 -30.27 8.00
C ALA G 42 33.49 -31.63 7.75
N ARG G 43 34.11 -32.45 6.90
CA ARG G 43 33.57 -33.76 6.60
C ARG G 43 33.73 -34.70 7.79
N ASP G 44 33.04 -35.84 7.73
CA ASP G 44 33.09 -36.82 8.81
C ASP G 44 34.26 -37.78 8.63
N ARG G 45 34.72 -37.92 7.39
CA ARG G 45 35.86 -38.78 7.04
C ARG G 45 35.61 -40.27 7.24
N GLU G 46 34.67 -40.62 8.10
CA GLU G 46 34.32 -42.01 8.36
C GLU G 46 33.42 -42.56 7.26
N TYR G 47 32.83 -41.65 6.49
CA TYR G 47 31.93 -42.05 5.40
C TYR G 47 31.73 -40.91 4.41
N GLN G 48 32.37 -39.78 4.66
CA GLN G 48 32.22 -38.62 3.79
C GLN G 48 33.52 -38.25 3.08
N ALA G 49 33.50 -38.31 1.76
CA ALA G 49 34.65 -37.92 0.95
C ALA G 49 34.33 -36.66 0.15
N ILE G 50 35.33 -35.81 -0.04
CA ILE G 50 35.12 -34.55 -0.74
C ILE G 50 36.01 -34.44 -1.97
N MET G 51 35.39 -34.18 -3.11
CA MET G 51 36.11 -33.97 -4.36
C MET G 51 35.70 -32.65 -5.00
N PRO G 52 36.66 -31.74 -5.20
CA PRO G 52 36.39 -30.43 -5.80
C PRO G 52 36.52 -30.44 -7.32
N LEU G 53 35.58 -29.79 -7.99
CA LEU G 53 35.62 -29.65 -9.44
C LEU G 53 35.94 -28.22 -9.82
N LYS G 54 37.19 -27.97 -10.19
CA LYS G 54 37.65 -26.61 -10.46
C LYS G 54 37.00 -26.00 -11.69
N GLY G 55 36.00 -25.16 -11.47
CA GLY G 55 35.34 -24.43 -12.55
C GLY G 55 34.17 -25.16 -13.16
N LYS G 56 33.57 -24.53 -14.17
CA LYS G 56 32.42 -25.09 -14.87
C LYS G 56 32.80 -26.29 -15.72
N ILE G 57 32.09 -27.40 -15.54
CA ILE G 57 32.37 -28.62 -16.28
C ILE G 57 31.93 -28.51 -17.74
N LEU G 58 32.23 -29.54 -18.52
CA LEU G 58 31.87 -29.58 -19.93
C LEU G 58 30.40 -29.95 -20.13
N ASN G 59 29.84 -29.52 -21.25
CA ASN G 59 28.46 -29.87 -21.59
C ASN G 59 28.42 -31.23 -22.29
N THR G 60 28.53 -32.29 -21.50
CA THR G 60 28.58 -33.66 -22.04
C THR G 60 27.19 -34.21 -22.34
N TRP G 61 26.40 -33.46 -23.11
CA TRP G 61 25.07 -33.91 -23.50
C TRP G 61 25.03 -34.31 -24.97
N GLU G 62 26.02 -33.83 -25.73
CA GLU G 62 26.13 -34.16 -27.14
C GLU G 62 27.52 -34.69 -27.48
N VAL G 63 28.23 -35.15 -26.45
CA VAL G 63 29.56 -35.69 -26.63
C VAL G 63 29.54 -37.22 -26.58
N SER G 64 30.48 -37.84 -27.30
CA SER G 64 30.57 -39.30 -27.33
C SER G 64 30.92 -39.88 -25.97
N SER G 65 30.59 -41.15 -25.77
CA SER G 65 30.87 -41.84 -24.52
C SER G 65 32.38 -42.01 -24.31
N ASP G 66 33.14 -41.93 -25.40
CA ASP G 66 34.59 -42.04 -25.32
C ASP G 66 35.24 -40.67 -25.25
N GLU G 67 34.62 -39.69 -25.90
CA GLU G 67 35.11 -38.32 -25.90
C GLU G 67 34.98 -37.67 -24.52
N VAL G 68 34.03 -38.16 -23.73
CA VAL G 68 33.79 -37.65 -22.38
C VAL G 68 34.97 -37.87 -21.45
N LEU G 69 35.69 -38.98 -21.66
CA LEU G 69 36.83 -39.33 -20.81
C LEU G 69 38.03 -38.41 -21.05
N ALA G 70 37.99 -37.65 -22.13
CA ALA G 70 39.08 -36.75 -22.48
C ALA G 70 39.17 -35.54 -21.54
N SER G 71 38.02 -35.02 -21.15
CA SER G 71 37.97 -33.88 -20.24
C SER G 71 38.43 -34.28 -18.84
N GLN G 72 39.48 -33.61 -18.36
CA GLN G 72 40.10 -33.95 -17.09
C GLN G 72 39.14 -33.93 -15.90
N GLU G 73 38.20 -32.98 -15.92
CA GLU G 73 37.20 -32.88 -14.87
C GLU G 73 36.29 -34.10 -14.88
N VAL G 74 35.67 -34.35 -16.04
CA VAL G 74 34.80 -35.50 -16.22
C VAL G 74 35.56 -36.81 -16.05
N HIS G 75 36.84 -36.80 -16.41
CA HIS G 75 37.70 -37.96 -16.23
C HIS G 75 37.83 -38.27 -14.74
N ASP G 76 38.21 -37.27 -13.97
CA ASP G 76 38.37 -37.41 -12.52
C ASP G 76 37.06 -37.82 -11.86
N ILE G 77 35.95 -37.28 -12.36
CA ILE G 77 34.63 -37.66 -11.86
C ILE G 77 34.34 -39.14 -12.13
N SER G 78 34.67 -39.58 -13.34
CA SER G 78 34.47 -40.98 -13.73
C SER G 78 35.29 -41.93 -12.87
N VAL G 79 36.57 -41.61 -12.69
CA VAL G 79 37.44 -42.42 -11.85
C VAL G 79 36.98 -42.43 -10.40
N ALA G 80 36.47 -41.28 -9.95
CA ALA G 80 35.99 -41.16 -8.58
C ALA G 80 34.76 -42.02 -8.33
N ILE G 81 33.79 -41.93 -9.24
CA ILE G 81 32.54 -42.67 -9.10
C ILE G 81 32.75 -44.18 -9.25
N GLY G 82 33.83 -44.56 -9.93
CA GLY G 82 34.12 -45.96 -10.16
C GLY G 82 33.17 -46.58 -11.16
N ILE G 83 32.89 -45.86 -12.23
CA ILE G 83 31.98 -46.33 -13.27
C ILE G 83 32.35 -45.77 -14.63
N ASP G 84 32.22 -46.61 -15.66
CA ASP G 84 32.50 -46.19 -17.03
C ASP G 84 31.21 -45.71 -17.68
N PRO G 85 31.32 -44.69 -18.54
CA PRO G 85 30.16 -44.07 -19.21
C PRO G 85 29.37 -45.03 -20.10
N ASP G 86 29.08 -46.24 -19.62
CA ASP G 86 28.31 -47.21 -20.39
C ASP G 86 27.83 -48.39 -19.54
N SER G 87 26.57 -48.35 -19.13
CA SER G 87 25.89 -49.51 -18.53
C SER G 87 26.47 -50.06 -17.21
N ASP G 88 27.69 -49.63 -16.87
CA ASP G 88 28.46 -50.12 -15.71
C ASP G 88 27.71 -50.88 -14.61
N ASP G 89 26.59 -50.32 -14.17
CA ASP G 89 25.73 -50.95 -13.16
C ASP G 89 26.46 -51.26 -11.85
N LEU G 90 26.72 -50.22 -11.08
CA LEU G 90 27.37 -50.35 -9.76
C LEU G 90 28.68 -51.12 -9.81
N SER G 91 28.72 -52.26 -9.11
CA SER G 91 29.90 -53.12 -9.04
C SER G 91 31.13 -52.39 -8.49
N GLN G 92 31.68 -51.48 -9.29
CA GLN G 92 32.85 -50.72 -8.88
C GLN G 92 32.49 -49.37 -8.27
N LEU G 93 31.23 -49.21 -7.88
CA LEU G 93 30.79 -47.99 -7.21
C LEU G 93 31.47 -47.85 -5.86
N ARG G 94 32.27 -46.80 -5.71
CA ARG G 94 33.08 -46.61 -4.52
C ARG G 94 32.31 -45.94 -3.39
N TYR G 95 31.21 -45.28 -3.73
CA TYR G 95 30.43 -44.55 -2.74
C TYR G 95 28.94 -44.85 -2.88
N GLY G 96 28.25 -44.93 -1.74
CA GLY G 96 26.82 -45.20 -1.72
C GLY G 96 26.01 -44.07 -2.31
N LYS G 97 26.33 -42.84 -1.89
CA LYS G 97 25.60 -41.67 -2.36
C LYS G 97 26.55 -40.62 -2.94
N ILE G 98 26.22 -40.12 -4.13
CA ILE G 98 26.99 -39.05 -4.76
C ILE G 98 26.19 -37.76 -4.75
N CYS G 99 26.59 -36.83 -3.89
CA CYS G 99 25.85 -35.57 -3.72
C CYS G 99 26.58 -34.38 -4.33
N ILE G 100 25.85 -33.60 -5.13
CA ILE G 100 26.41 -32.40 -5.75
C ILE G 100 26.23 -31.20 -4.84
N LEU G 101 27.34 -30.57 -4.46
CA LEU G 101 27.30 -29.42 -3.56
C LEU G 101 27.87 -28.17 -4.21
N ALA G 102 26.98 -27.22 -4.53
CA ALA G 102 27.38 -25.93 -5.06
C ALA G 102 26.60 -24.83 -4.36
N ASP G 103 27.13 -23.60 -4.38
CA ASP G 103 26.46 -22.50 -3.70
C ASP G 103 25.18 -22.08 -4.41
N ALA G 104 24.41 -21.21 -3.76
CA ALA G 104 23.09 -20.82 -4.25
C ALA G 104 23.10 -19.84 -5.42
N ASP G 105 24.23 -19.75 -6.10
CA ASP G 105 24.33 -18.90 -7.30
C ASP G 105 23.44 -19.45 -8.41
N SER G 106 23.21 -18.63 -9.43
CA SER G 106 22.61 -19.11 -10.67
C SER G 106 23.65 -19.94 -11.39
N ASP G 107 24.91 -19.55 -11.24
CA ASP G 107 26.03 -20.29 -11.78
C ASP G 107 26.15 -21.65 -11.10
N GLY G 108 25.82 -21.69 -9.81
CA GLY G 108 25.80 -22.93 -9.07
C GLY G 108 24.77 -23.90 -9.63
N LEU G 109 23.60 -23.36 -9.95
CA LEU G 109 22.54 -24.16 -10.56
C LEU G 109 22.92 -24.56 -11.98
N HIS G 110 23.76 -23.75 -12.62
CA HIS G 110 24.25 -24.07 -13.96
C HIS G 110 25.18 -25.27 -13.89
N ILE G 111 26.12 -25.24 -12.96
CA ILE G 111 27.03 -26.36 -12.72
C ILE G 111 26.25 -27.60 -12.34
N ALA G 112 25.23 -27.42 -11.50
CA ALA G 112 24.36 -28.50 -11.10
C ALA G 112 23.67 -29.15 -12.31
N THR G 113 23.14 -28.30 -13.18
CA THR G 113 22.47 -28.78 -14.39
C THR G 113 23.44 -29.48 -15.34
N LEU G 114 24.69 -29.00 -15.36
CA LEU G 114 25.72 -29.63 -16.18
C LEU G 114 26.05 -31.02 -15.68
N LEU G 115 26.26 -31.14 -14.37
CA LEU G 115 26.52 -32.43 -13.75
C LEU G 115 25.34 -33.38 -13.93
N CYS G 116 24.14 -32.82 -13.89
CA CYS G 116 22.92 -33.61 -14.11
C CYS G 116 22.84 -34.09 -15.55
N ALA G 117 23.32 -33.28 -16.49
CA ALA G 117 23.36 -33.68 -17.88
C ALA G 117 24.36 -34.81 -18.09
N LEU G 118 25.56 -34.61 -17.55
CA LEU G 118 26.62 -35.61 -17.62
C LEU G 118 26.17 -36.95 -17.03
N PHE G 119 25.51 -36.90 -15.89
CA PHE G 119 25.03 -38.11 -15.22
C PHE G 119 23.85 -38.76 -15.94
N VAL G 120 22.89 -37.96 -16.40
CA VAL G 120 21.74 -38.50 -17.09
C VAL G 120 22.12 -39.17 -18.41
N ARG G 121 22.98 -38.51 -19.18
CA ARG G 121 23.35 -39.00 -20.51
C ARG G 121 24.34 -40.18 -20.47
N HIS G 122 25.31 -40.12 -19.57
CA HIS G 122 26.39 -41.10 -19.57
C HIS G 122 26.32 -42.11 -18.43
N PHE G 123 25.49 -41.84 -17.43
CA PHE G 123 25.37 -42.73 -16.27
C PHE G 123 23.91 -42.93 -15.86
N ARG G 124 23.06 -43.20 -16.84
CA ARG G 124 21.61 -43.31 -16.60
C ARG G 124 21.27 -44.36 -15.54
N THR G 125 22.05 -45.44 -15.50
CA THR G 125 21.83 -46.50 -14.52
C THR G 125 22.06 -45.99 -13.09
N LEU G 126 23.03 -45.11 -12.93
CA LEU G 126 23.37 -44.56 -11.62
C LEU G 126 22.25 -43.66 -11.09
N VAL G 127 21.71 -42.83 -11.97
CA VAL G 127 20.63 -41.92 -11.60
C VAL G 127 19.32 -42.68 -11.39
N LYS G 128 19.12 -43.73 -12.17
CA LYS G 128 17.92 -44.55 -12.06
C LYS G 128 17.94 -45.37 -10.78
N GLU G 129 19.13 -45.80 -10.37
CA GLU G 129 19.28 -46.58 -9.14
C GLU G 129 19.13 -45.70 -7.90
N GLY G 130 19.18 -44.39 -8.10
CA GLY G 130 19.01 -43.44 -7.01
C GLY G 130 20.29 -43.25 -6.21
N HIS G 131 21.31 -42.71 -6.85
CA HIS G 131 22.58 -42.43 -6.17
C HIS G 131 22.97 -40.96 -6.34
N VAL G 132 22.24 -40.26 -7.20
CA VAL G 132 22.50 -38.84 -7.44
C VAL G 132 21.69 -37.96 -6.48
N TYR G 133 22.39 -37.18 -5.67
CA TYR G 133 21.75 -36.31 -4.70
C TYR G 133 22.13 -34.86 -4.90
N VAL G 134 21.19 -33.96 -4.63
CA VAL G 134 21.46 -32.52 -4.70
C VAL G 134 21.46 -31.92 -3.29
N ALA G 135 22.55 -31.23 -2.95
CA ALA G 135 22.67 -30.60 -1.64
C ALA G 135 22.13 -29.18 -1.69
N LEU G 136 21.11 -28.90 -0.89
CA LEU G 136 20.48 -27.59 -0.87
C LEU G 136 20.98 -26.76 0.31
N PRO G 137 21.82 -25.75 0.01
CA PRO G 137 22.38 -24.87 1.05
C PRO G 137 21.43 -23.72 1.37
N PRO G 138 21.52 -23.17 2.60
CA PRO G 138 20.62 -22.09 3.05
C PRO G 138 20.95 -20.77 2.38
N LEU G 139 19.93 -19.97 2.11
CA LEU G 139 20.13 -18.64 1.52
C LEU G 139 20.29 -17.58 2.59
N TYR G 140 19.60 -17.77 3.72
CA TYR G 140 19.68 -16.81 4.82
C TYR G 140 19.93 -17.49 6.16
N ARG G 141 20.61 -16.78 7.06
CA ARG G 141 20.82 -17.25 8.42
C ARG G 141 20.52 -16.15 9.42
N ILE G 142 19.61 -16.41 10.35
CA ILE G 142 19.20 -15.41 11.33
C ILE G 142 19.58 -15.84 12.74
N TYR G 150 18.47 -20.77 10.26
CA TYR G 150 18.82 -21.00 8.86
C TYR G 150 17.57 -21.07 7.99
N ALA G 151 17.67 -20.55 6.76
CA ALA G 151 16.54 -20.54 5.85
C ALA G 151 16.98 -20.77 4.40
N LEU G 152 16.30 -21.68 3.71
CA LEU G 152 16.63 -21.99 2.32
C LEU G 152 15.83 -21.12 1.36
N VAL G 173 19.92 -11.28 10.27
CA VAL G 173 20.03 -11.97 9.00
C VAL G 173 21.45 -11.86 8.45
N GLN G 174 21.99 -12.97 7.98
CA GLN G 174 23.37 -13.02 7.50
C GLN G 174 23.47 -13.09 5.98
N ARG G 175 22.71 -14.02 5.39
CA ARG G 175 22.70 -14.24 3.93
C ARG G 175 24.07 -14.65 3.38
N PHE G 176 24.22 -15.93 3.09
CA PHE G 176 25.47 -16.46 2.56
C PHE G 176 25.57 -16.22 1.06
N LYS G 177 26.65 -15.55 0.64
CA LYS G 177 26.87 -15.25 -0.77
C LYS G 177 27.43 -16.45 -1.52
N GLY G 178 28.04 -17.38 -0.80
CA GLY G 178 28.61 -18.57 -1.39
C GLY G 178 29.10 -19.56 -0.37
N LEU G 179 29.60 -20.70 -0.83
CA LEU G 179 30.12 -21.73 0.05
C LEU G 179 31.48 -21.31 0.60
N GLY G 180 32.20 -20.51 -0.17
CA GLY G 180 33.51 -20.03 0.24
C GLY G 180 33.43 -19.01 1.36
N GLU G 181 32.31 -18.31 1.44
CA GLU G 181 32.15 -17.23 2.41
C GLU G 181 31.64 -17.72 3.78
N MET G 182 31.08 -18.92 3.81
CA MET G 182 30.54 -19.46 5.05
C MET G 182 31.56 -20.29 5.82
N ASN G 183 31.51 -20.18 7.15
CA ASN G 183 32.41 -20.90 8.03
C ASN G 183 32.26 -22.42 7.88
N PRO G 184 33.36 -23.16 8.07
CA PRO G 184 33.39 -24.63 7.96
C PRO G 184 32.31 -25.33 8.78
N MET G 185 32.12 -24.92 10.03
CA MET G 185 31.11 -25.53 10.89
C MET G 185 29.71 -25.27 10.35
N GLN G 186 29.50 -24.07 9.84
CA GLN G 186 28.22 -23.70 9.23
C GLN G 186 27.97 -24.57 8.01
N LEU G 187 29.00 -24.82 7.22
CA LEU G 187 28.91 -25.68 6.05
C LEU G 187 28.57 -27.10 6.48
N ARG G 188 29.15 -27.52 7.61
CA ARG G 188 28.89 -28.86 8.15
C ARG G 188 27.44 -29.03 8.55
N GLU G 189 26.93 -28.08 9.32
CA GLU G 189 25.55 -28.10 9.78
C GLU G 189 24.56 -27.98 8.62
N THR G 190 24.95 -27.22 7.60
CA THR G 190 24.05 -26.91 6.49
C THR G 190 23.98 -27.99 5.40
N THR G 191 25.11 -28.60 5.09
CA THR G 191 25.17 -29.50 3.93
C THR G 191 25.88 -30.83 4.17
N LEU G 192 26.55 -30.97 5.30
CA LEU G 192 27.34 -32.17 5.56
C LEU G 192 26.68 -33.13 6.55
N ASP G 193 26.57 -32.70 7.81
CA ASP G 193 26.02 -33.56 8.87
C ASP G 193 24.61 -34.03 8.56
N PRO G 194 24.43 -35.36 8.41
CA PRO G 194 23.16 -35.98 7.99
C PRO G 194 22.01 -35.66 8.92
N ASN G 195 22.28 -35.49 10.22
CA ASN G 195 21.25 -35.20 11.19
C ASN G 195 20.67 -33.79 11.03
N THR G 196 21.42 -32.90 10.39
CA THR G 196 21.01 -31.52 10.24
C THR G 196 21.00 -31.06 8.77
N ARG G 197 21.42 -31.94 7.88
CA ARG G 197 21.52 -31.59 6.46
C ARG G 197 20.16 -31.48 5.79
N ARG G 198 20.16 -30.91 4.58
CA ARG G 198 18.96 -30.87 3.76
C ARG G 198 19.29 -31.28 2.33
N LEU G 199 19.53 -32.57 2.13
CA LEU G 199 19.89 -33.08 0.81
C LEU G 199 18.73 -33.82 0.17
N VAL G 200 18.37 -33.41 -1.05
CA VAL G 200 17.26 -34.03 -1.77
C VAL G 200 17.77 -35.10 -2.73
N GLN G 201 16.97 -36.15 -2.93
CA GLN G 201 17.34 -37.22 -3.84
C GLN G 201 16.74 -37.00 -5.22
N LEU G 202 17.61 -36.94 -6.23
CA LEU G 202 17.16 -36.76 -7.61
C LEU G 202 16.87 -38.09 -8.26
N VAL G 203 15.64 -38.25 -8.75
CA VAL G 203 15.21 -39.51 -9.34
C VAL G 203 14.51 -39.31 -10.68
N ILE G 204 14.69 -40.27 -11.58
CA ILE G 204 14.01 -40.24 -12.88
C ILE G 204 13.13 -41.48 -13.03
N SER G 205 11.98 -41.46 -12.37
CA SER G 205 11.07 -42.60 -12.37
C SER G 205 10.51 -42.91 -13.76
N ASP G 206 9.91 -44.09 -13.89
CA ASP G 206 9.29 -44.51 -15.15
C ASP G 206 8.17 -43.55 -15.56
N GLU G 207 7.93 -43.48 -16.87
CA GLU G 207 6.93 -42.56 -17.45
C GLU G 207 7.32 -41.09 -17.32
N ASP G 208 8.31 -40.80 -16.48
CA ASP G 208 8.85 -39.47 -16.34
C ASP G 208 10.22 -39.41 -17.02
N GLU G 209 10.76 -40.59 -17.32
CA GLU G 209 12.05 -40.70 -17.99
C GLU G 209 11.98 -40.18 -19.43
N GLN G 210 10.80 -40.27 -20.02
CA GLN G 210 10.58 -39.78 -21.38
C GLN G 210 10.64 -38.26 -21.40
N GLN G 211 9.93 -37.63 -20.47
CA GLN G 211 9.93 -36.18 -20.35
C GLN G 211 11.31 -35.68 -19.93
N THR G 212 11.98 -36.45 -19.08
CA THR G 212 13.31 -36.11 -18.60
C THR G 212 14.30 -36.00 -19.76
N THR G 213 14.33 -37.02 -20.61
CA THR G 213 15.20 -37.03 -21.77
C THR G 213 14.80 -35.93 -22.76
N ALA G 214 13.52 -35.60 -22.78
CA ALA G 214 12.99 -34.59 -23.69
C ALA G 214 13.30 -33.16 -23.22
N ILE G 215 12.98 -32.88 -21.95
CA ILE G 215 13.19 -31.55 -21.39
C ILE G 215 14.67 -31.18 -21.31
N MET G 216 15.49 -32.12 -20.85
CA MET G 216 16.93 -31.90 -20.72
C MET G 216 17.60 -31.67 -22.08
N ASP G 217 16.98 -32.17 -23.14
CA ASP G 217 17.54 -32.06 -24.49
C ASP G 217 17.57 -30.60 -24.98
N MET G 218 16.41 -29.95 -24.97
CA MET G 218 16.32 -28.57 -25.46
C MET G 218 17.19 -27.61 -24.67
N LEU G 219 17.52 -27.97 -23.44
CA LEU G 219 18.35 -27.14 -22.58
C LEU G 219 19.83 -27.20 -22.94
N LEU G 220 20.35 -28.40 -23.14
CA LEU G 220 21.79 -28.59 -23.29
C LEU G 220 22.23 -28.94 -24.72
N ALA G 221 21.35 -28.73 -25.69
CA ALA G 221 21.69 -29.00 -27.09
C ALA G 221 22.33 -27.79 -27.74
N LYS G 222 23.51 -27.99 -28.32
CA LYS G 222 24.26 -26.92 -28.97
C LYS G 222 23.46 -26.24 -30.07
N LYS G 223 22.62 -27.01 -30.75
CA LYS G 223 21.74 -26.47 -31.77
C LYS G 223 20.50 -25.86 -31.12
N ARG G 224 19.35 -26.00 -31.79
CA ARG G 224 18.07 -25.53 -31.26
C ARG G 224 18.09 -24.03 -30.98
N SER G 225 18.52 -23.65 -29.77
CA SER G 225 18.68 -22.26 -29.37
C SER G 225 17.37 -21.45 -29.38
N GLU G 226 16.70 -21.41 -30.53
CA GLU G 226 15.43 -20.72 -30.66
C GLU G 226 14.37 -21.32 -29.74
N ASP G 227 14.43 -22.65 -29.59
CA ASP G 227 13.53 -23.35 -28.69
C ASP G 227 13.74 -22.89 -27.25
N ARG G 228 14.99 -22.57 -26.93
CA ARG G 228 15.33 -22.03 -25.61
C ARG G 228 14.80 -20.61 -25.44
N ARG G 229 14.84 -19.84 -26.53
CA ARG G 229 14.28 -18.49 -26.53
C ARG G 229 12.79 -18.55 -26.22
N ASN G 230 12.08 -19.39 -26.97
CA ASN G 230 10.64 -19.55 -26.78
C ASN G 230 10.29 -20.13 -25.41
N TRP G 231 11.15 -21.01 -24.90
CA TRP G 231 10.98 -21.59 -23.58
C TRP G 231 11.10 -20.54 -22.49
N LEU G 232 12.11 -19.68 -22.61
CA LEU G 232 12.30 -18.60 -21.66
C LEU G 232 11.18 -17.57 -21.78
N GLN G 233 10.64 -17.44 -22.99
CA GLN G 233 9.56 -16.51 -23.27
C GLN G 233 8.26 -16.95 -22.59
N GLU G 234 7.87 -18.20 -22.83
CA GLU G 234 6.63 -18.74 -22.27
C GLU G 234 6.64 -18.74 -20.73
N LYS G 235 7.80 -18.99 -20.16
CA LYS G 235 7.95 -19.00 -18.71
C LYS G 235 8.16 -17.60 -18.16
N GLU G 251 12.03 -34.78 0.40
CA GLU G 251 13.16 -35.68 0.57
C GLU G 251 13.62 -36.24 -0.78
N ARG G 252 12.77 -36.12 -1.79
CA ARG G 252 13.09 -36.59 -3.12
C ARG G 252 12.39 -35.73 -4.17
N LEU G 253 13.09 -35.44 -5.26
CA LEU G 253 12.54 -34.59 -6.31
C LEU G 253 12.83 -35.15 -7.70
N ALA G 254 11.90 -34.92 -8.62
CA ALA G 254 12.05 -35.36 -10.01
C ALA G 254 13.18 -34.61 -10.69
N LEU G 255 14.10 -35.35 -11.30
CA LEU G 255 15.25 -34.77 -11.98
C LEU G 255 14.86 -33.81 -13.10
N HIS G 256 13.76 -34.11 -13.79
CA HIS G 256 13.30 -33.26 -14.89
C HIS G 256 12.75 -31.93 -14.36
N GLU G 257 12.17 -31.97 -13.17
CA GLU G 257 11.63 -30.77 -12.54
C GLU G 257 12.76 -29.88 -12.03
N PHE G 258 13.81 -30.51 -11.51
CA PHE G 258 14.95 -29.78 -10.98
C PHE G 258 15.74 -29.11 -12.08
N THR G 259 16.03 -29.85 -13.15
CA THR G 259 16.81 -29.33 -14.27
C THR G 259 16.11 -28.17 -14.95
N GLU G 260 14.80 -28.27 -15.09
CA GLU G 260 14.01 -27.23 -15.75
C GLU G 260 13.97 -25.94 -14.95
N ASN G 261 13.87 -26.06 -13.63
CA ASN G 261 13.83 -24.90 -12.76
C ASN G 261 15.20 -24.29 -12.50
N ALA G 262 16.21 -25.13 -12.41
CA ALA G 262 17.58 -24.67 -12.18
C ALA G 262 18.14 -23.92 -13.38
N TYR G 263 17.93 -24.48 -14.57
CA TYR G 263 18.43 -23.88 -15.79
C TYR G 263 17.71 -22.57 -16.11
N LEU G 264 16.48 -22.44 -15.62
CA LEU G 264 15.71 -21.22 -15.79
C LEU G 264 16.34 -20.07 -15.01
N ASN G 265 16.78 -20.37 -13.80
CA ASN G 265 17.44 -19.39 -12.93
C ASN G 265 18.70 -18.83 -13.59
N TYR G 266 19.57 -19.72 -14.05
CA TYR G 266 20.81 -19.31 -14.69
C TYR G 266 20.55 -18.52 -15.98
N SER G 267 19.62 -19.01 -16.79
CA SER G 267 19.26 -18.36 -18.04
C SER G 267 18.77 -16.93 -17.78
N MET G 268 17.80 -16.80 -16.89
CA MET G 268 17.24 -15.49 -16.55
C MET G 268 18.27 -14.55 -15.93
N TYR G 269 19.15 -15.10 -15.10
CA TYR G 269 20.18 -14.30 -14.45
C TYR G 269 21.21 -13.77 -15.45
N VAL G 270 21.64 -14.63 -16.37
CA VAL G 270 22.62 -14.24 -17.37
C VAL G 270 22.01 -13.25 -18.37
N ILE G 271 20.77 -13.50 -18.78
CA ILE G 271 20.08 -12.60 -19.69
C ILE G 271 19.86 -11.21 -19.10
N MET G 272 19.27 -11.17 -17.91
CA MET G 272 18.89 -9.92 -17.28
C MET G 272 20.05 -9.17 -16.62
N ASP G 273 20.95 -9.91 -15.98
CA ASP G 273 21.99 -9.29 -15.16
C ASP G 273 23.41 -9.69 -15.52
N ARG G 274 23.69 -9.86 -16.81
CA ARG G 274 25.04 -10.22 -17.24
C ARG G 274 25.36 -9.84 -18.69
N ALA G 275 24.75 -10.55 -19.63
CA ALA G 275 25.15 -10.47 -21.03
C ALA G 275 24.50 -9.32 -21.81
N LEU G 276 23.24 -9.03 -21.50
CA LEU G 276 22.51 -8.01 -22.24
C LEU G 276 22.55 -6.65 -21.56
N PRO G 277 22.80 -5.59 -22.34
CA PRO G 277 22.86 -4.22 -21.82
C PRO G 277 21.48 -3.59 -21.71
N PHE G 278 21.38 -2.53 -20.90
CA PHE G 278 20.12 -1.80 -20.74
C PHE G 278 20.07 -0.63 -21.71
N ILE G 279 18.90 -0.43 -22.33
CA ILE G 279 18.74 0.58 -23.38
C ILE G 279 19.03 2.01 -22.90
N GLY G 280 18.88 2.25 -21.61
CA GLY G 280 19.09 3.56 -21.04
C GLY G 280 20.51 4.07 -21.19
N ASP G 281 21.44 3.44 -20.47
CA ASP G 281 22.84 3.87 -20.48
C ASP G 281 23.73 2.96 -21.32
N GLY G 282 23.15 1.92 -21.90
CA GLY G 282 23.88 0.99 -22.75
C GLY G 282 24.97 0.24 -22.01
N LEU G 283 24.74 -0.03 -20.73
CA LEU G 283 25.74 -0.66 -19.89
C LEU G 283 25.27 -2.00 -19.32
N LYS G 284 26.24 -2.88 -19.06
CA LYS G 284 25.98 -4.12 -18.35
C LYS G 284 26.23 -3.87 -16.87
N PRO G 285 25.59 -4.67 -15.98
CA PRO G 285 25.72 -4.52 -14.52
C PRO G 285 27.16 -4.33 -14.06
N VAL G 286 28.08 -5.11 -14.61
CA VAL G 286 29.50 -5.01 -14.24
C VAL G 286 30.06 -3.63 -14.54
N GLN G 287 29.81 -3.15 -15.76
CA GLN G 287 30.32 -1.85 -16.20
C GLN G 287 29.72 -0.72 -15.37
N ARG G 288 28.41 -0.79 -15.14
CA ARG G 288 27.71 0.20 -14.34
C ARG G 288 28.29 0.26 -12.94
N ARG G 289 28.48 -0.91 -12.34
CA ARG G 289 29.07 -1.00 -11.01
C ARG G 289 30.48 -0.42 -10.98
N ILE G 290 31.25 -0.68 -12.03
CA ILE G 290 32.61 -0.15 -12.11
C ILE G 290 32.64 1.37 -12.18
N VAL G 291 31.92 1.94 -13.14
CA VAL G 291 31.91 3.40 -13.31
C VAL G 291 31.32 4.12 -12.11
N TYR G 292 30.32 3.51 -11.48
CA TYR G 292 29.72 4.10 -10.28
C TYR G 292 30.66 4.03 -9.09
N ALA G 293 31.35 2.91 -8.94
CA ALA G 293 32.30 2.75 -7.85
C ALA G 293 33.50 3.68 -8.05
N MET G 294 33.77 4.03 -9.30
CA MET G 294 34.81 5.00 -9.61
C MET G 294 34.32 6.41 -9.28
N SER G 295 33.04 6.66 -9.54
CA SER G 295 32.43 7.94 -9.19
C SER G 295 32.48 8.16 -7.68
N GLU G 296 32.18 7.10 -6.92
CA GLU G 296 32.22 7.14 -5.47
C GLU G 296 33.64 7.33 -4.96
N LEU G 297 34.60 6.80 -5.70
CA LEU G 297 36.01 6.91 -5.34
C LEU G 297 36.55 8.29 -5.71
N GLY G 298 35.72 9.08 -6.36
CA GLY G 298 36.09 10.44 -6.73
C GLY G 298 37.05 10.50 -7.89
N LEU G 299 37.20 9.39 -8.60
CA LEU G 299 38.09 9.31 -9.74
C LEU G 299 37.50 9.96 -10.98
N ASN G 300 37.30 11.28 -10.93
CA ASN G 300 36.78 12.02 -12.08
C ASN G 300 37.90 12.33 -13.07
N ALA G 301 37.52 12.79 -14.26
CA ALA G 301 38.47 13.06 -15.33
C ALA G 301 39.51 14.11 -14.95
N SER G 302 39.15 14.99 -14.02
CA SER G 302 40.04 16.05 -13.57
C SER G 302 40.84 15.62 -12.34
N ALA G 303 40.50 14.46 -11.79
CA ALA G 303 41.14 13.96 -10.57
C ALA G 303 42.43 13.21 -10.87
N LYS G 304 43.24 13.01 -9.84
CA LYS G 304 44.51 12.28 -9.98
C LYS G 304 44.26 10.78 -10.09
N PHE G 305 45.16 10.09 -10.78
CA PHE G 305 45.04 8.65 -10.96
C PHE G 305 45.19 7.88 -9.65
N LYS G 306 44.39 6.85 -9.49
CA LYS G 306 44.50 5.96 -8.34
C LYS G 306 44.70 4.53 -8.82
N LYS G 307 45.32 3.70 -7.99
CA LYS G 307 45.60 2.32 -8.34
C LYS G 307 44.33 1.55 -8.69
N SER G 308 44.42 0.72 -9.73
CA SER G 308 43.27 -0.04 -10.21
C SER G 308 42.79 -1.05 -9.18
N ALA G 309 43.72 -1.54 -8.37
CA ALA G 309 43.40 -2.51 -7.32
C ALA G 309 42.42 -1.92 -6.30
N ARG G 310 42.53 -0.62 -6.05
CA ARG G 310 41.64 0.06 -5.13
C ARG G 310 40.20 0.05 -5.65
N THR G 311 40.02 0.51 -6.88
CA THR G 311 38.71 0.59 -7.49
C THR G 311 38.08 -0.79 -7.68
N VAL G 312 38.91 -1.76 -8.07
CA VAL G 312 38.44 -3.14 -8.22
C VAL G 312 37.97 -3.69 -6.87
N GLY G 313 38.81 -3.52 -5.85
CA GLY G 313 38.46 -3.96 -4.51
C GLY G 313 37.21 -3.29 -3.98
N ASP G 314 36.96 -2.06 -4.41
CA ASP G 314 35.73 -1.35 -4.06
C ASP G 314 34.52 -1.94 -4.79
N VAL G 315 34.70 -2.24 -6.07
CA VAL G 315 33.64 -2.83 -6.88
C VAL G 315 33.21 -4.17 -6.28
N LEU G 316 34.19 -4.98 -5.88
CA LEU G 316 33.89 -6.27 -5.26
C LEU G 316 33.31 -6.12 -3.85
N GLY G 317 33.87 -5.18 -3.08
CA GLY G 317 33.50 -5.02 -1.70
C GLY G 317 32.19 -4.27 -1.48
N LYS G 318 31.66 -3.65 -2.53
CA LYS G 318 30.44 -2.86 -2.39
C LYS G 318 29.27 -3.37 -3.22
N TYR G 319 29.51 -3.58 -4.52
CA TYR G 319 28.41 -3.82 -5.44
C TYR G 319 28.47 -5.16 -6.18
N HIS G 320 29.64 -5.55 -6.66
CA HIS G 320 29.77 -6.75 -7.48
C HIS G 320 30.22 -7.96 -6.67
N PRO G 321 29.33 -8.96 -6.52
CA PRO G 321 29.62 -10.16 -5.74
C PRO G 321 30.28 -11.26 -6.58
N HIS G 322 31.24 -10.88 -7.41
CA HIS G 322 31.92 -11.85 -8.28
C HIS G 322 33.45 -11.78 -8.10
N GLY G 323 34.17 -12.23 -9.11
CA GLY G 323 35.61 -12.27 -9.07
C GLY G 323 36.25 -10.96 -9.48
N ASP G 324 37.48 -10.74 -9.03
CA ASP G 324 38.22 -9.52 -9.35
C ASP G 324 38.84 -9.59 -10.74
N SER G 325 39.11 -10.81 -11.20
CA SER G 325 39.75 -11.03 -12.50
C SER G 325 38.88 -10.56 -13.66
N ALA G 326 37.65 -11.09 -13.72
CA ALA G 326 36.71 -10.73 -14.76
C ALA G 326 36.34 -9.24 -14.71
N CYS G 327 36.26 -8.70 -13.50
CA CYS G 327 35.95 -7.30 -13.31
C CYS G 327 37.02 -6.40 -13.90
N TYR G 328 38.27 -6.65 -13.51
CA TYR G 328 39.41 -5.89 -14.02
C TYR G 328 39.57 -6.12 -15.53
N GLU G 329 39.12 -7.27 -16.00
CA GLU G 329 39.14 -7.58 -17.42
C GLU G 329 38.18 -6.67 -18.17
N ALA G 330 36.94 -6.59 -17.68
CA ALA G 330 35.92 -5.73 -18.28
C ALA G 330 36.34 -4.26 -18.23
N MET G 331 36.93 -3.88 -17.10
CA MET G 331 37.44 -2.53 -16.90
C MET G 331 38.52 -2.19 -17.93
N VAL G 332 39.49 -3.10 -18.07
CA VAL G 332 40.55 -2.95 -19.06
C VAL G 332 39.97 -2.83 -20.46
N LEU G 333 38.91 -3.60 -20.72
CA LEU G 333 38.22 -3.52 -22.00
C LEU G 333 37.60 -2.15 -22.21
N MET G 334 37.08 -1.57 -21.14
CA MET G 334 36.48 -0.23 -21.20
C MET G 334 37.54 0.85 -21.35
N ALA G 335 38.77 0.55 -20.95
CA ALA G 335 39.84 1.55 -20.99
C ALA G 335 40.56 1.61 -22.34
N GLN G 336 40.34 0.60 -23.17
CA GLN G 336 41.04 0.49 -24.45
C GLN G 336 40.38 1.29 -25.57
N PRO G 337 41.13 2.23 -26.17
CA PRO G 337 40.66 3.09 -27.26
C PRO G 337 40.35 2.30 -28.52
N PHE G 338 41.05 1.18 -28.71
CA PHE G 338 40.86 0.34 -29.88
C PHE G 338 39.72 -0.65 -29.68
N SER G 339 39.34 -0.86 -28.42
CA SER G 339 38.23 -1.75 -28.10
C SER G 339 36.94 -0.95 -27.94
N TYR G 340 37.05 0.20 -27.28
CA TYR G 340 35.91 1.09 -27.06
C TYR G 340 36.01 2.34 -27.95
N ARG G 341 34.93 2.62 -28.67
CA ARG G 341 34.86 3.82 -29.51
C ARG G 341 34.96 5.07 -28.63
N TYR G 342 34.15 5.09 -27.57
CA TYR G 342 34.24 6.15 -26.57
C TYR G 342 34.49 5.52 -25.20
N PRO G 343 35.77 5.33 -24.85
CA PRO G 343 36.17 4.65 -23.61
C PRO G 343 35.86 5.48 -22.38
N LEU G 344 35.88 4.86 -21.21
CA LEU G 344 35.65 5.58 -19.96
C LEU G 344 36.35 5.06 -18.68
N GLY G 345 37.67 4.81 -18.71
CA GLY G 345 38.49 4.86 -19.90
C GLY G 345 39.72 5.75 -19.88
N ASP G 346 40.30 5.99 -18.72
CA ASP G 346 41.59 6.69 -18.66
C ASP G 346 42.57 5.94 -17.76
N GLY G 347 43.60 5.35 -18.35
CA GLY G 347 44.54 4.54 -17.60
C GLY G 347 46.00 4.91 -17.75
N GLN G 348 46.79 4.59 -16.75
CA GLN G 348 48.24 4.76 -16.81
C GLN G 348 48.92 3.41 -16.74
N GLY G 349 49.95 3.21 -17.56
CA GLY G 349 50.66 1.95 -17.60
C GLY G 349 50.31 1.12 -18.82
N ASN G 350 50.58 -0.17 -18.75
CA ASN G 350 50.31 -1.08 -19.86
C ASN G 350 48.86 -1.59 -19.84
N TRP G 351 48.03 -1.03 -20.70
CA TRP G 351 46.64 -1.45 -20.80
C TRP G 351 46.38 -2.21 -22.10
N GLY G 352 47.45 -2.79 -22.66
CA GLY G 352 47.33 -3.59 -23.86
C GLY G 352 47.53 -2.79 -25.14
N ALA G 353 47.49 -3.49 -26.27
CA ALA G 353 47.66 -2.88 -27.58
C ALA G 353 47.02 -3.77 -28.64
N PRO G 354 46.67 -3.19 -29.80
CA PRO G 354 46.11 -4.01 -30.89
C PRO G 354 47.14 -4.94 -31.49
N LYS G 358 44.73 -6.83 -26.93
CA LYS G 358 45.52 -8.00 -26.52
C LYS G 358 45.55 -8.15 -25.00
N SER G 359 46.73 -8.38 -24.46
CA SER G 359 46.89 -8.58 -23.02
C SER G 359 47.60 -7.39 -22.40
N PHE G 360 47.48 -7.26 -21.08
CA PHE G 360 47.85 -6.02 -20.39
C PHE G 360 48.62 -6.27 -19.11
N ALA G 361 48.86 -5.20 -18.36
CA ALA G 361 49.55 -5.29 -17.08
C ALA G 361 48.59 -5.68 -15.96
N ALA G 362 49.14 -6.09 -14.83
CA ALA G 362 48.33 -6.48 -13.69
C ALA G 362 47.68 -5.27 -13.03
N MET G 363 46.62 -5.51 -12.26
CA MET G 363 45.90 -4.42 -11.59
C MET G 363 46.71 -3.83 -10.45
N ARG G 364 47.73 -4.55 -10.01
CA ARG G 364 48.59 -4.07 -8.92
C ARG G 364 49.56 -3.02 -9.42
N TYR G 365 49.63 -2.85 -10.73
CA TYR G 365 50.55 -1.91 -11.34
C TYR G 365 49.84 -0.72 -11.99
N THR G 366 48.73 -0.98 -12.67
CA THR G 366 48.04 0.06 -13.43
C THR G 366 47.23 1.00 -12.56
N GLU G 367 47.14 2.26 -12.98
CA GLU G 367 46.34 3.26 -12.29
C GLU G 367 45.23 3.73 -13.22
N SER G 368 44.09 4.10 -12.64
CA SER G 368 42.91 4.40 -13.46
C SER G 368 42.16 5.66 -13.06
N ARG G 369 41.24 6.06 -13.93
CA ARG G 369 40.45 7.27 -13.77
C ARG G 369 39.38 7.31 -14.87
N LEU G 370 38.21 7.83 -14.53
CA LEU G 370 37.11 7.96 -15.48
C LEU G 370 37.45 8.96 -16.59
N SER G 371 36.90 8.73 -17.77
CA SER G 371 37.09 9.64 -18.89
C SER G 371 36.16 10.84 -18.77
N LYS G 372 36.40 11.86 -19.60
CA LYS G 372 35.53 13.03 -19.65
C LYS G 372 34.19 12.65 -20.26
N TYR G 373 34.19 11.60 -21.06
CA TYR G 373 32.98 11.09 -21.68
C TYR G 373 32.06 10.45 -20.65
N ALA G 374 32.65 9.83 -19.64
CA ALA G 374 31.90 9.14 -18.59
C ALA G 374 30.97 10.08 -17.84
N GLU G 375 31.27 11.37 -17.89
CA GLU G 375 30.43 12.40 -17.29
C GLU G 375 29.00 12.30 -17.81
N LEU G 376 28.87 11.99 -19.10
CA LEU G 376 27.57 11.84 -19.75
C LEU G 376 26.69 10.81 -19.05
N LEU G 377 27.32 9.91 -18.30
CA LEU G 377 26.59 8.87 -17.58
C LEU G 377 26.49 9.17 -16.09
N LEU G 378 27.36 10.06 -15.60
CA LEU G 378 27.49 10.25 -14.15
C LEU G 378 27.01 11.61 -13.66
N SER G 379 26.98 12.60 -14.54
CA SER G 379 26.38 13.88 -14.19
C SER G 379 24.88 13.65 -14.03
N GLU G 380 24.24 14.49 -13.22
CA GLU G 380 22.80 14.38 -12.93
C GLU G 380 22.46 13.12 -12.15
N LEU G 381 23.44 12.54 -11.47
CA LEU G 381 23.21 11.31 -10.71
C LEU G 381 22.49 11.60 -9.40
N GLY G 382 23.05 12.50 -8.60
CA GLY G 382 22.48 12.84 -7.30
C GLY G 382 21.36 13.84 -7.36
N GLN G 383 20.64 13.86 -8.49
CA GLN G 383 19.55 14.80 -8.68
C GLN G 383 18.22 14.08 -8.89
N GLY G 384 18.06 12.95 -8.21
CA GLY G 384 16.83 12.18 -8.25
C GLY G 384 16.44 11.73 -9.64
N THR G 385 17.42 11.28 -10.42
CA THR G 385 17.18 10.91 -11.82
C THR G 385 17.03 9.40 -11.99
N VAL G 386 17.68 8.63 -11.14
CA VAL G 386 17.63 7.17 -11.23
C VAL G 386 17.12 6.54 -9.93
N ASP G 387 16.59 5.33 -10.05
CA ASP G 387 16.10 4.61 -8.88
C ASP G 387 17.24 3.87 -8.20
N TRP G 388 17.07 3.55 -6.92
CA TRP G 388 18.13 2.93 -6.14
C TRP G 388 17.70 1.65 -5.45
N VAL G 389 18.39 0.56 -5.74
CA VAL G 389 18.17 -0.72 -5.10
C VAL G 389 19.36 -1.03 -4.20
N PRO G 390 19.13 -1.69 -3.06
CA PRO G 390 20.25 -1.95 -2.15
C PRO G 390 21.14 -3.09 -2.64
N ASN G 391 22.39 -3.08 -2.20
CA ASN G 391 23.37 -4.07 -2.64
C ASN G 391 23.21 -5.43 -1.97
N PHE G 392 24.15 -6.34 -2.23
CA PHE G 392 24.06 -7.70 -1.73
C PHE G 392 24.13 -7.79 -0.21
N ASP G 393 24.94 -6.93 0.40
CA ASP G 393 25.08 -6.93 1.85
C ASP G 393 23.97 -6.12 2.52
N GLY G 394 23.34 -5.24 1.75
CA GLY G 394 22.27 -4.40 2.27
C GLY G 394 22.82 -3.24 3.07
N THR G 395 24.13 -3.05 3.04
CA THR G 395 24.78 -1.99 3.80
C THR G 395 24.80 -0.67 3.03
N LEU G 396 24.78 -0.76 1.70
CA LEU G 396 24.85 0.42 0.85
C LEU G 396 23.77 0.38 -0.22
N GLN G 397 23.68 1.44 -1.02
CA GLN G 397 22.72 1.50 -2.11
C GLN G 397 23.39 1.62 -3.47
N GLU G 398 22.68 1.18 -4.51
CA GLU G 398 23.24 1.09 -5.86
C GLU G 398 22.20 1.49 -6.89
N PRO G 399 22.60 2.32 -7.87
CA PRO G 399 21.69 2.80 -8.92
C PRO G 399 21.36 1.71 -9.93
N LYS G 400 20.07 1.58 -10.26
CA LYS G 400 19.63 0.61 -11.25
C LYS G 400 20.01 1.05 -12.66
N MET G 401 19.95 2.36 -12.89
CA MET G 401 20.34 2.92 -14.18
C MET G 401 21.28 4.10 -13.97
N LEU G 402 21.77 4.67 -15.07
CA LEU G 402 22.55 5.89 -15.01
C LEU G 402 21.92 6.98 -15.88
N PRO G 403 21.83 8.20 -15.35
CA PRO G 403 21.24 9.31 -16.11
C PRO G 403 22.08 9.67 -17.32
N ALA G 404 22.01 8.84 -18.37
CA ALA G 404 22.74 9.09 -19.60
C ALA G 404 22.20 10.32 -20.30
N ARG G 405 23.10 11.12 -20.87
CA ARG G 405 22.69 12.31 -21.60
C ARG G 405 22.74 12.04 -23.09
N LEU G 406 23.49 11.02 -23.47
CA LEU G 406 23.55 10.57 -24.86
C LEU G 406 23.40 9.05 -24.92
N PRO G 407 22.71 8.55 -25.96
CA PRO G 407 22.43 7.10 -26.06
C PRO G 407 23.69 6.28 -26.23
N ASN G 408 24.32 5.93 -25.10
CA ASN G 408 25.55 5.16 -25.10
C ASN G 408 25.39 3.77 -25.69
N ILE G 409 24.15 3.29 -25.72
CA ILE G 409 23.82 1.98 -26.28
C ILE G 409 24.20 1.93 -27.77
N LEU G 410 24.06 3.05 -28.45
CA LEU G 410 24.41 3.14 -29.86
C LEU G 410 25.84 3.65 -30.04
N LEU G 411 26.28 4.50 -29.12
CA LEU G 411 27.60 5.12 -29.21
C LEU G 411 28.73 4.10 -29.05
N ASN G 412 28.74 3.40 -27.92
CA ASN G 412 29.77 2.41 -27.65
C ASN G 412 29.41 1.03 -28.19
N GLY G 413 28.13 0.68 -28.07
CA GLY G 413 27.66 -0.64 -28.49
C GLY G 413 28.09 -1.71 -27.51
N THR G 414 27.61 -2.93 -27.74
CA THR G 414 27.95 -4.04 -26.85
C THR G 414 27.94 -5.38 -27.57
N THR G 415 28.71 -6.33 -27.05
CA THR G 415 28.73 -7.68 -27.56
C THR G 415 28.70 -8.65 -26.38
N GLY G 416 27.71 -9.52 -26.35
CA GLY G 416 27.56 -10.45 -25.24
C GLY G 416 26.82 -11.72 -25.61
N ILE G 417 27.03 -12.77 -24.81
CA ILE G 417 26.39 -14.05 -25.04
C ILE G 417 25.65 -14.52 -23.80
N ALA G 418 24.34 -14.73 -23.93
CA ALA G 418 23.53 -15.20 -22.82
C ALA G 418 23.08 -16.63 -23.06
N VAL G 419 22.06 -17.07 -22.32
CA VAL G 419 21.49 -18.39 -22.52
C VAL G 419 20.26 -18.28 -23.42
N GLY G 420 20.36 -18.82 -24.63
CA GLY G 420 19.27 -18.76 -25.59
C GLY G 420 19.37 -17.59 -26.54
N MET G 421 20.01 -16.51 -26.09
CA MET G 421 20.11 -15.30 -26.92
C MET G 421 21.45 -14.60 -26.75
N ALA G 422 21.74 -13.66 -27.65
CA ALA G 422 22.98 -12.90 -27.60
C ALA G 422 22.74 -11.46 -28.05
N THR G 423 23.79 -10.64 -27.98
CA THR G 423 23.70 -9.25 -28.40
C THR G 423 24.95 -8.80 -29.13
N ASP G 424 24.77 -8.12 -30.26
CA ASP G 424 25.89 -7.60 -31.03
C ASP G 424 25.57 -6.22 -31.60
N ILE G 425 26.01 -5.18 -30.90
CA ILE G 425 25.75 -3.81 -31.33
C ILE G 425 27.05 -3.08 -31.65
N PRO G 426 27.18 -2.59 -32.88
CA PRO G 426 28.37 -1.86 -33.34
C PRO G 426 28.39 -0.43 -32.82
N PRO G 427 29.58 0.16 -32.68
CA PRO G 427 29.71 1.56 -32.24
C PRO G 427 29.19 2.51 -33.30
N HIS G 428 28.86 3.74 -32.91
CA HIS G 428 28.38 4.74 -33.85
C HIS G 428 29.02 6.11 -33.57
N ASN G 429 28.83 7.03 -34.51
CA ASN G 429 29.35 8.39 -34.36
C ASN G 429 28.43 9.23 -33.48
N LEU G 430 29.01 9.86 -32.46
CA LEU G 430 28.26 10.64 -31.49
C LEU G 430 27.43 11.76 -32.13
N ARG G 431 28.09 12.53 -33.00
CA ARG G 431 27.45 13.65 -33.69
C ARG G 431 26.27 13.19 -34.54
N GLU G 432 26.46 12.09 -35.26
CA GLU G 432 25.43 11.56 -36.14
C GLU G 432 24.20 11.08 -35.38
N VAL G 433 24.44 10.32 -34.31
CA VAL G 433 23.34 9.81 -33.49
C VAL G 433 22.61 10.95 -32.79
N ALA G 434 23.36 11.94 -32.33
CA ALA G 434 22.78 13.12 -31.68
C ALA G 434 21.88 13.87 -32.67
N LYS G 435 22.40 14.08 -33.87
CA LYS G 435 21.64 14.75 -34.93
C LYS G 435 20.37 13.96 -35.27
N ALA G 436 20.48 12.64 -35.25
CA ALA G 436 19.34 11.77 -35.52
C ALA G 436 18.27 11.90 -34.43
N ALA G 437 18.72 11.97 -33.18
CA ALA G 437 17.81 12.12 -32.05
C ALA G 437 17.09 13.46 -32.08
N ILE G 438 17.86 14.52 -32.32
CA ILE G 438 17.29 15.87 -32.42
C ILE G 438 16.29 15.95 -33.57
N THR G 439 16.64 15.34 -34.70
CA THR G 439 15.75 15.27 -35.84
C THR G 439 14.47 14.50 -35.48
N LEU G 440 14.63 13.50 -34.62
CA LEU G 440 13.49 12.70 -34.18
C LEU G 440 12.57 13.50 -33.24
N ILE G 441 13.15 14.43 -32.50
CA ILE G 441 12.36 15.29 -31.62
C ILE G 441 11.63 16.38 -32.41
N GLU G 442 12.34 17.02 -33.33
CA GLU G 442 11.78 18.07 -34.16
C GLU G 442 10.62 17.57 -35.01
N GLN G 443 10.84 16.44 -35.68
CA GLN G 443 9.80 15.80 -36.48
C GLN G 443 9.63 14.35 -36.04
N PRO G 444 8.66 14.10 -35.15
CA PRO G 444 8.43 12.77 -34.58
C PRO G 444 7.94 11.75 -35.61
N LYS G 445 7.45 12.23 -36.75
CA LYS G 445 6.94 11.35 -37.79
C LYS G 445 8.06 10.89 -38.73
N THR G 446 9.30 11.18 -38.36
CA THR G 446 10.46 10.80 -39.15
C THR G 446 10.58 9.28 -39.30
N THR G 447 10.74 8.81 -40.52
CA THR G 447 10.88 7.38 -40.80
C THR G 447 12.31 6.90 -40.58
N LEU G 448 12.55 5.63 -40.85
CA LEU G 448 13.86 5.03 -40.65
C LEU G 448 14.88 5.49 -41.70
N ASP G 449 14.42 5.68 -42.93
CA ASP G 449 15.30 6.07 -44.03
C ASP G 449 15.89 7.45 -43.81
N GLU G 450 15.08 8.38 -43.34
CA GLU G 450 15.53 9.74 -43.07
C GLU G 450 16.55 9.77 -41.94
N LEU G 451 16.36 8.93 -40.94
CA LEU G 451 17.32 8.79 -39.86
C LEU G 451 18.60 8.19 -40.38
N LEU G 452 18.47 7.28 -41.35
CA LEU G 452 19.62 6.64 -41.97
C LEU G 452 20.40 7.62 -42.85
N ASP G 453 19.71 8.67 -43.31
CA ASP G 453 20.35 9.71 -44.10
C ASP G 453 21.22 10.59 -43.21
N ILE G 454 21.00 10.52 -41.90
CA ILE G 454 21.80 11.26 -40.94
C ILE G 454 22.89 10.36 -40.39
N VAL G 455 22.49 9.23 -39.82
CA VAL G 455 23.44 8.23 -39.34
C VAL G 455 23.84 7.30 -40.48
N GLN G 456 25.04 7.51 -41.01
CA GLN G 456 25.55 6.73 -42.14
C GLN G 456 25.57 5.24 -41.82
N GLY G 457 25.95 4.92 -40.58
CA GLY G 457 26.04 3.54 -40.13
C GLY G 457 26.98 3.41 -38.96
N PRO G 458 27.51 2.20 -38.74
CA PRO G 458 28.46 1.93 -37.66
C PRO G 458 29.76 2.73 -37.83
N ASP G 459 30.34 3.18 -36.72
CA ASP G 459 31.60 3.89 -36.76
C ASP G 459 32.60 3.24 -35.81
N PHE G 460 33.53 2.48 -36.38
CA PHE G 460 34.51 1.75 -35.59
C PHE G 460 35.76 2.59 -35.37
N PRO G 461 36.42 2.42 -34.20
CA PRO G 461 37.63 3.15 -33.86
C PRO G 461 38.89 2.52 -34.46
N THR G 462 38.85 2.22 -35.76
CA THR G 462 39.95 1.54 -36.41
C THR G 462 40.23 2.07 -37.81
N GLU G 463 39.74 3.28 -38.10
CA GLU G 463 39.82 3.86 -39.43
C GLU G 463 39.22 2.91 -40.45
N ALA G 464 39.87 2.80 -41.61
CA ALA G 464 39.50 1.82 -42.64
C ALA G 464 38.11 2.03 -43.25
N GLU G 465 37.88 1.39 -44.38
CA GLU G 465 36.60 1.50 -45.08
C GLU G 465 35.60 0.48 -44.58
N ILE G 466 34.33 0.85 -44.57
CA ILE G 466 33.26 -0.09 -44.26
C ILE G 466 32.52 -0.43 -45.55
N ILE G 467 33.05 -1.39 -46.30
CA ILE G 467 32.51 -1.75 -47.60
C ILE G 467 31.20 -2.54 -47.49
N THR G 468 30.09 -1.81 -47.51
CA THR G 468 28.77 -2.41 -47.45
C THR G 468 27.75 -1.47 -48.08
N SER G 469 26.94 -2.00 -48.98
CA SER G 469 25.92 -1.21 -49.68
C SER G 469 25.01 -0.50 -48.71
N ARG G 470 24.71 0.77 -48.99
CA ARG G 470 23.82 1.57 -48.15
C ARG G 470 22.46 0.91 -48.01
N ALA G 471 22.04 0.18 -49.03
CA ALA G 471 20.80 -0.57 -49.00
C ALA G 471 20.90 -1.74 -48.03
N GLU G 472 22.04 -2.41 -48.04
CA GLU G 472 22.30 -3.52 -47.12
C GLU G 472 22.31 -3.05 -45.68
N ILE G 473 22.95 -1.90 -45.44
CA ILE G 473 22.97 -1.28 -44.12
C ILE G 473 21.56 -0.91 -43.70
N ARG G 474 20.81 -0.34 -44.65
CA ARG G 474 19.42 0.05 -44.42
C ARG G 474 18.59 -1.15 -44.00
N LYS G 475 18.84 -2.29 -44.62
CA LYS G 475 18.13 -3.52 -44.28
C LYS G 475 18.55 -4.02 -42.90
N ILE G 476 19.85 -3.96 -42.62
CA ILE G 476 20.39 -4.38 -41.34
C ILE G 476 19.80 -3.59 -40.18
N TYR G 477 19.62 -2.30 -40.38
CA TYR G 477 19.04 -1.43 -39.36
C TYR G 477 17.52 -1.51 -39.30
N GLN G 478 16.89 -1.75 -40.44
CA GLN G 478 15.43 -1.87 -40.49
C GLN G 478 14.95 -3.17 -39.86
N ASN G 479 15.76 -4.21 -39.93
CA ASN G 479 15.40 -5.51 -39.40
C ASN G 479 16.06 -5.82 -38.05
N GLY G 480 17.07 -5.03 -37.70
CA GLY G 480 17.74 -5.18 -36.42
C GLY G 480 18.77 -6.30 -36.38
N ARG G 481 18.87 -7.06 -37.46
CA ARG G 481 19.84 -8.14 -37.54
C ARG G 481 20.54 -8.15 -38.89
N GLY G 482 21.79 -8.59 -38.91
CA GLY G 482 22.56 -8.64 -40.14
C GLY G 482 24.05 -8.74 -39.90
N SER G 483 24.84 -8.33 -40.89
CA SER G 483 26.29 -8.37 -40.79
C SER G 483 26.92 -7.24 -41.60
N VAL G 484 27.93 -6.58 -41.03
CA VAL G 484 28.62 -5.50 -41.72
C VAL G 484 30.09 -5.83 -41.91
N ARG G 485 30.60 -5.64 -43.12
CA ARG G 485 31.98 -5.99 -43.43
C ARG G 485 32.89 -4.78 -43.58
N MET G 486 34.11 -4.90 -43.07
CA MET G 486 35.12 -3.85 -43.19
C MET G 486 36.31 -4.35 -44.00
N ARG G 487 37.02 -3.40 -44.61
CA ARG G 487 38.18 -3.72 -45.43
C ARG G 487 39.33 -2.74 -45.15
N ALA G 488 40.55 -3.26 -45.12
CA ALA G 488 41.73 -2.44 -44.85
C ALA G 488 41.92 -1.35 -45.89
N VAL G 489 42.56 -0.26 -45.48
CA VAL G 489 42.85 0.85 -46.37
C VAL G 489 44.30 0.78 -46.87
N TRP G 490 44.46 0.67 -48.18
CA TRP G 490 45.79 0.52 -48.76
C TRP G 490 46.03 1.50 -49.91
N SER G 491 47.29 1.82 -50.15
CA SER G 491 47.67 2.75 -51.23
C SER G 491 48.94 2.28 -51.93
N LYS G 492 49.02 2.56 -53.23
CA LYS G 492 50.18 2.17 -54.03
C LYS G 492 51.17 3.32 -54.16
N GLU G 493 52.35 3.16 -53.55
CA GLU G 493 53.38 4.20 -53.58
C GLU G 493 54.73 3.64 -53.15
N ASP G 494 55.63 3.43 -54.10
CA ASP G 494 55.33 3.67 -55.51
C ASP G 494 55.42 2.36 -56.28
N GLY G 495 54.28 1.86 -56.73
CA GLY G 495 54.22 0.56 -57.38
C GLY G 495 54.06 -0.56 -56.36
N ALA G 496 54.45 -0.28 -55.12
CA ALA G 496 54.30 -1.24 -54.04
C ALA G 496 53.07 -0.91 -53.21
N VAL G 497 52.45 -1.94 -52.61
CA VAL G 497 51.23 -1.76 -51.83
C VAL G 497 51.53 -1.56 -50.36
N VAL G 498 51.01 -0.47 -49.80
CA VAL G 498 51.19 -0.16 -48.38
C VAL G 498 49.84 -0.01 -47.67
N ILE G 499 49.61 -0.86 -46.67
CA ILE G 499 48.40 -0.78 -45.87
C ILE G 499 48.61 0.19 -44.71
N THR G 500 47.70 1.15 -44.58
CA THR G 500 47.84 2.21 -43.59
C THR G 500 46.76 2.12 -42.52
N ALA G 501 45.79 1.23 -42.72
CA ALA G 501 44.70 1.06 -41.77
C ALA G 501 44.13 -0.35 -41.82
N LEU G 502 43.89 -0.92 -40.65
CA LEU G 502 43.35 -2.28 -40.56
C LEU G 502 41.93 -2.27 -40.02
N PRO G 503 41.13 -3.29 -40.38
CA PRO G 503 39.76 -3.39 -39.87
C PRO G 503 39.71 -3.56 -38.35
N HIS G 504 38.53 -3.39 -37.77
CA HIS G 504 38.36 -3.47 -36.32
C HIS G 504 38.70 -4.85 -35.79
N GLN G 505 39.41 -4.89 -34.67
CA GLN G 505 39.80 -6.14 -34.01
C GLN G 505 40.68 -7.03 -34.88
N VAL G 506 41.48 -6.40 -35.73
CA VAL G 506 42.46 -7.13 -36.54
C VAL G 506 43.83 -7.03 -35.89
N SER G 507 44.47 -8.18 -35.67
CA SER G 507 45.73 -8.23 -34.93
C SER G 507 46.86 -7.51 -35.64
N GLY G 508 46.84 -7.54 -36.98
CA GLY G 508 47.89 -6.92 -37.76
C GLY G 508 49.10 -7.83 -37.92
N ALA G 509 49.62 -8.32 -36.80
CA ALA G 509 50.69 -9.29 -36.82
C ALA G 509 50.19 -10.62 -37.37
N LYS G 510 48.94 -10.94 -37.05
CA LYS G 510 48.31 -12.16 -37.55
C LYS G 510 48.07 -12.09 -39.05
N VAL G 511 47.75 -10.90 -39.55
CA VAL G 511 47.57 -10.68 -40.98
C VAL G 511 48.90 -10.89 -41.71
N LEU G 512 49.94 -10.27 -41.16
CA LEU G 512 51.29 -10.41 -41.69
C LEU G 512 51.72 -11.87 -41.72
N GLU G 513 51.42 -12.59 -40.64
CA GLU G 513 51.73 -14.01 -40.54
C GLU G 513 50.93 -14.81 -41.57
N GLN G 514 49.70 -14.39 -41.83
CA GLN G 514 48.85 -15.04 -42.82
C GLN G 514 49.43 -14.90 -44.22
N ILE G 515 49.73 -13.67 -44.61
CA ILE G 515 50.32 -13.41 -45.92
C ILE G 515 51.67 -14.11 -46.07
N ALA G 516 52.45 -14.12 -45.00
CA ALA G 516 53.78 -14.74 -45.02
C ALA G 516 53.69 -16.25 -45.17
N ALA G 517 52.72 -16.86 -44.49
CA ALA G 517 52.51 -18.30 -44.61
C ALA G 517 51.99 -18.65 -45.99
N GLN G 518 51.10 -17.82 -46.52
CA GLN G 518 50.55 -18.02 -47.85
C GLN G 518 51.64 -17.91 -48.91
N MET G 519 52.62 -17.06 -48.66
CA MET G 519 53.79 -16.95 -49.53
C MET G 519 54.67 -18.18 -49.38
N ARG G 520 54.79 -18.66 -48.14
CA ARG G 520 55.62 -19.81 -47.82
C ARG G 520 55.08 -21.08 -48.50
N ASN G 521 53.76 -21.12 -48.70
CA ASN G 521 53.15 -22.25 -49.39
C ASN G 521 53.12 -22.05 -50.91
N LYS G 522 53.96 -21.14 -51.39
CA LYS G 522 54.12 -20.86 -52.82
C LYS G 522 52.81 -20.46 -53.50
N LYS G 523 51.89 -19.91 -52.74
CA LYS G 523 50.60 -19.47 -53.28
C LYS G 523 50.67 -18.02 -53.75
N LEU G 524 51.74 -17.32 -53.35
CA LEU G 524 51.91 -15.92 -53.72
C LEU G 524 53.31 -15.64 -54.26
N PRO G 525 53.55 -16.03 -55.52
CA PRO G 525 54.84 -15.76 -56.19
C PRO G 525 54.87 -14.35 -56.78
N MET G 526 53.71 -13.69 -56.79
CA MET G 526 53.60 -12.34 -57.32
C MET G 526 54.28 -11.33 -56.38
N VAL G 527 54.24 -11.62 -55.09
CA VAL G 527 54.81 -10.73 -54.09
C VAL G 527 56.30 -11.03 -53.87
N ASP G 528 57.13 -10.01 -54.07
CA ASP G 528 58.58 -10.18 -53.93
C ASP G 528 59.01 -10.19 -52.47
N ASP G 529 58.51 -9.24 -51.68
CA ASP G 529 58.90 -9.12 -50.29
C ASP G 529 57.82 -8.47 -49.43
N LEU G 530 57.74 -8.88 -48.18
CA LEU G 530 56.79 -8.29 -47.24
C LEU G 530 57.52 -7.65 -46.06
N ARG G 531 57.30 -6.36 -45.87
CA ARG G 531 58.00 -5.61 -44.82
C ARG G 531 57.01 -4.90 -43.90
N ASP G 532 57.34 -4.84 -42.62
CA ASP G 532 56.51 -4.11 -41.65
C ASP G 532 57.19 -2.81 -41.24
N GLU G 533 56.78 -1.71 -41.86
CA GLU G 533 57.35 -0.40 -41.56
C GLU G 533 56.51 0.34 -40.54
N SER G 534 55.76 -0.41 -39.73
CA SER G 534 54.92 0.18 -38.70
C SER G 534 55.78 0.74 -37.56
N ASP G 535 55.89 2.06 -37.51
CA ASP G 535 56.69 2.73 -36.49
C ASP G 535 55.80 3.53 -35.53
N HIS G 536 56.45 4.33 -34.68
CA HIS G 536 55.73 5.17 -33.74
C HIS G 536 54.87 6.21 -34.45
N GLU G 537 55.41 6.78 -35.52
CA GLU G 537 54.71 7.78 -36.31
C GLU G 537 53.53 7.16 -37.06
N ASN G 538 53.79 6.03 -37.72
CA ASN G 538 52.75 5.31 -38.45
C ASN G 538 52.41 3.99 -37.75
N PRO G 539 51.32 3.97 -36.98
CA PRO G 539 50.90 2.81 -36.18
C PRO G 539 50.71 1.56 -37.02
N THR G 540 49.96 1.67 -38.11
CA THR G 540 49.74 0.55 -39.00
C THR G 540 50.32 0.83 -40.38
N ARG G 541 51.44 0.20 -40.69
CA ARG G 541 52.08 0.35 -41.99
C ARG G 541 52.62 -0.97 -42.49
N LEU G 542 51.83 -1.68 -43.30
CA LEU G 542 52.25 -2.97 -43.82
C LEU G 542 52.57 -2.88 -45.31
N VAL G 543 53.86 -2.96 -45.64
CA VAL G 543 54.30 -2.80 -47.03
C VAL G 543 54.45 -4.13 -47.75
N ILE G 544 53.84 -4.24 -48.92
CA ILE G 544 53.96 -5.42 -49.76
C ILE G 544 54.55 -5.07 -51.13
N VAL G 545 55.80 -5.45 -51.34
CA VAL G 545 56.50 -5.13 -52.59
C VAL G 545 56.43 -6.29 -53.56
N PRO G 546 55.90 -6.04 -54.77
CA PRO G 546 55.72 -7.04 -55.83
C PRO G 546 56.96 -7.19 -56.71
N ARG G 547 57.15 -8.39 -57.26
CA ARG G 547 58.23 -8.63 -58.21
C ARG G 547 57.83 -8.12 -59.59
N SER G 548 58.63 -7.18 -60.11
CA SER G 548 58.35 -6.50 -61.38
C SER G 548 57.10 -5.62 -61.34
N ASN G 549 57.08 -4.57 -62.15
CA ASN G 549 55.98 -3.63 -62.16
C ASN G 549 54.86 -4.05 -63.11
N ARG G 550 54.95 -5.27 -63.62
CA ARG G 550 53.94 -5.80 -64.53
C ARG G 550 52.88 -6.59 -63.79
N VAL G 551 53.21 -7.03 -62.57
CA VAL G 551 52.29 -7.81 -61.77
C VAL G 551 51.12 -6.98 -61.29
N ASP G 552 49.92 -7.53 -61.43
CA ASP G 552 48.70 -6.85 -60.99
C ASP G 552 48.56 -6.93 -59.47
N MET G 553 48.99 -5.89 -58.78
CA MET G 553 48.93 -5.86 -57.32
C MET G 553 47.49 -5.73 -56.81
N GLU G 554 46.60 -5.31 -57.70
CA GLU G 554 45.19 -5.19 -57.37
C GLU G 554 44.55 -6.56 -57.21
N GLN G 555 44.91 -7.48 -58.11
CA GLN G 555 44.42 -8.85 -58.04
C GLN G 555 44.92 -9.53 -56.78
N VAL G 556 46.19 -9.29 -56.47
CA VAL G 556 46.79 -9.81 -55.24
C VAL G 556 46.09 -9.23 -54.02
N MET G 557 45.73 -7.95 -54.09
CA MET G 557 45.05 -7.28 -52.99
C MET G 557 43.65 -7.86 -52.75
N ASN G 558 42.92 -8.11 -53.83
CA ASN G 558 41.61 -8.75 -53.74
C ASN G 558 41.74 -10.16 -53.19
N HIS G 559 42.80 -10.85 -53.62
CA HIS G 559 43.10 -12.19 -53.14
C HIS G 559 43.38 -12.18 -51.64
N LEU G 560 44.02 -11.12 -51.17
CA LEU G 560 44.32 -10.97 -49.75
C LEU G 560 43.05 -10.61 -48.98
N PHE G 561 42.14 -9.93 -49.65
CA PHE G 561 40.84 -9.60 -49.06
C PHE G 561 40.00 -10.86 -48.88
N ALA G 562 40.13 -11.78 -49.84
CA ALA G 562 39.38 -13.04 -49.80
C ALA G 562 40.00 -14.07 -48.85
N THR G 563 41.33 -14.10 -48.80
CA THR G 563 42.04 -15.11 -48.02
C THR G 563 42.44 -14.62 -46.63
N THR G 564 43.19 -13.53 -46.56
CA THR G 564 43.69 -13.02 -45.29
C THR G 564 42.60 -12.30 -44.50
N ASP G 565 43.00 -11.66 -43.41
CA ASP G 565 42.05 -10.99 -42.52
C ASP G 565 42.00 -9.49 -42.76
N LEU G 566 42.41 -9.06 -43.96
CA LEU G 566 42.35 -7.65 -44.32
C LEU G 566 40.90 -7.21 -44.50
N GLU G 567 40.03 -8.18 -44.76
CA GLU G 567 38.60 -7.92 -44.82
C GLU G 567 37.92 -8.80 -43.78
N LYS G 568 37.11 -8.18 -42.92
CA LYS G 568 36.48 -8.91 -41.83
C LYS G 568 34.98 -8.66 -41.74
N SER G 569 34.23 -9.70 -41.38
CA SER G 569 32.79 -9.58 -41.20
C SER G 569 32.46 -9.40 -39.74
N TYR G 570 31.41 -8.62 -39.46
CA TYR G 570 31.01 -8.33 -38.08
C TYR G 570 29.52 -8.57 -37.89
N ARG G 571 29.19 -9.39 -36.89
CA ARG G 571 27.79 -9.70 -36.60
C ARG G 571 27.08 -8.48 -36.03
N ILE G 572 25.84 -8.29 -36.44
CA ILE G 572 25.01 -7.20 -35.92
C ILE G 572 23.67 -7.72 -35.45
N ASN G 573 23.42 -7.59 -34.15
CA ASN G 573 22.17 -8.03 -33.54
C ASN G 573 21.74 -7.06 -32.45
N LEU G 574 20.92 -6.09 -32.80
CA LEU G 574 20.53 -5.03 -31.88
C LEU G 574 19.59 -5.52 -30.79
N ASN G 575 20.06 -6.49 -29.99
CA ASN G 575 19.28 -7.02 -28.89
C ASN G 575 19.69 -6.36 -27.57
N MET G 576 18.70 -5.92 -26.81
CA MET G 576 18.96 -5.21 -25.56
C MET G 576 17.78 -5.30 -24.61
N ILE G 577 17.98 -4.89 -23.36
CA ILE G 577 16.93 -4.87 -22.37
C ILE G 577 16.22 -3.51 -22.40
N GLY G 578 14.97 -3.52 -22.86
CA GLY G 578 14.20 -2.29 -22.98
C GLY G 578 13.74 -1.73 -21.66
N LEU G 579 13.04 -0.60 -21.72
CA LEU G 579 12.51 0.06 -20.52
C LEU G 579 11.42 -0.78 -19.87
N ASP G 580 10.85 -1.71 -20.63
CA ASP G 580 9.82 -2.61 -20.11
C ASP G 580 10.40 -3.56 -19.08
N GLY G 581 11.70 -3.83 -19.20
CA GLY G 581 12.38 -4.74 -18.29
C GLY G 581 12.63 -6.10 -18.92
N ARG G 582 12.21 -6.25 -20.17
CA ARG G 582 12.39 -7.50 -20.90
C ARG G 582 13.24 -7.27 -22.15
N PRO G 583 14.10 -8.25 -22.48
CA PRO G 583 14.99 -8.14 -23.64
C PRO G 583 14.23 -8.30 -24.96
N ALA G 584 14.64 -7.56 -25.98
CA ALA G 584 14.01 -7.63 -27.29
C ALA G 584 14.90 -7.00 -28.37
N VAL G 585 14.83 -7.55 -29.57
CA VAL G 585 15.55 -6.99 -30.70
C VAL G 585 14.80 -5.78 -31.25
N LYS G 586 15.51 -4.66 -31.39
CA LYS G 586 14.87 -3.41 -31.81
C LYS G 586 15.64 -2.76 -32.96
N ASN G 587 14.90 -2.10 -33.85
CA ASN G 587 15.51 -1.36 -34.95
C ASN G 587 15.92 0.04 -34.50
N LEU G 588 16.67 0.74 -35.33
CA LEU G 588 17.22 2.05 -35.01
C LEU G 588 16.17 3.06 -34.53
N LEU G 589 15.03 3.08 -35.23
CA LEU G 589 13.94 3.98 -34.88
C LEU G 589 13.40 3.69 -33.48
N GLU G 590 13.23 2.41 -33.18
CA GLU G 590 12.74 1.98 -31.87
C GLU G 590 13.73 2.34 -30.77
N ILE G 591 15.02 2.12 -31.04
CA ILE G 591 16.07 2.43 -30.08
C ILE G 591 16.11 3.92 -29.76
N LEU G 592 16.17 4.74 -30.82
CA LEU G 592 16.21 6.19 -30.65
C LEU G 592 14.96 6.73 -29.96
N SER G 593 13.80 6.20 -30.34
CA SER G 593 12.54 6.63 -29.73
C SER G 593 12.47 6.28 -28.24
N GLU G 594 12.69 5.01 -27.92
CA GLU G 594 12.64 4.55 -26.53
C GLU G 594 13.66 5.27 -25.67
N TRP G 595 14.86 5.47 -26.22
CA TRP G 595 15.88 6.22 -25.50
C TRP G 595 15.44 7.67 -25.28
N LEU G 596 14.76 8.23 -26.28
CA LEU G 596 14.23 9.59 -26.15
C LEU G 596 13.23 9.66 -25.01
N VAL G 597 12.43 8.60 -24.86
CA VAL G 597 11.51 8.48 -23.75
C VAL G 597 12.26 8.46 -22.42
N PHE G 598 13.28 7.61 -22.33
CA PHE G 598 14.11 7.52 -21.12
C PHE G 598 14.73 8.86 -20.73
N ARG G 599 15.31 9.54 -21.71
CA ARG G 599 15.97 10.82 -21.50
C ARG G 599 14.96 11.86 -21.04
N ARG G 600 13.79 11.86 -21.68
CA ARG G 600 12.72 12.78 -21.33
C ARG G 600 12.33 12.58 -19.87
N ASP G 601 12.18 11.32 -19.48
CA ASP G 601 11.82 10.98 -18.11
C ASP G 601 12.88 11.45 -17.10
N THR G 602 14.13 11.13 -17.37
CA THR G 602 15.22 11.49 -16.46
C THR G 602 15.37 13.00 -16.32
N VAL G 603 15.26 13.71 -17.44
CA VAL G 603 15.33 15.17 -17.43
C VAL G 603 14.17 15.76 -16.61
N ARG G 604 12.98 15.20 -16.80
CA ARG G 604 11.81 15.62 -16.03
C ARG G 604 12.03 15.43 -14.53
N ARG G 605 12.61 14.29 -14.15
CA ARG G 605 12.89 14.00 -12.75
C ARG G 605 13.92 14.96 -12.17
N ARG G 606 14.96 15.27 -12.96
CA ARG G 606 15.97 16.23 -12.54
C ARG G 606 15.33 17.58 -12.26
N LEU G 607 14.51 18.02 -13.22
CA LEU G 607 13.80 19.28 -13.11
C LEU G 607 12.92 19.34 -11.86
N ASN G 608 12.18 18.28 -11.60
CA ASN G 608 11.33 18.21 -10.41
C ASN G 608 12.13 18.25 -9.11
N HIS G 609 13.24 17.52 -9.07
CA HIS G 609 14.12 17.52 -7.90
C HIS G 609 14.63 18.92 -7.60
N ARG G 610 15.20 19.55 -8.62
CA ARG G 610 15.71 20.91 -8.51
C ARG G 610 14.60 21.87 -8.08
N LEU G 611 13.40 21.65 -8.61
CA LEU G 611 12.24 22.45 -8.27
C LEU G 611 11.94 22.37 -6.78
N GLU G 612 11.87 21.15 -6.26
CA GLU G 612 11.61 20.94 -4.84
C GLU G 612 12.66 21.63 -3.96
N LYS G 613 13.93 21.44 -4.32
CA LYS G 613 15.02 22.09 -3.60
C LYS G 613 14.85 23.61 -3.56
N VAL G 614 14.62 24.20 -4.74
CA VAL G 614 14.43 25.64 -4.87
C VAL G 614 13.26 26.14 -4.02
N LEU G 615 12.13 25.43 -4.09
CA LEU G 615 10.96 25.80 -3.30
C LEU G 615 11.24 25.80 -1.79
N LYS G 616 11.84 24.71 -1.30
CA LYS G 616 12.18 24.63 0.11
C LYS G 616 13.10 25.78 0.54
N ARG G 617 14.14 26.01 -0.26
CA ARG G 617 15.09 27.09 0.03
C ARG G 617 14.40 28.44 0.05
N LEU G 618 13.45 28.64 -0.86
CA LEU G 618 12.67 29.88 -0.91
C LEU G 618 11.86 30.07 0.36
N HIS G 619 11.24 28.99 0.83
CA HIS G 619 10.48 29.02 2.08
C HIS G 619 11.36 29.45 3.25
N ILE G 620 12.48 28.75 3.40
CA ILE G 620 13.43 29.07 4.47
C ILE G 620 13.92 30.52 4.38
N LEU G 621 14.20 30.97 3.17
CA LEU G 621 14.65 32.35 2.93
C LEU G 621 13.62 33.38 3.33
N GLU G 622 12.36 33.12 2.99
CA GLU G 622 11.26 33.99 3.38
C GLU G 622 11.22 34.08 4.91
N GLY G 623 11.35 32.93 5.56
CA GLY G 623 11.42 32.90 7.01
C GLY G 623 12.54 33.75 7.56
N LEU G 624 13.71 33.63 6.95
CA LEU G 624 14.90 34.37 7.38
C LEU G 624 14.71 35.87 7.23
N LEU G 625 14.15 36.31 6.11
CA LEU G 625 13.88 37.72 5.88
C LEU G 625 12.88 38.25 6.91
N VAL G 626 11.86 37.44 7.19
CA VAL G 626 10.90 37.80 8.24
C VAL G 626 11.63 38.00 9.57
N ALA G 627 12.57 37.10 9.87
CA ALA G 627 13.38 37.22 11.08
C ALA G 627 14.19 38.52 11.13
N PHE G 628 14.95 38.78 10.06
CA PHE G 628 15.75 40.00 9.94
C PHE G 628 14.92 41.27 10.08
N LEU G 629 13.71 41.26 9.53
CA LEU G 629 12.84 42.44 9.60
C LEU G 629 12.52 42.82 11.05
N ASN G 630 12.45 41.82 11.92
CA ASN G 630 12.19 42.05 13.34
C ASN G 630 13.16 41.27 14.22
N ILE G 631 14.45 41.49 14.01
CA ILE G 631 15.49 40.72 14.69
C ILE G 631 15.53 40.92 16.20
N ASP G 632 15.31 42.16 16.64
CA ASP G 632 15.35 42.48 18.06
C ASP G 632 14.29 41.71 18.85
N GLU G 633 13.06 41.72 18.33
CA GLU G 633 11.97 41.01 18.97
C GLU G 633 12.19 39.50 18.93
N VAL G 634 12.80 39.02 17.84
CA VAL G 634 13.12 37.60 17.71
C VAL G 634 14.09 37.17 18.81
N ILE G 635 15.23 37.84 18.90
CA ILE G 635 16.23 37.54 19.91
C ILE G 635 15.65 37.68 21.31
N GLU G 636 14.80 38.68 21.49
CA GLU G 636 14.08 38.87 22.74
C GLU G 636 13.28 37.62 23.09
N ILE G 637 12.50 37.13 22.14
CA ILE G 637 11.73 35.91 22.31
C ILE G 637 12.64 34.73 22.67
N ILE G 638 13.80 34.67 22.02
CA ILE G 638 14.75 33.59 22.28
C ILE G 638 15.24 33.63 23.73
N ARG G 639 15.52 34.81 24.25
CA ARG G 639 16.09 34.94 25.58
C ARG G 639 15.07 35.34 26.66
N THR G 640 13.78 35.22 26.37
CA THR G 640 12.76 35.58 27.34
C THR G 640 11.59 34.58 27.38
N GLU G 641 11.48 33.76 26.33
CA GLU G 641 10.40 32.79 26.26
C GLU G 641 10.91 31.37 26.42
N ASP G 642 10.24 30.60 27.30
CA ASP G 642 10.58 29.20 27.49
C ASP G 642 10.18 28.41 26.25
N GLU G 643 11.18 27.80 25.59
CA GLU G 643 10.99 27.14 24.30
C GLU G 643 10.45 28.13 23.27
N PRO G 644 11.36 28.83 22.59
CA PRO G 644 10.97 29.92 21.68
C PRO G 644 10.54 29.43 20.29
N LYS G 645 10.78 28.15 19.99
CA LYS G 645 10.42 27.59 18.69
C LYS G 645 8.93 27.76 18.33
N PRO G 646 8.01 27.31 19.22
CA PRO G 646 6.60 27.54 18.86
C PRO G 646 6.20 28.98 19.14
N ALA G 647 6.97 29.68 19.95
CA ALA G 647 6.71 31.09 20.24
C ALA G 647 6.99 31.95 19.03
N LEU G 648 8.05 31.60 18.29
CA LEU G 648 8.40 32.31 17.07
C LEU G 648 7.34 32.09 15.99
N MET G 649 6.78 30.89 15.96
CA MET G 649 5.74 30.53 15.01
C MET G 649 4.50 31.38 15.17
N SER G 650 4.07 31.56 16.43
CA SER G 650 2.86 32.31 16.74
C SER G 650 3.02 33.82 16.50
N ARG G 651 4.15 34.37 16.92
CA ARG G 651 4.35 35.81 16.89
C ARG G 651 4.56 36.38 15.49
N PHE G 652 5.04 35.56 14.57
CA PHE G 652 5.38 36.03 13.23
C PHE G 652 4.62 35.32 12.12
N GLY G 653 3.90 34.26 12.47
CA GLY G 653 3.24 33.44 11.47
C GLY G 653 4.29 32.74 10.63
N ILE G 654 4.97 31.78 11.25
CA ILE G 654 6.13 31.15 10.63
C ILE G 654 6.10 29.64 10.86
N SER G 655 6.52 28.89 9.84
CA SER G 655 6.51 27.43 9.90
C SER G 655 7.60 26.91 10.82
N GLU G 656 7.43 25.67 11.30
CA GLU G 656 8.41 25.05 12.18
C GLU G 656 9.78 24.96 11.51
N THR G 657 9.77 24.75 10.19
CA THR G 657 11.00 24.70 9.41
C THR G 657 11.68 26.06 9.40
N GLN G 658 10.89 27.10 9.15
CA GLN G 658 11.42 28.47 9.14
C GLN G 658 11.88 28.87 10.53
N ALA G 659 11.15 28.41 11.55
CA ALA G 659 11.50 28.69 12.94
C ALA G 659 12.85 28.07 13.28
N GLU G 660 13.02 26.82 12.90
CA GLU G 660 14.30 26.13 13.10
C GLU G 660 15.41 26.82 12.32
N ALA G 661 15.07 27.33 11.13
CA ALA G 661 16.03 28.07 10.31
C ALA G 661 16.50 29.33 11.03
N ILE G 662 15.56 30.06 11.62
CA ILE G 662 15.88 31.25 12.39
C ILE G 662 16.74 30.90 13.61
N LEU G 663 16.37 29.80 14.27
CA LEU G 663 17.10 29.33 15.44
C LEU G 663 18.53 28.91 15.09
N GLU G 664 18.73 28.51 13.85
CA GLU G 664 20.03 28.02 13.40
C GLU G 664 20.88 29.13 12.78
N LEU G 665 20.35 30.34 12.75
CA LEU G 665 21.08 31.49 12.25
C LEU G 665 22.28 31.79 13.15
N LYS G 666 23.37 32.23 12.55
CA LYS G 666 24.57 32.60 13.29
C LYS G 666 24.61 34.10 13.54
N LEU G 667 25.34 34.51 14.57
CA LEU G 667 25.46 35.92 14.91
C LEU G 667 26.08 36.72 13.76
N ARG G 668 27.04 36.10 13.09
CA ARG G 668 27.73 36.74 11.98
C ARG G 668 26.80 36.98 10.79
N HIS G 669 25.64 36.33 10.81
CA HIS G 669 24.64 36.51 9.78
C HIS G 669 23.76 37.74 10.05
N LEU G 670 23.98 38.39 11.18
CA LEU G 670 23.17 39.56 11.54
C LEU G 670 23.64 40.82 10.82
N ALA G 671 24.77 40.72 10.12
CA ALA G 671 25.28 41.84 9.34
C ALA G 671 24.37 42.16 8.16
N LYS G 672 24.60 43.32 7.54
CA LYS G 672 23.74 43.79 6.45
C LYS G 672 24.05 43.05 5.14
N LEU G 673 25.32 42.76 4.92
CA LEU G 673 25.76 42.07 3.72
C LEU G 673 25.07 40.71 3.59
N GLU G 674 24.81 40.08 4.74
CA GLU G 674 24.11 38.80 4.76
C GLU G 674 22.66 38.95 4.31
N GLU G 675 22.01 40.02 4.73
CA GLU G 675 20.64 40.29 4.31
C GLU G 675 20.60 40.57 2.81
N MET G 676 21.62 41.28 2.32
CA MET G 676 21.73 41.56 0.89
C MET G 676 21.88 40.29 0.09
N LYS G 677 22.81 39.44 0.51
CA LYS G 677 23.04 38.15 -0.12
C LYS G 677 21.78 37.29 -0.13
N ILE G 678 21.11 37.24 1.01
CA ILE G 678 19.88 36.46 1.14
C ILE G 678 18.76 36.97 0.23
N ARG G 679 18.62 38.28 0.13
CA ARG G 679 17.58 38.87 -0.73
C ARG G 679 17.87 38.62 -2.21
N GLY G 680 19.13 38.81 -2.60
CA GLY G 680 19.55 38.55 -3.97
C GLY G 680 19.34 37.10 -4.35
N GLU G 681 19.75 36.20 -3.45
CA GLU G 681 19.55 34.78 -3.65
C GLU G 681 18.07 34.45 -3.76
N GLN G 682 17.25 35.19 -3.01
CA GLN G 682 15.81 35.01 -3.06
C GLN G 682 15.28 35.37 -4.44
N SER G 683 15.73 36.49 -4.98
CA SER G 683 15.33 36.92 -6.32
C SER G 683 15.73 35.89 -7.38
N GLU G 684 17.01 35.51 -7.35
CA GLU G 684 17.54 34.52 -8.27
C GLU G 684 16.74 33.22 -8.23
N LEU G 685 16.49 32.73 -7.02
CA LEU G 685 15.74 31.49 -6.82
C LEU G 685 14.29 31.63 -7.28
N GLU G 686 13.73 32.84 -7.16
CA GLU G 686 12.38 33.09 -7.65
C GLU G 686 12.34 32.95 -9.16
N LYS G 687 13.31 33.58 -9.84
CA LYS G 687 13.40 33.50 -11.29
C LYS G 687 13.59 32.06 -11.76
N GLU G 688 14.51 31.36 -11.10
CA GLU G 688 14.80 29.96 -11.43
C GLU G 688 13.58 29.07 -11.19
N ARG G 689 12.84 29.34 -10.13
CA ARG G 689 11.63 28.59 -9.83
C ARG G 689 10.59 28.80 -10.91
N ASP G 690 10.43 30.05 -11.34
CA ASP G 690 9.51 30.37 -12.43
C ASP G 690 9.89 29.64 -13.71
N GLN G 691 11.19 29.64 -14.03
CA GLN G 691 11.68 28.96 -15.21
C GLN G 691 11.41 27.45 -15.16
N LEU G 692 11.77 26.83 -14.04
CA LEU G 692 11.57 25.40 -13.84
C LEU G 692 10.11 25.02 -13.95
N GLN G 693 9.24 25.76 -13.25
CA GLN G 693 7.82 25.50 -13.29
C GLN G 693 7.24 25.70 -14.69
N ALA G 694 7.82 26.64 -15.43
CA ALA G 694 7.40 26.89 -16.80
C ALA G 694 7.73 25.71 -17.70
N ILE G 695 8.98 25.26 -17.65
CA ILE G 695 9.43 24.14 -18.47
C ILE G 695 8.71 22.83 -18.12
N LEU G 696 8.30 22.71 -16.86
CA LEU G 696 7.64 21.49 -16.38
C LEU G 696 6.23 21.31 -16.94
N ALA G 697 5.58 22.42 -17.26
CA ALA G 697 4.17 22.39 -17.65
C ALA G 697 3.97 22.43 -19.16
N SER G 698 5.06 22.63 -19.89
CA SER G 698 5.00 22.69 -21.35
C SER G 698 5.75 21.53 -21.99
N GLU G 699 5.07 20.79 -22.85
CA GLU G 699 5.71 19.70 -23.57
C GLU G 699 6.67 20.26 -24.61
N ARG G 700 6.29 21.38 -25.22
CA ARG G 700 7.11 22.05 -26.21
C ARG G 700 8.42 22.56 -25.62
N LYS G 701 8.32 23.19 -24.45
CA LYS G 701 9.49 23.72 -23.77
C LYS G 701 10.40 22.58 -23.29
N MET G 702 9.77 21.47 -22.91
CA MET G 702 10.50 20.29 -22.47
C MET G 702 11.31 19.69 -23.62
N ASN G 703 10.63 19.45 -24.74
CA ASN G 703 11.29 18.94 -25.93
C ASN G 703 12.39 19.88 -26.41
N ASN G 704 12.13 21.18 -26.35
CA ASN G 704 13.12 22.18 -26.71
C ASN G 704 14.34 22.12 -25.80
N LEU G 705 14.10 21.88 -24.52
CA LEU G 705 15.18 21.72 -23.55
C LEU G 705 16.03 20.50 -23.88
N LEU G 706 15.35 19.39 -24.19
CA LEU G 706 16.03 18.16 -24.57
C LEU G 706 16.89 18.38 -25.82
N LYS G 707 16.34 19.09 -26.80
CA LYS G 707 17.07 19.43 -28.01
C LYS G 707 18.31 20.26 -27.71
N LYS G 708 18.13 21.25 -26.83
CA LYS G 708 19.23 22.13 -26.44
C LYS G 708 20.35 21.35 -25.78
N GLU G 709 19.99 20.47 -24.86
CA GLU G 709 20.98 19.65 -24.15
C GLU G 709 21.68 18.67 -25.09
N LEU G 710 20.91 18.11 -26.03
CA LEU G 710 21.47 17.20 -27.02
C LEU G 710 22.50 17.88 -27.90
N GLN G 711 22.13 19.04 -28.46
CA GLN G 711 23.04 19.80 -29.30
C GLN G 711 24.28 20.26 -28.53
N ALA G 712 24.06 20.74 -27.31
CA ALA G 712 25.16 21.22 -26.48
C ALA G 712 26.15 20.10 -26.15
N ASP G 713 25.61 18.95 -25.77
CA ASP G 713 26.45 17.79 -25.45
C ASP G 713 27.17 17.26 -26.67
N ALA G 714 26.50 17.31 -27.82
CA ALA G 714 27.06 16.82 -29.07
C ALA G 714 28.32 17.60 -29.47
N ASP G 715 28.34 18.88 -29.13
CA ASP G 715 29.46 19.75 -29.46
C ASP G 715 30.67 19.45 -28.59
N ALA G 716 30.43 19.29 -27.29
CA ALA G 716 31.51 19.11 -26.32
C ALA G 716 32.19 17.74 -26.45
N PHE G 717 31.40 16.71 -26.72
CA PHE G 717 31.92 15.34 -26.79
C PHE G 717 31.95 14.81 -28.21
N GLY G 718 31.89 15.72 -29.19
CA GLY G 718 31.82 15.34 -30.59
C GLY G 718 33.10 14.76 -31.16
N ASP G 719 32.94 13.88 -32.15
CA ASP G 719 34.06 13.25 -32.83
C ASP G 719 33.74 13.11 -34.32
N ASP G 720 34.75 13.31 -35.16
CA ASP G 720 34.58 13.13 -36.60
C ASP G 720 34.47 11.65 -36.96
N ARG G 721 33.87 11.37 -38.11
CA ARG G 721 33.72 10.00 -38.58
C ARG G 721 35.09 9.36 -38.83
N ARG G 722 35.36 8.27 -38.13
CA ARG G 722 36.64 7.58 -38.25
C ARG G 722 36.64 6.62 -39.43
N SER G 723 35.61 5.79 -39.53
CA SER G 723 35.51 4.81 -40.61
C SER G 723 34.51 5.24 -41.67
N PRO G 724 35.02 5.68 -42.83
CA PRO G 724 34.19 6.12 -43.95
C PRO G 724 33.52 4.94 -44.66
N LEU G 725 32.43 5.21 -45.37
CA LEU G 725 31.71 4.18 -46.10
C LEU G 725 32.16 4.12 -47.56
N HIS G 726 32.33 2.91 -48.07
CA HIS G 726 32.75 2.71 -49.46
C HIS G 726 32.20 1.41 -50.02
N GLU G 727 32.72 0.99 -51.16
CA GLU G 727 32.26 -0.24 -51.80
C GLU G 727 33.34 -0.83 -52.71
N GLY J 12 -34.52 -3.17 -26.20
CA GLY J 12 -35.81 -3.21 -25.54
C GLY J 12 -36.13 -1.90 -24.84
N LYS J 13 -35.57 -1.72 -23.64
CA LYS J 13 -35.78 -0.50 -22.88
C LYS J 13 -34.82 0.59 -23.31
N LEU J 14 -34.03 0.31 -24.33
CA LEU J 14 -33.04 1.26 -24.85
C LEU J 14 -33.73 2.49 -25.44
N ALA J 15 -33.06 3.63 -25.33
CA ALA J 15 -33.52 4.86 -25.96
C ALA J 15 -32.45 5.38 -26.91
N ASP J 16 -32.42 4.83 -28.11
CA ASP J 16 -31.35 5.11 -29.07
C ASP J 16 -31.33 6.56 -29.51
N CYS J 17 -30.21 6.99 -30.08
CA CYS J 17 -30.04 8.36 -30.53
C CYS J 17 -30.45 8.51 -32.00
N THR J 18 -30.53 9.75 -32.46
CA THR J 18 -30.92 10.02 -33.84
C THR J 18 -29.69 10.17 -34.72
N ALA J 19 -28.79 9.20 -34.62
CA ALA J 19 -27.56 9.18 -35.40
C ALA J 19 -26.96 7.78 -35.41
N GLN J 20 -26.24 7.45 -36.47
CA GLN J 20 -25.59 6.15 -36.58
C GLN J 20 -24.10 6.32 -36.79
N ASP J 21 -23.68 7.57 -36.94
CA ASP J 21 -22.27 7.91 -37.14
C ASP J 21 -21.46 7.65 -35.88
N LEU J 22 -20.57 6.66 -35.95
CA LEU J 22 -19.71 6.34 -34.81
C LEU J 22 -18.72 7.46 -34.54
N ASN J 23 -17.92 7.30 -33.48
CA ASN J 23 -16.99 8.33 -33.05
C ASN J 23 -17.65 9.66 -32.74
N ARG J 24 -18.93 9.59 -32.35
CA ARG J 24 -19.71 10.78 -32.03
C ARG J 24 -20.92 10.39 -31.18
N THR J 25 -21.42 9.17 -31.40
CA THR J 25 -22.55 8.66 -30.64
C THR J 25 -22.06 8.05 -29.33
N GLU J 26 -22.83 8.25 -28.26
CA GLU J 26 -22.47 7.75 -26.95
C GLU J 26 -23.61 6.95 -26.31
N LEU J 27 -23.28 5.79 -25.76
CA LEU J 27 -24.26 4.95 -25.10
C LEU J 27 -24.01 4.90 -23.60
N PHE J 28 -24.95 5.41 -22.82
CA PHE J 28 -24.83 5.45 -21.37
C PHE J 28 -25.58 4.28 -20.73
N LEU J 29 -24.86 3.49 -19.94
CA LEU J 29 -25.47 2.41 -19.18
C LEU J 29 -25.74 2.85 -17.76
N VAL J 30 -27.02 3.07 -17.44
CA VAL J 30 -27.40 3.61 -16.13
C VAL J 30 -27.76 2.52 -15.13
N GLU J 31 -27.35 2.70 -13.88
CA GLU J 31 -27.59 1.72 -12.82
C GLU J 31 -29.06 1.69 -12.40
N GLY J 32 -29.61 2.86 -12.09
CA GLY J 32 -30.98 2.95 -11.62
C GLY J 32 -31.95 3.33 -12.73
N ASP J 33 -33.13 2.74 -12.69
CA ASP J 33 -34.18 3.07 -13.65
C ASP J 33 -34.64 4.51 -13.46
N SER J 34 -34.65 4.97 -12.20
CA SER J 34 -34.97 6.35 -11.89
C SER J 34 -33.88 7.27 -12.40
N ALA J 35 -32.63 6.89 -12.12
CA ALA J 35 -31.47 7.62 -12.63
C ALA J 35 -31.45 7.58 -14.15
N GLY J 36 -31.96 6.49 -14.71
CA GLY J 36 -32.12 6.36 -16.14
C GLY J 36 -33.14 7.35 -16.68
N GLY J 37 -34.20 7.56 -15.92
CA GLY J 37 -35.21 8.54 -16.27
C GLY J 37 -34.66 9.95 -16.24
N SER J 38 -33.92 10.26 -15.17
CA SER J 38 -33.28 11.57 -15.02
C SER J 38 -32.28 11.81 -16.15
N ALA J 39 -31.55 10.77 -16.52
CA ALA J 39 -30.55 10.87 -17.59
C ALA J 39 -31.23 11.08 -18.94
N LYS J 40 -32.29 10.32 -19.19
CA LYS J 40 -33.04 10.45 -20.44
C LYS J 40 -33.71 11.81 -20.55
N GLN J 41 -34.05 12.39 -19.41
CA GLN J 41 -34.67 13.71 -19.39
C GLN J 41 -33.68 14.83 -19.69
N ALA J 42 -32.38 14.52 -19.60
CA ALA J 42 -31.34 15.54 -19.75
C ALA J 42 -30.32 15.24 -20.84
N ARG J 43 -30.52 14.15 -21.58
CA ARG J 43 -29.60 13.79 -22.65
C ARG J 43 -29.73 14.73 -23.85
N ASP J 44 -28.78 14.66 -24.77
CA ASP J 44 -28.78 15.51 -25.95
C ASP J 44 -29.63 14.90 -27.07
N ARG J 45 -29.80 13.59 -27.02
CA ARG J 45 -30.61 12.83 -27.98
C ARG J 45 -30.07 12.81 -29.41
N GLU J 46 -29.23 13.78 -29.76
CA GLU J 46 -28.63 13.85 -31.09
C GLU J 46 -27.48 12.86 -31.24
N TYR J 47 -26.97 12.38 -30.11
CA TYR J 47 -25.84 11.46 -30.11
C TYR J 47 -25.73 10.72 -28.78
N GLN J 48 -26.67 10.98 -27.88
CA GLN J 48 -26.65 10.35 -26.57
C GLN J 48 -27.85 9.42 -26.38
N ALA J 49 -27.55 8.14 -26.18
CA ALA J 49 -28.59 7.14 -25.93
C ALA J 49 -28.47 6.60 -24.52
N ILE J 50 -29.61 6.28 -23.90
CA ILE J 50 -29.61 5.83 -22.52
C ILE J 50 -30.25 4.44 -22.37
N MET J 51 -29.49 3.52 -21.78
CA MET J 51 -29.99 2.19 -21.48
C MET J 51 -29.76 1.86 -20.00
N PRO J 52 -30.85 1.59 -19.27
CA PRO J 52 -30.78 1.28 -17.84
C PRO J 52 -30.64 -0.21 -17.56
N LEU J 53 -29.78 -0.54 -16.60
CA LEU J 53 -29.61 -1.93 -16.17
C LEU J 53 -30.20 -2.11 -14.78
N LYS J 54 -31.42 -2.65 -14.72
CA LYS J 54 -32.17 -2.75 -13.47
C LYS J 54 -31.52 -3.72 -12.49
N GLY J 55 -30.80 -3.16 -11.51
CA GLY J 55 -30.21 -3.96 -10.46
C GLY J 55 -28.82 -4.47 -10.79
N LYS J 56 -28.24 -5.25 -9.88
CA LYS J 56 -26.92 -5.82 -10.07
C LYS J 56 -26.94 -6.88 -11.16
N ILE J 57 -26.05 -6.73 -12.14
CA ILE J 57 -25.97 -7.68 -13.25
C ILE J 57 -25.33 -8.99 -12.81
N LEU J 58 -25.28 -9.96 -13.72
CA LEU J 58 -24.69 -11.26 -13.42
C LEU J 58 -23.16 -11.19 -13.50
N ASN J 59 -22.50 -12.07 -12.75
CA ASN J 59 -21.05 -12.17 -12.80
C ASN J 59 -20.60 -13.10 -13.92
N THR J 60 -20.58 -12.56 -15.14
CA THR J 60 -20.24 -13.36 -16.31
C THR J 60 -18.73 -13.51 -16.50
N TRP J 61 -18.05 -13.96 -15.45
CA TRP J 61 -16.61 -14.18 -15.51
C TRP J 61 -16.29 -15.67 -15.53
N GLU J 62 -17.24 -16.48 -15.08
CA GLU J 62 -17.08 -17.93 -15.08
C GLU J 62 -18.26 -18.60 -15.77
N VAL J 63 -18.97 -17.82 -16.59
CA VAL J 63 -20.11 -18.33 -17.35
C VAL J 63 -19.71 -18.56 -18.80
N SER J 64 -20.39 -19.50 -19.45
CA SER J 64 -20.11 -19.82 -20.84
C SER J 64 -20.43 -18.64 -21.75
N SER J 65 -19.83 -18.63 -22.94
CA SER J 65 -20.05 -17.56 -23.90
C SER J 65 -21.48 -17.56 -24.43
N ASP J 66 -22.15 -18.71 -24.30
CA ASP J 66 -23.54 -18.83 -24.72
C ASP J 66 -24.48 -18.59 -23.54
N GLU J 67 -24.03 -18.97 -22.35
CA GLU J 67 -24.81 -18.80 -21.13
C GLU J 67 -25.02 -17.34 -20.76
N VAL J 68 -24.10 -16.49 -21.20
CA VAL J 68 -24.19 -15.04 -20.94
C VAL J 68 -25.40 -14.43 -21.61
N LEU J 69 -25.77 -14.95 -22.78
CA LEU J 69 -26.90 -14.42 -23.53
C LEU J 69 -28.24 -14.78 -22.88
N ALA J 70 -28.20 -15.72 -21.94
CA ALA J 70 -29.41 -16.16 -21.26
C ALA J 70 -29.94 -15.11 -20.29
N SER J 71 -29.02 -14.42 -19.61
CA SER J 71 -29.40 -13.36 -18.68
C SER J 71 -29.97 -12.17 -19.43
N GLN J 72 -31.20 -11.81 -19.10
CA GLN J 72 -31.94 -10.75 -19.79
C GLN J 72 -31.20 -9.42 -19.80
N GLU J 73 -30.51 -9.11 -18.70
CA GLU J 73 -29.74 -7.88 -18.60
C GLU J 73 -28.58 -7.90 -19.60
N VAL J 74 -27.76 -8.94 -19.51
CA VAL J 74 -26.62 -9.12 -20.41
C VAL J 74 -27.08 -9.29 -21.85
N HIS J 75 -28.26 -9.89 -22.02
CA HIS J 75 -28.85 -10.05 -23.34
C HIS J 75 -29.16 -8.69 -23.95
N ASP J 76 -29.88 -7.87 -23.20
CA ASP J 76 -30.24 -6.52 -23.64
C ASP J 76 -28.98 -5.69 -23.90
N ILE J 77 -27.96 -5.89 -23.08
CA ILE J 77 -26.69 -5.20 -23.26
C ILE J 77 -26.04 -5.61 -24.58
N SER J 78 -26.06 -6.91 -24.87
CA SER J 78 -25.50 -7.44 -26.11
C SER J 78 -26.22 -6.90 -27.33
N VAL J 79 -27.55 -6.94 -27.30
CA VAL J 79 -28.36 -6.43 -28.39
C VAL J 79 -28.16 -4.92 -28.59
N ALA J 80 -27.97 -4.21 -27.47
CA ALA J 80 -27.74 -2.77 -27.54
C ALA J 80 -26.40 -2.43 -28.17
N ILE J 81 -25.35 -3.13 -27.73
CA ILE J 81 -24.01 -2.89 -28.22
C ILE J 81 -23.85 -3.33 -29.68
N GLY J 82 -24.70 -4.25 -30.11
CA GLY J 82 -24.63 -4.78 -31.46
C GLY J 82 -23.42 -5.67 -31.66
N ILE J 83 -23.16 -6.53 -30.67
CA ILE J 83 -22.03 -7.43 -30.74
C ILE J 83 -22.31 -8.73 -29.98
N ASP J 84 -21.85 -9.84 -30.54
CA ASP J 84 -22.01 -11.14 -29.90
C ASP J 84 -20.78 -11.44 -29.04
N PRO J 85 -20.99 -12.11 -27.90
CA PRO J 85 -19.90 -12.42 -26.96
C PRO J 85 -18.79 -13.29 -27.53
N ASP J 86 -18.31 -12.97 -28.73
CA ASP J 86 -17.22 -13.73 -29.35
C ASP J 86 -16.62 -13.02 -30.57
N SER J 87 -15.48 -12.38 -30.37
CA SER J 87 -14.64 -11.88 -31.47
C SER J 87 -15.25 -10.83 -32.40
N ASP J 88 -16.56 -10.64 -32.32
CA ASP J 88 -17.35 -9.74 -33.19
C ASP J 88 -16.61 -8.68 -33.99
N ASP J 89 -15.71 -7.96 -33.33
CA ASP J 89 -14.88 -6.93 -33.96
C ASP J 89 -15.68 -5.82 -34.63
N LEU J 90 -16.25 -4.94 -33.82
CA LEU J 90 -17.00 -3.77 -34.28
C LEU J 90 -18.08 -4.12 -35.30
N SER J 91 -17.94 -3.57 -36.51
CA SER J 91 -18.89 -3.79 -37.60
C SER J 91 -20.32 -3.38 -37.25
N GLN J 92 -20.97 -4.14 -36.37
CA GLN J 92 -22.35 -3.87 -35.98
C GLN J 92 -22.45 -3.04 -34.70
N LEU J 93 -21.35 -2.40 -34.32
CA LEU J 93 -21.35 -1.49 -33.17
C LEU J 93 -22.25 -0.29 -33.45
N ARG J 94 -23.31 -0.15 -32.67
CA ARG J 94 -24.31 0.88 -32.92
C ARG J 94 -23.92 2.23 -32.35
N TYR J 95 -22.98 2.23 -31.41
CA TYR J 95 -22.56 3.48 -30.75
C TYR J 95 -21.04 3.59 -30.69
N GLY J 96 -20.55 4.83 -30.83
CA GLY J 96 -19.13 5.08 -30.80
C GLY J 96 -18.51 4.84 -29.43
N LYS J 97 -19.18 5.34 -28.39
CA LYS J 97 -18.67 5.19 -27.03
C LYS J 97 -19.73 4.57 -26.11
N ILE J 98 -19.33 3.54 -25.37
CA ILE J 98 -20.21 2.91 -24.41
C ILE J 98 -19.74 3.22 -22.99
N CYS J 99 -20.47 4.08 -22.29
CA CYS J 99 -20.07 4.51 -20.96
C CYS J 99 -20.93 3.91 -19.86
N ILE J 100 -20.28 3.35 -18.85
CA ILE J 100 -20.99 2.77 -17.71
C ILE J 100 -21.22 3.84 -16.65
N LEU J 101 -22.49 4.09 -16.33
CA LEU J 101 -22.83 5.13 -15.37
C LEU J 101 -23.57 4.59 -14.15
N ALA J 102 -22.89 4.61 -13.01
CA ALA J 102 -23.49 4.21 -11.74
C ALA J 102 -23.12 5.26 -10.69
N ASP J 103 -23.92 5.34 -9.63
CA ASP J 103 -23.65 6.36 -8.61
C ASP J 103 -22.42 6.02 -7.78
N ALA J 104 -22.00 6.98 -6.94
CA ALA J 104 -20.75 6.85 -6.20
C ALA J 104 -20.82 5.90 -5.01
N ASP J 105 -21.83 5.04 -5.00
CA ASP J 105 -21.94 4.01 -3.97
C ASP J 105 -20.80 3.02 -4.11
N SER J 106 -20.61 2.19 -3.09
CA SER J 106 -19.73 1.05 -3.20
C SER J 106 -20.44 0.01 -4.06
N ASP J 107 -21.77 -0.02 -3.95
CA ASP J 107 -22.59 -0.88 -4.79
C ASP J 107 -22.50 -0.45 -6.25
N GLY J 108 -22.37 0.85 -6.47
CA GLY J 108 -22.20 1.39 -7.80
C GLY J 108 -20.90 0.90 -8.41
N LEU J 109 -19.85 0.91 -7.60
CA LEU J 109 -18.55 0.40 -8.03
C LEU J 109 -18.59 -1.11 -8.23
N HIS J 110 -19.49 -1.78 -7.51
CA HIS J 110 -19.69 -3.20 -7.68
C HIS J 110 -20.29 -3.48 -9.05
N ILE J 111 -21.33 -2.73 -9.39
CA ILE J 111 -21.96 -2.82 -10.71
C ILE J 111 -20.93 -2.51 -11.78
N ALA J 112 -20.09 -1.50 -11.52
CA ALA J 112 -19.03 -1.11 -12.43
C ALA J 112 -18.05 -2.26 -12.69
N THR J 113 -17.60 -2.91 -11.61
CA THR J 113 -16.67 -4.02 -11.73
C THR J 113 -17.31 -5.21 -12.44
N LEU J 114 -18.61 -5.40 -12.22
CA LEU J 114 -19.33 -6.48 -12.88
C LEU J 114 -19.40 -6.24 -14.39
N LEU J 115 -19.75 -5.01 -14.77
CA LEU J 115 -19.80 -4.63 -16.18
C LEU J 115 -18.41 -4.74 -16.81
N CYS J 116 -17.38 -4.41 -16.03
CA CYS J 116 -16.00 -4.52 -16.49
C CYS J 116 -15.61 -5.97 -16.71
N ALA J 117 -16.16 -6.86 -15.87
CA ALA J 117 -15.92 -8.29 -16.03
C ALA J 117 -16.59 -8.80 -17.29
N LEU J 118 -17.86 -8.44 -17.46
CA LEU J 118 -18.64 -8.81 -18.63
C LEU J 118 -17.96 -8.35 -19.93
N PHE J 119 -17.49 -7.12 -19.94
CA PHE J 119 -16.84 -6.56 -21.13
C PHE J 119 -15.45 -7.17 -21.37
N VAL J 120 -14.66 -7.32 -20.31
CA VAL J 120 -13.32 -7.87 -20.45
C VAL J 120 -13.32 -9.32 -20.93
N ARG J 121 -14.17 -10.14 -20.31
CA ARG J 121 -14.17 -11.58 -20.62
C ARG J 121 -14.89 -11.93 -21.92
N HIS J 122 -16.02 -11.29 -22.19
CA HIS J 122 -16.87 -11.68 -23.31
C HIS J 122 -16.85 -10.71 -24.50
N PHE J 123 -16.31 -9.51 -24.29
CA PHE J 123 -16.27 -8.52 -25.35
C PHE J 123 -14.91 -7.83 -25.38
N ARG J 124 -13.84 -8.63 -25.31
CA ARG J 124 -12.48 -8.13 -25.21
C ARG J 124 -12.08 -7.18 -26.34
N THR J 125 -12.61 -7.41 -27.53
CA THR J 125 -12.31 -6.57 -28.68
C THR J 125 -12.78 -5.13 -28.47
N LEU J 126 -13.93 -4.97 -27.84
CA LEU J 126 -14.49 -3.65 -27.59
C LEU J 126 -13.64 -2.84 -26.61
N VAL J 127 -13.19 -3.51 -25.55
CA VAL J 127 -12.36 -2.86 -24.54
C VAL J 127 -10.95 -2.59 -25.07
N LYS J 128 -10.45 -3.50 -25.90
CA LYS J 128 -9.13 -3.35 -26.48
C LYS J 128 -9.11 -2.21 -27.50
N GLU J 129 -10.22 -2.06 -28.23
CA GLU J 129 -10.34 -0.99 -29.21
C GLU J 129 -10.55 0.36 -28.54
N GLY J 130 -10.87 0.32 -27.25
CA GLY J 130 -11.05 1.53 -26.47
C GLY J 130 -12.43 2.16 -26.67
N HIS J 131 -13.47 1.44 -26.25
CA HIS J 131 -14.84 1.96 -26.36
C HIS J 131 -15.55 1.95 -25.01
N VAL J 132 -14.93 1.31 -24.02
CA VAL J 132 -15.51 1.26 -22.68
C VAL J 132 -14.99 2.42 -21.83
N TYR J 133 -15.92 3.27 -21.41
CA TYR J 133 -15.56 4.44 -20.61
C TYR J 133 -16.31 4.44 -19.28
N VAL J 134 -15.67 4.95 -18.24
CA VAL J 134 -16.32 5.09 -16.95
C VAL J 134 -16.58 6.56 -16.63
N ALA J 135 -17.83 6.88 -16.32
CA ALA J 135 -18.20 8.25 -15.99
C ALA J 135 -18.05 8.47 -14.49
N LEU J 136 -17.22 9.44 -14.13
CA LEU J 136 -16.94 9.74 -12.72
C LEU J 136 -17.79 10.90 -12.24
N PRO J 137 -18.81 10.60 -11.41
CA PRO J 137 -19.72 11.61 -10.89
C PRO J 137 -19.16 12.28 -9.64
N PRO J 138 -19.59 13.52 -9.35
CA PRO J 138 -19.07 14.28 -8.22
C PRO J 138 -19.59 13.76 -6.88
N LEU J 139 -18.75 13.81 -5.86
CA LEU J 139 -19.13 13.37 -4.53
C LEU J 139 -19.70 14.54 -3.72
N TYR J 140 -19.20 15.74 -4.00
CA TYR J 140 -19.64 16.94 -3.29
C TYR J 140 -20.02 18.07 -4.25
N ARG J 141 -20.93 18.92 -3.79
CA ARG J 141 -21.30 20.11 -4.56
C ARG J 141 -21.30 21.34 -3.64
N ILE J 142 -20.51 22.34 -4.02
CA ILE J 142 -20.38 23.55 -3.22
C ILE J 142 -20.90 24.78 -3.97
N VAL J 148 -20.75 28.18 -7.72
CA VAL J 148 -21.05 26.77 -7.56
C VAL J 148 -19.90 25.90 -8.06
N TYR J 149 -19.46 24.97 -7.23
CA TYR J 149 -18.35 24.09 -7.57
C TYR J 149 -18.70 22.61 -7.35
N TYR J 150 -18.10 21.75 -8.16
CA TYR J 150 -18.27 20.30 -8.01
C TYR J 150 -16.91 19.65 -7.73
N ALA J 151 -16.91 18.62 -6.90
CA ALA J 151 -15.67 17.96 -6.53
C ALA J 151 -15.86 16.44 -6.38
N LEU J 152 -14.96 15.68 -6.99
CA LEU J 152 -15.02 14.22 -6.94
C LEU J 152 -14.21 13.65 -5.78
N THR J 153 -13.28 14.45 -5.25
CA THR J 153 -12.43 14.00 -4.16
C THR J 153 -12.65 14.82 -2.90
N GLU J 154 -12.54 14.16 -1.74
CA GLU J 154 -12.72 14.83 -0.46
C GLU J 154 -11.64 15.87 -0.19
N GLU J 155 -10.40 15.53 -0.53
CA GLU J 155 -9.29 16.47 -0.38
C GLU J 155 -9.45 17.65 -1.32
N GLU J 156 -9.94 17.37 -2.53
CA GLU J 156 -10.21 18.41 -3.52
C GLU J 156 -11.36 19.29 -3.06
N LYS J 157 -12.36 18.67 -2.43
CA LYS J 157 -13.51 19.40 -1.90
C LYS J 157 -13.07 20.34 -0.79
N THR J 158 -12.27 19.83 0.13
CA THR J 158 -11.74 20.62 1.23
C THR J 158 -10.81 21.71 0.70
N GLY J 159 -10.19 21.45 -0.44
CA GLY J 159 -9.36 22.43 -1.11
C GLY J 159 -10.20 23.57 -1.64
N VAL J 160 -11.31 23.23 -2.29
CA VAL J 160 -12.24 24.21 -2.81
C VAL J 160 -12.82 25.05 -1.68
N LEU J 161 -13.18 24.39 -0.59
CA LEU J 161 -13.72 25.07 0.58
C LEU J 161 -12.69 26.02 1.18
N GLU J 162 -11.43 25.60 1.13
CA GLU J 162 -10.32 26.43 1.60
C GLU J 162 -10.19 27.69 0.74
N GLN J 163 -10.43 27.53 -0.55
CA GLN J 163 -10.40 28.64 -1.50
C GLN J 163 -11.54 29.63 -1.21
N LEU J 164 -12.68 29.09 -0.80
CA LEU J 164 -13.86 29.90 -0.53
C LEU J 164 -13.69 30.84 0.66
N LYS J 165 -12.59 30.68 1.40
CA LYS J 165 -12.31 31.52 2.54
C LYS J 165 -12.00 32.97 2.15
N ARG J 166 -11.76 33.17 0.85
CA ARG J 166 -11.48 34.50 0.32
C ARG J 166 -12.77 35.23 -0.04
N GLN J 174 -22.90 19.87 -0.45
CA GLN J 174 -24.18 19.20 -0.67
C GLN J 174 -24.07 17.70 -0.44
N ARG J 175 -23.06 17.09 -1.06
CA ARG J 175 -22.82 15.64 -0.99
C ARG J 175 -23.97 14.82 -1.57
N PHE J 176 -23.77 14.33 -2.80
CA PHE J 176 -24.78 13.54 -3.48
C PHE J 176 -24.75 12.08 -3.02
N LYS J 177 -25.90 11.59 -2.57
CA LYS J 177 -25.99 10.20 -2.11
C LYS J 177 -26.12 9.22 -3.28
N GLY J 178 -26.57 9.74 -4.43
CA GLY J 178 -26.72 8.90 -5.60
C GLY J 178 -27.11 9.68 -6.85
N LEU J 179 -27.18 8.98 -7.98
CA LEU J 179 -27.55 9.60 -9.24
C LEU J 179 -29.05 9.86 -9.29
N GLY J 180 -29.82 9.06 -8.57
CA GLY J 180 -31.26 9.21 -8.52
C GLY J 180 -31.71 10.43 -7.77
N GLU J 181 -30.87 10.88 -6.84
CA GLU J 181 -31.23 12.00 -5.96
C GLU J 181 -30.90 13.36 -6.55
N MET J 182 -30.07 13.39 -7.59
CA MET J 182 -29.66 14.65 -8.20
C MET J 182 -30.57 15.07 -9.35
N ASN J 183 -30.80 16.36 -9.46
CA ASN J 183 -31.64 16.92 -10.52
C ASN J 183 -31.09 16.62 -11.91
N PRO J 184 -31.98 16.48 -12.91
CA PRO J 184 -31.61 16.17 -14.30
C PRO J 184 -30.52 17.08 -14.86
N MET J 185 -30.64 18.39 -14.65
CA MET J 185 -29.66 19.34 -15.16
C MET J 185 -28.29 19.13 -14.49
N GLN J 186 -28.32 18.83 -13.19
CA GLN J 186 -27.10 18.54 -12.44
C GLN J 186 -26.42 17.30 -13.01
N LEU J 187 -27.22 16.29 -13.34
CA LEU J 187 -26.71 15.06 -13.93
C LEU J 187 -26.11 15.37 -15.30
N ARG J 188 -26.75 16.29 -16.02
CA ARG J 188 -26.29 16.69 -17.34
C ARG J 188 -24.92 17.35 -17.27
N GLU J 189 -24.80 18.35 -16.40
CA GLU J 189 -23.55 19.07 -16.24
C GLU J 189 -22.43 18.18 -15.68
N THR J 190 -22.80 17.25 -14.80
CA THR J 190 -21.81 16.43 -14.10
C THR J 190 -21.32 15.22 -14.88
N THR J 191 -22.22 14.55 -15.61
CA THR J 191 -21.86 13.28 -16.23
C THR J 191 -22.29 13.13 -17.69
N LEU J 192 -23.13 14.05 -18.16
CA LEU J 192 -23.67 13.94 -19.52
C LEU J 192 -23.03 14.91 -20.52
N ASP J 193 -23.23 16.20 -20.29
CA ASP J 193 -22.74 17.23 -21.20
C ASP J 193 -21.23 17.16 -21.42
N PRO J 194 -20.82 16.93 -22.68
CA PRO J 194 -19.43 16.71 -23.07
C PRO J 194 -18.49 17.85 -22.70
N ASN J 195 -19.00 19.08 -22.74
CA ASN J 195 -18.20 20.26 -22.42
C ASN J 195 -17.87 20.36 -20.93
N THR J 196 -18.67 19.68 -20.10
CA THR J 196 -18.53 19.78 -18.65
C THR J 196 -18.35 18.43 -17.98
N ARG J 197 -18.37 17.35 -18.75
CA ARG J 197 -18.31 16.01 -18.19
C ARG J 197 -16.94 15.67 -17.61
N ARG J 198 -16.88 14.59 -16.84
CA ARG J 198 -15.62 14.05 -16.35
C ARG J 198 -15.61 12.55 -16.56
N LEU J 199 -15.49 12.13 -17.81
CA LEU J 199 -15.50 10.71 -18.16
C LEU J 199 -14.11 10.22 -18.51
N VAL J 200 -13.67 9.16 -17.83
CA VAL J 200 -12.35 8.58 -18.08
C VAL J 200 -12.48 7.39 -19.03
N GLN J 201 -11.47 7.20 -19.87
CA GLN J 201 -11.48 6.08 -20.81
C GLN J 201 -10.74 4.88 -20.23
N LEU J 202 -11.44 3.76 -20.12
CA LEU J 202 -10.84 2.54 -19.61
C LEU J 202 -10.16 1.76 -20.73
N VAL J 203 -8.86 1.50 -20.57
CA VAL J 203 -8.10 0.83 -21.60
C VAL J 203 -7.24 -0.31 -21.04
N ILE J 204 -7.07 -1.36 -21.83
CA ILE J 204 -6.23 -2.48 -21.45
C ILE J 204 -5.10 -2.63 -22.46
N SER J 205 -4.11 -1.74 -22.37
CA SER J 205 -2.98 -1.73 -23.29
C SER J 205 -2.14 -3.00 -23.22
N ASP J 206 -1.27 -3.18 -24.21
CA ASP J 206 -0.37 -4.32 -24.25
C ASP J 206 0.54 -4.33 -23.03
N GLU J 207 1.01 -5.53 -22.65
CA GLU J 207 1.84 -5.75 -21.47
C GLU J 207 1.10 -5.51 -20.15
N ASP J 208 -0.07 -4.88 -20.22
CA ASP J 208 -0.92 -4.69 -19.05
C ASP J 208 -2.11 -5.63 -19.12
N GLU J 209 -2.33 -6.20 -20.31
CA GLU J 209 -3.42 -7.14 -20.54
C GLU J 209 -3.23 -8.45 -19.79
N GLN J 210 -1.97 -8.81 -19.57
CA GLN J 210 -1.65 -10.04 -18.85
C GLN J 210 -2.01 -9.92 -17.37
N GLN J 211 -1.61 -8.81 -16.76
CA GLN J 211 -1.91 -8.55 -15.36
C GLN J 211 -3.41 -8.33 -15.17
N THR J 212 -4.04 -7.70 -16.16
CA THR J 212 -5.48 -7.43 -16.11
C THR J 212 -6.30 -8.70 -16.00
N THR J 213 -6.01 -9.67 -16.88
CA THR J 213 -6.71 -10.94 -16.86
C THR J 213 -6.43 -11.71 -15.56
N ALA J 214 -5.26 -11.47 -14.99
CA ALA J 214 -4.86 -12.13 -13.75
C ALA J 214 -5.54 -11.53 -12.53
N ILE J 215 -5.49 -10.20 -12.42
CA ILE J 215 -6.07 -9.49 -11.29
C ILE J 215 -7.59 -9.62 -11.25
N MET J 216 -8.23 -9.47 -12.40
CA MET J 216 -9.67 -9.56 -12.51
C MET J 216 -10.22 -10.94 -12.14
N ASP J 217 -9.38 -11.96 -12.28
CA ASP J 217 -9.80 -13.33 -11.98
C ASP J 217 -10.05 -13.53 -10.49
N MET J 218 -9.05 -13.20 -9.68
CA MET J 218 -9.14 -13.40 -8.23
C MET J 218 -10.29 -12.62 -7.60
N LEU J 219 -10.70 -11.54 -8.26
CA LEU J 219 -11.81 -10.72 -7.79
C LEU J 219 -13.17 -11.37 -8.05
N LEU J 220 -13.36 -11.84 -9.28
CA LEU J 220 -14.68 -12.30 -9.72
C LEU J 220 -14.81 -13.82 -9.89
N ALA J 221 -13.86 -14.58 -9.35
CA ALA J 221 -13.94 -16.03 -9.44
C ALA J 221 -14.74 -16.60 -8.27
N LYS J 222 -15.76 -17.40 -8.58
CA LYS J 222 -16.63 -17.99 -7.58
C LYS J 222 -15.84 -18.83 -6.56
N LYS J 223 -14.77 -19.46 -7.02
CA LYS J 223 -13.89 -20.21 -6.15
C LYS J 223 -12.92 -19.28 -5.44
N ARG J 224 -11.70 -19.75 -5.23
CA ARG J 224 -10.63 -18.95 -4.63
C ARG J 224 -11.00 -18.42 -3.25
N SER J 225 -11.65 -17.26 -3.21
CA SER J 225 -12.15 -16.66 -1.96
C SER J 225 -11.05 -16.30 -0.95
N GLU J 226 -10.25 -17.30 -0.57
CA GLU J 226 -9.15 -17.09 0.36
C GLU J 226 -8.13 -16.08 -0.17
N ASP J 227 -7.90 -16.12 -1.48
CA ASP J 227 -7.01 -15.18 -2.14
C ASP J 227 -7.53 -13.75 -1.97
N ARG J 228 -8.85 -13.60 -1.97
CA ARG J 228 -9.48 -12.31 -1.73
C ARG J 228 -9.31 -11.87 -0.29
N ARG J 229 -9.36 -12.82 0.64
CA ARG J 229 -9.13 -12.54 2.06
C ARG J 229 -7.72 -11.99 2.23
N ASN J 230 -6.74 -12.71 1.70
CA ASN J 230 -5.34 -12.30 1.80
C ASN J 230 -5.08 -10.98 1.08
N TRP J 231 -5.79 -10.77 -0.03
CA TRP J 231 -5.69 -9.52 -0.78
C TRP J 231 -6.19 -8.33 0.03
N LEU J 232 -7.34 -8.51 0.67
CA LEU J 232 -7.89 -7.46 1.54
C LEU J 232 -7.03 -7.24 2.77
N GLN J 233 -6.37 -8.31 3.21
CA GLN J 233 -5.48 -8.25 4.38
C GLN J 233 -4.24 -7.43 4.07
N GLU J 234 -3.56 -7.78 2.98
CA GLU J 234 -2.35 -7.08 2.56
C GLU J 234 -2.62 -5.61 2.28
N LYS J 235 -3.80 -5.33 1.74
CA LYS J 235 -4.21 -3.96 1.44
C LYS J 235 -4.79 -3.28 2.68
N GLY J 236 -4.04 -3.32 3.77
CA GLY J 236 -4.45 -2.71 5.02
C GLY J 236 -3.41 -2.83 6.11
N GLU J 251 -7.72 11.50 -18.29
CA GLU J 251 -8.56 11.30 -19.46
C GLU J 251 -8.62 9.82 -19.86
N ARG J 252 -7.67 9.05 -19.34
CA ARG J 252 -7.62 7.62 -19.62
C ARG J 252 -7.01 6.86 -18.44
N LEU J 253 -7.58 5.70 -18.12
CA LEU J 253 -7.10 4.91 -17.00
C LEU J 253 -7.02 3.43 -17.35
N ALA J 254 -6.05 2.74 -16.75
CA ALA J 254 -5.88 1.30 -16.97
C ALA J 254 -7.04 0.53 -16.35
N LEU J 255 -7.65 -0.34 -17.15
CA LEU J 255 -8.79 -1.13 -16.70
C LEU J 255 -8.46 -2.00 -15.49
N HIS J 256 -7.22 -2.49 -15.44
CA HIS J 256 -6.78 -3.33 -14.34
C HIS J 256 -6.63 -2.52 -13.05
N GLU J 257 -6.26 -1.25 -13.19
CA GLU J 257 -6.11 -0.36 -12.04
C GLU J 257 -7.47 0.07 -11.50
N PHE J 258 -8.41 0.31 -12.40
CA PHE J 258 -9.74 0.75 -12.00
C PHE J 258 -10.53 -0.35 -11.32
N THR J 259 -10.51 -1.55 -11.91
CA THR J 259 -11.26 -2.69 -11.38
C THR J 259 -10.76 -3.13 -10.02
N GLU J 260 -9.44 -3.10 -9.82
CA GLU J 260 -8.84 -3.54 -8.56
C GLU J 260 -9.19 -2.61 -7.41
N ASN J 261 -9.22 -1.31 -7.68
CA ASN J 261 -9.54 -0.32 -6.65
C ASN J 261 -11.04 -0.21 -6.39
N ALA J 262 -11.84 -0.42 -7.43
CA ALA J 262 -13.29 -0.36 -7.31
C ALA J 262 -13.84 -1.52 -6.48
N TYR J 263 -13.32 -2.72 -6.74
CA TYR J 263 -13.77 -3.91 -6.03
C TYR J 263 -13.31 -3.87 -4.57
N LEU J 264 -12.24 -3.15 -4.32
CA LEU J 264 -11.72 -2.98 -2.96
C LEU J 264 -12.67 -2.14 -2.11
N ASN J 265 -13.19 -1.07 -2.71
CA ASN J 265 -14.14 -0.19 -2.04
C ASN J 265 -15.39 -0.95 -1.62
N TYR J 266 -15.98 -1.68 -2.57
CA TYR J 266 -17.18 -2.45 -2.30
C TYR J 266 -16.93 -3.53 -1.24
N SER J 267 -15.81 -4.23 -1.38
CA SER J 267 -15.43 -5.28 -0.44
C SER J 267 -15.33 -4.74 0.98
N MET J 268 -14.55 -3.69 1.15
CA MET J 268 -14.37 -3.07 2.47
C MET J 268 -15.66 -2.50 3.03
N TYR J 269 -16.49 -1.93 2.17
CA TYR J 269 -17.76 -1.34 2.60
C TYR J 269 -18.72 -2.41 3.09
N VAL J 270 -18.80 -3.52 2.36
CA VAL J 270 -19.68 -4.63 2.74
C VAL J 270 -19.18 -5.32 4.00
N ILE J 271 -17.86 -5.51 4.10
CA ILE J 271 -17.27 -6.13 5.27
C ILE J 271 -17.47 -5.27 6.53
N MET J 272 -17.09 -4.01 6.46
CA MET J 272 -17.12 -3.13 7.62
C MET J 272 -18.51 -2.61 7.98
N ASP J 273 -19.30 -2.28 6.96
CA ASP J 273 -20.57 -1.59 7.20
C ASP J 273 -21.80 -2.28 6.61
N ARG J 274 -21.82 -3.60 6.62
CA ARG J 274 -22.98 -4.33 6.09
C ARG J 274 -23.15 -5.74 6.63
N ALA J 275 -22.26 -6.65 6.23
CA ALA J 275 -22.47 -8.08 6.48
C ALA J 275 -21.98 -8.53 7.86
N LEU J 276 -20.87 -7.95 8.31
CA LEU J 276 -20.28 -8.37 9.57
C LEU J 276 -20.71 -7.48 10.73
N PRO J 277 -21.08 -8.10 11.86
CA PRO J 277 -21.52 -7.39 13.07
C PRO J 277 -20.35 -6.95 13.94
N PHE J 278 -20.58 -5.99 14.83
CA PHE J 278 -19.57 -5.53 15.76
C PHE J 278 -19.67 -6.31 17.07
N ILE J 279 -18.52 -6.69 17.62
CA ILE J 279 -18.47 -7.55 18.80
C ILE J 279 -19.14 -6.94 20.03
N GLY J 280 -19.21 -5.62 20.08
CA GLY J 280 -19.79 -4.91 21.21
C GLY J 280 -21.25 -5.24 21.43
N ASP J 281 -22.10 -4.80 20.52
CA ASP J 281 -23.54 -5.02 20.65
C ASP J 281 -24.06 -6.13 19.74
N GLY J 282 -23.17 -6.75 18.98
CA GLY J 282 -23.54 -7.85 18.10
C GLY J 282 -24.51 -7.43 17.02
N LEU J 283 -24.39 -6.19 16.55
CA LEU J 283 -25.33 -5.65 15.59
C LEU J 283 -24.68 -5.23 14.28
N LYS J 284 -25.47 -5.30 13.20
CA LYS J 284 -25.07 -4.76 11.91
C LYS J 284 -25.58 -3.33 11.83
N PRO J 285 -24.94 -2.49 11.01
CA PRO J 285 -25.33 -1.08 10.86
C PRO J 285 -26.83 -0.87 10.69
N VAL J 286 -27.47 -1.71 9.88
CA VAL J 286 -28.90 -1.62 9.65
C VAL J 286 -29.70 -1.82 10.94
N GLN J 287 -29.37 -2.89 11.65
CA GLN J 287 -30.06 -3.22 12.90
C GLN J 287 -29.85 -2.14 13.96
N ARG J 288 -28.61 -1.68 14.08
CA ARG J 288 -28.25 -0.65 15.03
C ARG J 288 -29.04 0.63 14.74
N ARG J 289 -29.06 1.02 13.46
CA ARG J 289 -29.80 2.19 13.04
C ARG J 289 -31.30 2.06 13.32
N ILE J 290 -31.83 0.85 13.10
CA ILE J 290 -33.25 0.60 13.36
C ILE J 290 -33.60 0.73 14.83
N VAL J 291 -32.87 0.01 15.68
CA VAL J 291 -33.15 0.05 17.12
C VAL J 291 -32.91 1.43 17.72
N TYR J 292 -31.92 2.15 17.20
CA TYR J 292 -31.65 3.50 17.68
C TYR J 292 -32.74 4.47 17.23
N ALA J 293 -33.20 4.32 16.00
CA ALA J 293 -34.26 5.17 15.47
C ALA J 293 -35.57 4.89 16.20
N MET J 294 -35.70 3.67 16.72
CA MET J 294 -36.86 3.33 17.54
C MET J 294 -36.73 3.94 18.92
N SER J 295 -35.51 3.97 19.44
CA SER J 295 -35.23 4.62 20.72
C SER J 295 -35.56 6.10 20.63
N GLU J 296 -35.16 6.71 19.53
CA GLU J 296 -35.42 8.13 19.28
C GLU J 296 -36.91 8.39 19.08
N LEU J 297 -37.60 7.41 18.50
CA LEU J 297 -39.03 7.52 18.26
C LEU J 297 -39.83 7.26 19.54
N GLY J 298 -39.14 6.90 20.60
CA GLY J 298 -39.77 6.68 21.89
C GLY J 298 -40.56 5.39 21.98
N LEU J 299 -40.36 4.50 21.03
CA LEU J 299 -41.06 3.22 21.01
C LEU J 299 -40.46 2.22 21.99
N ASN J 300 -40.57 2.53 23.28
CA ASN J 300 -40.09 1.63 24.32
C ASN J 300 -41.11 0.53 24.62
N ALA J 301 -40.68 -0.48 25.38
CA ALA J 301 -41.54 -1.62 25.71
C ALA J 301 -42.80 -1.23 26.47
N SER J 302 -42.75 -0.11 27.19
CA SER J 302 -43.89 0.36 27.96
C SER J 302 -44.74 1.32 27.14
N ALA J 303 -44.23 1.71 25.98
CA ALA J 303 -44.93 2.65 25.12
C ALA J 303 -45.92 1.94 24.20
N LYS J 304 -46.84 2.71 23.62
CA LYS J 304 -47.83 2.17 22.71
C LYS J 304 -47.22 1.89 21.33
N PHE J 305 -47.79 0.92 20.63
CA PHE J 305 -47.30 0.55 19.31
C PHE J 305 -47.51 1.66 18.29
N LYS J 306 -46.54 1.84 17.41
CA LYS J 306 -46.65 2.81 16.33
C LYS J 306 -46.43 2.09 15.00
N LYS J 307 -46.97 2.65 13.92
CA LYS J 307 -46.88 2.05 12.59
C LYS J 307 -45.42 1.83 12.18
N SER J 308 -45.15 0.68 11.57
CA SER J 308 -43.80 0.32 11.17
C SER J 308 -43.26 1.24 10.07
N ALA J 309 -44.16 1.75 9.24
CA ALA J 309 -43.80 2.65 8.16
C ALA J 309 -43.17 3.93 8.68
N ARG J 310 -43.63 4.38 9.85
CA ARG J 310 -43.08 5.57 10.49
C ARG J 310 -41.63 5.38 10.87
N THR J 311 -41.35 4.29 11.60
CA THR J 311 -40.00 4.00 12.06
C THR J 311 -39.06 3.71 10.89
N VAL J 312 -39.56 3.01 9.88
CA VAL J 312 -38.78 2.75 8.68
C VAL J 312 -38.42 4.06 7.97
N GLY J 313 -39.42 4.90 7.80
CA GLY J 313 -39.22 6.21 7.19
C GLY J 313 -38.24 7.06 7.98
N ASP J 314 -38.21 6.86 9.29
CA ASP J 314 -37.23 7.55 10.13
C ASP J 314 -35.83 7.00 9.92
N VAL J 315 -35.72 5.69 9.83
CA VAL J 315 -34.43 5.03 9.60
C VAL J 315 -33.82 5.48 8.28
N LEU J 316 -34.65 5.53 7.24
CA LEU J 316 -34.19 5.97 5.92
C LEU J 316 -33.91 7.47 5.89
N GLY J 317 -34.78 8.24 6.53
CA GLY J 317 -34.70 9.68 6.49
C GLY J 317 -33.65 10.31 7.39
N LYS J 318 -33.09 9.51 8.30
CA LYS J 318 -32.11 10.05 9.25
C LYS J 318 -30.72 9.42 9.15
N TYR J 319 -30.66 8.09 9.16
CA TYR J 319 -29.38 7.40 9.32
C TYR J 319 -29.00 6.46 8.16
N HIS J 320 -29.97 5.69 7.68
CA HIS J 320 -29.69 4.67 6.67
C HIS J 320 -29.98 5.17 5.25
N PRO J 321 -28.93 5.33 4.44
CA PRO J 321 -29.06 5.84 3.06
C PRO J 321 -29.30 4.73 2.06
N HIS J 322 -30.17 3.78 2.41
CA HIS J 322 -30.46 2.65 1.52
C HIS J 322 -31.96 2.53 1.25
N GLY J 323 -32.39 1.32 0.87
CA GLY J 323 -33.79 1.09 0.55
C GLY J 323 -34.63 0.80 1.77
N ASP J 324 -35.93 1.04 1.66
CA ASP J 324 -36.87 0.80 2.75
C ASP J 324 -37.29 -0.67 2.83
N SER J 325 -37.23 -1.37 1.70
CA SER J 325 -37.66 -2.76 1.63
C SER J 325 -36.76 -3.69 2.45
N ALA J 326 -35.46 -3.65 2.17
CA ALA J 326 -34.49 -4.47 2.89
C ALA J 326 -34.46 -4.12 4.37
N CYS J 327 -34.68 -2.84 4.67
CA CYS J 327 -34.72 -2.36 6.04
C CYS J 327 -35.86 -3.02 6.81
N TYR J 328 -37.06 -2.94 6.24
CA TYR J 328 -38.23 -3.56 6.85
C TYR J 328 -38.09 -5.07 6.90
N GLU J 329 -37.32 -5.63 5.97
CA GLU J 329 -37.04 -7.06 5.98
C GLU J 329 -36.20 -7.44 7.20
N ALA J 330 -35.11 -6.71 7.42
CA ALA J 330 -34.23 -6.95 8.56
C ALA J 330 -34.97 -6.72 9.88
N MET J 331 -35.80 -5.68 9.90
CA MET J 331 -36.62 -5.36 11.07
C MET J 331 -37.58 -6.49 11.39
N VAL J 332 -38.28 -6.96 10.36
CA VAL J 332 -39.20 -8.09 10.50
C VAL J 332 -38.46 -9.32 11.00
N LEU J 333 -37.24 -9.51 10.53
CA LEU J 333 -36.41 -10.63 11.00
C LEU J 333 -36.08 -10.48 12.47
N MET J 334 -35.87 -9.23 12.91
CA MET J 334 -35.57 -8.97 14.31
C MET J 334 -36.81 -9.14 15.18
N ALA J 335 -37.99 -9.03 14.57
CA ALA J 335 -39.24 -9.11 15.31
C ALA J 335 -39.76 -10.54 15.48
N GLN J 336 -39.19 -11.48 14.72
CA GLN J 336 -39.66 -12.86 14.73
C GLN J 336 -39.03 -13.67 15.87
N PRO J 337 -39.88 -14.22 16.75
CA PRO J 337 -39.44 -15.01 17.91
C PRO J 337 -38.76 -16.31 17.48
N PHE J 338 -39.15 -16.82 16.32
CA PHE J 338 -38.58 -18.07 15.80
C PHE J 338 -37.31 -17.83 15.02
N SER J 339 -37.07 -16.58 14.63
CA SER J 339 -35.85 -16.22 13.92
C SER J 339 -34.80 -15.69 14.89
N TYR J 340 -35.25 -14.88 15.84
CA TYR J 340 -34.36 -14.31 16.85
C TYR J 340 -34.57 -14.98 18.20
N ARG J 341 -33.48 -15.44 18.82
CA ARG J 341 -33.55 -16.06 20.14
C ARG J 341 -34.07 -15.05 21.15
N TYR J 342 -33.49 -13.86 21.14
CA TYR J 342 -33.97 -12.74 21.94
C TYR J 342 -34.26 -11.56 21.02
N PRO J 343 -35.50 -11.49 20.52
CA PRO J 343 -35.91 -10.47 19.54
C PRO J 343 -35.99 -9.08 20.14
N LEU J 344 -36.05 -8.06 19.30
CA LEU J 344 -36.18 -6.68 19.79
C LEU J 344 -36.93 -5.67 18.90
N GLY J 345 -38.12 -5.99 18.39
CA GLY J 345 -38.73 -7.30 18.47
C GLY J 345 -40.10 -7.45 19.09
N ASP J 346 -40.92 -6.40 19.04
CA ASP J 346 -42.31 -6.53 19.46
C ASP J 346 -43.27 -5.94 18.43
N GLY J 347 -44.04 -6.79 17.77
CA GLY J 347 -44.91 -6.32 16.70
C GLY J 347 -46.37 -6.70 16.84
N GLN J 348 -47.23 -5.91 16.21
CA GLN J 348 -48.66 -6.20 16.16
C GLN J 348 -49.07 -6.47 14.71
N GLY J 349 -49.90 -7.49 14.52
CA GLY J 349 -50.33 -7.85 13.18
C GLY J 349 -49.63 -9.10 12.69
N ASN J 350 -49.66 -9.31 11.39
CA ASN J 350 -49.03 -10.50 10.79
C ASN J 350 -47.54 -10.29 10.52
N TRP J 351 -46.70 -10.85 11.36
CA TRP J 351 -45.26 -10.75 11.20
C TRP J 351 -44.63 -12.07 10.75
N GLY J 352 -45.44 -12.93 10.13
CA GLY J 352 -44.96 -14.18 9.60
C GLY J 352 -45.06 -15.36 10.55
N ALA J 353 -44.66 -16.52 10.07
CA ALA J 353 -44.71 -17.76 10.85
C ALA J 353 -43.74 -18.78 10.27
N PRO J 354 -43.31 -19.76 11.09
CA PRO J 354 -42.42 -20.80 10.56
C PRO J 354 -43.15 -21.73 9.58
N LYS J 358 -40.90 -17.18 7.49
CA LYS J 358 -41.44 -17.13 6.13
C LYS J 358 -41.71 -15.69 5.71
N SER J 359 -42.89 -15.45 5.14
CA SER J 359 -43.25 -14.12 4.66
C SER J 359 -44.35 -13.51 5.53
N PHE J 360 -44.49 -12.20 5.44
CA PHE J 360 -45.28 -11.43 6.40
C PHE J 360 -46.13 -10.36 5.73
N ALA J 361 -46.76 -9.52 6.55
CA ALA J 361 -47.58 -8.43 6.05
C ALA J 361 -46.74 -7.21 5.70
N ALA J 362 -47.33 -6.27 4.96
CA ALA J 362 -46.63 -5.06 4.57
C ALA J 362 -46.40 -4.12 5.74
N MET J 363 -45.47 -3.18 5.57
CA MET J 363 -45.14 -2.24 6.64
C MET J 363 -46.25 -1.20 6.84
N ARG J 364 -47.13 -1.09 5.85
CA ARG J 364 -48.25 -0.16 5.93
C ARG J 364 -49.34 -0.68 6.85
N TYR J 365 -49.23 -1.94 7.27
CA TYR J 365 -50.24 -2.56 8.11
C TYR J 365 -49.74 -2.83 9.53
N THR J 366 -48.50 -3.30 9.64
CA THR J 366 -47.96 -3.72 10.94
C THR J 366 -47.52 -2.55 11.82
N GLU J 367 -47.67 -2.73 13.13
CA GLU J 367 -47.21 -1.75 14.10
C GLU J 367 -46.11 -2.36 14.95
N SER J 368 -45.18 -1.54 15.42
CA SER J 368 -43.98 -2.06 16.09
C SER J 368 -43.60 -1.33 17.37
N ARG J 369 -42.67 -1.94 18.10
CA ARG J 369 -42.20 -1.46 19.39
C ARG J 369 -41.00 -2.30 19.83
N LEU J 370 -40.05 -1.67 20.51
CA LEU J 370 -38.88 -2.37 21.03
C LEU J 370 -39.27 -3.35 22.12
N SER J 371 -38.51 -4.43 22.24
CA SER J 371 -38.75 -5.42 23.29
C SER J 371 -38.19 -4.93 24.62
N LYS J 372 -38.56 -5.63 25.69
CA LYS J 372 -38.03 -5.32 27.01
C LYS J 372 -36.54 -5.70 27.06
N TYR J 373 -36.16 -6.62 26.19
CA TYR J 373 -34.78 -7.07 26.07
C TYR J 373 -33.90 -5.97 25.48
N ALA J 374 -34.49 -5.19 24.57
CA ALA J 374 -33.76 -4.13 23.87
C ALA J 374 -33.17 -3.09 24.82
N GLU J 375 -33.72 -3.01 26.03
CA GLU J 375 -33.21 -2.12 27.06
C GLU J 375 -31.72 -2.38 27.29
N LEU J 376 -31.35 -3.66 27.25
CA LEU J 376 -29.96 -4.07 27.46
C LEU J 376 -28.99 -3.41 26.47
N LEU J 377 -29.52 -2.95 25.35
CA LEU J 377 -28.71 -2.29 24.34
C LEU J 377 -28.90 -0.78 24.35
N LEU J 378 -29.99 -0.31 24.94
CA LEU J 378 -30.36 1.10 24.82
C LEU J 378 -30.26 1.90 26.11
N SER J 379 -30.32 1.22 27.24
CA SER J 379 -30.06 1.88 28.52
C SER J 379 -28.59 2.27 28.54
N GLU J 380 -28.26 3.31 29.32
CA GLU J 380 -26.89 3.83 29.41
C GLU J 380 -26.42 4.48 28.11
N LEU J 381 -27.34 4.88 27.26
CA LEU J 381 -26.98 5.49 25.99
C LEU J 381 -26.54 6.94 26.17
N GLY J 382 -27.38 7.75 26.79
CA GLY J 382 -27.09 9.16 27.00
C GLY J 382 -26.20 9.42 28.20
N GLN J 383 -25.36 8.45 28.53
CA GLN J 383 -24.48 8.58 29.69
C GLN J 383 -23.01 8.52 29.28
N GLY J 384 -22.71 9.05 28.10
CA GLY J 384 -21.35 9.12 27.60
C GLY J 384 -20.64 7.78 27.49
N THR J 385 -21.36 6.76 27.02
CA THR J 385 -20.83 5.41 26.96
C THR J 385 -20.32 5.02 25.57
N VAL J 386 -20.90 5.61 24.53
CA VAL J 386 -20.50 5.29 23.16
C VAL J 386 -20.07 6.54 22.39
N ASP J 387 -19.29 6.33 21.34
CA ASP J 387 -18.83 7.43 20.49
C ASP J 387 -19.89 7.75 19.44
N TRP J 388 -19.86 8.98 18.92
CA TRP J 388 -20.89 9.42 17.99
C TRP J 388 -20.33 9.99 16.69
N VAL J 389 -20.77 9.41 15.58
CA VAL J 389 -20.41 9.88 14.25
C VAL J 389 -21.62 10.53 13.59
N PRO J 390 -21.41 11.58 12.78
CA PRO J 390 -22.54 12.26 12.17
C PRO J 390 -23.13 11.49 10.99
N ASN J 391 -24.39 11.75 10.67
CA ASN J 391 -25.08 11.03 9.61
C ASN J 391 -24.68 11.52 8.21
N PHE J 392 -25.34 10.99 7.19
CA PHE J 392 -24.99 11.29 5.81
C PHE J 392 -25.25 12.74 5.42
N ASP J 393 -26.33 13.32 5.94
CA ASP J 393 -26.69 14.70 5.64
C ASP J 393 -25.94 15.68 6.53
N GLY J 394 -25.44 15.20 7.66
CA GLY J 394 -24.72 16.05 8.60
C GLY J 394 -25.67 16.87 9.45
N THR J 395 -26.96 16.58 9.36
CA THR J 395 -27.98 17.31 10.10
C THR J 395 -28.18 16.74 11.50
N LEU J 396 -27.88 15.45 11.66
CA LEU J 396 -28.06 14.77 12.95
C LEU J 396 -26.83 13.97 13.34
N GLN J 397 -26.87 13.37 14.53
CA GLN J 397 -25.78 12.52 14.99
C GLN J 397 -26.25 11.09 15.21
N GLU J 398 -25.30 10.16 15.14
CA GLU J 398 -25.62 8.73 15.16
C GLU J 398 -24.58 7.96 15.98
N PRO J 399 -25.05 7.04 16.85
CA PRO J 399 -24.13 6.27 17.68
C PRO J 399 -23.39 5.20 16.88
N LYS J 400 -22.08 5.10 17.08
CA LYS J 400 -21.28 4.10 16.38
C LYS J 400 -21.53 2.72 16.99
N MET J 401 -21.71 2.67 18.30
CA MET J 401 -21.99 1.43 19.00
C MET J 401 -23.17 1.61 19.95
N LEU J 402 -23.56 0.53 20.62
CA LEU J 402 -24.57 0.61 21.66
C LEU J 402 -24.02 0.06 22.96
N PRO J 403 -24.25 0.76 24.08
CA PRO J 403 -23.76 0.33 25.39
C PRO J 403 -24.44 -0.95 25.84
N ALA J 404 -24.04 -2.07 25.24
CA ALA J 404 -24.60 -3.38 25.59
C ALA J 404 -24.20 -3.77 27.01
N ARG J 405 -25.14 -4.34 27.75
CA ARG J 405 -24.88 -4.79 29.11
C ARG J 405 -24.66 -6.31 29.12
N LEU J 406 -25.13 -6.96 28.06
CA LEU J 406 -24.91 -8.40 27.89
C LEU J 406 -24.42 -8.65 26.45
N PRO J 407 -23.50 -9.60 26.28
CA PRO J 407 -22.90 -9.87 24.97
C PRO J 407 -23.92 -10.38 23.96
N ASN J 408 -24.61 -9.46 23.30
CA ASN J 408 -25.65 -9.80 22.34
C ASN J 408 -25.08 -10.55 21.13
N ILE J 409 -23.78 -10.39 20.91
CA ILE J 409 -23.10 -11.09 19.81
C ILE J 409 -23.18 -12.60 19.97
N LEU J 410 -23.15 -13.07 21.21
CA LEU J 410 -23.26 -14.49 21.50
C LEU J 410 -24.70 -14.91 21.79
N LEU J 411 -25.48 -14.00 22.36
CA LEU J 411 -26.86 -14.29 22.74
C LEU J 411 -27.75 -14.57 21.53
N ASN J 412 -27.84 -13.60 20.63
CA ASN J 412 -28.66 -13.73 19.44
C ASN J 412 -27.90 -14.34 18.27
N GLY J 413 -26.64 -13.96 18.12
CA GLY J 413 -25.83 -14.41 17.01
C GLY J 413 -26.20 -13.70 15.73
N THR J 414 -25.43 -13.93 14.67
CA THR J 414 -25.67 -13.28 13.39
C THR J 414 -25.22 -14.14 12.21
N THR J 415 -25.84 -13.92 11.06
CA THR J 415 -25.44 -14.61 9.83
C THR J 415 -25.37 -13.62 8.68
N GLY J 416 -24.22 -13.55 8.04
CA GLY J 416 -24.03 -12.60 6.94
C GLY J 416 -22.97 -13.05 5.96
N ILE J 417 -23.03 -12.49 4.75
CA ILE J 417 -22.08 -12.82 3.70
C ILE J 417 -21.45 -11.56 3.14
N ALA J 418 -20.13 -11.46 3.24
CA ALA J 418 -19.41 -10.29 2.72
C ALA J 418 -18.59 -10.68 1.49
N VAL J 419 -17.63 -9.83 1.13
CA VAL J 419 -16.73 -10.11 0.03
C VAL J 419 -15.44 -10.73 0.56
N GLY J 420 -15.22 -12.00 0.25
CA GLY J 420 -14.04 -12.70 0.71
C GLY J 420 -14.28 -13.47 2.00
N MET J 421 -15.22 -12.99 2.81
CA MET J 421 -15.49 -13.62 4.11
C MET J 421 -16.97 -13.62 4.46
N ALA J 422 -17.32 -14.41 5.46
CA ALA J 422 -18.70 -14.50 5.93
C ALA J 422 -18.75 -14.70 7.44
N THR J 423 -19.96 -14.70 7.99
CA THR J 423 -20.14 -14.90 9.43
C THR J 423 -21.36 -15.75 9.74
N ASP J 424 -21.19 -16.73 10.62
CA ASP J 424 -22.29 -17.60 11.04
C ASP J 424 -22.20 -17.89 12.54
N ILE J 425 -22.95 -17.13 13.33
CA ILE J 425 -22.93 -17.30 14.78
C ILE J 425 -24.29 -17.75 15.31
N PRO J 426 -24.31 -18.90 15.99
CA PRO J 426 -25.55 -19.47 16.56
C PRO J 426 -25.94 -18.75 17.85
N PRO J 427 -27.24 -18.74 18.17
CA PRO J 427 -27.73 -18.13 19.41
C PRO J 427 -27.29 -18.90 20.64
N HIS J 428 -27.31 -18.26 21.80
CA HIS J 428 -26.96 -18.93 23.06
C HIS J 428 -27.92 -18.54 24.18
N ASN J 429 -27.83 -19.26 25.29
CA ASN J 429 -28.66 -18.98 26.46
C ASN J 429 -28.10 -17.82 27.27
N LEU J 430 -28.96 -16.85 27.56
CA LEU J 430 -28.55 -15.63 28.28
C LEU J 430 -27.93 -15.94 29.63
N ARG J 431 -28.60 -16.80 30.40
CA ARG J 431 -28.13 -17.17 31.73
C ARG J 431 -26.75 -17.82 31.70
N GLU J 432 -26.56 -18.72 30.74
CA GLU J 432 -25.31 -19.46 30.60
C GLU J 432 -24.14 -18.54 30.23
N VAL J 433 -24.36 -17.68 29.25
CA VAL J 433 -23.32 -16.77 28.80
C VAL J 433 -23.00 -15.74 29.88
N ALA J 434 -24.03 -15.27 30.58
CA ALA J 434 -23.83 -14.33 31.68
C ALA J 434 -23.01 -14.97 32.80
N LYS J 435 -23.37 -16.20 33.15
CA LYS J 435 -22.64 -16.95 34.17
C LYS J 435 -21.19 -17.16 33.73
N ALA J 436 -20.99 -17.38 32.44
CA ALA J 436 -19.65 -17.55 31.89
C ALA J 436 -18.84 -16.28 32.04
N ALA J 437 -19.47 -15.13 31.78
CA ALA J 437 -18.83 -13.84 31.90
C ALA J 437 -18.44 -13.54 33.35
N ILE J 438 -19.39 -13.76 34.26
CA ILE J 438 -19.15 -13.55 35.68
C ILE J 438 -18.00 -14.45 36.18
N THR J 439 -18.02 -15.70 35.73
CA THR J 439 -16.96 -16.65 36.06
C THR J 439 -15.63 -16.17 35.51
N LEU J 440 -15.67 -15.52 34.35
CA LEU J 440 -14.48 -15.00 33.70
C LEU J 440 -13.93 -13.78 34.45
N ILE J 441 -14.80 -13.04 35.12
CA ILE J 441 -14.37 -11.89 35.89
C ILE J 441 -13.73 -12.31 37.21
N GLU J 442 -14.35 -13.25 37.91
CA GLU J 442 -13.83 -13.75 39.18
C GLU J 442 -12.47 -14.41 38.99
N GLN J 443 -12.37 -15.31 38.02
CA GLN J 443 -11.11 -15.96 37.70
C GLN J 443 -10.77 -15.78 36.23
N PRO J 444 -9.95 -14.77 35.92
CA PRO J 444 -9.57 -14.42 34.54
C PRO J 444 -8.70 -15.48 33.87
N LYS J 445 -8.11 -16.37 34.66
CA LYS J 445 -7.24 -17.42 34.12
C LYS J 445 -8.04 -18.65 33.69
N THR J 446 -9.36 -18.51 33.68
CA THR J 446 -10.25 -19.59 33.26
C THR J 446 -10.00 -19.98 31.81
N THR J 447 -9.83 -21.28 31.57
CA THR J 447 -9.56 -21.78 30.22
C THR J 447 -10.86 -21.92 29.44
N LEU J 448 -10.74 -22.44 28.21
CA LEU J 448 -11.90 -22.59 27.34
C LEU J 448 -12.79 -23.75 27.80
N ASP J 449 -12.15 -24.80 28.31
CA ASP J 449 -12.88 -25.99 28.75
C ASP J 449 -13.79 -25.71 29.95
N GLU J 450 -13.30 -24.92 30.89
CA GLU J 450 -14.09 -24.56 32.06
C GLU J 450 -15.31 -23.72 31.67
N LEU J 451 -15.12 -22.84 30.69
CA LEU J 451 -16.22 -22.05 30.16
C LEU J 451 -17.20 -22.96 29.44
N LEU J 452 -16.68 -24.00 28.80
CA LEU J 452 -17.50 -24.96 28.09
C LEU J 452 -18.30 -25.82 29.06
N ASP J 453 -17.79 -25.94 30.29
CA ASP J 453 -18.51 -26.65 31.34
C ASP J 453 -19.69 -25.82 31.85
N ILE J 454 -19.66 -24.52 31.55
CA ILE J 454 -20.73 -23.61 31.93
C ILE J 454 -21.70 -23.42 30.76
N VAL J 455 -21.15 -22.98 29.63
CA VAL J 455 -21.94 -22.83 28.41
C VAL J 455 -21.99 -24.16 27.67
N GLN J 456 -23.13 -24.84 27.76
CA GLN J 456 -23.31 -26.15 27.15
C GLN J 456 -23.07 -26.10 25.64
N GLY J 457 -23.54 -25.03 25.02
CA GLY J 457 -23.38 -24.85 23.59
C GLY J 457 -24.42 -23.91 23.03
N PRO J 458 -24.70 -23.99 21.72
CA PRO J 458 -25.71 -23.15 21.08
C PRO J 458 -27.11 -23.43 21.63
N ASP J 459 -27.93 -22.39 21.74
CA ASP J 459 -29.30 -22.55 22.22
C ASP J 459 -30.28 -21.94 21.22
N PHE J 460 -30.93 -22.80 20.44
CA PHE J 460 -31.84 -22.34 19.39
C PHE J 460 -33.26 -22.20 19.90
N PRO J 461 -34.01 -21.21 19.38
CA PRO J 461 -35.40 -20.97 19.77
C PRO J 461 -36.37 -21.87 19.01
N THR J 462 -36.09 -23.17 18.96
CA THR J 462 -36.90 -24.10 18.19
C THR J 462 -37.06 -25.45 18.89
N GLU J 463 -36.80 -25.46 20.20
CA GLU J 463 -36.80 -26.69 20.98
C GLU J 463 -35.84 -27.70 20.35
N ALA J 464 -36.27 -28.96 20.31
CA ALA J 464 -35.53 -30.03 19.65
C ALA J 464 -34.16 -30.32 20.24
N GLU J 465 -33.59 -31.47 19.89
CA GLU J 465 -32.29 -31.88 20.40
C GLU J 465 -31.17 -31.34 19.52
N ILE J 466 -30.04 -31.02 20.14
CA ILE J 466 -28.84 -30.65 19.40
C ILE J 466 -27.84 -31.79 19.44
N ILE J 467 -28.02 -32.74 18.54
CA ILE J 467 -27.20 -33.96 18.50
C ILE J 467 -25.80 -33.68 18.00
N THR J 468 -24.89 -33.39 18.93
CA THR J 468 -23.49 -33.14 18.58
C THR J 468 -22.61 -33.45 19.78
N SER J 469 -21.55 -34.22 19.54
CA SER J 469 -20.61 -34.62 20.59
C SER J 469 -20.03 -33.42 21.31
N ARG J 470 -19.95 -33.50 22.63
CA ARG J 470 -19.39 -32.43 23.45
C ARG J 470 -17.95 -32.12 23.05
N ALA J 471 -17.24 -33.14 22.59
CA ALA J 471 -15.88 -32.98 22.10
C ALA J 471 -15.89 -32.20 20.79
N GLU J 472 -16.85 -32.51 19.93
CA GLU J 472 -17.00 -31.82 18.66
C GLU J 472 -17.35 -30.35 18.87
N ILE J 473 -18.23 -30.09 19.84
CA ILE J 473 -18.60 -28.73 20.20
C ILE J 473 -17.38 -28.00 20.76
N ARG J 474 -16.62 -28.69 21.60
CA ARG J 474 -15.41 -28.15 22.19
C ARG J 474 -14.42 -27.75 21.11
N LYS J 475 -14.32 -28.57 20.07
CA LYS J 475 -13.43 -28.28 18.95
C LYS J 475 -13.95 -27.08 18.15
N ILE J 476 -15.26 -27.06 17.92
CA ILE J 476 -15.90 -25.98 17.18
C ILE J 476 -15.67 -24.63 17.85
N TYR J 477 -15.74 -24.60 19.17
CA TYR J 477 -15.52 -23.38 19.93
C TYR J 477 -14.04 -23.04 20.10
N GLN J 478 -13.20 -24.07 20.16
CA GLN J 478 -11.76 -23.87 20.30
C GLN J 478 -11.14 -23.33 19.01
N ASN J 479 -11.72 -23.70 17.88
CA ASN J 479 -11.17 -23.29 16.59
C ASN J 479 -11.94 -22.14 15.94
N GLY J 480 -13.13 -21.86 16.47
CA GLY J 480 -13.95 -20.76 15.99
C GLY J 480 -14.72 -21.09 14.72
N ARG J 481 -14.49 -22.29 14.19
CA ARG J 481 -15.20 -22.73 12.99
C ARG J 481 -15.66 -24.18 13.15
N GLY J 482 -16.77 -24.52 12.49
CA GLY J 482 -17.30 -25.87 12.57
C GLY J 482 -18.75 -25.97 12.13
N SER J 483 -19.43 -27.02 12.59
CA SER J 483 -20.82 -27.25 12.23
C SER J 483 -21.56 -27.97 13.36
N VAL J 484 -22.79 -27.52 13.63
CA VAL J 484 -23.60 -28.15 14.67
C VAL J 484 -24.90 -28.71 14.09
N ARG J 485 -25.24 -29.94 14.45
CA ARG J 485 -26.40 -30.60 13.89
C ARG J 485 -27.56 -30.72 14.88
N MET J 486 -28.77 -30.50 14.38
CA MET J 486 -29.98 -30.64 15.18
C MET J 486 -30.89 -31.74 14.64
N ARG J 487 -31.70 -32.31 15.52
CA ARG J 487 -32.63 -33.38 15.15
C ARG J 487 -33.98 -33.14 15.79
N ALA J 488 -35.05 -33.44 15.05
CA ALA J 488 -36.42 -33.25 15.53
C ALA J 488 -36.72 -34.07 16.78
N VAL J 489 -37.65 -33.57 17.59
CA VAL J 489 -38.06 -34.27 18.81
C VAL J 489 -39.35 -35.06 18.58
N TRP J 490 -39.28 -36.37 18.77
CA TRP J 490 -40.42 -37.25 18.54
C TRP J 490 -40.65 -38.19 19.72
N SER J 491 -41.88 -38.65 19.86
CA SER J 491 -42.25 -39.57 20.93
C SER J 491 -43.21 -40.63 20.43
N ILE J 499 -43.72 -36.67 16.10
CA ILE J 499 -42.81 -35.53 16.20
C ILE J 499 -43.52 -34.32 16.80
N THR J 500 -42.93 -33.75 17.85
CA THR J 500 -43.55 -32.64 18.55
C THR J 500 -42.74 -31.35 18.43
N ALA J 501 -41.55 -31.46 17.85
CA ALA J 501 -40.68 -30.31 17.68
C ALA J 501 -39.72 -30.50 16.51
N LEU J 502 -39.55 -29.46 15.70
CA LEU J 502 -38.68 -29.50 14.54
C LEU J 502 -37.45 -28.63 14.77
N PRO J 503 -36.33 -28.97 14.10
CA PRO J 503 -35.09 -28.19 14.22
C PRO J 503 -35.26 -26.76 13.71
N HIS J 504 -34.27 -25.91 13.98
CA HIS J 504 -34.33 -24.50 13.63
C HIS J 504 -34.44 -24.29 12.12
N GLN J 505 -35.30 -23.36 11.72
CA GLN J 505 -35.51 -23.00 10.32
C GLN J 505 -36.04 -24.17 9.48
N VAL J 506 -36.79 -25.06 10.11
CA VAL J 506 -37.43 -26.15 9.40
C VAL J 506 -38.90 -25.79 9.15
N SER J 507 -39.32 -25.87 7.89
CA SER J 507 -40.65 -25.43 7.50
C SER J 507 -41.76 -26.26 8.12
N GLY J 508 -41.50 -27.55 8.33
CA GLY J 508 -42.48 -28.45 8.88
C GLY J 508 -43.41 -28.99 7.80
N ALA J 509 -43.99 -28.07 7.03
CA ALA J 509 -44.82 -28.44 5.89
C ALA J 509 -43.94 -29.04 4.80
N LYS J 510 -42.72 -28.52 4.68
CA LYS J 510 -41.76 -29.05 3.72
C LYS J 510 -41.29 -30.43 4.13
N VAL J 511 -41.19 -30.66 5.44
CA VAL J 511 -40.84 -31.97 5.96
C VAL J 511 -41.94 -32.98 5.64
N LEU J 512 -43.18 -32.58 5.91
CA LEU J 512 -44.35 -33.40 5.61
C LEU J 512 -44.40 -33.74 4.13
N GLU J 513 -44.15 -32.74 3.29
CA GLU J 513 -44.14 -32.93 1.84
C GLU J 513 -43.00 -33.86 1.42
N GLN J 514 -41.88 -33.77 2.12
CA GLN J 514 -40.73 -34.64 1.85
C GLN J 514 -41.06 -36.09 2.15
N ILE J 515 -41.56 -36.35 3.34
CA ILE J 515 -41.94 -37.71 3.74
C ILE J 515 -43.04 -38.25 2.84
N ALA J 516 -43.97 -37.38 2.47
CA ALA J 516 -45.09 -37.75 1.61
C ALA J 516 -44.61 -38.14 0.22
N ALA J 517 -43.62 -37.39 -0.28
CA ALA J 517 -43.02 -37.70 -1.57
C ALA J 517 -42.27 -39.02 -1.50
N GLN J 518 -41.60 -39.25 -0.37
CA GLN J 518 -40.89 -40.49 -0.13
C GLN J 518 -41.85 -41.67 -0.11
N MET J 519 -43.06 -41.42 0.38
CA MET J 519 -44.10 -42.45 0.35
C MET J 519 -44.63 -42.66 -1.06
N ARG J 520 -44.77 -41.56 -1.80
CA ARG J 520 -45.30 -41.60 -3.16
C ARG J 520 -44.36 -42.34 -4.10
N ASN J 521 -43.06 -42.28 -3.82
CA ASN J 521 -42.08 -43.01 -4.62
C ASN J 521 -41.86 -44.44 -4.11
N LYS J 522 -42.81 -44.92 -3.30
CA LYS J 522 -42.78 -46.28 -2.77
C LYS J 522 -41.51 -46.60 -1.98
N LYS J 523 -40.88 -45.57 -1.43
CA LYS J 523 -39.66 -45.76 -0.66
C LYS J 523 -39.96 -46.00 0.81
N LEU J 524 -41.21 -45.73 1.21
CA LEU J 524 -41.63 -45.91 2.59
C LEU J 524 -42.93 -46.70 2.69
N PRO J 525 -42.86 -48.03 2.51
CA PRO J 525 -44.04 -48.89 2.65
C PRO J 525 -44.27 -49.26 4.11
N MET J 526 -43.30 -48.95 4.98
CA MET J 526 -43.40 -49.23 6.40
C MET J 526 -44.40 -48.29 7.06
N VAL J 527 -44.48 -47.06 6.54
CA VAL J 527 -45.37 -46.05 7.09
C VAL J 527 -46.75 -46.14 6.44
N ASP J 528 -47.79 -46.32 7.26
CA ASP J 528 -49.14 -46.46 6.76
C ASP J 528 -49.75 -45.11 6.39
N ASP J 529 -49.61 -44.13 7.28
CA ASP J 529 -50.21 -42.82 7.05
C ASP J 529 -49.47 -41.68 7.76
N LEU J 530 -49.47 -40.51 7.13
CA LEU J 530 -48.86 -39.32 7.73
C LEU J 530 -49.91 -38.23 7.92
N ARG J 531 -50.07 -37.76 9.15
CA ARG J 531 -51.10 -36.79 9.47
C ARG J 531 -50.51 -35.55 10.14
N ASP J 532 -51.07 -34.38 9.82
CA ASP J 532 -50.65 -33.13 10.43
C ASP J 532 -51.72 -32.62 11.40
N GLU J 533 -51.55 -32.95 12.68
CA GLU J 533 -52.49 -32.54 13.72
C GLU J 533 -52.03 -31.27 14.43
N SER J 534 -51.21 -30.48 13.74
CA SER J 534 -50.68 -29.24 14.31
C SER J 534 -51.78 -28.19 14.47
N ASP J 535 -52.22 -27.99 15.71
CA ASP J 535 -53.28 -27.03 16.00
C ASP J 535 -52.75 -25.85 16.82
N HIS J 536 -53.67 -25.02 17.31
CA HIS J 536 -53.31 -23.86 18.12
C HIS J 536 -52.66 -24.29 19.44
N GLU J 537 -53.20 -25.33 20.06
CA GLU J 537 -52.68 -25.83 21.33
C GLU J 537 -51.31 -26.47 21.13
N ASN J 538 -51.20 -27.34 20.14
CA ASN J 538 -49.94 -27.99 19.81
C ASN J 538 -49.39 -27.48 18.47
N PRO J 539 -48.42 -26.56 18.53
CA PRO J 539 -47.83 -25.92 17.35
C PRO J 539 -47.25 -26.92 16.36
N THR J 540 -46.45 -27.86 16.85
CA THR J 540 -45.86 -28.88 16.00
C THR J 540 -46.35 -30.28 16.40
N ARG J 541 -47.20 -30.85 15.58
CA ARG J 541 -47.70 -32.20 15.81
C ARG J 541 -47.76 -33.01 14.52
N LEU J 542 -46.71 -33.76 14.25
CA LEU J 542 -46.63 -34.58 13.04
C LEU J 542 -46.73 -36.06 13.39
N VAL J 543 -47.87 -36.67 13.02
CA VAL J 543 -48.11 -38.08 13.35
C VAL J 543 -47.73 -39.00 12.21
N ILE J 544 -46.94 -40.03 12.53
CA ILE J 544 -46.57 -41.04 11.55
C ILE J 544 -47.02 -42.42 12.01
N VAL J 545 -48.07 -42.93 11.38
CA VAL J 545 -48.64 -44.22 11.75
C VAL J 545 -48.12 -45.32 10.84
N PRO J 546 -47.53 -46.37 11.43
CA PRO J 546 -46.96 -47.50 10.70
C PRO J 546 -47.99 -48.58 10.42
N ARG J 547 -47.81 -49.32 9.33
CA ARG J 547 -48.66 -50.46 9.03
C ARG J 547 -48.22 -51.65 9.87
N SER J 548 -49.12 -52.15 10.71
CA SER J 548 -48.83 -53.23 11.66
C SER J 548 -47.83 -52.81 12.75
N ASN J 549 -47.94 -53.45 13.91
CA ASN J 549 -47.09 -53.11 15.04
C ASN J 549 -45.76 -53.86 15.04
N ARG J 550 -45.48 -54.53 13.92
CA ARG J 550 -44.25 -55.30 13.78
C ARG J 550 -43.13 -54.49 13.14
N VAL J 551 -43.51 -53.40 12.46
CA VAL J 551 -42.53 -52.56 11.77
C VAL J 551 -41.63 -51.79 12.74
N ASP J 552 -40.34 -51.82 12.48
CA ASP J 552 -39.36 -51.09 13.29
C ASP J 552 -39.37 -49.61 12.93
N MET J 553 -40.07 -48.81 13.74
CA MET J 553 -40.19 -47.39 13.49
C MET J 553 -38.88 -46.62 13.73
N GLU J 554 -37.94 -47.25 14.42
CA GLU J 554 -36.65 -46.62 14.68
C GLU J 554 -35.82 -46.52 13.40
N GLN J 555 -35.83 -47.60 12.61
CA GLN J 555 -35.13 -47.62 11.33
C GLN J 555 -35.73 -46.60 10.37
N VAL J 556 -37.05 -46.54 10.34
CA VAL J 556 -37.76 -45.56 9.52
C VAL J 556 -37.42 -44.15 9.97
N MET J 557 -37.33 -43.95 11.28
CA MET J 557 -37.03 -42.64 11.84
C MET J 557 -35.62 -42.20 11.45
N ASN J 558 -34.67 -43.12 11.52
CA ASN J 558 -33.30 -42.84 11.08
C ASN J 558 -33.25 -42.54 9.58
N HIS J 559 -34.03 -43.29 8.81
CA HIS J 559 -34.11 -43.07 7.36
C HIS J 559 -34.65 -41.67 7.06
N LEU J 560 -35.60 -41.22 7.87
CA LEU J 560 -36.17 -39.89 7.70
C LEU J 560 -35.21 -38.81 8.16
N PHE J 561 -34.38 -39.14 9.15
CA PHE J 561 -33.34 -38.22 9.63
C PHE J 561 -32.26 -38.04 8.58
N ALA J 562 -31.95 -39.11 7.86
CA ALA J 562 -30.91 -39.08 6.83
C ALA J 562 -31.41 -38.48 5.52
N THR J 563 -32.66 -38.75 5.17
CA THR J 563 -33.20 -38.33 3.89
C THR J 563 -33.93 -36.99 3.97
N THR J 564 -34.93 -36.90 4.84
CA THR J 564 -35.73 -35.69 4.95
C THR J 564 -34.99 -34.59 5.70
N ASP J 565 -35.70 -33.52 6.02
CA ASP J 565 -35.10 -32.36 6.68
C ASP J 565 -35.36 -32.36 8.18
N LEU J 566 -35.68 -33.53 8.73
CA LEU J 566 -35.90 -33.67 10.16
C LEU J 566 -34.59 -33.51 10.94
N GLU J 567 -33.48 -33.72 10.24
CA GLU J 567 -32.15 -33.47 10.81
C GLU J 567 -31.45 -32.43 9.96
N LYS J 568 -30.94 -31.38 10.60
CA LYS J 568 -30.34 -30.28 9.87
C LYS J 568 -28.95 -29.90 10.36
N SER J 569 -28.09 -29.51 9.42
CA SER J 569 -26.74 -29.05 9.75
C SER J 569 -26.70 -27.53 9.77
N TYR J 570 -25.88 -26.97 10.65
CA TYR J 570 -25.77 -25.53 10.80
C TYR J 570 -24.32 -25.07 10.81
N ARG J 571 -24.00 -24.12 9.93
CA ARG J 571 -22.65 -23.57 9.82
C ARG J 571 -22.29 -22.75 11.04
N ILE J 572 -21.05 -22.87 11.47
CA ILE J 572 -20.52 -22.04 12.56
C ILE J 572 -19.22 -21.39 12.15
N ASN J 573 -19.23 -20.06 12.06
CA ASN J 573 -18.07 -19.28 11.68
C ASN J 573 -18.04 -17.98 12.48
N LEU J 574 -17.36 -18.02 13.62
CA LEU J 574 -17.36 -16.90 14.56
C LEU J 574 -16.53 -15.72 14.07
N ASN J 575 -16.90 -15.17 12.92
CA ASN J 575 -16.22 -14.01 12.36
C ASN J 575 -16.98 -12.72 12.69
N MET J 576 -16.25 -11.73 13.18
CA MET J 576 -16.87 -10.47 13.60
C MET J 576 -15.86 -9.34 13.61
N ILE J 577 -16.36 -8.11 13.74
CA ILE J 577 -15.48 -6.94 13.82
C ILE J 577 -15.13 -6.66 15.27
N GLY J 578 -13.87 -6.90 15.61
CA GLY J 578 -13.40 -6.72 16.98
C GLY J 578 -13.28 -5.26 17.36
N LEU J 579 -12.87 -5.02 18.61
CA LEU J 579 -12.68 -3.66 19.10
C LEU J 579 -11.51 -2.99 18.40
N ASP J 580 -10.65 -3.79 17.79
CA ASP J 580 -9.51 -3.28 17.03
C ASP J 580 -9.96 -2.56 15.78
N GLY J 581 -11.12 -2.93 15.26
CA GLY J 581 -11.66 -2.33 14.06
C GLY J 581 -11.49 -3.19 12.82
N ARG J 582 -10.88 -4.36 13.01
CA ARG J 582 -10.65 -5.28 11.91
C ARG J 582 -11.37 -6.61 12.15
N PRO J 583 -11.91 -7.22 11.08
CA PRO J 583 -12.63 -8.48 11.19
C PRO J 583 -11.71 -9.66 11.46
N ALA J 584 -12.16 -10.61 12.26
CA ALA J 584 -11.35 -11.78 12.62
C ALA J 584 -12.21 -12.89 13.22
N VAL J 585 -11.81 -14.14 12.96
CA VAL J 585 -12.45 -15.29 13.57
C VAL J 585 -11.96 -15.44 15.00
N LYS J 586 -12.88 -15.56 15.95
CA LYS J 586 -12.53 -15.60 17.36
C LYS J 586 -13.15 -16.80 18.08
N ASN J 587 -12.42 -17.35 19.04
CA ASN J 587 -12.94 -18.43 19.87
C ASN J 587 -13.77 -17.90 21.03
N LEU J 588 -14.49 -18.79 21.70
CA LEU J 588 -15.41 -18.40 22.78
C LEU J 588 -14.72 -17.59 23.88
N LEU J 589 -13.54 -18.04 24.28
CA LEU J 589 -12.76 -17.37 25.31
C LEU J 589 -12.37 -15.97 24.86
N GLU J 590 -11.92 -15.86 23.61
CA GLU J 590 -11.51 -14.58 23.03
C GLU J 590 -12.69 -13.61 22.94
N ILE J 591 -13.83 -14.11 22.48
CA ILE J 591 -15.03 -13.29 22.36
C ILE J 591 -15.48 -12.77 23.72
N LEU J 592 -15.59 -13.67 24.70
CA LEU J 592 -15.99 -13.31 26.04
C LEU J 592 -15.02 -12.31 26.66
N SER J 593 -13.73 -12.53 26.44
CA SER J 593 -12.70 -11.63 26.96
C SER J 593 -12.81 -10.22 26.39
N GLU J 594 -12.81 -10.14 25.06
CA GLU J 594 -12.89 -8.85 24.37
C GLU J 594 -14.17 -8.10 24.75
N TRP J 595 -15.28 -8.82 24.82
CA TRP J 595 -16.53 -8.20 25.23
C TRP J 595 -16.45 -7.71 26.67
N LEU J 596 -15.77 -8.47 27.52
CA LEU J 596 -15.57 -8.06 28.90
C LEU J 596 -14.79 -6.75 28.95
N VAL J 597 -13.81 -6.63 28.07
CA VAL J 597 -13.05 -5.38 27.94
C VAL J 597 -13.95 -4.22 27.54
N PHE J 598 -14.76 -4.44 26.50
CA PHE J 598 -15.71 -3.42 26.03
C PHE J 598 -16.65 -2.97 27.14
N ARG J 599 -17.22 -3.93 27.85
CA ARG J 599 -18.18 -3.65 28.92
C ARG J 599 -17.53 -2.89 30.06
N ARG J 600 -16.33 -3.32 30.44
CA ARG J 600 -15.60 -2.64 31.51
C ARG J 600 -15.34 -1.18 31.12
N ASP J 601 -14.92 -0.99 29.88
CA ASP J 601 -14.65 0.37 29.38
C ASP J 601 -15.91 1.24 29.42
N THR J 602 -17.01 0.70 28.89
CA THR J 602 -18.27 1.45 28.85
C THR J 602 -18.79 1.79 30.25
N VAL J 603 -18.69 0.84 31.16
CA VAL J 603 -19.08 1.07 32.55
C VAL J 603 -18.24 2.18 33.17
N ARG J 604 -16.94 2.11 32.93
CA ARG J 604 -16.03 3.16 33.41
C ARG J 604 -16.43 4.53 32.87
N ARG J 605 -16.78 4.59 31.60
CA ARG J 605 -17.19 5.85 30.97
C ARG J 605 -18.49 6.38 31.58
N ARG J 606 -19.44 5.48 31.83
CA ARG J 606 -20.70 5.85 32.48
C ARG J 606 -20.44 6.44 33.85
N LEU J 607 -19.60 5.75 34.62
CA LEU J 607 -19.23 6.18 35.96
C LEU J 607 -18.58 7.56 35.95
N ASN J 608 -17.66 7.78 35.01
CA ASN J 608 -17.00 9.07 34.88
C ASN J 608 -17.96 10.20 34.51
N HIS J 609 -18.88 9.92 33.58
CA HIS J 609 -19.89 10.88 33.18
C HIS J 609 -20.75 11.30 34.38
N ARG J 610 -21.29 10.31 35.07
CA ARG J 610 -22.10 10.55 36.26
C ARG J 610 -21.32 11.32 37.30
N LEU J 611 -20.03 11.00 37.43
CA LEU J 611 -19.16 11.69 38.37
C LEU J 611 -19.10 13.17 38.04
N GLU J 612 -18.84 13.48 36.77
CA GLU J 612 -18.77 14.87 36.33
C GLU J 612 -20.07 15.62 36.62
N LYS J 613 -21.19 14.99 36.28
CA LYS J 613 -22.51 15.59 36.55
C LYS J 613 -22.68 15.92 38.04
N VAL J 614 -22.40 14.92 38.88
CA VAL J 614 -22.51 15.08 40.33
C VAL J 614 -21.62 16.21 40.85
N LEU J 615 -20.37 16.25 40.39
CA LEU J 615 -19.44 17.30 40.80
C LEU J 615 -19.96 18.69 40.45
N LYS J 616 -20.36 18.87 39.19
CA LYS J 616 -20.90 20.16 38.75
C LYS J 616 -22.10 20.58 39.59
N ARG J 617 -23.04 19.65 39.78
CA ARG J 617 -24.23 19.93 40.57
C ARG J 617 -23.86 20.31 42.01
N LEU J 618 -22.83 19.66 42.56
CA LEU J 618 -22.35 19.97 43.90
C LEU J 618 -21.81 21.39 43.98
N HIS J 619 -21.05 21.78 42.96
CA HIS J 619 -20.51 23.14 42.88
C HIS J 619 -21.65 24.16 42.89
N ILE J 620 -22.61 23.95 41.98
CA ILE J 620 -23.77 24.84 41.88
C ILE J 620 -24.53 24.91 43.21
N LEU J 621 -24.71 23.76 43.86
CA LEU J 621 -25.40 23.70 45.15
C LEU J 621 -24.67 24.47 46.24
N GLU J 622 -23.35 24.35 46.28
CA GLU J 622 -22.55 25.11 47.23
C GLU J 622 -22.77 26.60 46.99
N GLY J 623 -22.76 27.00 45.72
CA GLY J 623 -23.05 28.37 45.36
C GLY J 623 -24.40 28.83 45.87
N LEU J 624 -25.41 27.98 45.68
CA LEU J 624 -26.77 28.29 46.11
C LEU J 624 -26.88 28.46 47.61
N LEU J 625 -26.24 27.57 48.36
CA LEU J 625 -26.24 27.66 49.82
C LEU J 625 -25.57 28.96 50.28
N VAL J 626 -24.46 29.30 49.62
CA VAL J 626 -23.79 30.57 49.89
C VAL J 626 -24.74 31.73 49.65
N ALA J 627 -25.51 31.65 48.57
CA ALA J 627 -26.51 32.67 48.26
C ALA J 627 -27.56 32.79 49.37
N PHE J 628 -28.15 31.66 49.75
CA PHE J 628 -29.13 31.62 50.84
C PHE J 628 -28.60 32.21 52.14
N LEU J 629 -27.33 31.96 52.43
CA LEU J 629 -26.72 32.46 53.66
C LEU J 629 -26.78 33.99 53.73
N ASN J 630 -26.70 34.63 52.57
CA ASN J 630 -26.77 36.10 52.50
C ASN J 630 -27.71 36.59 51.39
N ILE J 631 -28.97 36.15 51.43
CA ILE J 631 -29.92 36.47 50.37
C ILE J 631 -30.21 37.97 50.25
N ASP J 632 -30.32 38.66 51.38
CA ASP J 632 -30.61 40.08 51.39
C ASP J 632 -29.54 40.88 50.67
N GLU J 633 -28.28 40.59 50.99
CA GLU J 633 -27.15 41.28 50.38
C GLU J 633 -27.05 40.93 48.90
N VAL J 634 -27.37 39.69 48.55
CA VAL J 634 -27.37 39.25 47.16
C VAL J 634 -28.37 40.07 46.35
N ILE J 635 -29.62 40.07 46.81
CA ILE J 635 -30.68 40.83 46.14
C ILE J 635 -30.34 42.31 46.06
N GLU J 636 -29.72 42.83 47.11
CA GLU J 636 -29.24 44.21 47.12
C GLU J 636 -28.27 44.44 45.98
N ILE J 637 -27.26 43.58 45.87
CA ILE J 637 -26.30 43.65 44.78
C ILE J 637 -26.98 43.59 43.41
N ILE J 638 -27.99 42.73 43.29
CA ILE J 638 -28.73 42.60 42.05
C ILE J 638 -29.45 43.89 41.68
N ARG J 639 -30.05 44.54 42.67
CA ARG J 639 -30.87 45.71 42.42
C ARG J 639 -30.18 47.04 42.70
N THR J 640 -28.85 47.02 42.82
CA THR J 640 -28.11 48.27 43.07
C THR J 640 -26.84 48.38 42.25
N GLU J 641 -26.37 47.26 41.70
CA GLU J 641 -25.14 47.26 40.92
C GLU J 641 -25.39 47.00 39.44
N ASP J 642 -24.79 47.83 38.58
CA ASP J 642 -24.84 47.63 37.15
C ASP J 642 -24.01 46.41 36.77
N GLU J 643 -24.66 45.40 36.19
CA GLU J 643 -24.05 44.11 35.91
C GLU J 643 -23.53 43.47 37.20
N PRO J 644 -24.40 42.73 37.90
CA PRO J 644 -24.11 42.17 39.22
C PRO J 644 -23.32 40.86 39.17
N LYS J 645 -23.20 40.27 37.98
CA LYS J 645 -22.48 39.00 37.84
C LYS J 645 -21.03 39.02 38.37
N PRO J 646 -20.20 39.98 37.92
CA PRO J 646 -18.86 39.99 38.49
C PRO J 646 -18.84 40.59 39.90
N ALA J 647 -19.89 41.33 40.24
CA ALA J 647 -20.02 41.90 41.57
C ALA J 647 -20.30 40.81 42.60
N LEU J 648 -21.12 39.84 42.22
CA LEU J 648 -21.43 38.72 43.09
C LEU J 648 -20.20 37.83 43.30
N MET J 649 -19.41 37.66 42.24
CA MET J 649 -18.21 36.84 42.30
C MET J 649 -17.19 37.40 43.29
N SER J 650 -16.98 38.72 43.23
CA SER J 650 -16.01 39.38 44.08
C SER J 650 -16.44 39.40 45.55
N ARG J 651 -17.71 39.71 45.78
CA ARG J 651 -18.22 39.90 47.13
C ARG J 651 -18.33 38.61 47.94
N PHE J 652 -18.49 37.47 47.27
CA PHE J 652 -18.72 36.21 47.96
C PHE J 652 -17.65 35.15 47.66
N GLY J 653 -16.78 35.44 46.70
CA GLY J 653 -15.81 34.45 46.26
C GLY J 653 -16.53 33.30 45.58
N ILE J 654 -17.08 33.59 44.40
CA ILE J 654 -17.97 32.66 43.71
C ILE J 654 -17.64 32.60 42.22
N SER J 655 -17.71 31.42 41.63
CA SER J 655 -17.41 31.23 40.22
C SER J 655 -18.50 31.83 39.34
N GLU J 656 -18.17 32.10 38.08
CA GLU J 656 -19.12 32.65 37.12
C GLU J 656 -20.32 31.72 36.96
N THR J 657 -20.07 30.43 37.06
CA THR J 657 -21.12 29.42 36.98
C THR J 657 -22.07 29.53 38.17
N GLN J 658 -21.51 29.65 39.36
CA GLN J 658 -22.31 29.79 40.57
C GLN J 658 -23.05 31.12 40.57
N ALA J 659 -22.40 32.15 40.03
CA ALA J 659 -23.01 33.48 39.94
C ALA J 659 -24.23 33.43 39.02
N GLU J 660 -24.06 32.81 37.85
CA GLU J 660 -25.15 32.63 36.91
C GLU J 660 -26.27 31.78 37.53
N ALA J 661 -25.88 30.78 38.32
CA ALA J 661 -26.84 29.92 39.01
C ALA J 661 -27.69 30.72 39.99
N ILE J 662 -27.05 31.58 40.76
CA ILE J 662 -27.75 32.45 41.72
C ILE J 662 -28.65 33.42 40.96
N LEU J 663 -28.16 33.97 39.86
CA LEU J 663 -28.92 34.89 39.04
C LEU J 663 -30.16 34.23 38.44
N GLU J 664 -30.08 32.92 38.23
CA GLU J 664 -31.16 32.18 37.59
C GLU J 664 -32.13 31.56 38.61
N LEU J 665 -31.87 31.80 39.89
CA LEU J 665 -32.77 31.33 40.93
C LEU J 665 -34.13 31.99 40.84
N LYS J 666 -35.18 31.24 41.16
CA LYS J 666 -36.53 31.78 41.16
C LYS J 666 -36.90 32.21 42.58
N LEU J 667 -37.85 33.14 42.68
CA LEU J 667 -38.27 33.67 43.97
C LEU J 667 -38.82 32.57 44.88
N ARG J 668 -39.52 31.62 44.27
CA ARG J 668 -40.13 30.52 45.02
C ARG J 668 -39.09 29.59 45.62
N HIS J 669 -37.85 29.71 45.17
CA HIS J 669 -36.74 28.94 45.73
C HIS J 669 -36.19 29.57 46.99
N LEU J 670 -36.69 30.75 47.33
CA LEU J 670 -36.20 31.46 48.51
C LEU J 670 -36.83 30.94 49.80
N ALA J 671 -37.80 30.04 49.68
CA ALA J 671 -38.45 29.44 50.84
C ALA J 671 -37.48 28.53 51.61
N LYS J 672 -37.86 28.16 52.82
CA LYS J 672 -36.99 27.37 53.68
C LYS J 672 -36.97 25.90 53.27
N LEU J 673 -38.12 25.39 52.87
CA LEU J 673 -38.24 24.01 52.42
C LEU J 673 -37.31 23.76 51.24
N GLU J 674 -37.13 24.77 50.42
CA GLU J 674 -36.22 24.70 49.28
C GLU J 674 -34.77 24.55 49.74
N GLU J 675 -34.41 25.27 50.79
CA GLU J 675 -33.07 25.17 51.37
C GLU J 675 -32.86 23.77 51.94
N MET J 676 -33.91 23.24 52.57
CA MET J 676 -33.85 21.87 53.10
C MET J 676 -33.62 20.87 51.99
N LYS J 677 -34.41 20.97 50.93
CA LYS J 677 -34.26 20.09 49.76
C LYS J 677 -32.87 20.18 49.17
N ILE J 678 -32.36 21.40 49.02
CA ILE J 678 -31.02 21.63 48.49
C ILE J 678 -29.94 21.00 49.35
N ARG J 679 -30.08 21.13 50.67
CA ARG J 679 -29.10 20.56 51.60
C ARG J 679 -29.12 19.04 51.56
N GLY J 680 -30.32 18.47 51.56
CA GLY J 680 -30.47 17.02 51.48
C GLY J 680 -29.89 16.47 50.19
N GLU J 681 -30.20 17.14 49.08
CA GLU J 681 -29.65 16.78 47.78
C GLU J 681 -28.13 16.88 47.80
N GLN J 682 -27.62 17.85 48.53
CA GLN J 682 -26.18 18.04 48.68
C GLN J 682 -25.56 16.84 49.38
N SER J 683 -26.21 16.39 50.46
CA SER J 683 -25.74 15.22 51.19
C SER J 683 -25.74 13.97 50.31
N GLU J 684 -26.88 13.73 49.65
CA GLU J 684 -27.03 12.60 48.74
C GLU J 684 -25.94 12.59 47.68
N LEU J 685 -25.74 13.76 47.05
CA LEU J 685 -24.74 13.90 46.00
C LEU J 685 -23.32 13.71 46.52
N GLU J 686 -23.09 14.09 47.77
CA GLU J 686 -21.79 13.87 48.40
C GLU J 686 -21.54 12.38 48.56
N LYS J 687 -22.53 11.65 49.08
CA LYS J 687 -22.43 10.21 49.23
C LYS J 687 -22.19 9.52 47.90
N GLU J 688 -22.98 9.92 46.89
CA GLU J 688 -22.86 9.35 45.55
C GLU J 688 -21.49 9.63 44.94
N ARG J 689 -20.97 10.83 45.18
CA ARG J 689 -19.65 11.20 44.68
C ARG J 689 -18.58 10.35 45.35
N ASP J 690 -18.71 10.13 46.65
CA ASP J 690 -17.79 9.26 47.37
C ASP J 690 -17.80 7.84 46.81
N GLN J 691 -19.00 7.31 46.60
CA GLN J 691 -19.16 5.95 46.07
C GLN J 691 -18.56 5.82 44.67
N LEU J 692 -18.93 6.74 43.78
CA LEU J 692 -18.44 6.74 42.40
C LEU J 692 -16.93 6.84 42.35
N GLN J 693 -16.37 7.79 43.10
CA GLN J 693 -14.93 7.98 43.16
C GLN J 693 -14.23 6.74 43.72
N ALA J 694 -14.90 6.06 44.65
CA ALA J 694 -14.36 4.83 45.23
C ALA J 694 -14.29 3.73 44.19
N ILE J 695 -15.40 3.50 43.50
CA ILE J 695 -15.46 2.45 42.47
C ILE J 695 -14.53 2.74 41.30
N LEU J 696 -14.28 4.02 41.03
CA LEU J 696 -13.45 4.43 39.91
C LEU J 696 -11.97 4.09 40.15
N ALA J 697 -11.56 4.07 41.42
CA ALA J 697 -10.16 3.90 41.76
C ALA J 697 -9.82 2.48 42.22
N SER J 698 -10.84 1.64 42.38
CA SER J 698 -10.63 0.26 42.83
C SER J 698 -10.99 -0.74 41.75
N GLU J 699 -10.05 -1.63 41.44
CA GLU J 699 -10.28 -2.69 40.47
C GLU J 699 -11.22 -3.74 41.03
N ARG J 700 -11.08 -4.01 42.33
CA ARG J 700 -11.93 -4.99 43.01
C ARG J 700 -13.39 -4.53 43.03
N LYS J 701 -13.61 -3.27 43.37
CA LYS J 701 -14.96 -2.71 43.42
C LYS J 701 -15.56 -2.62 42.02
N MET J 702 -14.71 -2.37 41.03
CA MET J 702 -15.13 -2.30 39.63
C MET J 702 -15.62 -3.66 39.15
N ASN J 703 -14.77 -4.67 39.36
CA ASN J 703 -15.12 -6.05 39.01
C ASN J 703 -16.37 -6.52 39.73
N ASN J 704 -16.47 -6.18 41.02
CA ASN J 704 -17.64 -6.52 41.82
C ASN J 704 -18.90 -5.87 41.28
N LEU J 705 -18.77 -4.62 40.83
CA LEU J 705 -19.90 -3.90 40.24
C LEU J 705 -20.34 -4.57 38.94
N LEU J 706 -19.36 -4.92 38.10
CA LEU J 706 -19.65 -5.61 36.85
C LEU J 706 -20.36 -6.94 37.08
N LYS J 707 -19.86 -7.69 38.06
CA LYS J 707 -20.47 -8.96 38.44
C LYS J 707 -21.90 -8.77 38.92
N LYS J 708 -22.10 -7.75 39.74
CA LYS J 708 -23.43 -7.43 40.28
C LYS J 708 -24.40 -7.11 39.16
N GLU J 709 -23.99 -6.25 38.23
CA GLU J 709 -24.85 -5.87 37.11
C GLU J 709 -25.14 -7.04 36.18
N LEU J 710 -24.14 -7.88 35.95
CA LEU J 710 -24.31 -9.06 35.12
C LEU J 710 -25.32 -10.03 35.73
N GLN J 711 -25.15 -10.32 37.02
CA GLN J 711 -26.07 -11.20 37.73
C GLN J 711 -27.48 -10.62 37.75
N ALA J 712 -27.59 -9.32 37.99
CA ALA J 712 -28.89 -8.65 38.04
C ALA J 712 -29.61 -8.70 36.70
N ASP J 713 -28.87 -8.45 35.63
CA ASP J 713 -29.42 -8.48 34.28
C ASP J 713 -29.81 -9.91 33.90
N ALA J 714 -29.03 -10.87 34.36
CA ALA J 714 -29.29 -12.28 34.08
C ALA J 714 -30.61 -12.74 34.67
N ASP J 715 -30.99 -12.16 35.80
CA ASP J 715 -32.24 -12.53 36.48
C ASP J 715 -33.47 -11.99 35.75
N ALA J 716 -33.41 -10.71 35.38
CA ALA J 716 -34.56 -10.03 34.79
C ALA J 716 -34.84 -10.50 33.36
N PHE J 717 -33.79 -10.75 32.59
CA PHE J 717 -33.94 -11.11 31.19
C PHE J 717 -33.59 -12.58 30.96
N GLY J 718 -33.61 -13.36 32.04
CA GLY J 718 -33.21 -14.75 31.98
C GLY J 718 -34.17 -15.65 31.22
N ASP J 719 -33.62 -16.70 30.63
CA ASP J 719 -34.41 -17.67 29.89
C ASP J 719 -33.87 -19.08 30.13
N ASP J 720 -34.76 -20.05 30.26
CA ASP J 720 -34.37 -21.44 30.40
C ASP J 720 -33.87 -21.99 29.08
N ARG J 721 -33.08 -23.07 29.14
CA ARG J 721 -32.56 -23.71 27.95
C ARG J 721 -33.70 -24.26 27.09
N ARG J 722 -33.79 -23.79 25.86
CA ARG J 722 -34.85 -24.21 24.95
C ARG J 722 -34.48 -25.51 24.24
N SER J 723 -33.28 -25.56 23.69
CA SER J 723 -32.81 -26.74 22.97
C SER J 723 -31.80 -27.53 23.81
N PRO J 724 -32.23 -28.68 24.35
CA PRO J 724 -31.37 -29.53 25.18
C PRO J 724 -30.34 -30.28 24.35
N LEU J 725 -29.27 -30.71 24.98
CA LEU J 725 -28.22 -31.46 24.30
C LEU J 725 -28.43 -32.96 24.50
N HIS J 726 -28.27 -33.72 23.42
CA HIS J 726 -28.46 -35.17 23.48
C HIS J 726 -27.56 -35.89 22.48
MG MG M . 58.30 -3.24 -8.87
MG MG N . 52.69 -16.90 -3.66
C LFX O . 52.73 -14.28 -5.15
F LFX O . 56.20 -19.61 -9.03
N LFX O . 58.53 -19.19 -12.86
O LFX O . 52.36 -14.98 -4.16
C01 LFX O . 56.30 -18.67 -12.03
N01 LFX O . 56.89 -17.80 -11.01
O01 LFX O . 56.03 -15.19 -10.63
C02 LFX O . 58.24 -17.30 -11.30
N02 LFX O . 54.58 -14.43 -8.38
O02 LFX O . 53.59 -17.16 -5.46
C03 LFX O . 54.93 -13.41 -9.40
O03 LFX O . 52.52 -13.04 -5.27
C04 LFX O . 56.15 -17.41 -9.88
C05 LFX O . 54.98 -15.74 -8.53
C06 LFX O . 55.73 -16.10 -9.67
C07 LFX O . 57.26 -19.76 -12.43
C08 LFX O . 59.13 -18.46 -11.77
C09 LFX O . 56.17 -13.85 -10.13
C10 LFX O . 54.65 -16.68 -7.54
C11 LFX O . 55.79 -18.32 -8.86
C12 LFX O . 53.88 -14.08 -7.29
C13 LFX O . 55.07 -18.02 -7.74
C14 LFX O . 55.23 -12.07 -8.76
C15 LFX O . 53.87 -16.31 -6.34
C16 LFX O . 59.42 -20.27 -13.26
C17 LFX O . 53.50 -14.92 -6.27
MG MG P . -57.87 -1.87 4.61
C LFX Q . -50.97 0.77 -4.99
F LFX Q . -52.05 -3.58 -10.96
N LFX Q . -53.88 -8.29 -9.84
O LFX Q . -51.05 0.69 -3.74
C01 LFX Q . -54.07 -5.86 -10.08
N01 LFX Q . -52.84 -5.70 -9.31
O01 LFX Q . -52.85 -5.20 -6.63
C02 LFX Q . -51.93 -6.85 -9.33
N02 LFX Q . -52.10 -2.72 -5.55
O02 LFX Q . -50.91 0.38 -8.00
C03 LFX Q . -52.53 -3.82 -4.65
O03 LFX Q . -50.57 1.83 -5.61
C04 LFX Q . -52.47 -4.44 -8.81
C05 LFX Q . -52.08 -2.92 -6.92
C06 LFX Q . -52.48 -4.17 -7.44
C07 LFX Q . -54.76 -7.14 -9.71
C08 LFX Q . -52.72 -8.11 -8.98
C09 LFX Q . -53.44 -4.75 -5.40
C10 LFX Q . -51.67 -1.88 -7.77
C11 LFX Q . -52.06 -3.36 -9.62
C12 LFX Q . -51.74 -1.53 -5.05
C13 LFX Q . -51.68 -2.12 -9.16
C14 LFX Q . -53.32 -3.27 -3.47
C15 LFX Q . -51.27 -0.56 -7.22
C16 LFX Q . -54.60 -9.49 -9.46
C17 LFX Q . -51.33 -0.45 -5.79
MG MG R . 29.72 -18.56 -5.99
MG MG S . 40.34 -15.33 -16.56
C LFX T . 39.02 -15.98 -13.91
F LFX T . 41.88 -22.09 -17.06
N LFX T . 41.64 -26.37 -15.56
O LFX T . 39.29 -15.16 -14.85
C01 LFX T . 42.33 -24.18 -14.70
N01 LFX T . 40.98 -23.67 -14.97
O01 LFX T . 39.59 -22.37 -12.97
C02 LFX T . 39.91 -24.67 -15.08
N02 LFX T . 39.15 -19.60 -13.03
O02 LFX T . 40.54 -17.31 -16.16
C03 LFX T . 38.66 -20.38 -11.88
O03 LFX T . 38.46 -15.65 -12.84
C04 LFX T . 40.75 -22.28 -15.01
C05 LFX T . 39.85 -20.22 -14.05
C06 LFX T . 40.07 -21.61 -13.99
C07 LFX T . 42.66 -25.33 -15.62
C08 LFX T . 40.36 -25.82 -15.96
C09 LFX T . 39.43 -21.66 -11.74
C10 LFX T . 40.32 -19.45 -15.13
C11 LFX T . 41.21 -21.47 -16.07
C12 LFX T . 38.95 -18.27 -13.08
C13 LFX T . 41.03 -20.12 -16.16
C14 LFX T . 37.18 -20.73 -12.01
C15 LFX T . 40.09 -17.98 -15.18
C16 LFX T . 42.02 -27.46 -16.43
C17 LFX T . 39.37 -17.43 -14.07
MG MG U . -27.41 4.32 -4.97
MG MG V . -50.23 2.23 -7.55
MG MG W . -36.52 -7.70 -1.89
C LFX X . -35.73 -4.89 -2.69
F LFX X . -36.29 -9.35 -8.64
N LFX X . -35.19 -8.48 -12.90
O LFX X . -35.98 -5.76 -1.78
C01 LFX X . -36.60 -7.42 -11.16
N01 LFX X . -35.42 -7.32 -10.32
O01 LFX X . -34.85 -4.89 -9.10
C02 LFX X . -34.13 -7.25 -11.02
N02 LFX X . -35.11 -4.52 -6.33
O02 LFX X . -36.40 -7.58 -3.89
C03 LFX X . -34.64 -3.40 -7.19
O03 LFX X . -35.52 -3.67 -2.44
C04 LFX X . -35.55 -7.12 -8.92
C05 LFX X . -35.41 -5.75 -6.90
C06 LFX X . -35.26 -5.92 -8.30
C07 LFX X . -36.45 -8.54 -12.16
C08 LFX X . -34.03 -8.36 -12.03
C09 LFX X . -33.98 -3.97 -8.42
C10 LFX X . -35.85 -6.80 -6.09
C11 LFX X . -36.00 -8.14 -8.05
C12 LFX X . -35.25 -4.35 -5.01
C13 LFX X . -36.16 -8.03 -6.70
C14 LFX X . -33.60 -2.56 -6.46
C15 LFX X . -36.00 -6.61 -4.62
C16 LFX X . -35.23 -7.41 -13.89
C17 LFX X . -35.67 -5.31 -4.12
#